data_2O3O
#
_entry.id   2O3O
#
_cell.length_a   60.792
_cell.length_b   161.922
_cell.length_c   180.156
_cell.angle_alpha   90.00
_cell.angle_beta   90.90
_cell.angle_gamma   90.00
#
_symmetry.space_group_name_H-M   'P 1 21 1'
#
loop_
_entity.id
_entity.type
_entity.pdbx_description
1 polymer 'YycI protein'
2 non-polymer 'CHLORIDE ION'
#
_entity_poly.entity_id   1
_entity_poly.type   'polypeptide(L)'
_entity_poly.pdbx_seq_one_letter_code
;GSH(MSE)ATGKEYEVIKNDVEHD(MSE)KADHITYEGLNKEATEGYRITANQKSFSKEEIEALKDQKPL(MSE)D
(MSE)PSDDHKVTSLK(MSE)KFANPIALSKKDIEDDAQALVSSKIQDGEKYKLWKVDKSKKEIIFFQTYEGHYIYQKTD
NPSN(MSE)IGQVVLHLNGKNEVVSYDQTTLETFKQIQKESLITE(MSE)DAVELLYYQNQLKEYSTVKSCKFGYVAQYP
LTSTQVLAPVWRITVEYEKKVNGEKKTVQEYFTVNALESTILDTDQ
;
_entity_poly.pdbx_strand_id   A,B,C,D,E,F,G,H,I,J,K,L
#
# COMPACT_ATOMS: atom_id res chain seq x y z
N LYS A 8 -15.39 63.99 11.04
CA LYS A 8 -16.34 63.47 10.02
C LYS A 8 -16.74 62.02 10.34
N GLU A 9 -17.96 61.81 10.86
CA GLU A 9 -18.38 60.51 11.42
C GLU A 9 -18.76 59.46 10.38
N TYR A 10 -19.04 59.85 9.14
CA TYR A 10 -19.16 58.85 8.09
C TYR A 10 -17.80 58.21 7.84
N GLU A 11 -16.73 58.98 8.03
CA GLU A 11 -15.36 58.47 7.86
C GLU A 11 -15.06 57.33 8.85
N VAL A 12 -15.51 57.45 10.10
CA VAL A 12 -15.43 56.35 11.05
C VAL A 12 -16.13 55.11 10.50
N ILE A 13 -17.41 55.27 10.18
CA ILE A 13 -18.28 54.16 9.81
C ILE A 13 -17.85 53.54 8.51
N LYS A 14 -17.48 54.35 7.54
CA LYS A 14 -17.03 53.82 6.26
C LYS A 14 -15.81 52.92 6.48
N ASN A 15 -14.92 53.34 7.37
CA ASN A 15 -13.67 52.60 7.60
C ASN A 15 -13.94 51.36 8.49
N ASP A 16 -15.02 51.38 9.27
CA ASP A 16 -15.46 50.17 9.96
C ASP A 16 -15.90 49.14 8.92
N VAL A 17 -16.82 49.56 8.04
CA VAL A 17 -17.29 48.73 6.94
C VAL A 17 -16.16 48.26 6.06
N GLU A 18 -15.20 49.13 5.78
CA GLU A 18 -14.03 48.76 4.95
C GLU A 18 -13.30 47.54 5.55
N HIS A 19 -13.14 47.55 6.88
CA HIS A 19 -12.41 46.51 7.62
C HIS A 19 -13.19 45.20 7.72
N ASP A 20 -14.48 45.33 8.00
CA ASP A 20 -15.40 44.19 8.05
C ASP A 20 -15.31 43.43 6.72
N LYS A 22 -12.72 43.36 4.69
CA LYS A 22 -11.45 42.63 4.65
C LYS A 22 -11.49 41.42 5.55
N ALA A 23 -12.16 41.53 6.69
CA ALA A 23 -12.39 40.39 7.57
C ALA A 23 -13.07 39.21 6.84
N ASP A 24 -14.03 39.51 5.98
CA ASP A 24 -14.78 38.48 5.24
C ASP A 24 -14.20 38.21 3.84
N HIS A 25 -12.99 38.71 3.60
CA HIS A 25 -12.24 38.35 2.41
C HIS A 25 -13.00 38.68 1.15
N ILE A 26 -13.55 39.89 1.10
CA ILE A 26 -14.25 40.35 -0.08
C ILE A 26 -13.29 41.23 -0.83
N THR A 27 -12.95 40.85 -2.05
CA THR A 27 -11.96 41.55 -2.84
C THR A 27 -12.62 42.44 -3.88
N TYR A 28 -12.07 43.64 -4.04
CA TYR A 28 -12.54 44.57 -5.05
C TYR A 28 -11.38 45.43 -5.53
N GLU A 29 -11.50 45.96 -6.73
CA GLU A 29 -10.38 46.59 -7.40
C GLU A 29 -10.84 47.74 -8.26
N GLY A 30 -10.09 48.85 -8.20
CA GLY A 30 -10.30 50.00 -9.08
C GLY A 30 -11.71 50.53 -9.02
N LEU A 31 -12.18 50.80 -7.80
CA LEU A 31 -13.52 51.32 -7.62
C LEU A 31 -13.43 52.81 -7.33
N ASN A 32 -14.17 53.60 -8.10
CA ASN A 32 -14.21 55.05 -7.92
C ASN A 32 -14.68 55.39 -6.50
N LYS A 33 -13.89 56.16 -5.77
CA LYS A 33 -14.27 56.66 -4.48
C LYS A 33 -14.75 58.10 -4.61
N GLU A 34 -14.71 58.66 -5.82
CA GLU A 34 -15.11 60.06 -6.04
C GLU A 34 -16.56 60.22 -6.51
N ALA A 35 -17.26 61.18 -5.91
CA ALA A 35 -18.67 61.43 -6.26
C ALA A 35 -18.78 61.91 -7.69
N THR A 36 -19.90 61.58 -8.32
CA THR A 36 -20.19 62.02 -9.68
C THR A 36 -21.63 62.54 -9.78
N GLU A 37 -21.92 63.28 -10.85
CA GLU A 37 -23.23 63.90 -11.01
C GLU A 37 -23.98 63.17 -12.11
N GLY A 38 -25.26 62.88 -11.87
CA GLY A 38 -26.10 62.17 -12.83
C GLY A 38 -27.42 62.87 -13.05
N TYR A 39 -28.34 62.18 -13.69
CA TYR A 39 -29.66 62.72 -13.98
C TYR A 39 -30.74 61.70 -13.83
N ARG A 40 -31.90 62.13 -13.34
CA ARG A 40 -33.13 61.39 -13.57
C ARG A 40 -33.55 61.75 -15.00
N ILE A 41 -34.03 60.78 -15.76
CA ILE A 41 -34.47 61.08 -17.11
C ILE A 41 -35.85 60.50 -17.41
N THR A 42 -36.48 61.00 -18.46
CA THR A 42 -37.74 60.45 -18.93
C THR A 42 -37.62 60.09 -20.38
N ALA A 43 -38.53 59.25 -20.87
CA ALA A 43 -38.59 58.90 -22.27
C ALA A 43 -40.01 58.55 -22.67
N ASN A 44 -40.33 58.71 -23.95
CA ASN A 44 -41.62 58.28 -24.46
C ASN A 44 -41.52 56.94 -25.12
N GLN A 45 -42.58 56.16 -25.00
CA GLN A 45 -42.64 54.87 -25.67
C GLN A 45 -42.94 55.12 -27.15
N LYS A 46 -42.02 54.70 -28.03
CA LYS A 46 -42.18 54.97 -29.46
C LYS A 46 -43.46 54.33 -29.96
N SER A 47 -44.31 55.13 -30.57
CA SER A 47 -45.53 54.62 -31.18
C SER A 47 -45.31 54.46 -32.68
N PHE A 48 -45.44 53.24 -33.17
CA PHE A 48 -45.07 52.91 -34.54
C PHE A 48 -46.17 53.20 -35.58
N SER A 49 -45.93 54.22 -36.41
CA SER A 49 -46.86 54.61 -37.47
C SER A 49 -46.96 53.58 -38.59
N LYS A 50 -48.02 53.68 -39.40
CA LYS A 50 -48.22 52.78 -40.53
C LYS A 50 -47.10 52.94 -41.56
N GLU A 51 -46.82 54.19 -41.97
CA GLU A 51 -45.65 54.51 -42.83
C GLU A 51 -44.39 53.76 -42.39
N GLU A 52 -44.04 53.92 -41.12
CA GLU A 52 -42.84 53.33 -40.55
C GLU A 52 -42.80 51.81 -40.75
N ILE A 53 -43.96 51.17 -40.64
CA ILE A 53 -44.01 49.72 -40.68
C ILE A 53 -43.83 49.16 -42.10
N GLU A 54 -44.50 49.77 -43.07
CA GLU A 54 -44.36 49.34 -44.47
C GLU A 54 -43.28 50.14 -45.19
N ALA A 55 -42.37 50.73 -44.43
CA ALA A 55 -41.09 51.20 -44.92
C ALA A 55 -40.00 50.14 -44.68
N LEU A 56 -40.27 49.17 -43.81
CA LEU A 56 -39.33 48.07 -43.55
C LEU A 56 -39.36 47.09 -44.73
N LYS A 57 -38.28 47.02 -45.50
CA LYS A 57 -38.26 46.20 -46.73
C LYS A 57 -37.95 44.76 -46.38
N ASP A 58 -38.65 43.85 -47.06
CA ASP A 58 -38.55 42.40 -46.84
C ASP A 58 -38.96 42.01 -45.42
N GLN A 59 -40.01 42.65 -44.92
CA GLN A 59 -40.53 42.40 -43.59
C GLN A 59 -42.05 42.51 -43.62
N LYS A 60 -42.72 41.48 -43.12
CA LYS A 60 -44.16 41.47 -43.03
C LYS A 60 -44.52 41.37 -41.56
N PRO A 61 -45.47 42.19 -41.10
CA PRO A 61 -45.82 42.27 -39.67
C PRO A 61 -46.58 41.05 -39.14
N LEU A 62 -46.37 40.73 -37.87
CA LEU A 62 -47.06 39.63 -37.20
C LEU A 62 -47.92 40.16 -36.05
N ASP A 64 -51.18 43.22 -35.02
CA ASP A 64 -52.23 44.09 -35.56
C ASP A 64 -51.62 45.43 -35.97
N PRO A 66 -51.66 49.53 -36.60
CA PRO A 66 -52.28 50.58 -35.79
C PRO A 66 -53.57 51.09 -36.41
N SER A 67 -54.47 51.59 -35.56
CA SER A 67 -55.79 52.06 -36.00
C SER A 67 -56.23 53.26 -35.15
N ASP A 68 -57.48 53.70 -35.33
CA ASP A 68 -58.06 54.77 -34.52
C ASP A 68 -58.02 54.39 -33.05
N ASP A 69 -58.54 53.21 -32.74
CA ASP A 69 -58.54 52.67 -31.38
C ASP A 69 -57.14 52.29 -30.89
N HIS A 70 -56.35 51.68 -31.77
CA HIS A 70 -55.11 50.98 -31.41
C HIS A 70 -53.88 51.87 -31.61
N LYS A 71 -52.82 51.56 -30.88
CA LYS A 71 -51.47 52.07 -31.16
C LYS A 71 -50.43 50.98 -30.90
N VAL A 72 -49.37 50.97 -31.72
CA VAL A 72 -48.38 49.91 -31.69
C VAL A 72 -47.11 50.39 -31.04
N THR A 73 -46.92 50.05 -29.76
CA THR A 73 -45.69 50.39 -29.07
C THR A 73 -44.64 49.27 -29.22
N SER A 74 -45.11 48.09 -29.63
CA SER A 74 -44.26 46.92 -29.78
C SER A 74 -44.46 46.28 -31.13
N LEU A 75 -43.39 46.19 -31.92
CA LEU A 75 -43.44 45.48 -33.18
C LEU A 75 -43.29 43.98 -32.97
N LYS A 76 -43.59 43.23 -34.01
CA LYS A 76 -43.37 41.80 -34.05
C LYS A 76 -43.33 41.50 -35.55
N LYS A 78 -41.62 39.71 -39.17
CA LYS A 78 -41.03 38.52 -39.81
C LYS A 78 -40.27 38.85 -41.11
N PHE A 79 -39.11 38.22 -41.28
CA PHE A 79 -38.31 38.38 -42.49
C PHE A 79 -38.84 37.48 -43.60
N ALA A 80 -38.92 38.04 -44.80
CA ALA A 80 -39.37 37.29 -45.98
C ALA A 80 -38.57 35.99 -46.11
N ASN A 81 -37.25 36.14 -46.09
CA ASN A 81 -36.33 35.01 -46.08
C ASN A 81 -35.47 35.15 -44.84
N PRO A 82 -35.41 34.10 -44.01
CA PRO A 82 -34.64 34.20 -42.79
C PRO A 82 -33.16 34.35 -43.10
N ILE A 83 -32.45 35.04 -42.21
CA ILE A 83 -31.09 35.47 -42.47
C ILE A 83 -30.16 34.58 -41.70
N ALA A 84 -29.18 33.98 -42.38
CA ALA A 84 -28.25 33.07 -41.73
C ALA A 84 -27.34 33.83 -40.80
N LEU A 85 -27.21 33.35 -39.57
CA LEU A 85 -26.18 33.83 -38.66
C LEU A 85 -25.04 32.83 -38.65
N SER A 86 -23.89 33.26 -38.14
CA SER A 86 -22.71 32.42 -38.16
C SER A 86 -22.57 31.59 -36.90
N LYS A 87 -21.73 30.56 -37.05
CA LYS A 87 -21.66 29.48 -36.10
C LYS A 87 -20.98 30.01 -34.85
N LYS A 88 -19.69 30.31 -34.98
CA LYS A 88 -18.85 30.76 -33.87
C LYS A 88 -18.71 32.27 -33.75
N ASP A 89 -19.12 33.01 -34.79
CA ASP A 89 -19.07 34.47 -34.75
C ASP A 89 -20.47 35.06 -34.58
N ILE A 90 -21.34 34.30 -33.93
CA ILE A 90 -22.76 34.63 -33.88
C ILE A 90 -23.04 36.03 -33.34
N GLU A 91 -22.32 36.45 -32.32
CA GLU A 91 -22.65 37.73 -31.68
C GLU A 91 -22.45 38.93 -32.62
N ASP A 92 -21.32 38.97 -33.33
CA ASP A 92 -21.06 40.05 -34.27
C ASP A 92 -22.07 40.05 -35.42
N ASP A 93 -22.35 38.87 -35.95
CA ASP A 93 -23.34 38.73 -37.04
C ASP A 93 -24.70 39.24 -36.60
N ALA A 94 -25.04 39.02 -35.33
CA ALA A 94 -26.31 39.52 -34.76
C ALA A 94 -26.35 41.05 -34.67
N GLN A 95 -25.29 41.64 -34.14
CA GLN A 95 -25.19 43.11 -34.05
C GLN A 95 -25.27 43.76 -35.43
N ALA A 96 -24.60 43.15 -36.39
CA ALA A 96 -24.62 43.60 -37.76
C ALA A 96 -26.05 43.63 -38.29
N LEU A 97 -26.78 42.56 -38.04
CA LEU A 97 -28.16 42.43 -38.52
C LEU A 97 -29.01 43.56 -37.96
N VAL A 98 -28.96 43.70 -36.63
CA VAL A 98 -29.81 44.66 -35.93
C VAL A 98 -29.55 46.08 -36.41
N SER A 99 -28.29 46.43 -36.61
CA SER A 99 -27.93 47.79 -37.00
C SER A 99 -28.34 48.08 -38.44
N SER A 100 -27.92 47.22 -39.36
CA SER A 100 -28.25 47.43 -40.78
C SER A 100 -29.75 47.31 -41.08
N LYS A 101 -30.43 46.30 -40.53
CA LYS A 101 -31.81 46.01 -40.94
C LYS A 101 -32.94 46.51 -40.03
N ILE A 102 -32.63 46.96 -38.82
CA ILE A 102 -33.67 47.39 -37.87
C ILE A 102 -33.67 48.89 -37.56
N GLN A 103 -34.86 49.47 -37.56
CA GLN A 103 -35.09 50.84 -37.08
C GLN A 103 -34.25 51.15 -35.86
N ASP A 104 -33.45 52.20 -35.93
CA ASP A 104 -32.67 52.69 -34.77
C ASP A 104 -31.72 51.64 -34.16
N GLY A 105 -31.30 50.65 -34.96
CA GLY A 105 -30.55 49.50 -34.47
C GLY A 105 -29.32 49.83 -33.67
N GLU A 106 -28.57 50.85 -34.10
CA GLU A 106 -27.31 51.24 -33.44
C GLU A 106 -27.52 51.73 -32.00
N LYS A 107 -28.74 52.05 -31.63
CA LYS A 107 -29.02 52.47 -30.27
C LYS A 107 -29.05 51.26 -29.32
N TYR A 108 -29.14 50.05 -29.86
CA TYR A 108 -29.28 48.85 -29.06
C TYR A 108 -27.96 48.11 -28.93
N LYS A 109 -27.63 47.64 -27.72
CA LYS A 109 -26.40 46.84 -27.51
C LYS A 109 -26.76 45.43 -27.09
N LEU A 110 -26.12 44.45 -27.71
CA LEU A 110 -26.44 43.03 -27.46
C LEU A 110 -26.24 42.72 -26.00
N TRP A 111 -27.12 41.89 -25.45
CA TRP A 111 -27.16 41.64 -24.02
C TRP A 111 -26.89 40.21 -23.68
N LYS A 112 -27.69 39.31 -24.25
CA LYS A 112 -27.66 37.89 -23.91
C LYS A 112 -28.01 37.04 -25.11
N VAL A 113 -27.29 35.93 -25.27
CA VAL A 113 -27.70 34.89 -26.20
C VAL A 113 -28.30 33.75 -25.37
N ASP A 114 -29.58 33.49 -25.59
CA ASP A 114 -30.34 32.52 -24.81
C ASP A 114 -30.76 31.37 -25.71
N LYS A 115 -29.99 30.28 -25.66
CA LYS A 115 -30.24 29.13 -26.54
C LYS A 115 -31.51 28.39 -26.15
N SER A 116 -31.85 28.41 -24.86
CA SER A 116 -33.04 27.74 -24.36
C SER A 116 -34.33 28.31 -24.96
N LYS A 117 -34.40 29.64 -25.09
CA LYS A 117 -35.54 30.29 -25.74
C LYS A 117 -35.28 30.55 -27.22
N LYS A 118 -34.10 30.13 -27.70
CA LYS A 118 -33.68 30.34 -29.10
C LYS A 118 -33.86 31.80 -29.51
N GLU A 119 -33.34 32.70 -28.69
CA GLU A 119 -33.47 34.13 -28.95
C GLU A 119 -32.28 34.93 -28.44
N ILE A 120 -31.83 35.88 -29.26
CA ILE A 120 -30.77 36.81 -28.89
C ILE A 120 -31.43 38.14 -28.52
N ILE A 121 -30.91 38.79 -27.49
CA ILE A 121 -31.56 39.93 -26.86
C ILE A 121 -30.67 41.16 -26.80
N PHE A 122 -31.19 42.29 -27.28
CA PHE A 122 -30.47 43.55 -27.27
C PHE A 122 -31.21 44.49 -26.33
N PHE A 123 -30.46 45.26 -25.56
CA PHE A 123 -31.03 46.30 -24.72
C PHE A 123 -30.72 47.65 -25.35
N GLN A 124 -31.71 48.54 -25.33
CA GLN A 124 -31.53 49.93 -25.77
C GLN A 124 -30.59 50.61 -24.81
N THR A 125 -29.92 51.65 -25.29
CA THR A 125 -28.93 52.34 -24.48
C THR A 125 -29.23 53.82 -24.41
N TYR A 126 -28.55 54.51 -23.50
CA TYR A 126 -28.65 55.96 -23.40
C TYR A 126 -27.31 56.54 -23.03
N GLU A 127 -26.79 57.43 -23.88
CA GLU A 127 -25.50 58.04 -23.63
C GLU A 127 -24.48 56.96 -23.28
N GLY A 128 -24.45 55.93 -24.11
CA GLY A 128 -23.48 54.85 -23.93
C GLY A 128 -23.83 53.75 -22.95
N HIS A 129 -24.79 53.97 -22.06
CA HIS A 129 -25.08 53.00 -21.01
C HIS A 129 -26.33 52.22 -21.30
N TYR A 130 -26.46 51.07 -20.66
CA TYR A 130 -27.61 50.22 -20.83
C TYR A 130 -28.83 50.78 -20.12
N ILE A 131 -30.01 50.50 -20.66
CA ILE A 131 -31.25 50.60 -19.92
C ILE A 131 -31.53 49.17 -19.48
N TYR A 132 -31.13 48.87 -18.25
CA TYR A 132 -31.16 47.51 -17.75
C TYR A 132 -32.61 47.12 -17.54
N GLN A 133 -33.03 46.01 -18.12
CA GLN A 133 -34.41 45.55 -18.00
C GLN A 133 -34.51 44.07 -17.65
N LYS A 134 -35.71 43.63 -17.30
CA LYS A 134 -35.97 42.20 -17.12
C LYS A 134 -36.16 41.53 -18.48
N THR A 135 -35.78 40.25 -18.57
CA THR A 135 -35.88 39.49 -19.84
C THR A 135 -36.97 38.41 -19.78
N ASP A 136 -38.00 38.70 -19.00
CA ASP A 136 -39.09 37.76 -18.82
C ASP A 136 -40.14 38.10 -19.88
N ASN A 137 -41.36 38.41 -19.44
CA ASN A 137 -42.46 38.85 -20.31
C ASN A 137 -42.15 40.09 -21.17
N PRO A 138 -43.01 40.37 -22.18
CA PRO A 138 -42.95 41.63 -22.94
C PRO A 138 -43.48 42.89 -22.22
N SER A 139 -44.00 42.76 -20.99
CA SER A 139 -44.40 43.93 -20.19
C SER A 139 -43.18 44.75 -19.79
N ASN A 140 -42.10 44.05 -19.44
CA ASN A 140 -40.87 44.68 -18.98
C ASN A 140 -40.00 45.09 -20.15
N ILE A 142 -39.57 47.60 -22.27
CA ILE A 142 -39.73 49.01 -22.60
C ILE A 142 -38.77 49.50 -23.68
N GLY A 143 -37.61 48.87 -23.80
CA GLY A 143 -36.64 49.24 -24.85
C GLY A 143 -35.76 48.10 -25.30
N GLN A 144 -36.29 47.23 -26.15
CA GLN A 144 -35.52 46.07 -26.59
C GLN A 144 -35.73 45.67 -28.03
N VAL A 145 -34.77 44.87 -28.51
CA VAL A 145 -34.86 44.12 -29.77
C VAL A 145 -34.54 42.65 -29.45
N VAL A 146 -35.48 41.75 -29.75
CA VAL A 146 -35.33 40.32 -29.47
C VAL A 146 -35.39 39.56 -30.77
N LEU A 147 -34.29 38.88 -31.14
CA LEU A 147 -34.25 38.12 -32.39
C LEU A 147 -34.72 36.72 -32.10
N HIS A 148 -35.64 36.21 -32.92
CA HIS A 148 -36.13 34.85 -32.77
C HIS A 148 -35.53 33.97 -33.86
N LEU A 149 -34.87 32.88 -33.45
CA LEU A 149 -34.22 31.97 -34.41
C LEU A 149 -34.83 30.57 -34.41
N ASN A 150 -34.65 29.86 -35.52
CA ASN A 150 -35.00 28.44 -35.62
C ASN A 150 -34.18 27.74 -36.70
N GLY A 151 -33.91 26.46 -36.42
CA GLY A 151 -33.10 25.60 -37.27
C GLY A 151 -31.65 25.89 -36.97
N LYS A 152 -30.84 25.92 -38.01
CA LYS A 152 -29.48 26.46 -37.91
C LYS A 152 -29.65 27.94 -37.73
N ASN A 153 -29.07 28.46 -36.66
CA ASN A 153 -28.93 29.89 -36.46
C ASN A 153 -29.37 30.74 -37.65
N GLU A 154 -30.68 30.86 -37.79
CA GLU A 154 -31.26 31.72 -38.83
C GLU A 154 -32.37 32.56 -38.21
N VAL A 155 -32.27 33.87 -38.38
CA VAL A 155 -33.25 34.80 -37.80
C VAL A 155 -34.55 34.80 -38.61
N VAL A 156 -35.64 34.50 -37.92
CA VAL A 156 -36.94 34.29 -38.55
C VAL A 156 -37.80 35.54 -38.41
N SER A 157 -37.64 36.22 -37.28
CA SER A 157 -38.45 37.38 -36.91
C SER A 157 -37.75 38.17 -35.80
N TYR A 158 -38.37 39.28 -35.38
CA TYR A 158 -37.92 39.99 -34.19
C TYR A 158 -39.05 40.80 -33.57
N ASP A 159 -38.92 41.09 -32.28
CA ASP A 159 -39.82 42.01 -31.58
C ASP A 159 -39.03 43.27 -31.22
N GLN A 160 -39.68 44.42 -31.30
CA GLN A 160 -39.02 45.70 -31.00
C GLN A 160 -39.88 46.60 -30.14
N THR A 161 -39.25 47.24 -29.17
CA THR A 161 -39.82 48.37 -28.47
C THR A 161 -38.69 49.40 -28.36
N THR A 162 -39.07 50.67 -28.44
CA THR A 162 -38.11 51.76 -28.53
C THR A 162 -38.53 52.93 -27.67
N LEU A 163 -37.55 53.56 -27.05
CA LEU A 163 -37.73 54.77 -26.29
C LEU A 163 -37.17 55.96 -27.09
N GLU A 164 -37.88 57.08 -27.02
CA GLU A 164 -37.50 58.30 -27.74
C GLU A 164 -37.71 59.49 -26.83
N THR A 165 -37.28 60.65 -27.29
CA THR A 165 -37.54 61.92 -26.62
C THR A 165 -37.07 61.88 -25.18
N PHE A 166 -35.79 61.56 -24.98
CA PHE A 166 -35.22 61.52 -23.64
C PHE A 166 -35.04 62.94 -23.10
N LYS A 167 -35.48 63.19 -21.87
CA LYS A 167 -35.29 64.49 -21.23
C LYS A 167 -34.57 64.26 -19.92
N GLN A 168 -33.65 65.14 -19.56
CA GLN A 168 -33.03 65.09 -18.25
C GLN A 168 -33.86 66.02 -17.41
N ILE A 169 -34.37 65.52 -16.28
CA ILE A 169 -35.37 66.27 -15.55
C ILE A 169 -34.92 66.71 -14.18
N GLN A 170 -33.77 66.24 -13.73
CA GLN A 170 -33.25 66.66 -12.44
C GLN A 170 -31.85 66.11 -12.34
N LYS A 171 -30.87 66.99 -12.21
CA LYS A 171 -29.50 66.53 -12.01
C LYS A 171 -29.28 66.38 -10.51
N GLU A 172 -28.65 65.28 -10.11
CA GLU A 172 -28.36 65.05 -8.71
C GLU A 172 -27.00 64.42 -8.55
N SER A 173 -26.53 64.45 -7.31
CA SER A 173 -25.30 63.81 -6.93
C SER A 173 -25.50 62.30 -6.90
N LEU A 174 -24.63 61.56 -7.60
CA LEU A 174 -24.64 60.09 -7.52
C LEU A 174 -23.77 59.62 -6.37
N ILE A 175 -24.00 58.38 -5.92
CA ILE A 175 -23.15 57.77 -4.91
C ILE A 175 -22.00 57.09 -5.64
N THR A 176 -20.87 56.91 -4.97
CA THR A 176 -19.66 56.43 -5.63
C THR A 176 -19.73 54.94 -5.89
N GLU A 177 -18.90 54.48 -6.83
CA GLU A 177 -18.79 53.04 -7.12
C GLU A 177 -18.53 52.31 -5.83
N ASP A 179 -18.96 53.28 -2.72
CA ASP A 179 -20.15 53.35 -1.86
C ASP A 179 -21.11 52.21 -2.21
N ALA A 180 -21.37 52.01 -3.51
CA ALA A 180 -22.42 51.08 -3.93
C ALA A 180 -22.12 49.64 -3.50
N VAL A 181 -20.85 49.25 -3.57
CA VAL A 181 -20.42 47.94 -3.07
C VAL A 181 -20.53 47.82 -1.55
N GLU A 182 -20.13 48.87 -0.84
CA GLU A 182 -20.31 48.88 0.62
C GLU A 182 -21.80 48.73 0.99
N LEU A 183 -22.66 49.36 0.20
CA LEU A 183 -24.07 49.24 0.44
C LEU A 183 -24.52 47.77 0.33
N LEU A 184 -24.05 47.05 -0.69
CA LEU A 184 -24.39 45.65 -0.81
C LEU A 184 -23.95 44.88 0.41
N TYR A 185 -22.73 45.13 0.87
CA TYR A 185 -22.19 44.42 2.01
C TYR A 185 -23.03 44.68 3.26
N TYR A 186 -23.25 45.96 3.50
CA TYR A 186 -24.05 46.44 4.62
C TYR A 186 -25.38 45.69 4.73
N GLN A 187 -26.02 45.46 3.58
CA GLN A 187 -27.31 44.77 3.54
C GLN A 187 -27.20 43.26 3.36
N ASN A 188 -26.07 42.70 3.78
CA ASN A 188 -25.91 41.25 3.95
C ASN A 188 -26.13 40.45 2.67
N GLN A 189 -25.75 41.04 1.54
CA GLN A 189 -25.92 40.43 0.24
C GLN A 189 -24.68 39.72 -0.27
N LEU A 190 -23.51 40.08 0.24
CA LEU A 190 -22.23 39.52 -0.24
C LEU A 190 -21.72 38.39 0.65
N LYS A 191 -21.41 37.26 0.03
CA LYS A 191 -20.90 36.09 0.74
C LYS A 191 -19.40 36.22 1.05
N GLU A 192 -18.94 35.51 2.09
CA GLU A 192 -17.51 35.44 2.40
C GLU A 192 -16.73 35.01 1.18
N TYR A 193 -15.48 35.45 1.12
CA TYR A 193 -14.54 35.07 0.05
C TYR A 193 -15.02 35.35 -1.37
N SER A 194 -15.89 36.33 -1.56
CA SER A 194 -16.37 36.66 -2.90
C SER A 194 -15.56 37.79 -3.54
N THR A 195 -15.60 37.87 -4.85
CA THR A 195 -14.86 38.83 -5.65
C THR A 195 -15.83 39.76 -6.36
N VAL A 196 -15.58 41.07 -6.31
CA VAL A 196 -16.40 42.03 -7.02
C VAL A 196 -15.81 42.27 -8.41
N LYS A 197 -16.42 41.67 -9.43
CA LYS A 197 -15.85 41.67 -10.78
C LYS A 197 -16.06 42.97 -11.57
N SER A 198 -17.13 43.71 -11.30
CA SER A 198 -17.45 44.89 -12.11
C SER A 198 -18.44 45.77 -11.40
N CYS A 199 -18.40 47.04 -11.73
CA CYS A 199 -19.39 48.00 -11.27
C CYS A 199 -19.71 48.91 -12.45
N LYS A 200 -20.64 48.46 -13.30
CA LYS A 200 -20.95 49.14 -14.55
C LYS A 200 -22.18 50.02 -14.31
N PHE A 201 -22.27 51.11 -15.07
CA PHE A 201 -23.28 52.14 -14.89
C PHE A 201 -24.38 52.04 -15.92
N GLY A 202 -25.57 52.50 -15.53
CA GLY A 202 -26.74 52.37 -16.40
C GLY A 202 -28.01 52.95 -15.81
N TYR A 203 -29.14 52.61 -16.42
CA TYR A 203 -30.43 53.11 -15.98
C TYR A 203 -31.45 51.98 -15.85
N VAL A 204 -32.45 52.18 -14.98
CA VAL A 204 -33.61 51.31 -14.90
C VAL A 204 -34.90 52.12 -14.91
N ALA A 205 -35.99 51.50 -15.39
CA ALA A 205 -37.32 52.11 -15.37
C ALA A 205 -37.81 52.07 -13.95
N GLN A 206 -38.09 53.23 -13.37
CA GLN A 206 -38.50 53.32 -11.97
C GLN A 206 -40.01 53.11 -11.84
N TYR A 207 -40.76 53.47 -12.86
CA TYR A 207 -42.23 53.36 -12.87
C TYR A 207 -42.76 54.11 -14.10
N PRO A 208 -44.02 53.86 -14.50
CA PRO A 208 -44.61 54.55 -15.65
C PRO A 208 -45.41 55.82 -15.34
N LEU A 209 -45.96 56.45 -16.39
CA LEU A 209 -46.90 57.58 -16.26
C LEU A 209 -47.56 57.92 -17.62
N THR A 210 -48.61 57.18 -17.97
CA THR A 210 -49.16 57.18 -19.34
C THR A 210 -48.06 56.67 -20.28
N SER A 211 -47.78 57.39 -21.36
CA SER A 211 -46.74 57.01 -22.31
C SER A 211 -45.31 57.28 -21.83
N THR A 212 -45.15 58.04 -20.73
CA THR A 212 -43.84 58.41 -20.23
C THR A 212 -43.27 57.36 -19.29
N GLN A 213 -41.99 57.08 -19.45
CA GLN A 213 -41.27 56.25 -18.51
C GLN A 213 -40.28 57.14 -17.79
N VAL A 214 -40.15 56.96 -16.48
CA VAL A 214 -39.16 57.68 -15.67
C VAL A 214 -38.02 56.73 -15.35
N LEU A 215 -36.80 57.16 -15.58
CA LEU A 215 -35.63 56.28 -15.45
C LEU A 215 -34.57 56.83 -14.46
N ALA A 216 -34.08 55.97 -13.58
CA ALA A 216 -33.10 56.38 -12.59
C ALA A 216 -31.80 55.63 -12.85
N PRO A 217 -30.66 56.29 -12.59
CA PRO A 217 -29.39 55.62 -12.75
C PRO A 217 -29.18 54.57 -11.67
N VAL A 218 -28.45 53.52 -12.03
CA VAL A 218 -28.15 52.43 -11.12
C VAL A 218 -26.71 51.95 -11.33
N TRP A 219 -26.13 51.33 -10.31
CA TRP A 219 -24.88 50.60 -10.49
C TRP A 219 -25.22 49.11 -10.62
N ARG A 220 -24.65 48.46 -11.64
CA ARG A 220 -24.91 47.05 -11.93
C ARG A 220 -23.67 46.30 -11.51
N ILE A 221 -23.69 45.78 -10.30
CA ILE A 221 -22.51 45.17 -9.72
C ILE A 221 -22.54 43.68 -9.92
N THR A 222 -21.52 43.13 -10.57
CA THR A 222 -21.37 41.68 -10.70
C THR A 222 -20.35 41.16 -9.71
N VAL A 223 -20.70 40.06 -9.02
CA VAL A 223 -19.88 39.45 -7.98
C VAL A 223 -19.75 37.95 -8.26
N GLU A 224 -18.60 37.34 -7.95
CA GLU A 224 -18.50 35.88 -8.10
C GLU A 224 -17.80 35.21 -6.93
N TYR A 225 -18.16 33.96 -6.66
CA TYR A 225 -17.62 33.18 -5.53
C TYR A 225 -17.64 31.69 -5.83
N GLU A 226 -16.99 30.89 -4.99
CA GLU A 226 -16.96 29.42 -5.19
C GLU A 226 -18.19 28.73 -4.59
N LYS A 227 -18.48 27.49 -5.04
CA LYS A 227 -19.64 26.73 -4.55
C LYS A 227 -19.53 25.21 -4.81
N GLU A 232 -15.70 19.68 -5.12
CA GLU A 232 -15.96 20.06 -6.51
C GLU A 232 -16.42 21.52 -6.61
N LYS A 233 -15.47 22.43 -6.82
CA LYS A 233 -15.73 23.87 -6.83
C LYS A 233 -16.39 24.33 -8.12
N LYS A 234 -17.40 25.19 -8.00
CA LYS A 234 -17.99 25.87 -9.13
C LYS A 234 -17.78 27.39 -8.95
N THR A 235 -17.45 28.12 -10.01
CA THR A 235 -17.39 29.60 -9.96
C THR A 235 -18.74 30.18 -10.38
N VAL A 236 -19.57 30.52 -9.39
CA VAL A 236 -20.93 31.01 -9.63
C VAL A 236 -20.99 32.54 -9.49
N GLN A 237 -21.82 33.19 -10.29
CA GLN A 237 -21.94 34.64 -10.26
C GLN A 237 -23.32 35.16 -9.84
N GLU A 238 -23.33 36.33 -9.23
CA GLU A 238 -24.54 36.99 -8.76
C GLU A 238 -24.55 38.40 -9.32
N TYR A 239 -25.73 38.87 -9.72
CA TYR A 239 -25.85 40.24 -10.24
C TYR A 239 -26.75 41.10 -9.34
N PHE A 240 -26.24 42.26 -8.94
CA PHE A 240 -26.99 43.19 -8.11
C PHE A 240 -27.20 44.53 -8.82
N THR A 241 -28.33 45.18 -8.55
CA THR A 241 -28.59 46.51 -9.07
C THR A 241 -28.87 47.48 -7.91
N VAL A 242 -27.98 48.46 -7.75
CA VAL A 242 -28.07 49.45 -6.68
C VAL A 242 -28.43 50.81 -7.27
N ASN A 243 -29.42 51.48 -6.68
CA ASN A 243 -29.86 52.79 -7.13
C ASN A 243 -28.76 53.82 -6.90
N ALA A 244 -28.36 54.52 -7.96
CA ALA A 244 -27.16 55.36 -7.93
C ALA A 244 -27.39 56.72 -7.31
N LEU A 245 -28.65 57.13 -7.19
CA LEU A 245 -28.99 58.46 -6.69
C LEU A 245 -28.76 58.60 -5.19
N GLU A 246 -28.05 59.64 -4.78
CA GLU A 246 -27.94 59.97 -3.37
C GLU A 246 -29.04 60.95 -3.03
N SER A 247 -30.03 60.50 -2.27
CA SER A 247 -31.15 61.35 -1.92
C SER A 247 -31.64 60.98 -0.54
N THR A 248 -30.72 60.97 0.42
CA THR A 248 -31.08 60.71 1.80
C THR A 248 -31.57 62.00 2.47
N ILE A 249 -30.83 63.10 2.34
CA ILE A 249 -31.24 64.37 2.91
C ILE A 249 -31.73 65.30 1.82
N LEU A 250 -32.98 65.73 1.91
CA LEU A 250 -33.63 66.50 0.84
C LEU A 250 -33.65 68.02 1.05
N ASP A 251 -33.71 68.46 2.31
CA ASP A 251 -33.72 69.90 2.66
C ASP A 251 -33.03 70.12 4.03
N THR A 252 -32.48 71.32 4.26
CA THR A 252 -31.97 71.76 5.59
C THR A 252 -32.46 73.19 5.94
N LYS B 8 -13.78 62.03 17.45
CA LYS B 8 -12.31 61.96 17.70
C LYS B 8 -11.54 61.52 16.43
N GLU B 9 -10.30 61.06 16.64
CA GLU B 9 -9.45 60.45 15.60
C GLU B 9 -8.73 59.23 16.17
N TYR B 10 -8.39 59.25 17.45
CA TYR B 10 -7.93 58.03 18.07
C TYR B 10 -9.08 57.11 18.37
N GLU B 11 -10.26 57.45 17.84
CA GLU B 11 -11.33 56.47 17.72
C GLU B 11 -11.07 55.65 16.45
N VAL B 12 -10.72 56.34 15.37
CA VAL B 12 -10.38 55.67 14.10
C VAL B 12 -9.24 54.68 14.35
N ILE B 13 -8.17 55.16 14.97
CA ILE B 13 -6.99 54.34 15.15
C ILE B 13 -7.26 53.29 16.21
N LYS B 14 -8.00 53.59 17.27
CA LYS B 14 -8.28 52.53 18.25
C LYS B 14 -9.17 51.46 17.68
N ASN B 15 -10.11 51.82 16.83
CA ASN B 15 -10.99 50.80 16.29
C ASN B 15 -10.41 50.17 15.02
N ASP B 16 -9.41 50.80 14.42
CA ASP B 16 -8.61 50.11 13.41
C ASP B 16 -7.91 48.92 14.05
N VAL B 17 -7.15 49.19 15.11
CA VAL B 17 -6.39 48.16 15.80
C VAL B 17 -7.31 47.07 16.31
N GLU B 18 -8.45 47.48 16.85
CA GLU B 18 -9.41 46.53 17.38
C GLU B 18 -9.98 45.66 16.27
N HIS B 19 -10.24 46.24 15.10
CA HIS B 19 -10.74 45.45 13.97
C HIS B 19 -9.64 44.52 13.48
N ASP B 20 -8.46 45.09 13.26
CA ASP B 20 -7.30 44.33 12.83
C ASP B 20 -7.09 43.09 13.71
N LYS B 22 -9.36 41.35 15.46
CA LYS B 22 -10.38 40.34 15.17
C LYS B 22 -9.95 39.55 13.91
N ALA B 23 -9.47 40.29 12.89
CA ALA B 23 -8.96 39.70 11.66
C ALA B 23 -7.91 38.59 11.88
N ASP B 24 -6.97 38.85 12.78
CA ASP B 24 -5.93 37.87 13.15
C ASP B 24 -6.42 36.84 14.17
N HIS B 25 -7.72 36.88 14.51
CA HIS B 25 -8.34 35.91 15.42
C HIS B 25 -7.66 35.90 16.77
N ILE B 26 -7.39 37.09 17.28
CA ILE B 26 -6.81 37.22 18.60
C ILE B 26 -7.96 37.29 19.59
N THR B 27 -8.01 36.35 20.53
CA THR B 27 -9.08 36.31 21.49
C THR B 27 -8.61 36.90 22.80
N TYR B 28 -9.42 37.79 23.36
CA TYR B 28 -9.24 38.26 24.73
C TYR B 28 -10.58 38.18 25.43
N GLU B 29 -10.54 38.18 26.75
CA GLU B 29 -11.72 38.11 27.59
C GLU B 29 -11.51 38.90 28.86
N GLY B 30 -12.51 39.70 29.21
CA GLY B 30 -12.61 40.38 30.48
C GLY B 30 -11.51 41.37 30.80
N LEU B 31 -11.03 42.11 29.81
CA LEU B 31 -9.93 43.04 30.05
C LEU B 31 -10.50 44.40 30.40
N ASN B 32 -9.98 45.01 31.46
CA ASN B 32 -10.51 46.27 31.96
C ASN B 32 -10.22 47.39 30.98
N LYS B 33 -11.23 48.15 30.61
CA LYS B 33 -11.05 49.21 29.63
C LYS B 33 -11.05 50.58 30.29
N GLU B 34 -11.28 50.63 31.60
CA GLU B 34 -11.11 51.86 32.39
C GLU B 34 -9.68 52.04 32.94
N ALA B 35 -9.26 53.30 33.04
CA ALA B 35 -7.95 53.64 33.62
C ALA B 35 -7.96 53.53 35.14
N THR B 36 -6.77 53.41 35.70
CA THR B 36 -6.54 53.23 37.13
C THR B 36 -5.33 54.08 37.50
N GLU B 37 -5.17 54.41 38.78
CA GLU B 37 -4.03 55.24 39.21
C GLU B 37 -2.96 54.36 39.83
N GLY B 38 -1.69 54.69 39.58
CA GLY B 38 -0.57 53.89 40.08
C GLY B 38 0.53 54.74 40.65
N TYR B 39 1.66 54.11 40.92
CA TYR B 39 2.78 54.78 41.56
C TYR B 39 4.10 54.27 41.02
N ARG B 40 5.07 55.15 40.93
CA ARG B 40 6.45 54.73 40.99
C ARG B 40 6.76 54.58 42.46
N ILE B 41 7.42 53.49 42.85
CA ILE B 41 7.81 53.33 44.25
C ILE B 41 9.31 53.08 44.37
N THR B 42 9.87 53.42 45.53
CA THR B 42 11.28 53.18 45.82
C THR B 42 11.47 52.29 47.04
N ALA B 43 12.57 51.52 47.08
CA ALA B 43 12.86 50.64 48.19
C ALA B 43 14.36 50.52 48.45
N ASN B 44 14.70 50.18 49.68
CA ASN B 44 16.08 49.87 50.02
C ASN B 44 16.32 48.38 49.99
N GLN B 45 17.56 48.02 49.71
CA GLN B 45 18.00 46.64 49.75
C GLN B 45 18.33 46.31 51.20
N LYS B 46 17.56 45.39 51.77
CA LYS B 46 17.68 45.08 53.19
C LYS B 46 19.09 44.56 53.47
N SER B 47 19.72 45.13 54.50
CA SER B 47 21.03 44.72 54.93
C SER B 47 20.89 43.90 56.20
N PHE B 48 21.40 42.68 56.20
CA PHE B 48 21.21 41.76 57.31
C PHE B 48 22.29 41.89 58.39
N SER B 49 21.87 42.14 59.62
CA SER B 49 22.79 42.33 60.72
C SER B 49 23.19 40.99 61.31
N LYS B 50 24.25 41.02 62.11
CA LYS B 50 24.81 39.81 62.71
C LYS B 50 23.82 39.23 63.69
N GLU B 51 23.12 40.11 64.43
CA GLU B 51 22.00 39.68 65.26
C GLU B 51 20.99 38.88 64.45
N GLU B 52 20.50 39.46 63.36
CA GLU B 52 19.45 38.83 62.55
C GLU B 52 19.88 37.45 62.03
N ILE B 53 21.17 37.32 61.70
CA ILE B 53 21.69 36.09 61.11
C ILE B 53 21.69 34.90 62.06
N GLU B 54 22.40 35.04 63.18
CA GLU B 54 22.46 33.93 64.16
C GLU B 54 21.22 33.87 65.06
N ALA B 55 20.25 34.76 64.83
CA ALA B 55 18.92 34.62 65.42
C ALA B 55 18.19 33.36 64.91
N LEU B 56 18.38 33.05 63.63
CA LEU B 56 17.63 31.99 62.93
C LEU B 56 17.98 30.60 63.44
N LYS B 57 17.01 29.90 64.02
CA LYS B 57 17.28 28.61 64.68
C LYS B 57 17.48 27.48 63.67
N ASP B 58 18.45 26.62 63.97
CA ASP B 58 18.82 25.46 63.13
C ASP B 58 19.07 25.85 61.67
N GLN B 59 19.77 26.98 61.50
CA GLN B 59 20.16 27.51 60.20
C GLN B 59 21.57 28.02 60.33
N LYS B 60 22.48 27.55 59.48
CA LYS B 60 23.84 28.07 59.52
C LYS B 60 24.18 28.80 58.24
N PRO B 61 24.87 29.94 58.35
CA PRO B 61 25.22 30.74 57.19
C PRO B 61 26.26 30.11 56.27
N LEU B 62 26.06 30.26 54.97
CA LEU B 62 27.04 29.86 53.96
C LEU B 62 27.59 31.08 53.19
N ASP B 64 29.95 35.11 53.84
CA ASP B 64 30.71 35.95 54.75
C ASP B 64 29.76 36.81 55.58
N PRO B 66 28.49 40.05 57.92
CA PRO B 66 28.72 41.48 57.84
C PRO B 66 29.92 41.91 58.67
N SER B 67 30.57 43.00 58.26
CA SER B 67 31.79 43.48 58.94
C SER B 67 31.94 44.99 58.75
N ASP B 68 33.08 45.53 59.16
CA ASP B 68 33.39 46.92 58.91
C ASP B 68 33.32 47.20 57.41
N ASP B 69 34.04 46.38 56.63
CA ASP B 69 34.08 46.49 55.16
C ASP B 69 32.77 46.01 54.50
N HIS B 70 32.30 44.83 54.90
CA HIS B 70 31.25 44.11 54.20
C HIS B 70 29.84 44.47 54.70
N LYS B 71 28.85 44.28 53.83
CA LYS B 71 27.43 44.32 54.19
C LYS B 71 26.73 43.20 53.44
N VAL B 72 26.02 42.34 54.16
CA VAL B 72 25.35 41.23 53.52
C VAL B 72 23.95 41.66 53.09
N THR B 73 23.71 41.65 51.79
CA THR B 73 22.39 41.92 51.25
C THR B 73 21.76 40.64 50.66
N SER B 74 22.49 39.53 50.76
CA SER B 74 22.05 38.26 50.21
C SER B 74 22.47 37.14 51.16
N LEU B 75 21.50 36.58 51.86
CA LEU B 75 21.73 35.42 52.70
C LEU B 75 21.76 34.19 51.82
N LYS B 76 22.76 33.37 52.05
CA LYS B 76 22.75 31.96 51.68
C LYS B 76 22.71 31.32 53.07
N LYS B 78 21.99 27.52 55.34
CA LYS B 78 21.86 26.04 55.30
C LYS B 78 21.20 25.48 56.55
N PHE B 79 20.18 24.66 56.35
CA PHE B 79 19.48 24.05 57.47
C PHE B 79 20.32 22.97 58.11
N ALA B 80 20.23 22.91 59.45
CA ALA B 80 20.88 21.86 60.21
C ALA B 80 20.49 20.52 59.61
N ASN B 81 19.19 20.30 59.48
CA ASN B 81 18.66 19.11 58.83
C ASN B 81 17.74 19.52 57.67
N PRO B 82 17.91 18.90 56.50
CA PRO B 82 16.99 19.18 55.40
C PRO B 82 15.52 19.04 55.79
N ILE B 83 14.65 19.73 55.05
CA ILE B 83 13.24 19.78 55.37
C ILE B 83 12.41 19.03 54.32
N ALA B 84 11.78 17.94 54.77
CA ALA B 84 10.95 17.09 53.92
C ALA B 84 9.87 17.92 53.25
N LEU B 85 9.73 17.76 51.94
CA LEU B 85 8.65 18.37 51.19
C LEU B 85 7.84 17.32 50.46
N SER B 86 6.54 17.37 50.63
CA SER B 86 5.66 16.38 50.04
C SER B 86 5.74 16.37 48.52
N LYS B 87 5.25 15.27 47.98
CA LYS B 87 5.46 14.91 46.60
C LYS B 87 4.40 15.64 45.83
N LYS B 88 3.15 15.31 46.15
CA LYS B 88 1.99 15.76 45.42
C LYS B 88 1.61 17.16 45.84
N ASP B 89 1.73 17.41 47.15
CA ASP B 89 1.41 18.69 47.75
C ASP B 89 2.71 19.49 47.97
N ILE B 90 3.40 19.81 46.88
CA ILE B 90 4.77 20.32 47.01
C ILE B 90 4.79 21.81 47.24
N GLU B 91 3.94 22.52 46.51
CA GLU B 91 3.93 23.96 46.59
C GLU B 91 3.45 24.44 47.95
N ASP B 92 2.33 23.91 48.40
CA ASP B 92 1.80 24.30 49.71
C ASP B 92 2.83 24.07 50.81
N ASP B 93 3.55 22.96 50.73
CA ASP B 93 4.56 22.63 51.74
C ASP B 93 5.74 23.60 51.66
N ALA B 94 6.11 23.98 50.45
CA ALA B 94 7.13 25.01 50.26
C ALA B 94 6.69 26.37 50.84
N GLN B 95 5.41 26.72 50.65
CA GLN B 95 4.88 27.97 51.19
C GLN B 95 4.89 27.97 52.73
N ALA B 96 4.49 26.86 53.34
CA ALA B 96 4.46 26.76 54.80
C ALA B 96 5.87 26.95 55.35
N LEU B 97 6.83 26.30 54.70
CA LEU B 97 8.24 26.38 55.10
C LEU B 97 8.75 27.82 55.10
N VAL B 98 8.59 28.49 53.95
CA VAL B 98 9.10 29.84 53.78
C VAL B 98 8.47 30.77 54.79
N SER B 99 7.17 30.60 55.02
CA SER B 99 6.46 31.48 55.92
C SER B 99 6.84 31.22 57.35
N SER B 100 6.98 29.96 57.73
CA SER B 100 7.28 29.62 59.13
C SER B 100 8.75 29.81 59.51
N LYS B 101 9.67 29.52 58.60
CA LYS B 101 11.08 29.44 58.96
C LYS B 101 11.96 30.57 58.46
N ILE B 102 11.45 31.40 57.55
CA ILE B 102 12.26 32.46 56.97
C ILE B 102 11.78 33.85 57.34
N GLN B 103 12.74 34.73 57.56
CA GLN B 103 12.50 36.13 57.82
C GLN B 103 11.57 36.72 56.77
N ASP B 104 10.48 37.35 57.21
CA ASP B 104 9.57 38.06 56.29
C ASP B 104 8.86 37.16 55.26
N GLY B 105 8.84 35.85 55.50
CA GLY B 105 8.29 34.89 54.54
C GLY B 105 6.93 35.20 53.91
N GLU B 106 6.02 35.79 54.70
CA GLU B 106 4.69 36.12 54.19
C GLU B 106 4.74 37.16 53.08
N LYS B 107 5.78 37.98 53.08
CA LYS B 107 5.94 39.01 52.06
C LYS B 107 6.21 38.45 50.66
N TYR B 108 6.60 37.17 50.60
CA TYR B 108 7.03 36.54 49.36
C TYR B 108 5.93 35.61 48.86
N LYS B 109 5.79 35.47 47.55
CA LYS B 109 4.81 34.57 46.95
C LYS B 109 5.47 33.61 45.97
N LEU B 110 5.14 32.32 46.08
CA LEU B 110 5.66 31.28 45.20
C LEU B 110 5.42 31.62 43.76
N TRP B 111 6.51 31.59 42.98
CA TRP B 111 6.50 31.95 41.57
C TRP B 111 6.53 30.72 40.68
N LYS B 112 7.46 29.80 41.00
CA LYS B 112 7.83 28.73 40.08
C LYS B 112 8.53 27.56 40.78
N VAL B 113 8.04 26.34 40.53
CA VAL B 113 8.78 25.14 40.92
C VAL B 113 9.62 24.74 39.72
N ASP B 114 10.93 24.54 39.94
CA ASP B 114 11.86 24.27 38.85
C ASP B 114 12.45 22.88 38.99
N LYS B 115 12.06 21.97 38.11
CA LYS B 115 12.48 20.59 38.22
C LYS B 115 13.94 20.43 37.86
N SER B 116 14.37 21.09 36.79
CA SER B 116 15.74 20.98 36.29
C SER B 116 16.74 21.63 37.25
N LYS B 117 16.48 22.90 37.63
CA LYS B 117 17.40 23.63 38.51
C LYS B 117 17.34 23.18 39.97
N LYS B 118 16.51 22.18 40.27
CA LYS B 118 16.26 21.71 41.64
C LYS B 118 16.16 22.89 42.60
N GLU B 119 15.15 23.72 42.37
CA GLU B 119 14.88 24.89 43.23
C GLU B 119 13.46 25.38 43.08
N ILE B 120 12.95 26.00 44.14
CA ILE B 120 11.63 26.62 44.13
C ILE B 120 11.86 28.12 44.36
N ILE B 121 11.21 28.96 43.57
CA ILE B 121 11.47 30.40 43.60
C ILE B 121 10.26 31.19 44.08
N PHE B 122 10.53 32.15 44.96
CA PHE B 122 9.53 33.06 45.48
C PHE B 122 9.92 34.50 45.11
N PHE B 123 8.95 35.31 44.71
CA PHE B 123 9.18 36.74 44.48
C PHE B 123 8.53 37.51 45.60
N GLN B 124 9.20 38.56 46.05
CA GLN B 124 8.65 39.44 47.05
C GLN B 124 7.47 40.16 46.42
N THR B 125 6.54 40.61 47.26
CA THR B 125 5.38 41.32 46.77
C THR B 125 5.30 42.72 47.35
N TYR B 126 4.52 43.57 46.70
CA TYR B 126 4.19 44.89 47.21
C TYR B 126 2.71 45.06 47.00
N GLU B 127 2.01 45.44 48.07
CA GLU B 127 0.57 45.64 48.05
C GLU B 127 -0.16 44.48 47.38
N GLY B 128 0.31 43.26 47.65
CA GLY B 128 -0.26 42.06 47.07
C GLY B 128 -0.01 41.85 45.60
N HIS B 129 1.09 42.39 45.08
CA HIS B 129 1.45 42.17 43.70
C HIS B 129 2.88 41.72 43.62
N TYR B 130 3.14 40.83 42.69
CA TYR B 130 4.48 40.40 42.42
C TYR B 130 5.41 41.59 42.07
N ILE B 131 6.63 41.53 42.56
CA ILE B 131 7.71 42.35 42.02
C ILE B 131 8.39 41.45 40.98
N TYR B 132 7.89 41.48 39.76
CA TYR B 132 8.41 40.60 38.71
C TYR B 132 9.89 40.84 38.46
N GLN B 133 10.68 39.78 38.48
CA GLN B 133 12.12 39.90 38.24
C GLN B 133 12.63 38.69 37.47
N LYS B 134 13.89 38.74 37.03
CA LYS B 134 14.47 37.64 36.26
C LYS B 134 15.04 36.56 37.19
N THR B 135 14.98 35.31 36.74
CA THR B 135 15.40 34.16 37.55
C THR B 135 16.72 33.51 37.08
N ASP B 136 17.54 34.26 36.35
CA ASP B 136 18.74 33.71 35.70
C ASP B 136 19.96 33.76 36.62
N ASN B 137 20.17 34.90 37.26
CA ASN B 137 21.44 35.21 37.92
C ASN B 137 21.21 35.95 39.24
N PRO B 138 22.20 35.92 40.15
CA PRO B 138 22.02 36.59 41.44
C PRO B 138 22.06 38.14 41.38
N SER B 139 22.63 38.70 40.31
CA SER B 139 22.69 40.15 40.09
C SER B 139 21.27 40.73 40.05
N ASN B 140 20.44 40.22 39.15
CA ASN B 140 19.06 40.70 39.02
C ASN B 140 18.13 40.21 40.14
N ILE B 142 16.78 40.92 43.24
CA ILE B 142 16.62 42.00 44.22
C ILE B 142 15.62 41.75 45.33
N GLY B 143 14.76 40.75 45.17
CA GLY B 143 13.76 40.43 46.19
C GLY B 143 13.16 39.06 46.04
N GLN B 144 13.95 38.03 46.35
CA GLN B 144 13.52 36.66 46.14
C GLN B 144 13.89 35.79 47.31
N VAL B 145 13.25 34.62 47.37
CA VAL B 145 13.72 33.52 48.19
C VAL B 145 13.77 32.30 47.27
N VAL B 146 14.93 31.68 47.19
CA VAL B 146 15.12 30.52 46.34
C VAL B 146 15.48 29.34 47.24
N LEU B 147 14.56 28.40 47.37
CA LEU B 147 14.81 27.19 48.13
C LEU B 147 15.58 26.26 47.23
N HIS B 148 16.58 25.58 47.79
CA HIS B 148 17.36 24.59 47.05
C HIS B 148 17.09 23.18 47.59
N LEU B 149 16.81 22.24 46.69
CA LEU B 149 16.57 20.83 47.06
C LEU B 149 17.66 19.86 46.57
N ASN B 150 17.67 18.65 47.13
CA ASN B 150 18.43 17.55 46.56
C ASN B 150 17.73 16.24 46.86
N GLY B 151 17.72 15.37 45.84
CA GLY B 151 17.39 13.97 46.00
C GLY B 151 15.91 13.78 45.91
N LYS B 152 15.31 13.27 46.99
CA LYS B 152 13.87 13.33 47.18
C LYS B 152 13.58 14.64 47.86
N ASN B 153 13.17 15.63 47.08
CA ASN B 153 12.53 16.84 47.61
C ASN B 153 12.85 17.14 49.06
N GLU B 154 14.00 17.77 49.30
CA GLU B 154 14.34 18.28 50.63
C GLU B 154 15.04 19.63 50.54
N VAL B 155 14.48 20.65 51.15
CA VAL B 155 15.11 21.96 51.13
C VAL B 155 16.33 21.94 52.05
N VAL B 156 17.52 22.12 51.46
CA VAL B 156 18.77 22.00 52.20
C VAL B 156 19.32 23.34 52.62
N SER B 157 19.25 24.30 51.70
CA SER B 157 19.63 25.67 51.98
C SER B 157 18.63 26.60 51.29
N TYR B 158 18.85 27.90 51.41
CA TYR B 158 18.13 28.87 50.59
C TYR B 158 18.89 30.19 50.46
N ASP B 159 18.66 30.88 49.36
CA ASP B 159 19.14 32.25 49.14
C ASP B 159 18.00 33.20 49.40
N GLN B 160 18.30 34.33 50.04
CA GLN B 160 17.28 35.33 50.26
C GLN B 160 17.80 36.74 50.01
N THR B 161 16.99 37.54 49.33
CA THR B 161 17.19 38.99 49.26
C THR B 161 15.86 39.69 49.56
N THR B 162 15.94 40.91 50.06
CA THR B 162 14.76 41.55 50.63
C THR B 162 14.77 43.06 50.45
N LEU B 163 13.63 43.60 49.99
CA LEU B 163 13.40 45.04 49.94
C LEU B 163 12.60 45.55 51.15
N GLU B 164 12.96 46.75 51.60
CA GLU B 164 12.36 47.38 52.78
C GLU B 164 12.12 48.89 52.56
N THR B 165 11.48 49.53 53.53
CA THR B 165 11.19 50.96 53.48
C THR B 165 10.66 51.36 52.11
N PHE B 166 9.58 50.74 51.68
CA PHE B 166 8.90 51.14 50.45
C PHE B 166 8.34 52.55 50.59
N LYS B 167 8.34 53.30 49.50
CA LYS B 167 7.85 54.67 49.49
C LYS B 167 7.22 54.93 48.15
N GLN B 168 6.07 55.60 48.13
CA GLN B 168 5.40 55.97 46.87
C GLN B 168 5.89 57.34 46.49
N ILE B 169 6.47 57.48 45.31
CA ILE B 169 7.17 58.73 45.00
C ILE B 169 6.45 59.60 44.00
N GLN B 170 5.58 59.03 43.19
CA GLN B 170 4.83 59.84 42.23
C GLN B 170 3.63 59.10 41.70
N LYS B 171 2.43 59.50 42.14
CA LYS B 171 1.23 58.82 41.70
C LYS B 171 0.99 59.21 40.25
N GLU B 172 0.42 58.28 39.48
CA GLU B 172 0.29 58.50 38.06
C GLU B 172 -0.80 57.66 37.42
N SER B 173 -1.21 58.07 36.24
CA SER B 173 -2.25 57.42 35.49
C SER B 173 -1.69 56.20 34.74
N LEU B 174 -2.27 55.02 34.95
CA LEU B 174 -1.83 53.82 34.23
C LEU B 174 -2.65 53.65 32.95
N ILE B 175 -2.13 52.84 32.03
CA ILE B 175 -2.86 52.50 30.82
C ILE B 175 -3.76 51.33 31.16
N THR B 176 -4.85 51.18 30.41
CA THR B 176 -5.79 50.10 30.67
C THR B 176 -5.22 48.74 30.26
N GLU B 177 -5.74 47.66 30.83
CA GLU B 177 -5.33 46.32 30.44
C GLU B 177 -5.51 46.17 28.94
N ASP B 179 -5.50 48.50 26.68
CA ASP B 179 -4.40 49.24 26.04
C ASP B 179 -3.16 48.32 25.98
N ALA B 180 -2.83 47.72 27.12
CA ALA B 180 -1.65 46.87 27.27
C ALA B 180 -1.59 45.77 26.19
N VAL B 181 -2.72 45.11 25.95
CA VAL B 181 -2.81 44.06 24.92
C VAL B 181 -2.72 44.64 23.51
N GLU B 182 -3.45 45.73 23.26
CA GLU B 182 -3.40 46.40 21.95
C GLU B 182 -1.98 46.85 21.63
N LEU B 183 -1.25 47.27 22.65
CA LEU B 183 0.11 47.74 22.46
C LEU B 183 0.97 46.57 21.97
N LEU B 184 0.86 45.41 22.64
CA LEU B 184 1.58 44.23 22.20
C LEU B 184 1.30 43.95 20.74
N TYR B 185 0.03 43.86 20.38
CA TYR B 185 -0.35 43.63 18.99
C TYR B 185 0.27 44.68 18.10
N TYR B 186 0.10 45.94 18.46
CA TYR B 186 0.62 47.05 17.68
C TYR B 186 2.09 46.86 17.37
N GLN B 187 2.84 46.32 18.32
CA GLN B 187 4.27 46.17 18.15
C GLN B 187 4.69 44.83 17.52
N ASN B 188 3.74 44.11 16.96
CA ASN B 188 4.00 42.89 16.21
C ASN B 188 4.41 41.69 17.07
N GLN B 189 4.06 41.69 18.33
CA GLN B 189 4.45 40.61 19.23
C GLN B 189 3.52 39.39 19.20
N LEU B 190 2.28 39.58 18.74
CA LEU B 190 1.27 38.52 18.81
C LEU B 190 1.16 37.72 17.52
N LYS B 191 1.13 36.40 17.66
CA LYS B 191 0.93 35.51 16.53
C LYS B 191 -0.56 35.46 16.22
N GLU B 192 -0.91 35.01 15.03
CA GLU B 192 -2.32 34.78 14.74
C GLU B 192 -2.89 33.70 15.64
N TYR B 193 -4.21 33.64 15.68
CA TYR B 193 -4.95 32.64 16.45
C TYR B 193 -4.49 32.49 17.91
N SER B 194 -4.01 33.56 18.52
CA SER B 194 -3.64 33.48 19.94
C SER B 194 -4.78 33.87 20.87
N THR B 195 -4.68 33.40 22.12
CA THR B 195 -5.61 33.73 23.18
C THR B 195 -4.84 34.43 24.28
N VAL B 196 -5.38 35.56 24.75
CA VAL B 196 -4.79 36.30 25.84
C VAL B 196 -5.36 35.71 27.11
N LYS B 197 -4.59 34.85 27.76
CA LYS B 197 -5.03 34.15 28.95
C LYS B 197 -5.14 35.06 30.17
N SER B 198 -4.27 36.05 30.30
CA SER B 198 -4.36 36.94 31.46
C SER B 198 -3.54 38.20 31.27
N CYS B 199 -3.89 39.18 32.10
CA CYS B 199 -3.18 40.44 32.19
C CYS B 199 -3.11 40.82 33.66
N LYS B 200 -2.03 40.45 34.34
CA LYS B 200 -1.88 40.64 35.78
C LYS B 200 -1.04 41.88 36.04
N PHE B 201 -1.27 42.53 37.18
CA PHE B 201 -0.57 43.75 37.55
C PHE B 201 0.59 43.48 38.50
N GLY B 202 1.63 44.31 38.42
CA GLY B 202 2.80 44.18 39.30
C GLY B 202 3.91 45.17 38.99
N TYR B 203 5.12 44.88 39.46
CA TYR B 203 6.26 45.82 39.36
C TYR B 203 7.56 45.17 38.84
N VAL B 204 8.41 45.98 38.20
CA VAL B 204 9.77 45.54 37.85
C VAL B 204 10.74 46.62 38.31
N ALA B 205 11.97 46.25 38.62
CA ALA B 205 12.99 47.25 38.92
C ALA B 205 13.39 47.91 37.62
N GLN B 206 13.38 49.25 37.59
CA GLN B 206 13.73 50.00 36.38
C GLN B 206 15.25 50.00 36.19
N TYR B 207 15.97 50.17 37.28
CA TYR B 207 17.43 50.20 37.28
C TYR B 207 17.78 50.51 38.74
N PRO B 208 19.08 50.61 39.08
CA PRO B 208 19.49 50.96 40.45
C PRO B 208 20.01 52.41 40.65
N LEU B 209 20.11 52.82 41.91
CA LEU B 209 20.74 54.10 42.30
C LEU B 209 21.34 53.96 43.70
N THR B 210 22.45 53.23 43.77
CA THR B 210 23.04 52.81 45.05
C THR B 210 22.00 51.94 45.78
N SER B 211 21.96 52.05 47.11
CA SER B 211 20.93 51.40 47.94
C SER B 211 19.50 51.67 47.44
N THR B 212 19.29 52.75 46.67
CA THR B 212 17.97 53.07 46.09
C THR B 212 17.59 52.21 44.88
N GLN B 213 16.48 51.50 45.00
CA GLN B 213 15.85 50.81 43.89
C GLN B 213 14.60 51.61 43.52
N VAL B 214 14.36 51.76 42.21
CA VAL B 214 13.15 52.41 41.73
C VAL B 214 12.34 51.36 40.99
N LEU B 215 11.06 51.28 41.30
CA LEU B 215 10.20 50.27 40.70
C LEU B 215 9.11 50.95 39.88
N ALA B 216 8.77 50.34 38.75
CA ALA B 216 7.73 50.84 37.89
C ALA B 216 6.63 49.80 37.82
N PRO B 217 5.36 50.27 37.76
CA PRO B 217 4.25 49.35 37.57
C PRO B 217 4.24 48.79 36.14
N VAL B 218 3.75 47.57 36.00
CA VAL B 218 3.79 46.85 34.73
C VAL B 218 2.56 45.96 34.61
N TRP B 219 2.20 45.60 33.38
CA TRP B 219 1.18 44.60 33.12
C TRP B 219 1.85 43.35 32.59
N ARG B 220 1.55 42.21 33.18
CA ARG B 220 2.17 40.94 32.79
C ARG B 220 1.16 40.12 32.03
N ILE B 221 1.46 39.85 30.77
CA ILE B 221 0.47 39.35 29.85
C ILE B 221 0.84 37.98 29.35
N THR B 222 0.03 36.98 29.69
CA THR B 222 0.23 35.63 29.15
C THR B 222 -0.68 35.42 27.95
N VAL B 223 -0.08 34.98 26.85
CA VAL B 223 -0.83 34.56 25.66
C VAL B 223 -0.48 33.11 25.37
N GLU B 224 -1.39 32.38 24.72
CA GLU B 224 -1.07 31.02 24.27
C GLU B 224 -1.59 30.73 22.88
N TYR B 225 -0.77 30.01 22.11
CA TYR B 225 -1.08 29.67 20.73
C TYR B 225 -0.57 28.24 20.48
N GLU B 226 -0.75 27.73 19.27
CA GLU B 226 -0.46 26.31 18.98
C GLU B 226 0.76 26.06 18.09
N LYS B 227 1.70 25.21 18.55
CA LYS B 227 2.87 24.79 17.74
C LYS B 227 2.89 23.26 17.70
N LYS B 228 4.05 22.63 17.47
CA LYS B 228 4.09 21.18 17.20
C LYS B 228 5.32 20.46 17.80
N VAL B 229 5.50 19.18 17.40
CA VAL B 229 6.68 18.38 17.75
C VAL B 229 6.77 17.19 16.81
N THR B 235 0.12 23.51 22.29
CA THR B 235 -0.20 24.67 23.13
C THR B 235 1.02 25.26 23.86
N VAL B 236 1.59 26.32 23.28
CA VAL B 236 2.74 27.04 23.85
C VAL B 236 2.24 28.30 24.54
N GLN B 237 3.06 28.86 25.42
CA GLN B 237 2.75 30.14 26.09
C GLN B 237 3.91 31.14 26.01
N GLU B 238 3.63 32.34 25.50
CA GLU B 238 4.58 33.46 25.52
C GLU B 238 4.18 34.36 26.68
N TYR B 239 5.17 35.06 27.23
CA TYR B 239 4.93 36.02 28.31
C TYR B 239 5.49 37.38 27.93
N PHE B 240 4.77 38.42 28.32
CA PHE B 240 5.14 39.78 27.97
C PHE B 240 5.00 40.70 29.16
N THR B 241 5.88 41.69 29.23
CA THR B 241 5.80 42.72 30.24
C THR B 241 5.69 44.06 29.56
N VAL B 242 4.56 44.72 29.72
CA VAL B 242 4.36 46.05 29.16
C VAL B 242 4.37 47.04 30.31
N ASN B 243 4.96 48.21 30.07
CA ASN B 243 5.09 49.24 31.10
C ASN B 243 3.76 49.94 31.22
N ALA B 244 3.19 49.94 32.41
CA ALA B 244 1.84 50.46 32.61
C ALA B 244 1.79 51.99 32.68
N LEU B 245 2.93 52.65 32.92
CA LEU B 245 2.94 54.11 33.07
C LEU B 245 2.67 54.80 31.75
N GLU B 246 1.67 55.66 31.80
CA GLU B 246 1.26 56.48 30.68
C GLU B 246 2.05 57.79 30.70
N SER B 247 2.90 58.01 29.72
CA SER B 247 3.43 59.35 29.51
C SER B 247 3.82 59.52 28.06
N THR B 248 3.02 60.31 27.37
CA THR B 248 3.28 60.64 25.99
C THR B 248 3.30 62.16 25.88
N ILE B 249 2.21 62.80 26.30
CA ILE B 249 2.09 64.27 26.32
C ILE B 249 2.17 64.78 27.76
N LEU B 250 3.08 65.72 28.01
CA LEU B 250 3.39 66.21 29.38
C LEU B 250 2.90 67.66 29.57
N ASP B 251 3.48 68.42 30.51
CA ASP B 251 3.15 69.84 30.70
C ASP B 251 4.38 70.78 30.89
N LYS C 8 -25.83 39.22 10.72
CA LYS C 8 -25.96 40.40 9.83
C LYS C 8 -24.93 41.48 10.16
N GLU C 9 -24.84 42.45 9.27
CA GLU C 9 -23.88 43.55 9.36
C GLU C 9 -24.60 44.85 9.57
N TYR C 10 -25.81 45.01 9.04
CA TYR C 10 -26.61 46.20 9.36
C TYR C 10 -26.67 46.39 10.87
N GLU C 11 -26.80 45.30 11.62
CA GLU C 11 -26.85 45.38 13.06
C GLU C 11 -25.53 45.86 13.63
N VAL C 12 -24.42 45.22 13.26
CA VAL C 12 -23.10 45.63 13.76
C VAL C 12 -22.85 47.12 13.51
N ILE C 13 -23.21 47.59 12.33
CA ILE C 13 -23.05 49.01 11.98
C ILE C 13 -24.02 49.92 12.73
N LYS C 14 -25.28 49.51 12.82
CA LYS C 14 -26.27 50.34 13.48
C LYS C 14 -25.84 50.64 14.91
N ASN C 15 -25.55 49.62 15.71
CA ASN C 15 -25.24 49.92 17.11
C ASN C 15 -23.85 50.53 17.34
N ASP C 16 -22.95 50.44 16.34
CA ASP C 16 -21.74 51.29 16.35
C ASP C 16 -22.14 52.75 16.32
N VAL C 17 -23.15 53.08 15.52
CA VAL C 17 -23.67 54.44 15.45
C VAL C 17 -24.36 54.81 16.77
N GLU C 18 -25.02 53.84 17.40
CA GLU C 18 -25.56 54.05 18.75
C GLU C 18 -24.43 54.43 19.72
N HIS C 19 -23.44 53.55 19.82
CA HIS C 19 -22.31 53.73 20.74
C HIS C 19 -21.39 54.92 20.40
N ASP C 20 -21.63 55.59 19.27
CA ASP C 20 -20.99 56.87 18.97
C ASP C 20 -21.90 58.02 19.37
N LYS C 22 -24.09 57.95 21.83
CA LYS C 22 -23.94 57.99 23.28
C LYS C 22 -22.62 58.67 23.65
N ALA C 23 -21.57 58.37 22.88
CA ALA C 23 -20.26 59.04 23.04
C ALA C 23 -20.38 60.56 22.84
N ASP C 24 -21.16 60.98 21.84
CA ASP C 24 -21.36 62.40 21.56
C ASP C 24 -22.57 62.98 22.29
N HIS C 25 -23.14 62.22 23.23
CA HIS C 25 -24.22 62.71 24.12
C HIS C 25 -25.41 63.31 23.36
N ILE C 26 -26.01 62.49 22.50
CA ILE C 26 -27.13 62.91 21.67
C ILE C 26 -28.43 62.33 22.20
N THR C 27 -29.43 63.18 22.39
CA THR C 27 -30.69 62.81 23.05
C THR C 27 -31.80 62.56 22.03
N TYR C 28 -32.55 61.46 22.24
CA TYR C 28 -33.66 61.04 21.36
C TYR C 28 -34.94 61.12 22.19
N GLU C 29 -36.09 61.32 21.54
CA GLU C 29 -37.34 61.57 22.27
C GLU C 29 -38.60 60.87 21.70
N GLY C 30 -39.00 59.77 22.35
CA GLY C 30 -40.23 59.05 22.03
C GLY C 30 -40.31 58.59 20.58
N LEU C 31 -39.21 58.05 20.09
CA LEU C 31 -39.09 57.74 18.68
C LEU C 31 -39.47 56.27 18.42
N ASN C 32 -40.24 56.05 17.36
CA ASN C 32 -40.59 54.71 16.85
C ASN C 32 -39.33 53.94 16.37
N LYS C 33 -39.33 52.62 16.57
CA LYS C 33 -38.33 51.72 15.96
C LYS C 33 -38.99 50.63 15.06
N GLU C 34 -40.29 50.78 14.79
CA GLU C 34 -41.09 49.81 14.00
C GLU C 34 -41.49 50.34 12.60
N ALA C 35 -40.92 49.72 11.56
CA ALA C 35 -41.15 50.08 10.17
C ALA C 35 -42.62 49.91 9.74
N THR C 36 -42.98 50.65 8.70
CA THR C 36 -44.33 50.63 8.15
C THR C 36 -44.16 50.75 6.63
N GLU C 37 -45.27 50.82 5.90
CA GLU C 37 -45.22 50.85 4.45
C GLU C 37 -45.57 52.23 3.94
N GLY C 38 -44.94 52.60 2.84
CA GLY C 38 -45.08 53.94 2.29
C GLY C 38 -45.19 53.92 0.79
N TYR C 39 -45.57 55.07 0.24
CA TYR C 39 -45.83 55.20 -1.17
C TYR C 39 -45.17 56.47 -1.69
N ARG C 40 -44.65 56.39 -2.89
CA ARG C 40 -44.28 57.57 -3.67
C ARG C 40 -45.52 58.04 -4.41
N ILE C 41 -45.82 59.33 -4.27
CA ILE C 41 -47.06 59.90 -4.82
C ILE C 41 -46.77 60.92 -5.91
N THR C 42 -47.64 60.96 -6.92
CA THR C 42 -47.58 61.96 -7.96
C THR C 42 -48.91 62.68 -7.94
N ALA C 43 -48.87 64.01 -7.95
CA ALA C 43 -50.07 64.86 -7.91
C ALA C 43 -50.03 65.86 -9.05
N ASN C 44 -51.19 66.21 -9.60
CA ASN C 44 -51.28 67.25 -10.64
C ASN C 44 -51.42 68.64 -10.04
N GLN C 45 -50.97 69.65 -10.79
CA GLN C 45 -51.11 71.04 -10.37
C GLN C 45 -52.47 71.57 -10.83
N LYS C 46 -53.30 71.95 -9.87
CA LYS C 46 -54.68 72.29 -10.13
C LYS C 46 -54.71 73.49 -11.02
N SER C 47 -55.58 73.44 -12.03
CA SER C 47 -55.77 74.55 -12.94
C SER C 47 -57.19 75.05 -12.74
N PHE C 48 -57.32 76.27 -12.23
CA PHE C 48 -58.64 76.82 -11.92
C PHE C 48 -59.32 77.37 -13.17
N SER C 49 -60.61 77.06 -13.33
CA SER C 49 -61.40 77.49 -14.48
C SER C 49 -62.17 78.80 -14.23
N LYS C 50 -62.77 79.32 -15.28
CA LYS C 50 -63.57 80.51 -15.19
C LYS C 50 -64.66 80.26 -14.17
N GLU C 51 -65.31 79.11 -14.32
CA GLU C 51 -66.52 78.80 -13.57
C GLU C 51 -66.26 78.46 -12.11
N GLU C 52 -65.08 77.95 -11.80
CA GLU C 52 -64.68 77.75 -10.42
C GLU C 52 -64.43 79.09 -9.74
N ILE C 53 -63.79 80.01 -10.46
CA ILE C 53 -63.38 81.29 -9.87
C ILE C 53 -64.60 82.13 -9.52
N GLU C 54 -65.46 82.37 -10.51
CA GLU C 54 -66.64 83.17 -10.29
C GLU C 54 -67.64 82.48 -9.35
N ALA C 55 -67.51 81.16 -9.21
CA ALA C 55 -68.30 80.39 -8.25
C ALA C 55 -67.91 80.66 -6.80
N LEU C 56 -66.84 81.43 -6.57
CA LEU C 56 -66.46 81.84 -5.21
C LEU C 56 -67.23 83.07 -4.85
N LYS C 57 -68.33 82.88 -4.12
CA LYS C 57 -69.19 84.00 -3.72
C LYS C 57 -68.43 85.00 -2.80
N ASP C 58 -68.81 86.28 -2.90
CA ASP C 58 -68.28 87.36 -2.04
C ASP C 58 -66.73 87.45 -2.02
N GLN C 59 -66.13 87.26 -3.20
CA GLN C 59 -64.68 87.28 -3.39
C GLN C 59 -64.29 87.81 -4.78
N LYS C 60 -63.45 88.84 -4.83
CA LYS C 60 -63.04 89.47 -6.09
C LYS C 60 -61.59 89.11 -6.44
N PRO C 61 -61.36 88.60 -7.66
CA PRO C 61 -60.04 88.15 -8.04
C PRO C 61 -59.02 89.29 -8.27
N LEU C 62 -57.74 88.96 -8.08
CA LEU C 62 -56.66 89.91 -8.29
C LEU C 62 -55.66 89.35 -9.28
N ASP C 64 -55.13 87.65 -13.55
CA ASP C 64 -55.67 87.45 -14.88
C ASP C 64 -56.49 86.17 -14.91
N PRO C 66 -58.48 82.92 -16.63
CA PRO C 66 -57.94 82.00 -17.62
C PRO C 66 -58.52 82.28 -19.00
N SER C 67 -57.91 81.67 -20.02
CA SER C 67 -58.33 81.86 -21.40
C SER C 67 -57.79 80.71 -22.26
N ASP C 68 -57.64 80.95 -23.56
CA ASP C 68 -57.09 79.94 -24.48
C ASP C 68 -55.60 79.79 -24.28
N ASP C 69 -54.90 80.90 -24.09
CA ASP C 69 -53.46 80.90 -23.87
C ASP C 69 -53.12 80.68 -22.39
N HIS C 70 -53.77 81.44 -21.52
CA HIS C 70 -53.41 81.50 -20.11
C HIS C 70 -54.12 80.45 -19.23
N LYS C 71 -53.33 79.74 -18.41
CA LYS C 71 -53.86 78.86 -17.38
C LYS C 71 -53.60 79.50 -16.03
N VAL C 72 -54.55 79.36 -15.12
CA VAL C 72 -54.39 79.93 -13.79
C VAL C 72 -54.15 78.77 -12.84
N THR C 73 -52.93 78.66 -12.32
CA THR C 73 -52.66 77.65 -11.31
C THR C 73 -52.45 78.31 -9.96
N SER C 74 -52.67 79.62 -9.89
CA SER C 74 -52.45 80.38 -8.67
C SER C 74 -53.57 81.40 -8.48
N LEU C 75 -54.33 81.24 -7.41
CA LEU C 75 -55.37 82.19 -7.08
C LEU C 75 -54.86 83.24 -6.13
N LYS C 76 -55.09 84.49 -6.49
CA LYS C 76 -54.92 85.59 -5.57
C LYS C 76 -56.28 86.27 -5.49
N LYS C 78 -59.32 88.50 -3.29
CA LYS C 78 -59.59 89.52 -2.29
C LYS C 78 -61.01 89.34 -1.77
N PHE C 79 -61.17 89.29 -0.45
CA PHE C 79 -62.49 89.28 0.16
C PHE C 79 -63.16 90.65 0.00
N ALA C 80 -64.46 90.60 -0.34
CA ALA C 80 -65.28 91.78 -0.55
C ALA C 80 -65.30 92.67 0.69
N ASN C 81 -65.52 92.04 1.85
CA ASN C 81 -65.31 92.67 3.13
C ASN C 81 -64.27 91.85 3.92
N PRO C 82 -63.30 92.50 4.57
CA PRO C 82 -62.30 91.73 5.31
C PRO C 82 -62.94 90.97 6.47
N ILE C 83 -62.34 89.84 6.85
CA ILE C 83 -62.95 88.96 7.82
C ILE C 83 -62.21 89.03 9.13
N ALA C 84 -62.95 89.30 10.20
CA ALA C 84 -62.39 89.46 11.54
C ALA C 84 -61.90 88.11 12.05
N LEU C 85 -60.69 88.09 12.60
CA LEU C 85 -60.16 86.89 13.24
C LEU C 85 -59.94 87.23 14.70
N SER C 86 -60.30 86.31 15.59
CA SER C 86 -60.15 86.54 17.02
C SER C 86 -58.72 86.83 17.38
N LYS C 87 -58.54 87.62 18.44
CA LYS C 87 -57.24 88.08 18.84
C LYS C 87 -56.47 86.87 19.38
N LYS C 88 -56.95 86.32 20.50
CA LYS C 88 -56.23 85.26 21.21
C LYS C 88 -56.72 83.86 20.84
N ASP C 89 -57.53 83.76 19.80
CA ASP C 89 -57.94 82.47 19.27
C ASP C 89 -57.64 82.41 17.77
N ILE C 90 -56.69 83.23 17.35
CA ILE C 90 -56.42 83.48 15.95
C ILE C 90 -56.30 82.22 15.11
N GLU C 91 -55.66 81.19 15.66
CA GLU C 91 -55.33 79.98 14.89
C GLU C 91 -56.54 79.16 14.45
N ASP C 92 -57.49 78.97 15.36
CA ASP C 92 -58.71 78.22 15.04
C ASP C 92 -59.57 78.98 14.04
N ASP C 93 -59.81 80.26 14.33
CA ASP C 93 -60.57 81.12 13.44
C ASP C 93 -60.02 81.08 12.02
N ALA C 94 -58.69 81.10 11.90
CA ALA C 94 -58.02 81.01 10.60
C ALA C 94 -58.33 79.71 9.85
N GLN C 95 -58.26 78.56 10.56
CA GLN C 95 -58.64 77.27 9.97
C GLN C 95 -60.09 77.31 9.51
N ALA C 96 -60.97 77.66 10.47
CA ALA C 96 -62.40 77.79 10.21
C ALA C 96 -62.68 78.59 8.95
N LEU C 97 -61.96 79.70 8.78
CA LEU C 97 -62.12 80.57 7.61
C LEU C 97 -61.72 79.82 6.34
N VAL C 98 -60.57 79.15 6.38
CA VAL C 98 -60.08 78.45 5.20
C VAL C 98 -61.03 77.34 4.78
N SER C 99 -61.53 76.60 5.76
CA SER C 99 -62.39 75.42 5.51
C SER C 99 -63.66 75.77 4.78
N SER C 100 -64.30 76.84 5.26
CA SER C 100 -65.66 77.12 4.86
C SER C 100 -65.74 78.11 3.70
N LYS C 101 -64.66 78.83 3.41
CA LYS C 101 -64.71 79.83 2.32
C LYS C 101 -63.79 79.57 1.13
N ILE C 102 -62.64 78.92 1.37
CA ILE C 102 -61.68 78.62 0.29
C ILE C 102 -61.92 77.24 -0.32
N GLN C 103 -61.83 77.17 -1.64
CA GLN C 103 -62.04 75.93 -2.38
C GLN C 103 -61.06 74.85 -1.92
N ASP C 104 -61.57 73.63 -1.75
CA ASP C 104 -60.78 72.51 -1.21
C ASP C 104 -60.14 72.83 0.14
N GLY C 105 -60.75 73.74 0.89
CA GLY C 105 -60.15 74.27 2.09
C GLY C 105 -59.89 73.21 3.13
N GLU C 106 -60.77 72.22 3.20
CA GLU C 106 -60.63 71.14 4.16
C GLU C 106 -59.25 70.50 4.07
N LYS C 107 -58.63 70.62 2.89
CA LYS C 107 -57.40 69.88 2.54
C LYS C 107 -56.10 70.60 3.01
N TYR C 108 -56.25 71.76 3.66
CA TYR C 108 -55.09 72.53 4.10
C TYR C 108 -54.99 72.55 5.63
N LYS C 109 -53.76 72.44 6.15
CA LYS C 109 -53.49 72.56 7.59
C LYS C 109 -52.58 73.76 7.88
N LEU C 110 -52.84 74.43 9.00
CA LEU C 110 -52.11 75.63 9.42
C LEU C 110 -50.66 75.27 9.69
N TRP C 111 -49.76 76.07 9.14
CA TRP C 111 -48.32 75.89 9.30
C TRP C 111 -47.74 76.93 10.22
N LYS C 112 -47.93 78.20 9.89
CA LYS C 112 -47.24 79.30 10.56
C LYS C 112 -48.09 80.57 10.59
N VAL C 113 -48.10 81.26 11.73
CA VAL C 113 -48.59 82.64 11.84
C VAL C 113 -47.40 83.63 11.85
N ASP C 114 -46.95 84.09 10.68
CA ASP C 114 -45.84 85.04 10.61
C ASP C 114 -46.32 86.47 10.84
N LYS C 115 -45.95 87.06 11.97
CA LYS C 115 -46.39 88.40 12.30
C LYS C 115 -45.60 89.50 11.60
N SER C 116 -44.34 89.23 11.28
CA SER C 116 -43.53 90.19 10.53
C SER C 116 -44.04 90.34 9.09
N LYS C 117 -44.42 89.22 8.47
CA LYS C 117 -44.96 89.24 7.10
C LYS C 117 -46.48 89.46 7.07
N LYS C 118 -47.10 89.60 8.25
CA LYS C 118 -48.56 89.83 8.40
C LYS C 118 -49.44 88.83 7.66
N GLU C 119 -49.03 87.56 7.70
CA GLU C 119 -49.72 86.49 6.98
C GLU C 119 -49.89 85.23 7.85
N ILE C 120 -50.77 84.34 7.39
CA ILE C 120 -50.94 83.05 8.01
C ILE C 120 -50.79 82.04 6.89
N ILE C 121 -49.84 81.11 7.06
CA ILE C 121 -49.51 80.14 6.02
C ILE C 121 -50.10 78.77 6.29
N PHE C 122 -50.68 78.17 5.24
CA PHE C 122 -51.28 76.84 5.30
C PHE C 122 -50.64 75.93 4.25
N PHE C 123 -50.39 74.69 4.64
CA PHE C 123 -49.85 73.69 3.72
C PHE C 123 -50.93 72.72 3.37
N GLN C 124 -51.00 72.31 2.11
CA GLN C 124 -51.89 71.21 1.70
C GLN C 124 -51.38 69.93 2.32
N THR C 125 -52.28 69.06 2.78
CA THR C 125 -51.86 67.78 3.34
C THR C 125 -52.07 66.61 2.38
N TYR C 126 -51.61 65.43 2.80
CA TYR C 126 -52.00 64.14 2.22
C TYR C 126 -52.23 63.22 3.38
N GLU C 127 -53.39 62.58 3.42
CA GLU C 127 -53.76 61.78 4.59
C GLU C 127 -53.53 62.53 5.90
N GLY C 128 -53.86 63.82 5.91
CA GLY C 128 -53.67 64.65 7.09
C GLY C 128 -52.23 65.01 7.45
N HIS C 129 -51.27 64.66 6.60
CA HIS C 129 -49.85 64.93 6.85
C HIS C 129 -49.37 66.04 5.94
N TYR C 130 -48.62 66.99 6.48
CA TYR C 130 -48.10 68.12 5.71
C TYR C 130 -47.40 67.71 4.43
N ILE C 131 -47.61 68.49 3.39
CA ILE C 131 -46.75 68.43 2.22
C ILE C 131 -45.82 69.62 2.42
N TYR C 132 -44.72 69.37 3.12
CA TYR C 132 -43.74 70.39 3.49
C TYR C 132 -43.14 71.11 2.26
N GLN C 133 -43.14 72.44 2.31
CA GLN C 133 -42.63 73.26 1.21
C GLN C 133 -41.87 74.46 1.76
N LYS C 134 -41.25 75.21 0.86
CA LYS C 134 -40.55 76.40 1.26
C LYS C 134 -41.58 77.54 1.40
N THR C 135 -41.48 78.26 2.51
CA THR C 135 -42.28 79.45 2.73
C THR C 135 -41.56 80.70 2.18
N ASP C 136 -40.49 80.48 1.41
CA ASP C 136 -39.74 81.56 0.77
C ASP C 136 -40.68 82.41 -0.10
N ASN C 137 -41.24 81.80 -1.14
CA ASN C 137 -41.73 82.55 -2.28
C ASN C 137 -42.78 81.76 -3.08
N PRO C 138 -43.46 82.44 -4.03
CA PRO C 138 -44.47 81.76 -4.86
C PRO C 138 -43.94 80.66 -5.80
N SER C 139 -42.65 80.66 -6.13
CA SER C 139 -42.09 79.60 -6.95
C SER C 139 -42.34 78.23 -6.32
N ASN C 140 -41.89 78.05 -5.09
CA ASN C 140 -41.98 76.75 -4.39
C ASN C 140 -43.26 76.59 -3.57
N ILE C 142 -46.30 74.95 -4.25
CA ILE C 142 -47.08 73.99 -5.02
C ILE C 142 -48.46 73.75 -4.44
N GLY C 143 -48.57 73.81 -3.10
CA GLY C 143 -49.83 73.54 -2.42
C GLY C 143 -50.04 74.28 -1.11
N GLN C 144 -50.38 75.56 -1.20
CA GLN C 144 -50.58 76.38 0.00
C GLN C 144 -51.75 77.35 -0.09
N VAL C 145 -52.18 77.81 1.08
CA VAL C 145 -53.01 78.98 1.21
C VAL C 145 -52.31 79.98 2.14
N VAL C 146 -52.06 81.19 1.66
CA VAL C 146 -51.44 82.22 2.48
C VAL C 146 -52.46 83.33 2.69
N LEU C 147 -52.89 83.50 3.95
CA LEU C 147 -53.84 84.56 4.30
C LEU C 147 -53.09 85.83 4.57
N HIS C 148 -53.57 86.93 4.01
CA HIS C 148 -53.00 88.25 4.25
C HIS C 148 -53.89 89.06 5.18
N LEU C 149 -53.29 89.65 6.22
CA LEU C 149 -54.03 90.41 7.25
C LEU C 149 -53.75 91.92 7.24
N ASN C 150 -54.63 92.69 7.85
CA ASN C 150 -54.32 94.08 8.11
C ASN C 150 -54.98 94.55 9.38
N GLY C 151 -54.18 95.26 10.18
CA GLY C 151 -54.66 96.17 11.21
C GLY C 151 -55.12 95.48 12.48
N LYS C 152 -56.43 95.24 12.55
CA LYS C 152 -57.02 94.44 13.63
C LYS C 152 -57.14 92.98 13.16
N ASN C 153 -56.05 92.43 12.63
CA ASN C 153 -56.02 91.03 12.24
C ASN C 153 -57.31 90.61 11.52
N GLU C 154 -57.59 91.32 10.43
CA GLU C 154 -58.67 90.95 9.52
C GLU C 154 -58.04 90.45 8.23
N VAL C 155 -58.48 89.29 7.75
CA VAL C 155 -58.01 88.71 6.49
C VAL C 155 -58.56 89.54 5.33
N VAL C 156 -57.65 90.08 4.52
CA VAL C 156 -58.01 90.94 3.39
C VAL C 156 -58.10 90.11 2.11
N SER C 157 -57.01 89.44 1.82
CA SER C 157 -56.85 88.64 0.61
C SER C 157 -56.30 87.28 1.00
N TYR C 158 -56.22 86.38 0.04
CA TYR C 158 -55.45 85.13 0.20
C TYR C 158 -54.84 84.71 -1.14
N ASP C 159 -53.72 84.00 -1.07
CA ASP C 159 -53.09 83.39 -2.24
C ASP C 159 -53.33 81.90 -2.15
N GLN C 160 -53.56 81.24 -3.27
CA GLN C 160 -53.80 79.79 -3.23
C GLN C 160 -53.22 79.03 -4.40
N THR C 161 -52.72 77.84 -4.10
CA THR C 161 -52.36 76.84 -5.10
C THR C 161 -52.72 75.48 -4.56
N THR C 162 -53.08 74.55 -5.45
CA THR C 162 -53.62 73.26 -5.01
C THR C 162 -53.10 72.07 -5.83
N LEU C 163 -52.82 70.96 -5.15
CA LEU C 163 -52.50 69.72 -5.84
C LEU C 163 -53.78 68.94 -5.93
N GLU C 164 -53.99 68.26 -7.05
CA GLU C 164 -55.15 67.38 -7.20
C GLU C 164 -54.78 66.07 -7.90
N THR C 165 -55.69 65.10 -7.83
CA THR C 165 -55.56 63.80 -8.51
C THR C 165 -54.32 63.06 -8.09
N PHE C 166 -54.29 62.67 -6.82
CA PHE C 166 -53.13 61.94 -6.32
C PHE C 166 -53.13 60.49 -6.83
N LYS C 167 -51.93 59.99 -7.11
CA LYS C 167 -51.74 58.61 -7.56
C LYS C 167 -50.59 58.11 -6.72
N GLN C 168 -50.80 57.02 -5.97
CA GLN C 168 -49.68 56.37 -5.27
C GLN C 168 -49.09 55.44 -6.30
N ILE C 169 -47.86 55.70 -6.75
CA ILE C 169 -47.34 55.00 -7.92
C ILE C 169 -46.33 53.92 -7.60
N GLN C 170 -45.73 53.97 -6.42
CA GLN C 170 -44.69 53.03 -6.03
C GLN C 170 -44.82 52.76 -4.52
N LYS C 171 -44.91 51.50 -4.13
CA LYS C 171 -45.02 51.12 -2.71
C LYS C 171 -43.64 50.77 -2.23
N GLU C 172 -43.32 51.14 -1.00
CA GLU C 172 -42.04 50.79 -0.43
C GLU C 172 -42.09 50.74 1.08
N SER C 173 -41.11 50.08 1.67
CA SER C 173 -40.97 50.03 3.10
C SER C 173 -40.34 51.35 3.54
N LEU C 174 -40.75 51.87 4.69
CA LEU C 174 -40.25 53.14 5.21
C LEU C 174 -39.26 52.91 6.33
N ILE C 175 -38.27 53.78 6.41
CA ILE C 175 -37.29 53.73 7.48
C ILE C 175 -38.00 54.21 8.72
N THR C 176 -37.51 53.78 9.88
CA THR C 176 -38.12 54.13 11.15
C THR C 176 -37.72 55.55 11.50
N GLU C 177 -38.20 56.04 12.64
CA GLU C 177 -37.82 57.35 13.11
C GLU C 177 -36.35 57.34 13.53
N ASP C 179 -34.06 55.32 12.64
CA ASP C 179 -33.30 55.17 11.39
C ASP C 179 -32.92 56.54 10.83
N ALA C 180 -33.91 57.41 10.73
CA ALA C 180 -33.75 58.76 10.17
C ALA C 180 -32.69 59.53 10.94
N VAL C 181 -32.72 59.40 12.26
CA VAL C 181 -31.80 60.13 13.10
C VAL C 181 -30.37 59.59 12.97
N GLU C 182 -30.21 58.27 13.07
CA GLU C 182 -28.92 57.66 12.77
C GLU C 182 -28.41 58.09 11.40
N LEU C 183 -29.29 58.15 10.42
CA LEU C 183 -28.89 58.55 9.09
C LEU C 183 -28.34 59.98 9.07
N LEU C 184 -28.94 60.85 9.87
CA LEU C 184 -28.44 62.21 9.98
C LEU C 184 -27.09 62.25 10.67
N TYR C 185 -26.98 61.55 11.80
CA TYR C 185 -25.72 61.51 12.53
C TYR C 185 -24.61 60.96 11.65
N TYR C 186 -24.95 59.95 10.86
CA TYR C 186 -24.01 59.37 9.88
C TYR C 186 -23.48 60.44 8.93
N GLN C 187 -24.40 61.23 8.37
CA GLN C 187 -24.06 62.31 7.44
C GLN C 187 -23.40 63.51 8.13
N ASN C 188 -23.13 63.39 9.43
CA ASN C 188 -22.34 64.36 10.19
C ASN C 188 -23.12 65.65 10.45
N GLN C 189 -24.44 65.53 10.50
CA GLN C 189 -25.34 66.66 10.71
C GLN C 189 -25.73 66.86 12.15
N LEU C 190 -25.05 66.20 13.09
CA LEU C 190 -25.34 66.40 14.52
C LEU C 190 -24.06 66.63 15.31
N LYS C 191 -23.86 67.86 15.76
CA LYS C 191 -22.81 68.20 16.70
C LYS C 191 -23.01 67.41 18.01
N GLU C 192 -22.04 67.46 18.90
CA GLU C 192 -22.19 66.89 20.24
C GLU C 192 -23.31 67.57 21.02
N TYR C 193 -23.83 66.88 22.03
CA TYR C 193 -24.79 67.44 22.98
C TYR C 193 -26.03 68.01 22.32
N SER C 194 -26.42 67.44 21.19
CA SER C 194 -27.53 67.98 20.43
C SER C 194 -28.75 67.11 20.66
N THR C 195 -29.91 67.77 20.73
CA THR C 195 -31.16 67.13 21.06
C THR C 195 -32.03 67.00 19.83
N VAL C 196 -32.72 65.87 19.71
CA VAL C 196 -33.73 65.68 18.69
C VAL C 196 -35.07 66.01 19.34
N LYS C 197 -35.60 67.19 19.04
CA LYS C 197 -36.86 67.62 19.62
C LYS C 197 -38.04 66.86 19.07
N SER C 198 -38.15 66.77 17.75
CA SER C 198 -39.28 66.08 17.15
C SER C 198 -38.93 65.35 15.86
N CYS C 199 -39.76 64.38 15.53
CA CYS C 199 -39.61 63.65 14.28
C CYS C 199 -40.99 63.42 13.66
N LYS C 200 -41.38 64.32 12.78
CA LYS C 200 -42.74 64.34 12.27
C LYS C 200 -42.77 63.95 10.80
N PHE C 201 -43.84 63.26 10.42
CA PHE C 201 -43.95 62.61 9.13
C PHE C 201 -44.72 63.47 8.14
N GLY C 202 -44.35 63.37 6.87
CA GLY C 202 -45.03 64.12 5.83
C GLY C 202 -44.37 63.86 4.51
N TYR C 203 -44.56 64.80 3.58
CA TYR C 203 -44.06 64.63 2.21
C TYR C 203 -43.25 65.83 1.71
N VAL C 204 -42.53 65.66 0.61
CA VAL C 204 -41.92 66.79 -0.11
C VAL C 204 -41.99 66.49 -1.60
N ALA C 205 -42.07 67.54 -2.43
CA ALA C 205 -41.98 67.35 -3.86
C ALA C 205 -40.51 67.09 -4.17
N GLN C 206 -40.22 65.89 -4.71
CA GLN C 206 -38.85 65.48 -4.99
C GLN C 206 -38.40 66.08 -6.31
N TYR C 207 -39.29 66.11 -7.29
CA TYR C 207 -38.99 66.72 -8.59
C TYR C 207 -40.26 66.91 -9.42
N PRO C 208 -40.25 67.92 -10.31
CA PRO C 208 -41.36 68.15 -11.22
C PRO C 208 -41.34 67.27 -12.48
N LEU C 209 -42.53 66.91 -12.96
CA LEU C 209 -42.74 66.40 -14.33
C LEU C 209 -43.76 67.31 -15.01
N THR C 210 -43.63 67.49 -16.32
CA THR C 210 -44.38 68.51 -17.06
C THR C 210 -45.24 69.39 -16.18
N SER C 211 -46.38 68.86 -15.74
CA SER C 211 -47.38 69.64 -15.01
C SER C 211 -47.73 68.95 -13.70
N THR C 212 -46.80 68.12 -13.22
CA THR C 212 -47.05 67.12 -12.17
C THR C 212 -45.89 67.07 -11.20
N GLN C 213 -46.16 67.25 -9.90
CA GLN C 213 -45.13 67.06 -8.87
C GLN C 213 -45.04 65.60 -8.43
N VAL C 214 -43.85 65.15 -8.05
CA VAL C 214 -43.66 63.80 -7.56
C VAL C 214 -43.22 63.84 -6.10
N LEU C 215 -44.13 63.42 -5.22
CA LEU C 215 -43.94 63.51 -3.79
C LEU C 215 -43.21 62.30 -3.22
N ALA C 216 -42.44 62.54 -2.16
CA ALA C 216 -41.70 61.52 -1.45
C ALA C 216 -42.02 61.64 0.04
N PRO C 217 -42.35 60.53 0.71
CA PRO C 217 -42.61 60.66 2.13
C PRO C 217 -41.32 60.96 2.89
N VAL C 218 -41.39 61.77 3.94
CA VAL C 218 -40.19 62.14 4.66
C VAL C 218 -40.42 62.23 6.15
N TRP C 219 -39.32 62.17 6.87
CA TRP C 219 -39.30 62.51 8.28
C TRP C 219 -38.64 63.86 8.39
N ARG C 220 -39.30 64.77 9.10
CA ARG C 220 -38.77 66.10 9.30
C ARG C 220 -38.25 66.12 10.71
N ILE C 221 -36.95 66.35 10.83
CA ILE C 221 -36.30 66.25 12.12
C ILE C 221 -35.88 67.65 12.53
N THR C 222 -36.11 67.92 13.82
CA THR C 222 -35.87 69.20 14.47
C THR C 222 -34.87 69.00 15.60
N VAL C 223 -33.69 69.55 15.41
CA VAL C 223 -32.60 69.43 16.36
C VAL C 223 -32.23 70.79 16.94
N GLU C 224 -32.03 70.86 18.25
CA GLU C 224 -31.35 72.03 18.81
C GLU C 224 -30.00 71.60 19.34
N TYR C 225 -29.02 72.48 19.12
CA TYR C 225 -27.61 72.19 19.30
C TYR C 225 -26.90 73.53 19.50
N GLU C 226 -25.58 73.53 19.58
CA GLU C 226 -24.84 74.73 19.93
C GLU C 226 -23.77 75.14 18.90
N LYS C 227 -23.61 76.45 18.70
CA LYS C 227 -22.64 76.98 17.73
C LYS C 227 -22.21 78.42 18.04
N LYS C 234 -23.97 79.81 20.44
CA LYS C 234 -25.35 79.97 20.89
C LYS C 234 -26.17 78.74 20.53
N THR C 235 -27.41 78.67 21.03
CA THR C 235 -28.29 77.51 20.80
C THR C 235 -29.30 77.82 19.70
N VAL C 236 -29.33 76.98 18.66
CA VAL C 236 -30.26 77.17 17.54
C VAL C 236 -31.00 75.88 17.18
N GLN C 237 -32.22 76.02 16.67
CA GLN C 237 -32.93 74.89 16.07
C GLN C 237 -32.60 74.79 14.59
N GLU C 238 -32.43 73.56 14.09
CA GLU C 238 -32.26 73.29 12.66
C GLU C 238 -33.28 72.26 12.25
N TYR C 239 -33.66 72.29 10.99
CA TYR C 239 -34.69 71.38 10.48
C TYR C 239 -34.13 70.61 9.31
N PHE C 240 -34.26 69.28 9.37
CA PHE C 240 -33.83 68.41 8.29
C PHE C 240 -34.98 67.61 7.71
N THR C 241 -35.02 67.49 6.39
CA THR C 241 -35.99 66.64 5.68
C THR C 241 -35.32 65.36 5.16
N VAL C 242 -35.46 64.27 5.90
CA VAL C 242 -34.81 62.98 5.55
C VAL C 242 -35.78 62.11 4.78
N ASN C 243 -35.30 61.45 3.74
CA ASN C 243 -36.14 60.63 2.88
C ASN C 243 -36.54 59.34 3.60
N ALA C 244 -37.83 59.10 3.70
CA ALA C 244 -38.36 57.95 4.43
C ALA C 244 -38.27 56.64 3.64
N LEU C 245 -38.00 56.71 2.34
CA LEU C 245 -38.05 55.53 1.48
C LEU C 245 -36.76 54.71 1.53
N GLU C 246 -36.89 53.39 1.50
CA GLU C 246 -35.75 52.49 1.66
C GLU C 246 -35.14 52.01 0.34
N SER C 247 -35.58 52.62 -0.77
CA SER C 247 -35.14 52.30 -2.15
C SER C 247 -33.61 52.24 -2.41
N THR C 248 -32.89 51.33 -1.78
CA THR C 248 -31.45 51.19 -2.04
C THR C 248 -31.19 50.06 -3.05
N ILE C 249 -31.62 48.83 -2.73
CA ILE C 249 -31.45 47.66 -3.63
C ILE C 249 -32.67 47.37 -4.51
N LEU C 250 -32.44 47.27 -5.82
CA LEU C 250 -33.47 46.90 -6.78
C LEU C 250 -33.39 45.40 -7.09
N ASP C 251 -34.32 44.90 -7.91
CA ASP C 251 -34.42 43.47 -8.25
C ASP C 251 -33.62 43.11 -9.52
N THR C 252 -33.02 41.91 -9.52
CA THR C 252 -32.28 41.37 -10.67
C THR C 252 -32.45 39.85 -10.77
N LYS D 8 4.27 43.28 9.94
CA LYS D 8 4.25 44.52 10.77
C LYS D 8 2.84 45.15 10.77
N GLU D 9 2.57 45.93 11.82
CA GLU D 9 1.27 46.60 12.05
C GLU D 9 1.48 48.03 12.49
N TYR D 10 2.48 48.27 13.33
CA TYR D 10 2.97 49.62 13.62
C TYR D 10 3.11 50.51 12.36
N GLU D 11 3.42 49.91 11.21
CA GLU D 11 3.47 50.64 9.94
C GLU D 11 2.09 50.86 9.36
N VAL D 12 1.29 49.80 9.26
CA VAL D 12 -0.10 49.93 8.80
C VAL D 12 -0.79 51.13 9.45
N ILE D 13 -0.58 51.28 10.76
CA ILE D 13 -1.13 52.39 11.51
C ILE D 13 -0.42 53.68 11.21
N LYS D 14 0.92 53.67 11.30
CA LYS D 14 1.70 54.88 11.08
C LYS D 14 1.34 55.59 9.80
N ASN D 15 1.02 54.85 8.75
CA ASN D 15 0.57 55.50 7.53
C ASN D 15 -0.96 55.64 7.44
N ASP D 16 -1.73 54.84 8.18
CA ASP D 16 -3.17 55.15 8.35
C ASP D 16 -3.29 56.53 8.96
N VAL D 17 -2.42 56.83 9.92
CA VAL D 17 -2.36 58.14 10.53
C VAL D 17 -1.88 59.15 9.50
N GLU D 18 -0.79 58.82 8.82
CA GLU D 18 -0.22 59.66 7.75
C GLU D 18 -1.32 60.06 6.78
N HIS D 19 -2.15 59.10 6.38
CA HIS D 19 -3.24 59.36 5.44
C HIS D 19 -4.26 60.32 6.05
N ASP D 20 -4.68 60.05 7.28
CA ASP D 20 -5.60 60.95 7.99
C ASP D 20 -5.05 62.38 8.15
N LYS D 22 -2.97 63.98 6.05
CA LYS D 22 -3.11 64.66 4.77
C LYS D 22 -4.55 65.12 4.59
N ALA D 23 -5.51 64.24 4.85
CA ALA D 23 -6.93 64.57 4.68
C ALA D 23 -7.40 65.73 5.56
N ASP D 24 -6.68 66.00 6.65
CA ASP D 24 -6.98 67.15 7.52
C ASP D 24 -6.08 68.36 7.20
N HIS D 25 -5.32 68.25 6.12
CA HIS D 25 -4.54 69.36 5.56
C HIS D 25 -3.51 69.90 6.55
N ILE D 26 -2.82 69.00 7.24
CA ILE D 26 -1.80 69.40 8.22
C ILE D 26 -0.41 69.40 7.58
N THR D 27 0.35 70.47 7.81
CA THR D 27 1.60 70.70 7.09
C THR D 27 2.86 70.51 7.97
N TYR D 28 3.44 69.32 7.88
CA TYR D 28 4.70 68.97 8.56
C TYR D 28 5.84 69.12 7.57
N GLU D 29 6.80 70.00 7.86
CA GLU D 29 8.02 70.12 7.05
C GLU D 29 9.22 70.55 7.88
N GLY D 30 10.41 70.12 7.43
CA GLY D 30 11.64 70.33 8.19
C GLY D 30 11.74 69.40 9.38
N LEU D 31 10.99 68.28 9.29
CA LEU D 31 10.95 67.27 10.34
C LEU D 31 11.91 66.12 10.05
N ASN D 32 12.92 65.98 10.91
CA ASN D 32 13.87 64.86 10.87
C ASN D 32 13.12 63.54 11.00
N LYS D 33 13.08 62.78 9.89
CA LYS D 33 12.34 61.53 9.82
C LYS D 33 13.13 60.33 10.38
N GLU D 34 14.46 60.51 10.55
CA GLU D 34 15.35 59.44 11.01
C GLU D 34 15.54 59.47 12.53
N ALA D 35 15.60 58.30 13.15
CA ALA D 35 15.73 58.17 14.61
C ALA D 35 17.13 58.55 15.06
N THR D 36 17.23 59.04 16.29
CA THR D 36 18.51 59.31 16.92
C THR D 36 18.54 58.66 18.30
N GLU D 37 19.70 58.73 18.96
CA GLU D 37 19.93 58.17 20.29
C GLU D 37 19.94 59.29 21.31
N GLY D 38 19.78 58.93 22.58
CA GLY D 38 19.64 59.91 23.63
C GLY D 38 19.62 59.26 24.99
N TYR D 39 19.87 60.04 26.02
CA TYR D 39 20.13 59.50 27.32
C TYR D 39 19.05 59.89 28.30
N ARG D 40 18.97 59.10 29.36
CA ARG D 40 18.22 59.43 30.56
C ARG D 40 19.27 59.97 31.52
N ILE D 41 19.06 61.16 32.04
CA ILE D 41 20.07 61.84 32.86
C ILE D 41 19.61 61.93 34.30
N THR D 42 20.53 61.84 35.24
CA THR D 42 20.22 62.21 36.62
C THR D 42 21.13 63.36 37.03
N ALA D 43 20.63 64.25 37.90
CA ALA D 43 21.39 65.41 38.38
C ALA D 43 21.07 65.70 39.84
N ASN D 44 21.98 66.31 40.56
CA ASN D 44 21.75 66.67 41.94
C ASN D 44 21.20 68.09 42.07
N GLN D 45 20.33 68.29 43.05
CA GLN D 45 19.84 69.61 43.40
C GLN D 45 20.96 70.29 44.17
N LYS D 46 21.49 71.37 43.62
CA LYS D 46 22.62 72.09 44.21
C LYS D 46 22.26 72.55 45.60
N SER D 47 23.18 72.29 46.53
CA SER D 47 23.04 72.70 47.91
C SER D 47 24.05 73.82 48.20
N PHE D 48 23.58 75.07 48.15
CA PHE D 48 24.46 76.24 48.30
C PHE D 48 25.04 76.32 49.69
N SER D 49 26.26 76.84 49.76
CA SER D 49 27.06 76.78 50.96
C SER D 49 27.39 78.17 51.49
N LYS D 50 27.70 78.22 52.78
CA LYS D 50 28.06 79.45 53.46
C LYS D 50 29.00 80.29 52.59
N GLU D 51 30.00 79.65 52.00
CA GLU D 51 31.05 80.38 51.30
C GLU D 51 30.66 80.86 49.92
N GLU D 52 29.89 80.06 49.20
CA GLU D 52 29.43 80.42 47.87
C GLU D 52 28.55 81.67 47.93
N ILE D 53 27.76 81.77 48.98
CA ILE D 53 26.80 82.87 49.13
C ILE D 53 27.53 84.18 49.42
N GLU D 54 28.36 84.18 50.46
CA GLU D 54 29.06 85.41 50.81
C GLU D 54 30.16 85.73 49.80
N ALA D 55 30.54 84.75 48.98
CA ALA D 55 31.44 84.99 47.85
C ALA D 55 30.76 85.69 46.66
N LEU D 56 29.45 85.92 46.72
CA LEU D 56 28.76 86.75 45.71
C LEU D 56 28.93 88.23 46.05
N LYS D 57 29.82 88.91 45.32
CA LYS D 57 30.18 90.28 45.67
C LYS D 57 29.01 91.21 45.38
N ASP D 58 28.88 92.24 46.22
CA ASP D 58 27.82 93.24 46.11
C ASP D 58 26.45 92.62 45.88
N GLN D 59 26.16 91.58 46.67
CA GLN D 59 24.87 90.91 46.69
C GLN D 59 24.57 90.52 48.13
N LYS D 60 23.36 90.82 48.61
CA LYS D 60 22.95 90.39 49.95
C LYS D 60 21.78 89.40 49.90
N PRO D 61 21.86 88.33 50.72
CA PRO D 61 20.84 87.27 50.72
C PRO D 61 19.55 87.74 51.37
N LEU D 62 18.42 87.34 50.80
CA LEU D 62 17.10 87.62 51.40
C LEU D 62 16.47 86.36 52.03
N ASP D 64 17.08 82.59 54.50
CA ASP D 64 17.79 82.07 55.67
C ASP D 64 19.07 81.33 55.25
N PRO D 66 22.34 78.67 55.46
CA PRO D 66 22.38 77.24 55.72
C PRO D 66 23.03 76.94 57.06
N SER D 67 22.53 75.90 57.73
CA SER D 67 22.98 75.54 59.07
C SER D 67 23.20 74.04 59.17
N ASP D 68 23.51 73.57 60.39
CA ASP D 68 23.45 72.13 60.70
C ASP D 68 22.05 71.68 60.33
N ASP D 69 21.07 72.43 60.83
CA ASP D 69 19.67 72.17 60.58
C ASP D 69 19.32 72.21 59.09
N HIS D 70 19.69 73.29 58.42
CA HIS D 70 19.09 73.65 57.14
C HIS D 70 20.05 73.66 55.94
N LYS D 71 19.60 73.06 54.84
CA LYS D 71 20.25 73.20 53.53
C LYS D 71 19.53 74.30 52.73
N VAL D 72 20.30 75.14 52.05
CA VAL D 72 19.75 76.20 51.19
C VAL D 72 19.87 75.77 49.73
N THR D 73 18.78 75.29 49.14
CA THR D 73 18.83 74.82 47.74
C THR D 73 18.17 75.79 46.75
N SER D 74 17.52 76.82 47.31
CA SER D 74 16.91 77.91 46.54
C SER D 74 17.47 79.24 47.06
N LEU D 75 18.17 79.98 46.21
CA LEU D 75 18.69 81.30 46.57
C LEU D 75 17.66 82.41 46.31
N LYS D 76 17.74 83.44 47.14
CA LYS D 76 17.01 84.68 46.90
C LYS D 76 17.97 85.83 47.29
N LYS D 78 19.48 89.99 46.76
CA LYS D 78 19.29 91.39 46.33
C LYS D 78 20.62 92.06 45.96
N PHE D 79 20.61 92.77 44.84
CA PHE D 79 21.78 93.53 44.41
C PHE D 79 21.89 94.82 45.22
N ALA D 80 23.14 95.11 45.61
CA ALA D 80 23.50 96.34 46.28
C ALA D 80 22.70 97.50 45.71
N ASN D 81 22.79 97.68 44.40
CA ASN D 81 22.01 98.68 43.70
C ASN D 81 21.37 97.99 42.52
N PRO D 82 20.14 98.35 42.17
CA PRO D 82 19.52 97.72 41.01
C PRO D 82 20.31 97.95 39.72
N ILE D 83 20.19 97.02 38.78
CA ILE D 83 21.01 97.03 37.57
C ILE D 83 20.13 97.30 36.37
N ALA D 84 20.29 98.50 35.80
CA ALA D 84 19.45 98.95 34.70
C ALA D 84 19.68 98.07 33.49
N LEU D 85 18.60 97.51 32.96
CA LEU D 85 18.64 96.78 31.71
C LEU D 85 18.17 97.72 30.62
N SER D 86 18.54 97.38 29.38
CA SER D 86 18.15 98.17 28.23
C SER D 86 16.65 98.02 27.94
N LYS D 87 16.18 98.83 26.99
CA LYS D 87 14.80 98.81 26.51
C LYS D 87 14.67 97.78 25.39
N LYS D 88 15.22 98.12 24.23
CA LYS D 88 15.06 97.35 23.00
C LYS D 88 15.96 96.13 22.97
N ASP D 89 17.03 96.15 23.77
CA ASP D 89 17.98 95.04 23.80
C ASP D 89 17.79 94.20 25.07
N ILE D 90 16.61 94.28 25.67
CA ILE D 90 16.38 93.72 27.01
C ILE D 90 16.85 92.27 27.19
N GLU D 91 16.70 91.46 26.15
CA GLU D 91 16.98 90.03 26.32
C GLU D 91 18.48 89.76 26.40
N ASP D 92 19.25 90.31 25.46
CA ASP D 92 20.71 90.21 25.51
C ASP D 92 21.24 90.73 26.84
N ASP D 93 20.67 91.85 27.30
CA ASP D 93 21.14 92.53 28.52
C ASP D 93 20.91 91.66 29.74
N ALA D 94 19.81 90.92 29.76
CA ALA D 94 19.51 90.03 30.89
C ALA D 94 20.48 88.85 30.95
N GLN D 95 20.74 88.19 29.81
CA GLN D 95 21.74 87.13 29.77
C GLN D 95 23.05 87.66 30.37
N ALA D 96 23.52 88.77 29.82
CA ALA D 96 24.79 89.35 30.23
C ALA D 96 24.83 89.49 31.73
N LEU D 97 23.70 89.88 32.32
CA LEU D 97 23.61 90.03 33.76
C LEU D 97 23.88 88.72 34.42
N VAL D 98 23.15 87.68 33.99
CA VAL D 98 23.21 86.36 34.60
C VAL D 98 24.56 85.70 34.39
N SER D 99 25.08 85.77 33.17
CA SER D 99 26.40 85.22 32.86
C SER D 99 27.46 85.74 33.78
N SER D 100 27.43 87.05 34.02
CA SER D 100 28.56 87.71 34.66
C SER D 100 28.44 87.82 36.18
N LYS D 101 27.26 87.60 36.73
CA LYS D 101 27.08 87.89 38.14
C LYS D 101 26.46 86.73 38.95
N ILE D 102 25.64 85.92 38.31
CA ILE D 102 25.03 84.82 39.02
C ILE D 102 25.89 83.58 38.90
N GLN D 103 26.00 82.81 39.99
CA GLN D 103 26.80 81.60 39.98
C GLN D 103 26.31 80.64 38.90
N ASP D 104 27.23 79.97 38.22
CA ASP D 104 26.88 79.08 37.11
C ASP D 104 25.94 79.70 36.07
N GLY D 105 25.99 81.02 35.90
CA GLY D 105 25.12 81.75 34.98
C GLY D 105 25.27 81.29 33.55
N GLU D 106 26.50 80.98 33.16
CA GLU D 106 26.78 80.46 31.83
C GLU D 106 25.76 79.39 31.47
N LYS D 107 25.38 78.59 32.48
CA LYS D 107 24.60 77.37 32.30
C LYS D 107 23.10 77.66 32.07
N TYR D 108 22.70 78.93 31.99
CA TYR D 108 21.28 79.32 31.91
C TYR D 108 20.90 80.04 30.62
N LYS D 109 19.73 79.71 30.07
CA LYS D 109 19.20 80.35 28.86
C LYS D 109 17.85 81.02 29.14
N LEU D 110 17.67 82.23 28.60
CA LEU D 110 16.47 83.04 28.82
C LEU D 110 15.28 82.33 28.22
N TRP D 111 14.23 82.20 29.01
CA TRP D 111 13.02 81.50 28.61
C TRP D 111 11.94 82.48 28.20
N LYS D 112 11.66 83.44 29.07
CA LYS D 112 10.48 84.27 28.89
C LYS D 112 10.63 85.61 29.62
N VAL D 113 10.19 86.69 28.97
CA VAL D 113 10.12 87.99 29.62
C VAL D 113 8.66 88.17 29.96
N ASP D 114 8.35 88.32 31.25
CA ASP D 114 6.98 88.51 31.71
C ASP D 114 6.78 89.91 32.25
N LYS D 115 6.05 90.73 31.48
CA LYS D 115 5.79 92.12 31.84
C LYS D 115 4.85 92.24 33.05
N SER D 116 3.75 91.47 33.02
CA SER D 116 2.72 91.51 34.06
C SER D 116 3.25 91.10 35.45
N LYS D 117 4.15 90.13 35.50
CA LYS D 117 4.76 89.71 36.77
C LYS D 117 6.06 90.44 37.07
N LYS D 118 6.45 91.39 36.20
CA LYS D 118 7.73 92.09 36.32
C LYS D 118 8.86 91.14 36.72
N GLU D 119 9.10 90.16 35.86
CA GLU D 119 10.22 89.25 36.04
C GLU D 119 10.67 88.60 34.71
N ILE D 120 11.95 88.30 34.62
CA ILE D 120 12.51 87.60 33.47
C ILE D 120 12.98 86.25 33.97
N ILE D 121 12.52 85.19 33.30
CA ILE D 121 12.73 83.82 33.75
C ILE D 121 13.71 83.14 32.85
N PHE D 122 14.78 82.58 33.43
CA PHE D 122 15.75 81.76 32.67
C PHE D 122 15.59 80.31 33.06
N PHE D 123 15.82 79.39 32.12
CA PHE D 123 15.88 77.93 32.43
C PHE D 123 17.29 77.37 32.28
N GLN D 124 17.74 76.62 33.28
CA GLN D 124 19.01 75.91 33.15
C GLN D 124 18.95 75.00 31.93
N THR D 125 20.05 74.93 31.18
CA THR D 125 20.14 74.04 30.03
C THR D 125 20.93 72.77 30.36
N TYR D 126 20.97 71.86 29.38
CA TYR D 126 21.88 70.72 29.37
C TYR D 126 22.36 70.55 27.96
N GLU D 127 23.67 70.69 27.78
CA GLU D 127 24.30 70.76 26.47
C GLU D 127 23.54 71.75 25.57
N GLY D 128 23.16 72.90 26.13
CA GLY D 128 22.52 73.92 25.31
C GLY D 128 21.01 73.79 25.19
N HIS D 129 20.49 72.61 25.51
CA HIS D 129 19.08 72.37 25.38
C HIS D 129 18.37 72.72 26.67
N TYR D 130 17.15 73.24 26.55
CA TYR D 130 16.39 73.64 27.72
C TYR D 130 16.05 72.44 28.60
N ILE D 131 16.12 72.63 29.91
CA ILE D 131 15.44 71.72 30.84
C ILE D 131 14.09 72.37 31.11
N TYR D 132 13.14 72.06 30.23
CA TYR D 132 11.81 72.67 30.22
C TYR D 132 11.11 72.43 31.53
N GLN D 133 10.52 73.48 32.10
CA GLN D 133 9.87 73.38 33.40
C GLN D 133 8.59 74.19 33.45
N LYS D 134 7.88 74.03 34.55
CA LYS D 134 6.73 74.84 34.82
C LYS D 134 7.18 76.03 35.62
N THR D 135 6.76 77.21 35.16
CA THR D 135 7.01 78.47 35.84
C THR D 135 5.87 78.79 36.83
N ASP D 136 5.02 77.82 37.11
CA ASP D 136 3.93 78.02 38.07
C ASP D 136 4.46 78.52 39.40
N ASN D 137 5.19 77.68 40.14
CA ASN D 137 5.62 78.04 41.48
C ASN D 137 6.96 77.38 41.88
N PRO D 138 7.54 77.78 43.03
CA PRO D 138 8.84 77.25 43.49
C PRO D 138 9.02 75.72 43.49
N SER D 139 8.05 74.96 43.97
CA SER D 139 8.10 73.49 43.83
C SER D 139 8.69 73.09 42.47
N ASN D 140 8.13 73.67 41.42
CA ASN D 140 8.46 73.30 40.04
C ASN D 140 9.78 73.88 39.54
N ILE D 142 13.09 73.57 39.56
CA ILE D 142 14.20 72.68 39.80
C ILE D 142 15.50 73.27 39.30
N GLY D 143 15.42 74.14 38.30
CA GLY D 143 16.62 74.67 37.65
C GLY D 143 16.42 75.96 36.88
N GLN D 144 16.01 77.00 37.59
CA GLN D 144 15.67 78.26 36.95
C GLN D 144 16.44 79.40 37.56
N VAL D 145 16.36 80.54 36.90
CA VAL D 145 16.74 81.80 37.49
C VAL D 145 15.63 82.75 37.12
N VAL D 146 15.06 83.39 38.13
CA VAL D 146 13.99 84.35 37.91
C VAL D 146 14.46 85.72 38.36
N LEU D 147 14.67 86.63 37.40
CA LEU D 147 15.06 88.01 37.71
C LEU D 147 13.84 88.84 38.13
N HIS D 148 13.99 89.69 39.14
CA HIS D 148 12.90 90.58 39.56
C HIS D 148 13.22 92.06 39.24
N LEU D 149 12.34 92.71 38.47
CA LEU D 149 12.55 94.09 38.06
C LEU D 149 11.58 95.05 38.71
N ASN D 150 11.97 96.32 38.84
CA ASN D 150 11.03 97.42 39.04
C ASN D 150 11.56 98.68 38.40
N GLY D 151 10.62 99.42 37.84
CA GLY D 151 10.78 100.84 37.55
C GLY D 151 10.89 101.00 36.06
N LYS D 152 12.05 101.46 35.62
CA LYS D 152 12.40 101.39 34.21
C LYS D 152 13.39 100.24 34.08
N ASN D 153 12.86 99.02 34.10
CA ASN D 153 13.62 97.82 33.78
C ASN D 153 14.85 97.58 34.63
N GLU D 154 14.91 98.11 35.84
CA GLU D 154 16.08 97.91 36.64
C GLU D 154 15.89 96.59 37.39
N VAL D 155 16.94 95.78 37.43
CA VAL D 155 16.89 94.48 38.13
C VAL D 155 17.22 94.62 39.61
N VAL D 156 16.29 94.23 40.46
CA VAL D 156 16.44 94.44 41.90
C VAL D 156 16.97 93.22 42.63
N SER D 157 16.51 92.03 42.19
CA SER D 157 16.87 90.78 42.86
C SER D 157 16.54 89.56 41.99
N TYR D 158 16.86 88.38 42.50
CA TYR D 158 16.57 87.14 41.78
C TYR D 158 16.41 85.92 42.67
N ASP D 159 15.78 84.90 42.09
CA ASP D 159 15.66 83.59 42.72
C ASP D 159 16.50 82.63 41.89
N GLN D 160 17.24 81.75 42.56
CA GLN D 160 18.05 80.76 41.83
C GLN D 160 17.94 79.34 42.40
N THR D 161 17.74 78.36 41.52
CA THR D 161 18.01 76.96 41.82
C THR D 161 18.81 76.37 40.66
N THR D 162 19.64 75.37 40.97
CA THR D 162 20.62 74.81 40.04
C THR D 162 20.76 73.30 40.18
N LEU D 163 20.88 72.62 39.04
CA LEU D 163 21.18 71.22 38.99
C LEU D 163 22.68 71.07 38.68
N GLU D 164 23.32 70.07 39.28
CA GLU D 164 24.76 69.78 39.06
C GLU D 164 25.05 68.29 39.11
N THR D 165 26.25 67.89 38.71
CA THR D 165 26.64 66.47 38.70
C THR D 165 25.68 65.60 37.86
N PHE D 166 25.62 65.92 36.58
CA PHE D 166 24.78 65.19 35.62
C PHE D 166 25.47 63.89 35.27
N LYS D 167 24.71 62.79 35.26
CA LYS D 167 25.22 61.43 34.96
C LYS D 167 24.29 60.87 33.92
N GLN D 168 24.85 60.53 32.77
CA GLN D 168 24.08 59.93 31.69
C GLN D 168 24.00 58.44 31.98
N ILE D 169 22.88 58.02 32.59
CA ILE D 169 22.81 56.68 33.18
C ILE D 169 22.42 55.58 32.19
N GLN D 170 21.54 55.90 31.24
CA GLN D 170 20.96 54.89 30.36
C GLN D 170 20.78 55.46 28.96
N LYS D 171 21.45 54.87 27.98
CA LYS D 171 21.27 55.29 26.60
C LYS D 171 20.01 54.60 26.13
N GLU D 172 19.21 55.31 25.34
CA GLU D 172 17.93 54.81 24.85
C GLU D 172 17.66 55.37 23.47
N SER D 173 16.82 54.70 22.69
CA SER D 173 16.54 55.18 21.35
C SER D 173 15.36 56.13 21.42
N LEU D 174 15.45 57.21 20.66
CA LEU D 174 14.44 58.27 20.69
C LEU D 174 13.44 58.15 19.54
N ILE D 175 12.20 58.58 19.78
CA ILE D 175 11.21 58.61 18.71
C ILE D 175 11.63 59.75 17.81
N THR D 176 11.25 59.71 16.54
CA THR D 176 11.62 60.79 15.63
C THR D 176 10.66 61.96 15.77
N GLU D 177 11.10 63.11 15.26
CA GLU D 177 10.31 64.33 15.26
C GLU D 177 8.96 64.06 14.61
N ASP D 179 7.40 61.16 14.55
CA ASP D 179 6.60 60.29 15.42
C ASP D 179 5.85 61.14 16.41
N ALA D 180 6.55 62.08 17.03
CA ALA D 180 5.98 62.96 18.03
C ALA D 180 4.80 63.71 17.45
N VAL D 181 4.95 64.19 16.21
CA VAL D 181 3.84 64.89 15.56
C VAL D 181 2.66 63.95 15.32
N GLU D 182 2.91 62.74 14.84
CA GLU D 182 1.83 61.78 14.63
C GLU D 182 1.17 61.41 15.95
N LEU D 183 1.94 61.41 17.03
CA LEU D 183 1.40 61.06 18.34
C LEU D 183 0.42 62.13 18.84
N LEU D 184 0.74 63.39 18.56
CA LEU D 184 -0.16 64.48 18.93
C LEU D 184 -1.43 64.39 18.12
N TYR D 185 -1.31 64.22 16.81
CA TYR D 185 -2.47 64.10 15.95
C TYR D 185 -3.36 62.98 16.45
N TYR D 186 -2.73 61.83 16.71
CA TYR D 186 -3.42 60.64 17.20
C TYR D 186 -4.22 61.04 18.42
N GLN D 187 -3.59 61.66 19.40
CA GLN D 187 -4.30 62.06 20.62
C GLN D 187 -5.14 63.33 20.48
N ASN D 188 -5.60 63.64 19.26
CA ASN D 188 -6.62 64.68 19.04
C ASN D 188 -6.19 66.09 19.39
N GLN D 189 -4.89 66.33 19.42
CA GLN D 189 -4.36 67.62 19.82
C GLN D 189 -4.33 68.61 18.66
N LEU D 190 -4.07 68.12 17.46
CA LEU D 190 -3.97 68.99 16.29
C LEU D 190 -5.33 69.27 15.67
N LYS D 191 -5.54 70.53 15.27
CA LYS D 191 -6.77 70.96 14.64
C LYS D 191 -6.60 71.03 13.12
N GLU D 192 -7.72 70.90 12.41
CA GLU D 192 -7.68 70.90 10.94
C GLU D 192 -6.98 72.14 10.43
N TYR D 193 -6.26 71.99 9.31
CA TYR D 193 -5.54 73.10 8.67
C TYR D 193 -4.47 73.76 9.56
N SER D 194 -3.94 73.03 10.53
CA SER D 194 -2.88 73.55 11.40
C SER D 194 -1.49 73.20 10.83
N THR D 195 -0.46 73.82 11.40
CA THR D 195 0.89 73.77 10.83
C THR D 195 1.95 73.69 11.91
N VAL D 196 2.94 72.84 11.69
CA VAL D 196 4.02 72.62 12.64
C VAL D 196 5.15 73.62 12.35
N LYS D 197 5.31 74.61 13.22
CA LYS D 197 6.39 75.59 13.08
C LYS D 197 7.74 74.96 13.39
N SER D 198 7.96 74.59 14.64
CA SER D 198 9.27 74.13 15.12
C SER D 198 9.15 72.80 15.87
N CYS D 199 10.28 72.11 16.00
CA CYS D 199 10.34 70.91 16.82
C CYS D 199 11.68 70.87 17.52
N LYS D 200 11.73 71.40 18.74
CA LYS D 200 12.98 71.55 19.46
C LYS D 200 13.15 70.39 20.45
N PHE D 201 14.40 69.98 20.64
CA PHE D 201 14.77 68.94 21.60
C PHE D 201 15.07 69.55 22.97
N GLY D 202 14.87 68.77 24.04
CA GLY D 202 15.19 69.23 25.40
C GLY D 202 14.89 68.20 26.47
N TYR D 203 14.78 68.64 27.71
CA TYR D 203 14.51 67.74 28.84
C TYR D 203 13.36 68.18 29.78
N VAL D 204 12.84 67.25 30.57
CA VAL D 204 11.96 67.57 31.69
C VAL D 204 12.37 66.69 32.87
N ALA D 205 11.93 67.03 34.07
CA ALA D 205 12.08 66.16 35.22
C ALA D 205 10.99 65.15 35.08
N GLN D 206 11.36 63.88 35.06
CA GLN D 206 10.42 62.78 35.02
C GLN D 206 9.86 62.66 36.42
N TYR D 207 10.74 62.47 37.39
CA TYR D 207 10.38 62.45 38.81
C TYR D 207 11.58 62.83 39.69
N PRO D 208 11.34 63.07 40.99
CA PRO D 208 12.43 63.24 41.95
C PRO D 208 12.78 61.99 42.79
N LEU D 209 14.05 61.92 43.21
CA LEU D 209 14.51 60.94 44.20
C LEU D 209 15.25 61.69 45.29
N THR D 210 14.76 61.63 46.52
CA THR D 210 15.24 62.50 47.59
C THR D 210 15.74 63.82 47.02
N SER D 211 17.06 63.95 46.90
CA SER D 211 17.74 65.19 46.60
C SER D 211 18.27 65.20 45.16
N THR D 212 17.72 64.31 44.34
CA THR D 212 18.12 64.13 42.97
C THR D 212 16.92 64.26 42.06
N GLN D 213 17.17 64.73 40.84
CA GLN D 213 16.18 64.74 39.79
C GLN D 213 16.56 63.75 38.70
N VAL D 214 15.56 63.16 38.08
CA VAL D 214 15.78 62.21 37.01
C VAL D 214 15.12 62.82 35.81
N LEU D 215 15.93 63.24 34.85
CA LEU D 215 15.43 63.91 33.68
C LEU D 215 15.32 62.93 32.56
N ALA D 216 14.47 63.26 31.60
CA ALA D 216 14.28 62.44 30.42
C ALA D 216 14.11 63.40 29.25
N PRO D 217 14.51 62.97 28.05
CA PRO D 217 14.44 63.87 26.90
C PRO D 217 13.03 63.99 26.31
N VAL D 218 12.68 65.20 25.87
CA VAL D 218 11.38 65.52 25.24
C VAL D 218 11.53 66.23 23.90
N TRP D 219 10.41 66.37 23.21
CA TRP D 219 10.32 67.19 22.03
C TRP D 219 9.36 68.33 22.36
N ARG D 220 9.74 69.56 22.02
CA ARG D 220 8.91 70.70 22.28
C ARG D 220 8.42 71.22 20.97
N ILE D 221 7.14 70.94 20.67
CA ILE D 221 6.57 71.22 19.36
C ILE D 221 5.70 72.48 19.36
N THR D 222 5.87 73.31 18.32
CA THR D 222 5.02 74.47 18.15
C THR D 222 4.15 74.30 16.92
N VAL D 223 2.84 74.32 17.17
CA VAL D 223 1.82 74.26 16.14
C VAL D 223 1.11 75.61 16.16
N GLU D 224 0.71 76.09 14.99
CA GLU D 224 -0.12 77.27 14.89
C GLU D 224 -1.20 77.06 13.84
N TYR D 225 -2.37 77.65 14.10
CA TYR D 225 -3.53 77.54 13.23
C TYR D 225 -4.27 78.89 13.18
N GLU D 226 -5.31 78.95 12.35
CA GLU D 226 -6.09 80.18 12.15
C GLU D 226 -7.35 80.22 13.02
N LYS D 227 -7.70 81.41 13.53
CA LYS D 227 -8.96 81.61 14.28
C LYS D 227 -9.46 83.06 14.17
N LYS D 234 -6.16 86.15 12.00
CA LYS D 234 -5.77 85.82 13.38
C LYS D 234 -5.03 84.47 13.48
N THR D 235 -4.14 84.35 14.47
CA THR D 235 -3.24 83.19 14.57
C THR D 235 -2.84 82.79 16.01
N VAL D 236 -3.36 81.64 16.45
CA VAL D 236 -2.99 81.07 17.75
C VAL D 236 -1.70 80.26 17.59
N GLN D 237 -1.01 80.04 18.71
CA GLN D 237 0.09 79.07 18.77
C GLN D 237 -0.04 78.21 20.03
N GLU D 238 -0.04 76.89 19.85
CA GLU D 238 -0.11 75.95 20.95
C GLU D 238 1.28 75.36 21.12
N TYR D 239 1.67 75.08 22.36
CA TYR D 239 2.96 74.42 22.66
C TYR D 239 2.65 73.08 23.28
N PHE D 240 3.37 72.06 22.83
CA PHE D 240 3.26 70.69 23.35
C PHE D 240 4.62 70.13 23.75
N THR D 241 4.65 69.38 24.84
CA THR D 241 5.83 68.63 25.20
C THR D 241 5.50 67.15 25.12
N VAL D 242 6.21 66.45 24.25
CA VAL D 242 6.02 65.03 23.99
C VAL D 242 7.25 64.26 24.43
N ASN D 243 7.05 63.24 25.27
CA ASN D 243 8.14 62.37 25.75
C ASN D 243 8.84 61.67 24.58
N ALA D 244 10.16 61.73 24.57
CA ALA D 244 10.95 61.26 23.41
C ALA D 244 11.41 59.81 23.55
N LEU D 245 11.25 59.24 24.74
CA LEU D 245 11.69 57.86 25.01
C LEU D 245 10.72 56.90 24.40
N GLU D 246 11.25 55.96 23.65
CA GLU D 246 10.43 55.02 22.90
C GLU D 246 9.93 53.84 23.75
N SER D 247 10.52 53.65 24.92
CA SER D 247 10.45 52.35 25.64
C SER D 247 9.08 51.98 26.28
N THR D 248 8.63 50.76 26.01
CA THR D 248 7.29 50.35 26.38
C THR D 248 7.18 48.83 26.65
N ILE D 249 7.65 47.99 25.72
CA ILE D 249 7.68 46.53 25.97
C ILE D 249 9.03 46.11 26.50
N LEU D 250 9.04 45.66 27.75
CA LEU D 250 10.27 45.29 28.44
C LEU D 250 10.63 43.83 28.19
N ASP D 251 11.83 43.47 28.63
CA ASP D 251 12.37 42.11 28.50
C ASP D 251 11.63 41.14 29.43
N THR D 252 11.50 39.88 29.02
CA THR D 252 10.77 38.88 29.82
C THR D 252 11.28 37.46 29.56
N ASP D 253 11.40 36.67 30.62
CA ASP D 253 11.77 35.25 30.51
C ASP D 253 10.69 34.46 29.73
N GLN D 254 11.00 34.11 28.48
CA GLN D 254 10.09 33.40 27.56
C GLN D 254 9.01 34.33 26.97
N LYS E 8 -1.87 5.62 -1.54
CA LYS E 8 -2.95 5.01 -2.38
C LYS E 8 -3.19 3.57 -1.91
N GLU E 9 -4.39 3.29 -1.40
CA GLU E 9 -4.73 1.97 -0.82
C GLU E 9 -4.88 0.88 -1.87
N TYR E 10 -5.32 1.23 -3.07
CA TYR E 10 -5.39 0.22 -4.13
C TYR E 10 -4.00 -0.27 -4.53
N GLU E 11 -2.98 0.52 -4.24
CA GLU E 11 -1.60 0.11 -4.46
C GLU E 11 -1.20 -1.02 -3.52
N VAL E 12 -1.50 -0.88 -2.24
CA VAL E 12 -1.25 -1.95 -1.26
C VAL E 12 -1.89 -3.26 -1.71
N ILE E 13 -3.16 -3.17 -2.10
CA ILE E 13 -3.97 -4.33 -2.46
C ILE E 13 -3.57 -4.93 -3.81
N LYS E 14 -3.23 -4.09 -4.78
CA LYS E 14 -2.81 -4.62 -6.08
C LYS E 14 -1.47 -5.35 -5.97
N ASN E 15 -0.59 -4.96 -5.05
CA ASN E 15 0.70 -5.67 -4.92
C ASN E 15 0.60 -6.83 -3.91
N ASP E 16 -0.52 -6.91 -3.18
CA ASP E 16 -0.86 -8.14 -2.47
C ASP E 16 -1.23 -9.20 -3.53
N VAL E 17 -2.17 -8.85 -4.39
CA VAL E 17 -2.65 -9.74 -5.46
C VAL E 17 -1.50 -10.22 -6.33
N GLU E 18 -0.51 -9.36 -6.55
CA GLU E 18 0.63 -9.71 -7.40
C GLU E 18 1.54 -10.76 -6.75
N HIS E 19 1.71 -10.63 -5.43
CA HIS E 19 2.48 -11.58 -4.63
C HIS E 19 1.74 -12.91 -4.46
N ASP E 20 0.42 -12.82 -4.25
CA ASP E 20 -0.46 -13.99 -4.25
C ASP E 20 -0.34 -14.77 -5.57
N LYS E 22 2.40 -14.81 -7.62
CA LYS E 22 3.71 -15.49 -7.65
C LYS E 22 3.75 -16.71 -6.73
N ALA E 23 2.97 -16.67 -5.65
CA ALA E 23 2.84 -17.83 -4.78
C ALA E 23 2.18 -19.00 -5.53
N ASP E 24 1.24 -18.70 -6.41
CA ASP E 24 0.51 -19.71 -7.19
C ASP E 24 1.16 -20.06 -8.55
N HIS E 25 2.36 -19.54 -8.79
CA HIS E 25 3.13 -19.85 -10.00
C HIS E 25 2.37 -19.53 -11.27
N ILE E 26 1.78 -18.34 -11.29
CA ILE E 26 1.02 -17.88 -12.42
C ILE E 26 1.90 -16.95 -13.20
N THR E 27 2.29 -17.39 -14.40
CA THR E 27 3.26 -16.67 -15.21
C THR E 27 2.54 -15.79 -16.21
N TYR E 28 3.01 -14.56 -16.34
CA TYR E 28 2.51 -13.63 -17.34
C TYR E 28 3.65 -12.75 -17.82
N GLU E 29 3.59 -12.34 -19.09
CA GLU E 29 4.68 -11.59 -19.74
C GLU E 29 4.15 -10.37 -20.53
N GLY E 30 4.78 -9.22 -20.33
CA GLY E 30 4.53 -8.03 -21.13
C GLY E 30 3.08 -7.58 -21.19
N LEU E 31 2.45 -7.45 -20.02
CA LEU E 31 1.09 -6.93 -19.98
C LEU E 31 1.17 -5.43 -19.78
N ASN E 32 0.36 -4.68 -20.51
CA ASN E 32 0.30 -3.23 -20.35
C ASN E 32 -0.26 -2.88 -18.98
N LYS E 33 0.42 -1.98 -18.28
CA LYS E 33 0.03 -1.55 -16.94
C LYS E 33 -0.58 -0.16 -17.00
N GLU E 34 -0.64 0.42 -18.19
CA GLU E 34 -1.10 1.79 -18.35
C GLU E 34 -2.54 1.80 -18.85
N ALA E 35 -3.32 2.73 -18.28
CA ALA E 35 -4.72 2.89 -18.63
C ALA E 35 -4.80 3.42 -20.05
N THR E 36 -5.73 2.88 -20.82
CA THR E 36 -6.04 3.39 -22.16
C THR E 36 -7.47 3.92 -22.15
N GLU E 37 -7.89 4.59 -23.23
CA GLU E 37 -9.26 5.11 -23.33
C GLU E 37 -9.99 4.49 -24.52
N GLY E 38 -11.22 4.03 -24.27
CA GLY E 38 -12.03 3.35 -25.28
C GLY E 38 -13.45 3.89 -25.35
N TYR E 39 -14.36 3.11 -25.93
CA TYR E 39 -15.74 3.54 -26.17
C TYR E 39 -16.74 2.41 -26.03
N ARG E 40 -17.98 2.76 -25.72
CA ARG E 40 -19.12 1.95 -26.11
C ARG E 40 -19.48 2.36 -27.53
N ILE E 41 -19.85 1.40 -28.36
CA ILE E 41 -20.23 1.71 -29.74
C ILE E 41 -21.52 1.03 -30.13
N THR E 42 -22.32 1.71 -30.95
CA THR E 42 -23.58 1.16 -31.47
C THR E 42 -23.45 0.82 -32.96
N ALA E 43 -24.31 -0.07 -33.45
CA ALA E 43 -24.35 -0.35 -34.88
C ALA E 43 -25.72 -0.85 -35.31
N ASN E 44 -26.03 -0.70 -36.60
CA ASN E 44 -27.27 -1.24 -37.15
C ASN E 44 -27.01 -2.58 -37.80
N GLN E 45 -28.02 -3.45 -37.72
CA GLN E 45 -27.98 -4.72 -38.43
C GLN E 45 -28.30 -4.46 -39.90
N LYS E 46 -27.35 -4.73 -40.77
CA LYS E 46 -27.49 -4.44 -42.18
C LYS E 46 -28.75 -5.10 -42.72
N SER E 47 -29.54 -4.34 -43.45
CA SER E 47 -30.68 -4.87 -44.13
C SER E 47 -30.26 -5.04 -45.58
N PHE E 48 -30.38 -6.26 -46.09
CA PHE E 48 -29.92 -6.59 -47.44
C PHE E 48 -31.00 -6.37 -48.49
N SER E 49 -30.68 -5.55 -49.49
CA SER E 49 -31.63 -5.17 -50.53
C SER E 49 -31.64 -6.16 -51.68
N LYS E 50 -32.71 -6.12 -52.46
CA LYS E 50 -32.87 -6.97 -53.64
C LYS E 50 -31.79 -6.68 -54.70
N GLU E 51 -31.48 -5.40 -54.91
CA GLU E 51 -30.35 -5.01 -55.75
C GLU E 51 -29.09 -5.71 -55.28
N GLU E 52 -28.77 -5.52 -54.01
CA GLU E 52 -27.53 -6.06 -53.45
C GLU E 52 -27.43 -7.56 -53.69
N ILE E 53 -28.55 -8.25 -53.53
CA ILE E 53 -28.57 -9.70 -53.58
C ILE E 53 -28.28 -10.20 -54.99
N GLU E 54 -29.08 -9.77 -55.96
CA GLU E 54 -28.86 -10.17 -57.34
C GLU E 54 -27.58 -9.58 -57.96
N ALA E 55 -27.02 -8.53 -57.35
CA ALA E 55 -25.76 -7.98 -57.84
C ALA E 55 -24.59 -8.95 -57.58
N LEU E 56 -24.79 -9.91 -56.67
CA LEU E 56 -23.79 -10.94 -56.40
C LEU E 56 -23.76 -11.95 -57.56
N LYS E 57 -22.59 -12.13 -58.17
CA LYS E 57 -22.48 -12.95 -59.38
C LYS E 57 -22.09 -14.39 -59.09
N ASP E 58 -22.71 -15.31 -59.84
CA ASP E 58 -22.55 -16.77 -59.67
C ASP E 58 -22.79 -17.20 -58.22
N GLN E 59 -23.82 -16.58 -57.64
CA GLN E 59 -24.35 -16.90 -56.33
C GLN E 59 -25.86 -16.91 -56.51
N LYS E 60 -26.58 -17.70 -55.73
CA LYS E 60 -28.04 -17.70 -55.76
C LYS E 60 -28.60 -17.85 -54.36
N PRO E 61 -29.72 -17.18 -54.07
CA PRO E 61 -30.20 -17.11 -52.69
C PRO E 61 -30.86 -18.40 -52.24
N LEU E 62 -30.58 -18.80 -50.99
CA LEU E 62 -31.26 -19.93 -50.35
C LEU E 62 -32.28 -19.48 -49.30
N ASP E 64 -35.50 -16.75 -48.40
CA ASP E 64 -36.56 -15.93 -48.99
C ASP E 64 -36.10 -14.49 -49.20
N PRO E 66 -36.25 -10.32 -49.63
CA PRO E 66 -36.89 -9.28 -48.84
C PRO E 66 -38.10 -8.69 -49.55
N SER E 67 -39.28 -9.17 -49.19
CA SER E 67 -40.50 -8.64 -49.75
C SER E 67 -40.84 -7.34 -49.03
N ASP E 68 -41.96 -6.73 -49.41
CA ASP E 68 -42.47 -5.54 -48.73
C ASP E 68 -42.50 -5.78 -47.22
N ASP E 69 -43.15 -6.88 -46.83
CA ASP E 69 -43.26 -7.30 -45.44
C ASP E 69 -41.91 -7.75 -44.85
N HIS E 70 -41.38 -8.87 -45.34
CA HIS E 70 -40.21 -9.53 -44.76
C HIS E 70 -38.90 -8.81 -45.12
N LYS E 71 -38.04 -8.61 -44.11
CA LYS E 71 -36.68 -8.06 -44.29
C LYS E 71 -35.62 -9.16 -44.19
N VAL E 72 -34.45 -8.92 -44.78
CA VAL E 72 -33.39 -9.92 -44.80
C VAL E 72 -32.14 -9.37 -44.15
N THR E 73 -31.88 -9.80 -42.92
CA THR E 73 -30.66 -9.39 -42.21
C THR E 73 -29.64 -10.52 -42.11
N SER E 74 -29.85 -11.57 -42.89
CA SER E 74 -28.96 -12.72 -42.88
C SER E 74 -28.98 -13.36 -44.27
N LEU E 75 -27.85 -13.24 -44.96
CA LEU E 75 -27.67 -13.89 -46.25
C LEU E 75 -27.41 -15.36 -46.03
N LYS E 76 -27.67 -16.15 -47.06
CA LYS E 76 -27.48 -17.59 -47.03
C LYS E 76 -27.46 -17.97 -48.50
N LYS E 78 -25.62 -19.64 -52.23
CA LYS E 78 -24.93 -20.79 -52.85
C LYS E 78 -24.19 -20.43 -54.13
N PHE E 79 -22.96 -20.89 -54.25
CA PHE E 79 -22.18 -20.66 -55.47
C PHE E 79 -22.62 -21.61 -56.57
N ALA E 80 -22.87 -21.04 -57.76
CA ALA E 80 -23.16 -21.83 -58.96
C ALA E 80 -22.16 -22.97 -59.10
N ASN E 81 -20.86 -22.62 -59.05
CA ASN E 81 -19.78 -23.59 -59.06
C ASN E 81 -19.00 -23.49 -57.77
N PRO E 82 -18.98 -24.57 -56.97
CA PRO E 82 -18.27 -24.50 -55.68
C PRO E 82 -16.76 -24.15 -55.83
N ILE E 83 -16.19 -23.60 -54.78
CA ILE E 83 -14.86 -23.01 -54.85
C ILE E 83 -13.87 -23.86 -54.07
N ALA E 84 -12.91 -24.41 -54.79
CA ALA E 84 -12.02 -25.45 -54.26
C ALA E 84 -10.89 -24.86 -53.44
N LEU E 85 -11.02 -24.88 -52.11
CA LEU E 85 -9.94 -24.48 -51.23
C LEU E 85 -8.77 -25.46 -51.33
N SER E 86 -7.60 -25.00 -50.93
CA SER E 86 -6.39 -25.79 -50.97
C SER E 86 -6.26 -26.64 -49.72
N LYS E 87 -5.30 -27.56 -49.78
CA LYS E 87 -5.19 -28.67 -48.83
C LYS E 87 -4.55 -28.13 -47.57
N LYS E 88 -3.26 -27.80 -47.67
CA LYS E 88 -2.48 -27.30 -46.55
C LYS E 88 -2.67 -25.80 -46.36
N ASP E 89 -2.99 -25.07 -47.43
CA ASP E 89 -3.12 -23.60 -47.35
C ASP E 89 -4.56 -23.12 -47.19
N ILE E 90 -5.36 -23.87 -46.44
CA ILE E 90 -6.79 -23.64 -46.42
C ILE E 90 -7.18 -22.24 -45.90
N GLU E 91 -6.55 -21.79 -44.82
CA GLU E 91 -6.96 -20.52 -44.20
C GLU E 91 -6.79 -19.33 -45.16
N ASP E 92 -5.61 -19.23 -45.76
CA ASP E 92 -5.34 -18.18 -46.73
C ASP E 92 -6.32 -18.25 -47.90
N ASP E 93 -6.53 -19.44 -48.45
CA ASP E 93 -7.46 -19.58 -49.57
C ASP E 93 -8.87 -19.12 -49.20
N ALA E 94 -9.27 -19.37 -47.96
CA ALA E 94 -10.58 -18.94 -47.49
C ALA E 94 -10.62 -17.43 -47.29
N GLN E 95 -9.54 -16.84 -46.80
CA GLN E 95 -9.45 -15.37 -46.67
C GLN E 95 -9.55 -14.68 -48.03
N ALA E 96 -8.86 -15.24 -49.02
CA ALA E 96 -8.89 -14.71 -50.38
C ALA E 96 -10.27 -14.93 -51.00
N LEU E 97 -10.95 -15.99 -50.60
CA LEU E 97 -12.30 -16.23 -51.09
C LEU E 97 -13.22 -15.13 -50.60
N VAL E 98 -13.28 -14.98 -49.28
CA VAL E 98 -14.15 -13.99 -48.63
C VAL E 98 -13.85 -12.58 -49.10
N SER E 99 -12.60 -12.16 -49.03
CA SER E 99 -12.23 -10.81 -49.45
C SER E 99 -12.66 -10.50 -50.87
N SER E 100 -12.61 -11.48 -51.76
CA SER E 100 -12.83 -11.21 -53.18
C SER E 100 -14.29 -11.32 -53.61
N LYS E 101 -15.02 -12.26 -53.01
CA LYS E 101 -16.33 -12.65 -53.51
C LYS E 101 -17.47 -12.24 -52.61
N ILE E 102 -17.20 -11.96 -51.34
CA ILE E 102 -18.27 -11.61 -50.43
C ILE E 102 -18.36 -10.12 -50.15
N GLN E 103 -19.60 -9.64 -49.99
CA GLN E 103 -19.88 -8.24 -49.68
C GLN E 103 -19.08 -7.84 -48.45
N ASP E 104 -18.40 -6.70 -48.53
CA ASP E 104 -17.60 -6.19 -47.40
C ASP E 104 -16.55 -7.18 -46.85
N GLY E 105 -16.11 -8.14 -47.65
CA GLY E 105 -15.27 -9.24 -47.16
C GLY E 105 -14.03 -8.86 -46.37
N GLU E 106 -13.41 -7.73 -46.74
CA GLU E 106 -12.23 -7.22 -46.05
C GLU E 106 -12.48 -6.87 -44.57
N LYS E 107 -13.73 -6.62 -44.22
CA LYS E 107 -14.09 -6.25 -42.85
C LYS E 107 -14.12 -7.43 -41.88
N TYR E 108 -14.04 -8.64 -42.39
CA TYR E 108 -14.08 -9.84 -41.54
C TYR E 108 -12.70 -10.49 -41.45
N LYS E 109 -12.29 -10.90 -40.25
CA LYS E 109 -11.04 -11.66 -40.06
C LYS E 109 -11.35 -13.11 -39.68
N LEU E 110 -10.67 -14.07 -40.31
CA LEU E 110 -10.91 -15.51 -40.06
C LEU E 110 -10.76 -15.79 -38.59
N TRP E 111 -11.72 -16.54 -38.04
CA TRP E 111 -11.75 -16.87 -36.62
C TRP E 111 -11.30 -18.31 -36.34
N LYS E 112 -11.90 -19.25 -37.06
CA LYS E 112 -11.80 -20.66 -36.72
C LYS E 112 -12.07 -21.54 -37.93
N VAL E 113 -11.38 -22.66 -38.03
CA VAL E 113 -11.73 -23.71 -38.97
C VAL E 113 -12.30 -24.84 -38.16
N ASP E 114 -13.56 -25.19 -38.42
CA ASP E 114 -14.26 -26.24 -37.69
C ASP E 114 -14.52 -27.42 -38.61
N LYS E 115 -13.67 -28.45 -38.49
CA LYS E 115 -13.73 -29.61 -39.40
C LYS E 115 -14.97 -30.47 -39.12
N SER E 116 -15.40 -30.51 -37.86
CA SER E 116 -16.62 -31.21 -37.45
C SER E 116 -17.85 -30.63 -38.15
N LYS E 117 -18.02 -29.30 -37.99
CA LYS E 117 -19.11 -28.57 -38.64
C LYS E 117 -18.86 -28.33 -40.14
N LYS E 118 -17.63 -28.60 -40.59
CA LYS E 118 -17.23 -28.45 -42.01
C LYS E 118 -17.48 -27.04 -42.50
N GLU E 119 -17.08 -26.08 -41.68
CA GLU E 119 -17.28 -24.67 -41.97
C GLU E 119 -16.12 -23.84 -41.43
N ILE E 120 -15.86 -22.70 -42.08
CA ILE E 120 -14.82 -21.76 -41.66
C ILE E 120 -15.53 -20.47 -41.24
N ILE E 121 -15.18 -19.96 -40.06
CA ILE E 121 -15.93 -18.85 -39.45
C ILE E 121 -15.10 -17.57 -39.39
N PHE E 122 -15.64 -16.49 -39.94
CA PHE E 122 -15.01 -15.17 -39.85
C PHE E 122 -15.86 -14.25 -38.97
N PHE E 123 -15.20 -13.47 -38.11
CA PHE E 123 -15.89 -12.46 -37.31
C PHE E 123 -15.63 -11.09 -37.87
N GLN E 124 -16.68 -10.30 -38.04
CA GLN E 124 -16.54 -8.89 -38.42
C GLN E 124 -15.67 -8.13 -37.44
N THR E 125 -14.96 -7.11 -37.92
CA THR E 125 -14.07 -6.36 -37.05
C THR E 125 -14.48 -4.91 -36.93
N TYR E 126 -13.94 -4.25 -35.93
CA TYR E 126 -14.08 -2.80 -35.79
C TYR E 126 -12.73 -2.23 -35.44
N GLU E 127 -12.25 -1.31 -36.26
CA GLU E 127 -11.06 -0.56 -35.95
C GLU E 127 -9.93 -1.51 -35.61
N GLY E 128 -9.80 -2.54 -36.42
CA GLY E 128 -8.71 -3.49 -36.24
C GLY E 128 -9.03 -4.68 -35.36
N HIS E 129 -10.04 -4.56 -34.51
CA HIS E 129 -10.31 -5.55 -33.49
C HIS E 129 -11.50 -6.44 -33.80
N TYR E 130 -11.44 -7.66 -33.27
CA TYR E 130 -12.51 -8.61 -33.40
C TYR E 130 -13.75 -8.17 -32.67
N ILE E 131 -14.90 -8.46 -33.27
CA ILE E 131 -16.18 -8.48 -32.57
C ILE E 131 -16.42 -9.93 -32.12
N TYR E 132 -16.04 -10.21 -30.88
CA TYR E 132 -16.10 -11.57 -30.37
C TYR E 132 -17.55 -12.02 -30.23
N GLN E 133 -17.85 -13.20 -30.75
CA GLN E 133 -19.22 -13.70 -30.77
C GLN E 133 -19.28 -15.20 -30.45
N LYS E 134 -20.45 -15.68 -30.06
CA LYS E 134 -20.66 -17.11 -29.89
C LYS E 134 -20.83 -17.75 -31.26
N THR E 135 -20.38 -18.99 -31.38
CA THR E 135 -20.25 -19.68 -32.67
C THR E 135 -21.16 -20.89 -32.74
N ASP E 136 -22.36 -20.75 -32.18
CA ASP E 136 -23.33 -21.84 -32.13
C ASP E 136 -24.44 -21.52 -33.14
N ASN E 137 -25.70 -21.65 -32.71
CA ASN E 137 -26.88 -21.13 -33.43
C ASN E 137 -26.67 -19.86 -34.27
N PRO E 138 -27.45 -19.70 -35.35
CA PRO E 138 -27.43 -18.43 -36.10
C PRO E 138 -28.01 -17.21 -35.31
N SER E 139 -28.72 -17.45 -34.21
CA SER E 139 -29.20 -16.38 -33.34
C SER E 139 -28.10 -15.37 -32.98
N ASN E 140 -26.96 -15.87 -32.51
CA ASN E 140 -25.90 -15.01 -31.98
C ASN E 140 -24.90 -14.51 -33.05
N ILE E 142 -24.43 -11.85 -35.03
CA ILE E 142 -24.72 -10.45 -35.32
C ILE E 142 -23.78 -9.83 -36.34
N GLY E 143 -22.68 -10.51 -36.66
CA GLY E 143 -21.78 -10.03 -37.70
C GLY E 143 -20.71 -11.02 -38.09
N GLN E 144 -21.08 -11.98 -38.95
CA GLN E 144 -20.15 -13.04 -39.35
C GLN E 144 -20.28 -13.44 -40.80
N VAL E 145 -19.29 -14.19 -41.27
CA VAL E 145 -19.34 -14.90 -42.53
C VAL E 145 -18.95 -16.32 -42.19
N VAL E 146 -19.87 -17.25 -42.42
CA VAL E 146 -19.61 -18.67 -42.22
C VAL E 146 -19.66 -19.37 -43.56
N LEU E 147 -18.53 -19.95 -43.96
CA LEU E 147 -18.44 -20.74 -45.18
C LEU E 147 -18.85 -22.19 -44.88
N HIS E 148 -19.40 -22.89 -45.85
CA HIS E 148 -19.77 -24.29 -45.68
C HIS E 148 -19.05 -25.12 -46.75
N LEU E 149 -18.55 -26.31 -46.36
CA LEU E 149 -17.83 -27.21 -47.29
C LEU E 149 -18.34 -28.66 -47.26
N ASN E 150 -18.25 -29.34 -48.40
CA ASN E 150 -18.32 -30.80 -48.42
C ASN E 150 -17.37 -31.30 -49.48
N GLY E 151 -16.82 -32.48 -49.19
CA GLY E 151 -16.04 -33.26 -50.13
C GLY E 151 -14.58 -33.10 -49.80
N LYS E 152 -13.78 -32.78 -50.83
CA LYS E 152 -12.41 -32.32 -50.63
C LYS E 152 -12.47 -30.83 -50.39
N ASN E 153 -12.78 -30.45 -49.16
CA ASN E 153 -12.74 -29.06 -48.75
C ASN E 153 -13.09 -28.09 -49.89
N GLU E 154 -14.31 -28.18 -50.41
CA GLU E 154 -14.82 -27.24 -51.40
C GLU E 154 -15.91 -26.39 -50.77
N VAL E 155 -15.82 -25.08 -50.92
CA VAL E 155 -16.83 -24.17 -50.38
C VAL E 155 -18.02 -24.15 -51.34
N VAL E 156 -19.21 -24.41 -50.81
CA VAL E 156 -20.42 -24.52 -51.63
C VAL E 156 -21.39 -23.39 -51.37
N SER E 157 -21.33 -22.81 -50.18
CA SER E 157 -22.28 -21.77 -49.75
C SER E 157 -21.71 -20.97 -48.58
N TYR E 158 -22.42 -19.89 -48.22
CA TYR E 158 -22.07 -19.16 -47.00
C TYR E 158 -23.27 -18.44 -46.39
N ASP E 159 -23.27 -18.31 -45.07
CA ASP E 159 -24.17 -17.40 -44.36
C ASP E 159 -23.44 -16.08 -44.14
N GLN E 160 -24.15 -14.95 -44.12
CA GLN E 160 -23.52 -13.66 -43.83
C GLN E 160 -24.42 -12.71 -43.08
N THR E 161 -23.82 -12.01 -42.11
CA THR E 161 -24.45 -10.88 -41.43
C THR E 161 -23.41 -9.75 -41.29
N THR E 162 -23.88 -8.51 -41.32
CA THR E 162 -23.01 -7.34 -41.27
C THR E 162 -23.58 -6.28 -40.32
N LEU E 163 -22.73 -5.72 -39.48
CA LEU E 163 -23.08 -4.50 -38.77
C LEU E 163 -22.65 -3.32 -39.61
N GLU E 164 -23.41 -2.24 -39.55
CA GLU E 164 -23.05 -0.99 -40.23
C GLU E 164 -23.33 0.22 -39.35
N THR E 165 -22.90 1.39 -39.81
CA THR E 165 -23.21 2.62 -39.12
C THR E 165 -22.72 2.52 -37.69
N PHE E 166 -21.41 2.41 -37.53
CA PHE E 166 -20.85 2.36 -36.19
C PHE E 166 -20.78 3.78 -35.64
N LYS E 167 -21.17 3.97 -34.38
CA LYS E 167 -21.07 5.28 -33.73
C LYS E 167 -20.58 5.12 -32.32
N GLN E 168 -19.65 5.99 -31.92
CA GLN E 168 -19.10 5.96 -30.59
C GLN E 168 -20.01 6.79 -29.72
N ILE E 169 -20.71 6.13 -28.79
CA ILE E 169 -21.76 6.80 -28.03
C ILE E 169 -21.32 7.29 -26.67
N GLN E 170 -20.26 6.71 -26.13
CA GLN E 170 -19.77 7.12 -24.82
C GLN E 170 -18.31 6.78 -24.71
N LYS E 171 -17.47 7.78 -24.40
CA LYS E 171 -16.05 7.54 -24.23
C LYS E 171 -15.75 7.22 -22.77
N GLU E 172 -14.92 6.22 -22.52
CA GLU E 172 -14.59 5.80 -21.15
C GLU E 172 -13.14 5.31 -21.00
N SER E 173 -12.62 5.44 -19.79
CA SER E 173 -11.33 4.89 -19.42
C SER E 173 -11.46 3.37 -19.29
N LEU E 174 -10.47 2.63 -19.78
CA LEU E 174 -10.50 1.17 -19.68
C LEU E 174 -9.61 0.69 -18.55
N ILE E 175 -9.77 -0.56 -18.14
CA ILE E 175 -8.86 -1.19 -17.20
C ILE E 175 -7.65 -1.73 -17.98
N THR E 176 -6.54 -1.88 -17.27
CA THR E 176 -5.29 -2.22 -17.93
C THR E 176 -5.23 -3.72 -18.22
N GLU E 177 -4.39 -4.10 -19.18
CA GLU E 177 -4.20 -5.51 -19.50
C GLU E 177 -3.85 -6.23 -18.21
N ASP E 179 -4.56 -5.23 -15.13
CA ASP E 179 -5.78 -5.26 -14.30
C ASP E 179 -6.70 -6.42 -14.70
N ALA E 180 -6.84 -6.69 -15.99
CA ALA E 180 -7.82 -7.69 -16.42
C ALA E 180 -7.42 -9.07 -15.93
N VAL E 181 -6.14 -9.41 -16.05
CA VAL E 181 -5.64 -10.69 -15.53
C VAL E 181 -5.72 -10.73 -14.02
N GLU E 182 -5.41 -9.61 -13.36
CA GLU E 182 -5.57 -9.56 -11.90
C GLU E 182 -7.01 -9.88 -11.55
N LEU E 183 -7.93 -9.43 -12.38
CA LEU E 183 -9.34 -9.62 -12.11
C LEU E 183 -9.73 -11.09 -12.15
N LEU E 184 -9.21 -11.80 -13.14
CA LEU E 184 -9.48 -13.22 -13.26
C LEU E 184 -8.96 -13.91 -12.02
N TYR E 185 -7.74 -13.59 -11.64
CA TYR E 185 -7.13 -14.25 -10.52
C TYR E 185 -7.95 -14.04 -9.26
N TYR E 186 -8.35 -12.80 -9.02
CA TYR E 186 -9.19 -12.42 -7.88
C TYR E 186 -10.50 -13.22 -7.82
N GLN E 187 -11.10 -13.49 -8.96
CA GLN E 187 -12.35 -14.23 -9.05
C GLN E 187 -12.12 -15.74 -9.20
N ASN E 188 -10.99 -16.21 -8.69
CA ASN E 188 -10.68 -17.64 -8.57
C ASN E 188 -10.89 -18.41 -9.86
N GLN E 189 -10.38 -17.87 -10.96
CA GLN E 189 -10.56 -18.47 -12.28
C GLN E 189 -9.29 -19.11 -12.82
N LEU E 190 -8.14 -18.68 -12.31
CA LEU E 190 -6.85 -19.20 -12.77
C LEU E 190 -6.34 -20.31 -11.87
N LYS E 191 -5.84 -21.38 -12.50
CA LYS E 191 -5.31 -22.52 -11.77
C LYS E 191 -3.81 -22.31 -11.60
N GLU E 192 -3.26 -22.89 -10.54
CA GLU E 192 -1.84 -22.78 -10.28
C GLU E 192 -1.02 -23.28 -11.46
N TYR E 193 0.19 -22.73 -11.62
CA TYR E 193 1.09 -23.13 -12.70
C TYR E 193 0.52 -22.90 -14.09
N SER E 194 -0.35 -21.93 -14.25
CA SER E 194 -0.87 -21.62 -15.58
C SER E 194 -0.11 -20.44 -16.13
N THR E 195 0.02 -20.39 -17.45
CA THR E 195 0.69 -19.32 -18.13
C THR E 195 -0.35 -18.53 -18.87
N VAL E 196 -0.29 -17.20 -18.75
CA VAL E 196 -1.18 -16.32 -19.48
C VAL E 196 -0.59 -16.05 -20.85
N LYS E 197 -1.10 -16.75 -21.87
CA LYS E 197 -0.50 -16.69 -23.21
C LYS E 197 -0.75 -15.37 -23.93
N SER E 198 -1.94 -14.82 -23.82
CA SER E 198 -2.23 -13.53 -24.46
C SER E 198 -3.38 -12.77 -23.81
N CYS E 199 -3.34 -11.44 -23.97
CA CYS E 199 -4.40 -10.53 -23.58
C CYS E 199 -4.69 -9.59 -24.76
N LYS E 200 -5.69 -9.94 -25.58
CA LYS E 200 -6.04 -9.20 -26.81
C LYS E 200 -7.32 -8.36 -26.61
N PHE E 201 -7.44 -7.25 -27.33
CA PHE E 201 -8.55 -6.30 -27.16
C PHE E 201 -9.64 -6.49 -28.19
N GLY E 202 -10.89 -6.24 -27.81
CA GLY E 202 -12.02 -6.39 -28.73
C GLY E 202 -13.35 -5.86 -28.22
N TYR E 203 -14.43 -6.32 -28.84
CA TYR E 203 -15.78 -5.96 -28.41
C TYR E 203 -16.69 -7.19 -28.36
N VAL E 204 -17.77 -7.07 -27.61
CA VAL E 204 -18.83 -8.09 -27.59
C VAL E 204 -20.17 -7.40 -27.54
N ALA E 205 -21.15 -7.93 -28.28
CA ALA E 205 -22.52 -7.42 -28.24
C ALA E 205 -22.99 -7.51 -26.80
N GLN E 206 -23.40 -6.38 -26.23
CA GLN E 206 -23.77 -6.37 -24.81
C GLN E 206 -25.19 -6.93 -24.60
N TYR E 207 -26.11 -6.53 -25.47
CA TYR E 207 -27.51 -7.01 -25.46
C TYR E 207 -28.26 -6.17 -26.49
N PRO E 208 -29.52 -6.51 -26.82
CA PRO E 208 -30.14 -5.88 -27.99
C PRO E 208 -31.07 -4.70 -27.67
N LEU E 209 -31.47 -3.99 -28.74
CA LEU E 209 -32.51 -2.94 -28.69
C LEU E 209 -32.83 -2.47 -30.11
N THR E 210 -33.92 -3.02 -30.67
CA THR E 210 -34.23 -2.84 -32.10
C THR E 210 -33.02 -3.30 -32.94
N SER E 211 -32.89 -2.78 -34.16
CA SER E 211 -31.65 -2.93 -34.93
C SER E 211 -30.42 -2.61 -34.06
N THR E 212 -30.50 -1.54 -33.27
CA THR E 212 -29.39 -1.03 -32.47
C THR E 212 -28.75 -2.05 -31.53
N GLN E 213 -27.61 -2.57 -31.95
CA GLN E 213 -26.80 -3.37 -31.06
C GLN E 213 -25.84 -2.43 -30.34
N VAL E 214 -25.72 -2.59 -29.03
CA VAL E 214 -24.70 -1.90 -28.26
C VAL E 214 -23.54 -2.84 -28.01
N LEU E 215 -22.39 -2.55 -28.62
CA LEU E 215 -21.16 -3.32 -28.37
C LEU E 215 -20.28 -2.64 -27.32
N ALA E 216 -19.61 -3.43 -26.49
CA ALA E 216 -18.70 -2.92 -25.46
C ALA E 216 -17.31 -3.56 -25.53
N PRO E 217 -16.28 -2.83 -25.11
CA PRO E 217 -14.90 -3.32 -25.13
C PRO E 217 -14.60 -4.39 -24.07
N VAL E 218 -13.79 -5.37 -24.46
CA VAL E 218 -13.38 -6.45 -23.58
C VAL E 218 -11.94 -6.91 -23.83
N TRP E 219 -11.35 -7.51 -22.82
CA TRP E 219 -10.07 -8.18 -22.98
C TRP E 219 -10.36 -9.67 -23.14
N ARG E 220 -9.74 -10.28 -24.16
CA ARG E 220 -9.87 -11.72 -24.43
C ARG E 220 -8.56 -12.37 -24.01
N ILE E 221 -8.58 -13.02 -22.86
CA ILE E 221 -7.39 -13.56 -22.27
C ILE E 221 -7.29 -15.05 -22.51
N THR E 222 -6.22 -15.49 -23.17
CA THR E 222 -5.93 -16.93 -23.27
C THR E 222 -4.97 -17.38 -22.15
N VAL E 223 -5.37 -18.41 -21.43
CA VAL E 223 -4.54 -19.04 -20.39
C VAL E 223 -4.31 -20.50 -20.74
N GLU E 224 -3.15 -21.06 -20.38
CA GLU E 224 -2.93 -22.49 -20.61
C GLU E 224 -2.17 -23.18 -19.48
N TYR E 225 -2.45 -24.46 -19.26
CA TYR E 225 -1.84 -25.27 -18.19
C TYR E 225 -1.79 -26.74 -18.59
N GLU E 226 -1.28 -27.60 -17.70
CA GLU E 226 -1.14 -29.04 -17.99
C GLU E 226 -2.21 -29.90 -17.32
N LYS E 227 -2.60 -30.99 -17.98
CA LYS E 227 -3.43 -32.03 -17.37
C LYS E 227 -2.54 -33.00 -16.58
N LYS E 234 -1.97 -33.23 -22.80
CA LYS E 234 -1.58 -32.62 -21.54
C LYS E 234 -1.73 -31.08 -21.52
N THR E 235 -1.29 -30.36 -22.56
CA THR E 235 -1.33 -28.87 -22.56
C THR E 235 -2.69 -28.27 -22.96
N VAL E 236 -3.53 -27.98 -21.97
CA VAL E 236 -4.89 -27.45 -22.17
C VAL E 236 -4.90 -25.94 -22.30
N GLN E 237 -5.93 -25.37 -22.93
CA GLN E 237 -6.11 -23.91 -23.00
C GLN E 237 -7.49 -23.47 -22.52
N GLU E 238 -7.56 -22.25 -21.99
CA GLU E 238 -8.80 -21.69 -21.45
C GLU E 238 -8.90 -20.28 -21.96
N TYR E 239 -10.10 -19.86 -22.36
CA TYR E 239 -10.33 -18.51 -22.88
C TYR E 239 -11.27 -17.74 -21.95
N PHE E 240 -10.86 -16.55 -21.51
CA PHE E 240 -11.70 -15.71 -20.70
C PHE E 240 -11.95 -14.36 -21.37
N THR E 241 -13.19 -13.92 -21.33
CA THR E 241 -13.54 -12.57 -21.76
C THR E 241 -13.86 -11.74 -20.53
N VAL E 242 -13.16 -10.62 -20.39
CA VAL E 242 -13.30 -9.75 -19.23
C VAL E 242 -13.68 -8.39 -19.74
N ASN E 243 -14.64 -7.75 -19.08
CA ASN E 243 -15.15 -6.47 -19.53
C ASN E 243 -14.08 -5.41 -19.32
N ALA E 244 -13.85 -4.59 -20.35
CA ALA E 244 -12.78 -3.60 -20.31
C ALA E 244 -13.21 -2.25 -19.67
N LEU E 245 -14.51 -2.02 -19.55
CA LEU E 245 -14.99 -0.76 -18.99
C LEU E 245 -14.85 -0.70 -17.47
N GLU E 246 -14.07 0.28 -17.03
CA GLU E 246 -13.93 0.62 -15.62
C GLU E 246 -15.15 1.44 -15.26
N SER E 247 -16.10 0.85 -14.54
CA SER E 247 -17.29 1.62 -14.18
C SER E 247 -17.88 1.16 -12.85
N THR E 248 -17.04 1.22 -11.82
CA THR E 248 -17.50 1.04 -10.46
C THR E 248 -18.13 2.34 -9.94
N ILE E 249 -17.38 3.44 -9.94
CA ILE E 249 -17.87 4.74 -9.44
C ILE E 249 -18.25 5.69 -10.59
N LEU E 250 -19.53 6.09 -10.63
CA LEU E 250 -20.10 6.85 -11.76
C LEU E 250 -20.24 8.36 -11.46
N LYS F 8 0.10 3.83 5.45
CA LYS F 8 1.52 3.55 5.86
C LYS F 8 2.43 3.27 4.65
N GLU F 9 3.66 2.83 4.95
CA GLU F 9 4.62 2.32 3.94
C GLU F 9 5.30 1.06 4.42
N TYR F 10 5.57 0.92 5.72
CA TYR F 10 6.03 -0.38 6.20
C TYR F 10 4.89 -1.36 6.31
N GLU F 11 3.67 -0.93 5.99
CA GLU F 11 2.57 -1.87 5.71
C GLU F 11 2.95 -2.59 4.42
N VAL F 12 3.14 -1.84 3.35
CA VAL F 12 3.56 -2.42 2.08
C VAL F 12 4.77 -3.34 2.28
N ILE F 13 5.74 -2.91 3.08
CA ILE F 13 6.98 -3.65 3.20
C ILE F 13 6.91 -4.77 4.22
N LYS F 14 6.13 -4.63 5.28
CA LYS F 14 6.03 -5.75 6.22
C LYS F 14 5.21 -6.89 5.63
N ASN F 15 4.16 -6.57 4.87
CA ASN F 15 3.40 -7.65 4.24
C ASN F 15 4.00 -8.04 2.87
N ASP F 16 5.03 -7.36 2.41
CA ASP F 16 5.87 -7.94 1.36
C ASP F 16 6.66 -9.13 1.95
N VAL F 17 7.54 -8.84 2.91
CA VAL F 17 8.29 -9.89 3.62
C VAL F 17 7.37 -11.01 4.06
N GLU F 18 6.20 -10.64 4.56
CA GLU F 18 5.26 -11.61 5.04
C GLU F 18 4.85 -12.55 3.91
N HIS F 19 4.51 -11.99 2.75
CA HIS F 19 4.13 -12.82 1.60
C HIS F 19 5.30 -13.66 1.15
N ASP F 20 6.45 -13.02 0.98
CA ASP F 20 7.67 -13.72 0.56
C ASP F 20 7.99 -14.97 1.43
N LYS F 22 5.71 -16.86 3.23
CA LYS F 22 4.71 -17.83 2.81
C LYS F 22 5.16 -18.50 1.51
N ALA F 23 5.59 -17.69 0.54
CA ALA F 23 6.09 -18.22 -0.73
C ALA F 23 7.24 -19.21 -0.57
N ASP F 24 8.08 -19.01 0.44
CA ASP F 24 9.21 -19.91 0.72
C ASP F 24 8.87 -21.03 1.72
N HIS F 25 7.58 -21.16 2.05
CA HIS F 25 7.10 -22.22 2.93
C HIS F 25 7.80 -22.24 4.28
N ILE F 26 7.81 -21.08 4.94
CA ILE F 26 8.44 -20.93 6.23
C ILE F 26 7.33 -20.81 7.25
N THR F 27 7.25 -21.77 8.17
CA THR F 27 6.12 -21.86 9.08
C THR F 27 6.50 -21.28 10.43
N TYR F 28 5.59 -20.52 11.03
CA TYR F 28 5.76 -20.03 12.41
C TYR F 28 4.41 -20.02 13.09
N GLU F 29 4.42 -20.21 14.40
CA GLU F 29 3.20 -20.27 15.18
C GLU F 29 3.35 -19.43 16.45
N GLY F 30 2.34 -18.63 16.74
CA GLY F 30 2.23 -18.00 18.04
C GLY F 30 3.38 -17.08 18.38
N LEU F 31 3.82 -16.29 17.41
CA LEU F 31 4.82 -15.28 17.68
C LEU F 31 4.12 -14.00 18.09
N ASN F 32 4.61 -13.36 19.15
CA ASN F 32 4.05 -12.16 19.69
C ASN F 32 4.25 -11.06 18.68
N LYS F 33 3.24 -10.25 18.43
CA LYS F 33 3.38 -9.18 17.44
C LYS F 33 3.35 -7.81 18.11
N GLU F 34 3.10 -7.81 19.42
CA GLU F 34 3.09 -6.61 20.24
C GLU F 34 4.46 -6.26 20.77
N ALA F 35 4.73 -4.96 20.88
CA ALA F 35 5.98 -4.43 21.43
C ALA F 35 6.12 -4.73 22.91
N THR F 36 7.35 -4.79 23.38
CA THR F 36 7.64 -5.05 24.77
C THR F 36 8.81 -4.21 25.24
N GLU F 37 8.84 -3.91 26.54
CA GLU F 37 9.89 -3.10 27.13
C GLU F 37 10.95 -3.99 27.77
N GLY F 38 12.22 -3.71 27.49
CA GLY F 38 13.32 -4.44 28.10
C GLY F 38 14.28 -3.44 28.69
N TYR F 39 15.51 -3.89 28.88
CA TYR F 39 16.60 -2.99 29.25
C TYR F 39 17.97 -3.60 29.01
N ARG F 40 18.97 -2.74 28.85
CA ARG F 40 20.34 -3.16 29.00
C ARG F 40 20.65 -3.27 30.50
N ILE F 41 21.49 -4.25 30.84
CA ILE F 41 21.89 -4.40 32.23
C ILE F 41 23.41 -4.53 32.36
N THR F 42 23.92 -4.18 33.53
CA THR F 42 25.34 -4.31 33.85
C THR F 42 25.49 -5.25 35.02
N ALA F 43 26.71 -5.73 35.24
CA ALA F 43 26.98 -6.67 36.32
C ALA F 43 28.48 -6.84 36.56
N ASN F 44 28.86 -7.12 37.80
CA ASN F 44 30.25 -7.43 38.12
C ASN F 44 30.56 -8.90 38.00
N GLN F 45 31.78 -9.22 37.59
CA GLN F 45 32.29 -10.56 37.67
C GLN F 45 32.70 -10.82 39.10
N LYS F 46 31.97 -11.70 39.78
CA LYS F 46 32.22 -12.03 41.19
C LYS F 46 33.64 -12.49 41.40
N SER F 47 34.28 -11.93 42.43
CA SER F 47 35.60 -12.33 42.85
C SER F 47 35.43 -13.15 44.14
N PHE F 48 35.96 -14.37 44.14
CA PHE F 48 35.73 -15.30 45.25
C PHE F 48 36.77 -15.13 46.35
N SER F 49 36.30 -14.97 47.59
CA SER F 49 37.16 -14.70 48.74
C SER F 49 37.61 -15.99 49.44
N LYS F 50 38.75 -15.90 50.12
CA LYS F 50 39.36 -17.06 50.78
C LYS F 50 38.38 -17.71 51.75
N GLU F 51 37.55 -16.91 52.40
CA GLU F 51 36.48 -17.42 53.25
C GLU F 51 35.49 -18.28 52.47
N GLU F 52 35.03 -17.75 51.32
CA GLU F 52 34.02 -18.43 50.50
C GLU F 52 34.49 -19.77 49.99
N ILE F 53 35.78 -19.86 49.65
CA ILE F 53 36.37 -21.06 49.05
C ILE F 53 36.49 -22.20 50.04
N GLU F 54 37.13 -21.96 51.18
CA GLU F 54 37.27 -22.99 52.20
C GLU F 54 36.12 -22.98 53.20
N ALA F 55 34.96 -22.47 52.78
CA ALA F 55 33.70 -22.71 53.45
C ALA F 55 32.94 -23.81 52.74
N LEU F 56 33.44 -24.27 51.60
CA LEU F 56 32.74 -25.27 50.79
C LEU F 56 33.06 -26.66 51.33
N LYS F 57 32.06 -27.32 51.93
CA LYS F 57 32.28 -28.60 52.63
C LYS F 57 32.56 -29.74 51.64
N ASP F 58 33.56 -30.56 51.99
CA ASP F 58 34.00 -31.69 51.19
C ASP F 58 34.34 -31.32 49.74
N GLN F 59 35.05 -30.20 49.59
CA GLN F 59 35.50 -29.71 48.29
C GLN F 59 36.93 -29.18 48.40
N LYS F 60 37.75 -29.46 47.39
CA LYS F 60 39.13 -28.98 47.37
C LYS F 60 39.38 -28.09 46.16
N PRO F 61 40.11 -26.98 46.35
CA PRO F 61 40.43 -26.08 45.26
C PRO F 61 41.47 -26.65 44.30
N LEU F 62 41.28 -26.41 43.01
CA LEU F 62 42.23 -26.82 41.98
C LEU F 62 42.79 -25.62 41.24
N ASP F 64 44.65 -21.36 41.90
CA ASP F 64 45.42 -20.53 42.83
C ASP F 64 44.50 -19.72 43.75
N PRO F 66 43.16 -16.59 46.22
CA PRO F 66 43.22 -15.13 46.16
C PRO F 66 44.32 -14.55 47.07
N SER F 67 44.80 -13.36 46.73
CA SER F 67 45.94 -12.73 47.42
C SER F 67 46.09 -11.25 47.05
N ASP F 68 47.14 -10.60 47.54
CA ASP F 68 47.43 -9.21 47.19
C ASP F 68 47.40 -9.05 45.68
N ASP F 69 48.27 -9.80 45.01
CA ASP F 69 48.48 -9.64 43.58
C ASP F 69 47.40 -10.35 42.74
N HIS F 70 46.83 -11.44 43.26
CA HIS F 70 45.91 -12.29 42.47
C HIS F 70 44.46 -12.26 42.99
N LYS F 71 43.52 -12.05 42.07
CA LYS F 71 42.08 -12.21 42.31
C LYS F 71 41.61 -13.51 41.68
N VAL F 72 40.51 -14.06 42.21
CA VAL F 72 39.94 -15.32 41.69
C VAL F 72 38.52 -15.09 41.21
N THR F 73 38.32 -15.14 39.89
CA THR F 73 36.97 -14.99 39.33
C THR F 73 36.52 -16.26 38.62
N SER F 74 37.22 -17.36 38.88
CA SER F 74 36.93 -18.64 38.22
C SER F 74 37.39 -19.79 39.12
N LEU F 75 36.40 -20.45 39.73
CA LEU F 75 36.65 -21.57 40.61
C LEU F 75 36.86 -22.84 39.82
N LYS F 76 37.66 -23.74 40.39
CA LYS F 76 37.78 -25.08 39.89
C LYS F 76 37.87 -25.97 41.13
N LYS F 78 37.10 -29.51 43.46
CA LYS F 78 37.04 -30.98 43.36
C LYS F 78 36.30 -31.58 44.54
N PHE F 79 35.37 -32.50 44.29
CA PHE F 79 34.68 -33.17 45.38
C PHE F 79 35.57 -34.23 46.03
N ALA F 80 35.71 -34.14 47.35
CA ALA F 80 36.43 -35.14 48.15
C ALA F 80 36.03 -36.55 47.70
N ASN F 81 34.71 -36.74 47.52
CA ASN F 81 34.15 -37.96 46.96
C ASN F 81 33.28 -37.63 45.75
N PRO F 82 33.62 -38.18 44.58
CA PRO F 82 32.78 -37.89 43.40
C PRO F 82 31.30 -38.19 43.66
N ILE F 83 30.40 -37.47 42.99
CA ILE F 83 28.97 -37.57 43.29
C ILE F 83 28.22 -38.34 42.20
N ALA F 84 27.41 -39.31 42.65
CA ALA F 84 26.71 -40.24 41.74
C ALA F 84 25.58 -39.53 41.00
N LEU F 85 25.47 -39.78 39.69
CA LEU F 85 24.40 -39.24 38.86
C LEU F 85 23.62 -40.37 38.22
N SER F 86 22.31 -40.26 38.26
CA SER F 86 21.44 -41.24 37.63
C SER F 86 21.73 -41.39 36.14
N LYS F 87 21.36 -42.56 35.65
CA LYS F 87 21.65 -42.99 34.30
C LYS F 87 20.63 -42.29 33.44
N LYS F 88 19.38 -42.68 33.64
CA LYS F 88 18.25 -42.23 32.81
C LYS F 88 17.70 -40.87 33.23
N ASP F 89 17.94 -40.52 34.50
CA ASP F 89 17.40 -39.33 35.13
C ASP F 89 18.54 -38.33 35.42
N ILE F 90 19.39 -38.10 34.44
CA ILE F 90 20.65 -37.42 34.71
C ILE F 90 20.52 -35.89 34.81
N GLU F 91 19.69 -35.30 33.95
CA GLU F 91 19.52 -33.86 33.97
C GLU F 91 18.98 -33.35 35.30
N ASP F 92 18.06 -34.10 35.89
CA ASP F 92 17.50 -33.72 37.18
C ASP F 92 18.50 -33.91 38.30
N ASP F 93 19.13 -35.09 38.36
CA ASP F 93 20.10 -35.35 39.42
C ASP F 93 21.28 -34.40 39.33
N ALA F 94 21.60 -33.94 38.11
CA ALA F 94 22.60 -32.91 37.93
C ALA F 94 22.15 -31.59 38.53
N GLN F 95 20.87 -31.24 38.38
CA GLN F 95 20.34 -29.97 38.93
C GLN F 95 20.35 -29.94 40.46
N ALA F 96 19.92 -31.02 41.09
CA ALA F 96 19.96 -31.11 42.55
C ALA F 96 21.37 -30.93 43.08
N LEU F 97 22.36 -31.44 42.35
CA LEU F 97 23.73 -31.33 42.78
C LEU F 97 24.15 -29.87 42.80
N VAL F 98 23.84 -29.16 41.71
CA VAL F 98 24.22 -27.76 41.57
C VAL F 98 23.49 -26.92 42.57
N SER F 99 22.18 -27.10 42.65
CA SER F 99 21.36 -26.25 43.52
C SER F 99 21.65 -26.46 45.00
N SER F 100 22.05 -27.66 45.38
CA SER F 100 22.28 -27.98 46.80
C SER F 100 23.73 -27.82 47.26
N LYS F 101 24.69 -27.97 46.37
CA LYS F 101 26.07 -28.00 46.81
C LYS F 101 26.92 -26.85 46.27
N ILE F 102 26.39 -26.04 45.35
CA ILE F 102 27.15 -24.95 44.73
C ILE F 102 26.60 -23.57 45.04
N GLN F 103 27.50 -22.68 45.46
CA GLN F 103 27.18 -21.26 45.68
C GLN F 103 26.24 -20.75 44.59
N ASP F 104 25.12 -20.17 44.97
CA ASP F 104 24.15 -19.60 44.01
C ASP F 104 23.60 -20.61 42.97
N GLY F 105 23.71 -21.89 43.24
CA GLY F 105 23.29 -22.93 42.30
C GLY F 105 21.94 -22.68 41.64
N GLU F 106 21.00 -22.15 42.42
CA GLU F 106 19.63 -21.89 41.94
C GLU F 106 19.57 -20.79 40.90
N LYS F 107 20.57 -19.92 40.91
CA LYS F 107 20.69 -18.88 39.90
C LYS F 107 21.08 -19.42 38.52
N TYR F 108 21.50 -20.68 38.44
CA TYR F 108 21.90 -21.27 37.16
C TYR F 108 20.85 -22.24 36.62
N LYS F 109 20.76 -22.37 35.31
CA LYS F 109 19.84 -23.31 34.68
C LYS F 109 20.64 -24.23 33.75
N LEU F 110 20.34 -25.53 33.79
CA LEU F 110 21.01 -26.49 32.92
C LEU F 110 20.92 -25.99 31.49
N TRP F 111 22.00 -26.11 30.73
CA TRP F 111 22.02 -25.71 29.34
C TRP F 111 22.10 -26.92 28.44
N LYS F 112 23.02 -27.82 28.71
CA LYS F 112 23.41 -28.85 27.76
C LYS F 112 24.23 -29.94 28.40
N VAL F 113 23.82 -31.20 28.20
CA VAL F 113 24.63 -32.34 28.60
C VAL F 113 25.48 -32.70 27.40
N ASP F 114 26.78 -32.83 27.62
CA ASP F 114 27.74 -33.07 26.55
C ASP F 114 28.45 -34.36 26.89
N LYS F 115 28.16 -35.41 26.14
CA LYS F 115 28.77 -36.72 26.39
C LYS F 115 30.22 -36.75 25.92
N SER F 116 30.50 -36.12 24.79
CA SER F 116 31.84 -36.11 24.18
C SER F 116 32.88 -35.41 25.07
N LYS F 117 32.55 -34.22 25.56
CA LYS F 117 33.44 -33.50 26.50
C LYS F 117 33.31 -34.04 27.94
N LYS F 118 32.35 -34.92 28.19
CA LYS F 118 32.04 -35.48 29.52
C LYS F 118 31.80 -34.39 30.56
N GLU F 119 30.98 -33.41 30.19
CA GLU F 119 30.62 -32.32 31.10
C GLU F 119 29.15 -31.94 30.94
N ILE F 120 28.52 -31.47 32.03
CA ILE F 120 27.18 -30.88 31.98
C ILE F 120 27.33 -29.40 32.24
N ILE F 121 26.70 -28.57 31.42
CA ILE F 121 26.93 -27.13 31.41
C ILE F 121 25.69 -26.37 31.84
N PHE F 122 25.90 -25.38 32.72
CA PHE F 122 24.82 -24.56 33.24
C PHE F 122 25.08 -23.09 32.92
N PHE F 123 24.04 -22.37 32.52
CA PHE F 123 24.13 -20.94 32.32
C PHE F 123 23.41 -20.22 33.44
N GLN F 124 23.98 -19.09 33.86
CA GLN F 124 23.37 -18.22 34.85
C GLN F 124 22.17 -17.55 34.23
N THR F 125 21.21 -17.17 35.06
CA THR F 125 20.02 -16.53 34.55
C THR F 125 19.84 -15.19 35.18
N TYR F 126 19.01 -14.37 34.56
CA TYR F 126 18.60 -13.08 35.10
C TYR F 126 17.10 -12.95 34.87
N GLU F 127 16.37 -12.67 35.94
CA GLU F 127 14.91 -12.53 35.84
C GLU F 127 14.23 -13.65 35.05
N GLY F 128 14.75 -14.86 35.19
CA GLY F 128 14.16 -16.04 34.60
C GLY F 128 14.66 -16.38 33.22
N HIS F 129 15.57 -15.60 32.70
CA HIS F 129 16.07 -15.87 31.36
C HIS F 129 17.54 -16.17 31.37
N TYR F 130 17.97 -16.93 30.35
CA TYR F 130 19.35 -17.29 30.19
C TYR F 130 20.18 -16.05 29.86
N ILE F 131 21.40 -16.05 30.38
CA ILE F 131 22.49 -15.25 29.84
C ILE F 131 23.19 -16.22 28.87
N TYR F 132 22.83 -16.14 27.59
CA TYR F 132 23.34 -17.08 26.59
C TYR F 132 24.82 -16.81 26.34
N GLN F 133 25.63 -17.86 26.27
CA GLN F 133 27.08 -17.70 26.08
C GLN F 133 27.71 -18.91 25.43
N LYS F 134 28.94 -18.74 24.96
CA LYS F 134 29.66 -19.81 24.26
C LYS F 134 30.25 -20.82 25.25
N THR F 135 30.29 -22.09 24.85
CA THR F 135 30.70 -23.18 25.75
C THR F 135 32.10 -23.73 25.40
N ASP F 136 32.80 -23.01 24.54
CA ASP F 136 34.06 -23.49 24.00
C ASP F 136 35.13 -23.33 25.06
N ASN F 137 35.40 -22.08 25.43
CA ASN F 137 36.60 -21.70 26.17
C ASN F 137 36.29 -21.08 27.52
N PRO F 138 37.32 -21.01 28.40
CA PRO F 138 37.21 -20.21 29.63
C PRO F 138 37.19 -18.68 29.43
N SER F 139 37.60 -18.20 28.25
CA SER F 139 37.54 -16.76 27.94
C SER F 139 36.11 -16.27 28.07
N ASN F 140 35.18 -16.88 27.34
CA ASN F 140 33.81 -16.39 27.27
C ASN F 140 32.88 -17.05 28.29
N ILE F 142 31.52 -16.15 31.29
CA ILE F 142 31.23 -15.08 32.26
C ILE F 142 30.24 -15.50 33.34
N GLY F 143 29.42 -16.51 33.08
CA GLY F 143 28.42 -16.93 34.06
C GLY F 143 27.93 -18.33 33.83
N GLN F 144 28.75 -19.30 34.23
CA GLN F 144 28.42 -20.71 34.06
C GLN F 144 28.86 -21.52 35.26
N VAL F 145 28.32 -22.73 35.33
CA VAL F 145 28.83 -23.81 36.16
C VAL F 145 28.99 -25.00 35.23
N VAL F 146 30.15 -25.64 35.28
CA VAL F 146 30.39 -26.82 34.44
C VAL F 146 30.83 -27.99 35.30
N LEU F 147 30.04 -29.06 35.24
CA LEU F 147 30.32 -30.27 36.00
C LEU F 147 31.14 -31.17 35.11
N HIS F 148 32.18 -31.77 35.68
CA HIS F 148 33.02 -32.73 34.96
C HIS F 148 32.78 -34.14 35.48
N LEU F 149 32.67 -35.11 34.57
CA LEU F 149 32.44 -36.50 34.96
C LEU F 149 33.51 -37.43 34.38
N ASN F 150 33.88 -38.48 35.13
CA ASN F 150 34.64 -39.60 34.57
C ASN F 150 33.82 -40.87 34.64
N GLY F 151 33.94 -41.65 33.55
CA GLY F 151 33.62 -43.07 33.55
C GLY F 151 32.14 -43.29 33.59
N LYS F 152 31.64 -43.77 34.72
CA LYS F 152 30.20 -43.94 34.92
C LYS F 152 29.64 -42.73 35.66
N ASN F 153 29.01 -41.83 34.89
CA ASN F 153 28.26 -40.68 35.41
C ASN F 153 28.57 -40.26 36.85
N GLU F 154 29.71 -39.60 37.04
CA GLU F 154 30.14 -39.14 38.35
C GLU F 154 30.80 -37.80 38.26
N VAL F 155 30.28 -36.82 38.97
CA VAL F 155 30.87 -35.51 38.97
C VAL F 155 32.11 -35.53 39.87
N VAL F 156 33.26 -35.34 39.25
CA VAL F 156 34.53 -35.39 39.96
C VAL F 156 35.00 -34.00 40.34
N SER F 157 34.56 -33.00 39.59
CA SER F 157 34.93 -31.62 39.83
C SER F 157 33.94 -30.69 39.15
N TYR F 158 34.10 -29.39 39.36
CA TYR F 158 33.38 -28.38 38.58
C TYR F 158 34.14 -27.07 38.45
N ASP F 159 33.89 -26.35 37.35
CA ASP F 159 34.33 -24.95 37.20
C ASP F 159 33.11 -24.06 37.42
N GLN F 160 33.33 -22.87 37.98
CA GLN F 160 32.24 -21.91 38.20
C GLN F 160 32.71 -20.48 38.03
N THR F 161 31.82 -19.65 37.49
CA THR F 161 31.98 -18.20 37.48
C THR F 161 30.60 -17.61 37.71
N THR F 162 30.54 -16.43 38.30
CA THR F 162 29.27 -15.81 38.65
C THR F 162 29.28 -14.32 38.36
N LEU F 163 28.16 -13.83 37.84
CA LEU F 163 27.90 -12.41 37.78
C LEU F 163 27.08 -12.01 39.00
N GLU F 164 27.33 -10.80 39.50
CA GLU F 164 26.63 -10.26 40.66
C GLU F 164 26.27 -8.80 40.42
N THR F 165 25.46 -8.25 41.31
CA THR F 165 25.13 -6.83 41.29
C THR F 165 24.67 -6.38 39.92
N PHE F 166 23.51 -6.88 39.52
CA PHE F 166 22.87 -6.46 38.28
C PHE F 166 22.23 -5.11 38.47
N LYS F 167 22.43 -4.21 37.53
CA LYS F 167 21.75 -2.93 37.52
C LYS F 167 21.07 -2.81 36.18
N GLN F 168 19.86 -2.25 36.18
CA GLN F 168 19.17 -1.93 34.94
C GLN F 168 19.64 -0.53 34.59
N ILE F 169 20.29 -0.35 33.45
CA ILE F 169 20.94 0.94 33.16
C ILE F 169 20.14 1.83 32.24
N GLN F 170 19.31 1.23 31.38
CA GLN F 170 18.47 2.02 30.49
C GLN F 170 17.36 1.18 29.87
N LYS F 171 16.10 1.47 30.22
CA LYS F 171 14.96 0.73 29.68
C LYS F 171 14.69 1.15 28.24
N GLU F 172 14.25 0.21 27.42
CA GLU F 172 14.00 0.50 26.01
C GLU F 172 12.96 -0.41 25.41
N SER F 173 12.43 0.02 24.28
CA SER F 173 11.43 -0.74 23.57
C SER F 173 12.16 -1.84 22.81
N LEU F 174 11.65 -3.07 22.87
CA LEU F 174 12.24 -4.19 22.12
C LEU F 174 11.49 -4.44 20.82
N ILE F 175 12.10 -5.20 19.93
CA ILE F 175 11.48 -5.57 18.67
C ILE F 175 10.60 -6.74 19.03
N THR F 176 9.56 -6.99 18.26
CA THR F 176 8.61 -8.05 18.60
C THR F 176 9.19 -9.38 18.19
N GLU F 177 8.67 -10.47 18.73
CA GLU F 177 9.13 -11.80 18.33
C GLU F 177 8.98 -11.94 16.83
N ASP F 179 9.00 -9.66 14.60
CA ASP F 179 10.02 -8.86 13.93
C ASP F 179 11.34 -9.63 13.92
N ALA F 180 11.70 -10.22 15.06
CA ALA F 180 12.96 -10.95 15.17
C ALA F 180 13.07 -12.00 14.05
N VAL F 181 12.03 -12.82 13.87
CA VAL F 181 12.02 -13.81 12.80
C VAL F 181 12.10 -13.16 11.40
N GLU F 182 11.29 -12.14 11.16
CA GLU F 182 11.31 -11.43 9.87
C GLU F 182 12.69 -10.89 9.55
N LEU F 183 13.47 -10.56 10.57
CA LEU F 183 14.82 -10.06 10.38
C LEU F 183 15.72 -11.16 9.84
N LEU F 184 15.66 -12.34 10.46
CA LEU F 184 16.41 -13.51 9.97
C LEU F 184 16.11 -13.75 8.50
N TYR F 185 14.83 -13.79 8.16
CA TYR F 185 14.47 -14.06 6.79
C TYR F 185 15.12 -13.02 5.90
N TYR F 186 14.89 -11.76 6.26
CA TYR F 186 15.34 -10.61 5.49
C TYR F 186 16.84 -10.70 5.17
N GLN F 187 17.61 -11.29 6.07
CA GLN F 187 19.07 -11.38 5.92
C GLN F 187 19.52 -12.71 5.31
N ASN F 188 18.59 -13.45 4.70
CA ASN F 188 18.92 -14.63 3.89
C ASN F 188 19.42 -15.80 4.75
N GLN F 189 19.01 -15.85 6.01
CA GLN F 189 19.50 -16.87 6.93
C GLN F 189 18.56 -18.08 7.09
N LEU F 190 17.33 -17.98 6.58
CA LEU F 190 16.38 -19.08 6.69
C LEU F 190 16.31 -19.89 5.39
N LYS F 191 16.23 -21.21 5.53
CA LYS F 191 16.13 -22.11 4.38
C LYS F 191 14.68 -22.36 4.07
N GLU F 192 14.37 -22.51 2.79
CA GLU F 192 13.01 -22.80 2.39
C GLU F 192 12.54 -24.05 3.11
N TYR F 193 11.23 -24.14 3.31
CA TYR F 193 10.62 -25.29 3.95
C TYR F 193 11.12 -25.53 5.36
N SER F 194 11.43 -24.47 6.09
CA SER F 194 11.81 -24.62 7.49
C SER F 194 10.68 -24.15 8.44
N THR F 195 10.79 -24.58 9.69
CA THR F 195 9.78 -24.29 10.70
C THR F 195 10.41 -23.58 11.90
N VAL F 196 9.81 -22.47 12.31
CA VAL F 196 10.34 -21.71 13.43
C VAL F 196 9.78 -22.33 14.69
N LYS F 197 10.66 -22.91 15.47
CA LYS F 197 10.29 -23.84 16.53
C LYS F 197 10.06 -23.05 17.80
N SER F 198 10.94 -22.10 18.08
CA SER F 198 10.80 -21.26 19.27
C SER F 198 11.45 -19.93 19.04
N CYS F 199 10.96 -18.94 19.76
CA CYS F 199 11.62 -17.66 19.85
C CYS F 199 11.65 -17.29 21.33
N LYS F 200 12.72 -17.70 22.01
CA LYS F 200 12.89 -17.49 23.45
C LYS F 200 13.76 -16.26 23.67
N PHE F 201 13.59 -15.64 24.85
CA PHE F 201 14.16 -14.34 25.18
C PHE F 201 15.24 -14.42 26.24
N GLY F 202 16.38 -13.80 26.01
CA GLY F 202 17.44 -13.73 27.04
C GLY F 202 18.46 -12.63 26.84
N TYR F 203 19.67 -12.83 27.36
CA TYR F 203 20.73 -11.84 27.27
C TYR F 203 22.08 -12.41 26.77
N VAL F 204 22.89 -11.56 26.17
CA VAL F 204 24.29 -11.90 25.83
C VAL F 204 25.23 -10.80 26.30
N ALA F 205 26.49 -11.18 26.54
CA ALA F 205 27.53 -10.21 26.84
C ALA F 205 27.85 -9.50 25.55
N GLN F 206 27.90 -8.18 25.60
CA GLN F 206 28.32 -7.41 24.43
C GLN F 206 29.85 -7.26 24.38
N TYR F 207 30.45 -6.96 25.53
CA TYR F 207 31.91 -6.76 25.65
C TYR F 207 32.21 -6.41 27.12
N PRO F 208 33.50 -6.26 27.49
CA PRO F 208 33.86 -5.86 28.87
C PRO F 208 34.33 -4.38 29.04
N LEU F 209 34.17 -3.85 30.25
CA LEU F 209 34.78 -2.57 30.65
C LEU F 209 35.25 -2.71 32.10
N THR F 210 36.44 -3.29 32.25
CA THR F 210 37.00 -3.72 33.55
C THR F 210 36.11 -4.85 34.11
N SER F 211 35.85 -4.83 35.41
CA SER F 211 34.92 -5.77 36.04
C SER F 211 33.44 -5.60 35.58
N THR F 212 33.14 -4.57 34.77
CA THR F 212 31.76 -4.29 34.32
C THR F 212 31.43 -4.95 32.98
N GLN F 213 30.52 -5.92 33.04
CA GLN F 213 29.99 -6.54 31.84
C GLN F 213 28.71 -5.82 31.47
N VAL F 214 28.59 -5.42 30.21
CA VAL F 214 27.32 -4.93 29.70
C VAL F 214 26.62 -6.07 28.98
N LEU F 215 25.37 -6.32 29.33
CA LEU F 215 24.56 -7.34 28.68
C LEU F 215 23.39 -6.67 27.97
N ALA F 216 23.00 -7.27 26.86
CA ALA F 216 21.95 -6.73 26.01
C ALA F 216 20.97 -7.83 25.70
N PRO F 217 19.66 -7.52 25.71
CA PRO F 217 18.66 -8.52 25.46
C PRO F 217 18.71 -8.98 24.02
N VAL F 218 18.41 -10.26 23.82
CA VAL F 218 18.39 -10.89 22.50
C VAL F 218 17.25 -11.88 22.43
N TRP F 219 16.92 -12.32 21.21
CA TRP F 219 15.95 -13.37 20.98
C TRP F 219 16.68 -14.55 20.42
N ARG F 220 16.51 -15.73 21.02
CA ARG F 220 17.15 -16.93 20.48
C ARG F 220 16.10 -17.76 19.75
N ILE F 221 16.27 -17.81 18.44
CA ILE F 221 15.32 -18.43 17.56
C ILE F 221 15.86 -19.77 17.10
N THR F 222 15.09 -20.85 17.34
CA THR F 222 15.41 -22.19 16.85
C THR F 222 14.55 -22.49 15.63
N VAL F 223 15.20 -22.89 14.56
CA VAL F 223 14.55 -23.30 13.33
C VAL F 223 14.94 -24.75 13.06
N GLU F 224 14.16 -25.44 12.23
CA GLU F 224 14.54 -26.78 11.80
C GLU F 224 13.97 -27.10 10.42
N TYR F 225 14.63 -28.03 9.72
CA TYR F 225 14.27 -28.38 8.35
C TYR F 225 14.78 -29.77 8.00
N GLU F 226 14.32 -30.29 6.87
CA GLU F 226 14.66 -31.65 6.42
C GLU F 226 15.95 -31.67 5.59
N LYS F 227 16.74 -32.73 5.73
CA LYS F 227 17.95 -32.95 4.91
C LYS F 227 18.16 -34.44 4.65
N LYS F 228 19.08 -34.78 3.74
CA LYS F 228 19.29 -36.18 3.31
C LYS F 228 20.55 -36.73 3.97
N LYS F 233 16.91 -39.36 5.51
CA LYS F 233 16.23 -38.07 5.51
C LYS F 233 15.89 -37.57 6.93
N LYS F 234 16.76 -36.77 7.54
CA LYS F 234 16.64 -36.39 8.97
C LYS F 234 16.21 -34.94 9.21
N THR F 235 16.08 -34.55 10.49
CA THR F 235 15.62 -33.21 10.90
C THR F 235 16.73 -32.38 11.54
N VAL F 236 17.38 -31.54 10.73
CA VAL F 236 18.47 -30.65 11.19
C VAL F 236 17.90 -29.47 11.98
N GLN F 237 18.71 -28.83 12.81
CA GLN F 237 18.30 -27.63 13.55
C GLN F 237 19.38 -26.54 13.55
N GLU F 238 18.97 -25.31 13.26
CA GLU F 238 19.83 -24.14 13.32
C GLU F 238 19.35 -23.25 14.45
N TYR F 239 20.28 -22.55 15.07
CA TYR F 239 19.99 -21.64 16.17
C TYR F 239 20.44 -20.25 15.77
N PHE F 240 19.65 -19.24 16.14
CA PHE F 240 19.96 -17.87 15.76
C PHE F 240 19.82 -16.95 16.96
N THR F 241 20.63 -15.89 17.00
CA THR F 241 20.52 -14.88 18.05
C THR F 241 20.38 -13.52 17.41
N VAL F 242 19.19 -12.94 17.53
CA VAL F 242 18.89 -11.61 17.04
C VAL F 242 18.87 -10.66 18.22
N ASN F 243 19.45 -9.49 18.01
CA ASN F 243 19.58 -8.48 19.05
C ASN F 243 18.23 -7.81 19.20
N ALA F 244 17.72 -7.80 20.42
CA ALA F 244 16.34 -7.36 20.66
C ALA F 244 16.20 -5.84 20.71
N LEU F 245 17.28 -5.11 20.97
CA LEU F 245 17.18 -3.67 21.13
C LEU F 245 16.84 -2.95 19.83
N GLU F 246 15.70 -2.26 19.89
CA GLU F 246 15.15 -1.50 18.77
C GLU F 246 15.71 -0.08 18.79
N SER F 247 16.70 0.17 17.94
CA SER F 247 17.16 1.54 17.76
C SER F 247 17.72 1.75 16.38
N THR F 248 16.94 2.41 15.55
CA THR F 248 17.49 2.98 14.33
C THR F 248 17.14 4.47 14.30
N ILE F 249 15.84 4.82 14.39
CA ILE F 249 15.46 6.23 14.50
C ILE F 249 15.40 6.69 15.95
N LEU F 250 16.24 7.65 16.30
CA LEU F 250 16.16 8.33 17.59
C LEU F 250 15.68 9.75 17.31
N ASP F 251 15.71 10.61 18.31
CA ASP F 251 15.62 12.06 18.08
C ASP F 251 16.19 12.80 19.27
N LYS G 8 -10.51 -19.55 -2.34
CA LYS G 8 -10.93 -18.16 -2.67
C LYS G 8 -9.81 -17.20 -2.39
N GLU G 9 -9.86 -16.06 -3.06
CA GLU G 9 -8.89 -14.96 -2.94
C GLU G 9 -9.64 -13.65 -2.73
N TYR G 10 -10.85 -13.55 -3.28
CA TYR G 10 -11.75 -12.45 -2.92
C TYR G 10 -11.90 -12.30 -1.42
N GLU G 11 -11.82 -13.41 -0.69
CA GLU G 11 -11.94 -13.40 0.77
C GLU G 11 -10.69 -12.88 1.46
N VAL G 12 -9.53 -13.34 1.02
CA VAL G 12 -8.25 -12.83 1.51
C VAL G 12 -8.15 -11.31 1.36
N ILE G 13 -8.58 -10.79 0.22
CA ILE G 13 -8.49 -9.37 -0.08
C ILE G 13 -9.59 -8.58 0.61
N LYS G 14 -10.78 -9.16 0.71
CA LYS G 14 -11.87 -8.44 1.36
C LYS G 14 -11.53 -8.20 2.83
N ASN G 15 -10.93 -9.20 3.48
CA ASN G 15 -10.61 -9.06 4.89
C ASN G 15 -9.34 -8.21 5.11
N ASP G 16 -8.46 -8.14 4.11
CA ASP G 16 -7.33 -7.19 4.16
C ASP G 16 -7.83 -5.75 4.15
N VAL G 17 -8.74 -5.46 3.22
CA VAL G 17 -9.44 -4.18 3.15
C VAL G 17 -10.18 -3.88 4.46
N GLU G 18 -10.87 -4.89 4.99
CA GLU G 18 -11.57 -4.77 6.27
C GLU G 18 -10.64 -4.19 7.35
N HIS G 19 -9.47 -4.80 7.50
CA HIS G 19 -8.47 -4.35 8.46
C HIS G 19 -8.04 -2.92 8.14
N ASP G 20 -7.59 -2.69 6.91
CA ASP G 20 -7.08 -1.37 6.51
C ASP G 20 -8.08 -0.23 6.79
N LYS G 22 -10.28 -0.26 9.33
CA LYS G 22 -10.16 -0.09 10.77
C LYS G 22 -8.98 0.84 11.06
N ALA G 23 -7.83 0.53 10.45
CA ALA G 23 -6.58 1.29 10.64
C ALA G 23 -6.69 2.78 10.32
N ASP G 24 -7.65 3.12 9.46
CA ASP G 24 -7.93 4.52 9.13
C ASP G 24 -9.13 5.06 9.91
N HIS G 25 -9.54 4.33 10.95
CA HIS G 25 -10.67 4.71 11.79
C HIS G 25 -11.83 5.21 10.94
N ILE G 26 -12.35 4.33 10.09
CA ILE G 26 -13.49 4.64 9.24
C ILE G 26 -14.71 3.87 9.72
N THR G 27 -15.83 4.57 9.91
CA THR G 27 -17.03 4.00 10.52
C THR G 27 -18.07 3.63 9.48
N TYR G 28 -18.75 2.50 9.70
CA TYR G 28 -19.86 2.03 8.87
C TYR G 28 -21.14 1.80 9.71
N GLU G 29 -22.16 2.62 9.44
CA GLU G 29 -23.41 2.59 10.21
C GLU G 29 -24.36 1.47 9.76
N GLY G 30 -24.38 0.38 10.53
CA GLY G 30 -25.35 -0.73 10.36
C GLY G 30 -25.81 -1.00 8.93
N LEU G 31 -24.86 -1.21 8.03
CA LEU G 31 -25.18 -1.39 6.63
C LEU G 31 -25.46 -2.86 6.33
N ASN G 32 -26.40 -3.09 5.41
CA ASN G 32 -26.81 -4.45 5.04
C ASN G 32 -25.63 -5.28 4.50
N LYS G 33 -25.53 -6.51 5.00
CA LYS G 33 -24.53 -7.49 4.55
C LYS G 33 -25.14 -8.56 3.62
N GLU G 34 -26.48 -8.60 3.55
CA GLU G 34 -27.21 -9.63 2.77
C GLU G 34 -27.50 -9.18 1.31
N ALA G 35 -27.05 -10.01 0.37
CA ALA G 35 -27.19 -9.73 -1.06
C ALA G 35 -28.64 -9.73 -1.47
N THR G 36 -28.97 -8.94 -2.47
CA THR G 36 -30.29 -8.97 -3.06
C THR G 36 -30.08 -9.15 -4.56
N GLU G 37 -31.15 -9.53 -5.26
CA GLU G 37 -31.10 -9.64 -6.71
C GLU G 37 -31.59 -8.31 -7.23
N GLY G 38 -31.34 -8.04 -8.50
CA GLY G 38 -31.72 -6.76 -9.09
C GLY G 38 -31.66 -6.80 -10.61
N TYR G 39 -32.39 -5.88 -11.22
CA TYR G 39 -32.55 -5.88 -12.68
C TYR G 39 -31.87 -4.68 -13.31
N ARG G 40 -31.49 -4.86 -14.58
CA ARG G 40 -31.17 -3.75 -15.44
C ARG G 40 -32.45 -3.44 -16.18
N ILE G 41 -32.88 -2.18 -16.18
CA ILE G 41 -34.10 -1.77 -16.84
C ILE G 41 -33.79 -0.93 -18.04
N THR G 42 -34.61 -1.06 -19.09
CA THR G 42 -34.64 -0.10 -20.19
C THR G 42 -36.00 0.57 -20.18
N ALA G 43 -36.06 1.80 -20.65
CA ALA G 43 -37.31 2.57 -20.74
C ALA G 43 -37.33 3.37 -22.03
N ASN G 44 -38.47 3.99 -22.32
CA ASN G 44 -38.59 4.88 -23.48
C ASN G 44 -38.76 6.35 -23.09
N GLN G 45 -38.19 7.24 -23.88
CA GLN G 45 -38.40 8.68 -23.70
C GLN G 45 -39.80 9.04 -24.19
N LYS G 46 -40.67 9.46 -23.28
CA LYS G 46 -42.06 9.79 -23.63
C LYS G 46 -42.11 10.86 -24.72
N SER G 47 -42.95 10.60 -25.73
CA SER G 47 -43.22 11.58 -26.79
C SER G 47 -44.63 12.09 -26.60
N PHE G 48 -44.76 13.39 -26.33
CA PHE G 48 -46.03 13.99 -25.98
C PHE G 48 -46.84 14.39 -27.22
N SER G 49 -48.07 13.90 -27.28
CA SER G 49 -48.94 14.11 -28.45
C SER G 49 -49.74 15.41 -28.34
N LYS G 50 -50.26 15.85 -29.49
CA LYS G 50 -51.13 17.01 -29.57
C LYS G 50 -52.31 16.83 -28.59
N GLU G 51 -52.82 15.61 -28.51
CA GLU G 51 -53.96 15.29 -27.65
C GLU G 51 -53.62 15.28 -26.16
N GLU G 52 -52.41 14.84 -25.81
CA GLU G 52 -51.99 14.84 -24.41
C GLU G 52 -51.83 16.27 -23.92
N ILE G 53 -51.10 17.06 -24.70
CA ILE G 53 -50.82 18.46 -24.36
C ILE G 53 -52.11 19.23 -24.09
N GLU G 54 -53.05 19.22 -25.03
CA GLU G 54 -54.29 20.02 -24.87
C GLU G 54 -55.35 19.41 -23.93
N ALA G 55 -55.09 18.22 -23.40
CA ALA G 55 -55.94 17.64 -22.35
C ALA G 55 -55.56 18.19 -20.98
N LEU G 56 -54.47 18.94 -20.91
CA LEU G 56 -54.06 19.58 -19.67
C LEU G 56 -54.88 20.84 -19.44
N LYS G 57 -55.96 20.75 -18.67
CA LYS G 57 -56.84 21.91 -18.47
C LYS G 57 -56.11 23.04 -17.73
N ASP G 58 -56.35 24.26 -18.22
CA ASP G 58 -55.81 25.51 -17.64
C ASP G 58 -54.29 25.55 -17.66
N GLN G 59 -53.69 25.02 -18.72
CA GLN G 59 -52.25 25.08 -18.96
C GLN G 59 -51.99 25.36 -20.44
N LYS G 60 -51.08 26.29 -20.73
CA LYS G 60 -50.72 26.65 -22.10
C LYS G 60 -49.24 26.38 -22.39
N PRO G 61 -48.94 25.78 -23.55
CA PRO G 61 -47.58 25.37 -23.86
C PRO G 61 -46.64 26.53 -24.22
N LEU G 62 -45.42 26.48 -23.69
CA LEU G 62 -44.38 27.47 -23.96
C LEU G 62 -43.38 26.96 -24.97
N ASP G 64 -42.60 24.38 -28.81
CA ASP G 64 -43.13 24.03 -30.13
C ASP G 64 -44.11 22.86 -30.01
N PRO G 66 -46.12 19.37 -31.39
CA PRO G 66 -45.68 18.22 -32.17
C PRO G 66 -46.07 18.38 -33.64
N SER G 67 -45.15 18.06 -34.54
CA SER G 67 -45.37 18.21 -35.98
C SER G 67 -45.05 16.92 -36.74
N ASP G 68 -45.20 16.97 -38.06
CA ASP G 68 -44.77 15.87 -38.93
C ASP G 68 -43.34 15.48 -38.60
N ASP G 69 -42.49 16.49 -38.39
CA ASP G 69 -41.08 16.27 -38.15
C ASP G 69 -40.74 16.33 -36.66
N HIS G 70 -41.06 17.46 -36.04
CA HIS G 70 -40.72 17.68 -34.64
C HIS G 70 -41.61 16.87 -33.70
N LYS G 71 -40.98 16.00 -32.91
CA LYS G 71 -41.63 15.37 -31.76
C LYS G 71 -41.21 16.09 -30.50
N VAL G 72 -42.09 16.13 -29.50
CA VAL G 72 -41.84 16.84 -28.25
C VAL G 72 -41.61 15.87 -27.11
N THR G 73 -40.40 15.87 -26.56
CA THR G 73 -40.06 14.97 -25.46
C THR G 73 -39.79 15.73 -24.15
N SER G 74 -39.84 17.06 -24.23
CA SER G 74 -39.61 17.93 -23.08
C SER G 74 -40.74 18.96 -23.07
N LEU G 75 -41.68 18.85 -22.13
CA LEU G 75 -42.78 19.81 -22.01
C LEU G 75 -42.29 21.03 -21.22
N LYS G 76 -42.61 22.23 -21.70
CA LYS G 76 -42.48 23.46 -20.92
C LYS G 76 -43.88 24.11 -20.94
N LYS G 78 -47.10 26.46 -19.01
CA LYS G 78 -47.44 27.59 -18.16
C LYS G 78 -48.87 27.47 -17.62
N PHE G 79 -49.01 27.70 -16.31
CA PHE G 79 -50.32 27.66 -15.67
C PHE G 79 -51.14 28.95 -15.91
N ALA G 80 -52.42 28.79 -16.21
CA ALA G 80 -53.38 29.90 -16.36
C ALA G 80 -53.14 31.00 -15.33
N ASN G 81 -52.99 30.60 -14.07
CA ASN G 81 -52.65 31.49 -12.97
C ASN G 81 -51.64 30.77 -12.10
N PRO G 82 -50.59 31.46 -11.64
CA PRO G 82 -49.62 30.80 -10.77
C PRO G 82 -50.24 30.23 -9.49
N ILE G 83 -49.79 29.05 -9.07
CA ILE G 83 -50.33 28.35 -7.90
C ILE G 83 -49.47 28.56 -6.65
N ALA G 84 -50.03 29.27 -5.67
CA ALA G 84 -49.35 29.56 -4.41
C ALA G 84 -48.97 28.27 -3.70
N LEU G 85 -47.81 28.30 -3.06
CA LEU G 85 -47.33 27.23 -2.22
C LEU G 85 -47.13 27.80 -0.82
N SER G 86 -47.43 26.99 0.18
CA SER G 86 -47.14 27.31 1.56
C SER G 86 -45.68 27.71 1.78
N LYS G 87 -45.47 28.64 2.69
CA LYS G 87 -44.14 29.04 3.06
C LYS G 87 -43.47 27.81 3.68
N LYS G 88 -44.05 27.36 4.79
CA LYS G 88 -43.40 26.43 5.71
C LYS G 88 -43.60 24.97 5.29
N ASP G 89 -44.67 24.70 4.56
CA ASP G 89 -45.01 23.34 4.18
C ASP G 89 -44.84 23.13 2.67
N ILE G 90 -43.72 23.60 2.14
CA ILE G 90 -43.54 23.76 0.69
C ILE G 90 -43.39 22.43 -0.04
N GLU G 91 -42.66 21.51 0.58
CA GLU G 91 -42.27 20.28 -0.09
C GLU G 91 -43.49 19.39 -0.28
N ASP G 92 -44.44 19.48 0.66
CA ASP G 92 -45.72 18.79 0.55
C ASP G 92 -46.56 19.37 -0.57
N ASP G 93 -46.71 20.70 -0.53
CA ASP G 93 -47.55 21.40 -1.52
C ASP G 93 -47.02 21.23 -2.94
N ALA G 94 -45.71 21.18 -3.10
CA ALA G 94 -45.13 20.88 -4.40
C ALA G 94 -45.52 19.47 -4.90
N GLN G 95 -45.43 18.46 -4.02
CA GLN G 95 -45.85 17.10 -4.40
C GLN G 95 -47.31 17.10 -4.80
N ALA G 96 -48.13 17.75 -3.98
CA ALA G 96 -49.59 17.76 -4.16
C ALA G 96 -49.94 18.35 -5.51
N LEU G 97 -49.23 19.41 -5.90
CA LEU G 97 -49.42 20.05 -7.21
C LEU G 97 -49.09 19.08 -8.32
N VAL G 98 -47.86 18.54 -8.28
CA VAL G 98 -47.39 17.60 -9.31
C VAL G 98 -48.33 16.40 -9.45
N SER G 99 -48.73 15.83 -8.32
CA SER G 99 -49.62 14.68 -8.30
C SER G 99 -50.96 14.92 -8.95
N SER G 100 -51.54 16.09 -8.68
CA SER G 100 -52.93 16.34 -9.09
C SER G 100 -53.02 17.08 -10.41
N LYS G 101 -51.95 17.74 -10.83
CA LYS G 101 -52.03 18.55 -12.04
C LYS G 101 -51.09 18.16 -13.18
N ILE G 102 -49.97 17.47 -12.90
CA ILE G 102 -49.06 17.08 -13.99
C ILE G 102 -49.31 15.64 -14.44
N GLN G 103 -49.12 15.40 -15.73
CA GLN G 103 -49.25 14.08 -16.30
C GLN G 103 -48.27 13.14 -15.61
N ASP G 104 -48.74 11.95 -15.24
CA ASP G 104 -47.90 10.96 -14.56
C ASP G 104 -47.22 11.49 -13.28
N GLY G 105 -47.83 12.49 -12.67
CA GLY G 105 -47.26 13.11 -11.48
C GLY G 105 -46.99 12.15 -10.34
N GLU G 106 -47.86 11.15 -10.21
CA GLU G 106 -47.74 10.17 -9.16
C GLU G 106 -46.34 9.57 -9.17
N LYS G 107 -45.74 9.51 -10.35
CA LYS G 107 -44.49 8.79 -10.57
C LYS G 107 -43.22 9.61 -10.23
N TYR G 108 -43.36 10.83 -9.69
CA TYR G 108 -42.20 11.68 -9.40
C TYR G 108 -42.01 11.96 -7.91
N LYS G 109 -40.75 12.03 -7.46
CA LYS G 109 -40.41 12.34 -6.06
C LYS G 109 -39.46 13.57 -5.97
N LEU G 110 -39.60 14.32 -4.89
CA LEU G 110 -38.89 15.60 -4.75
C LEU G 110 -37.41 15.42 -4.44
N TRP G 111 -36.56 16.10 -5.21
CA TRP G 111 -35.11 16.01 -5.05
C TRP G 111 -34.52 17.21 -4.34
N LYS G 112 -34.86 18.39 -4.81
CA LYS G 112 -34.20 19.62 -4.38
C LYS G 112 -35.10 20.85 -4.51
N VAL G 113 -35.14 21.67 -3.47
CA VAL G 113 -35.72 23.01 -3.56
C VAL G 113 -34.55 23.99 -3.73
N ASP G 114 -34.33 24.46 -4.95
CA ASP G 114 -33.23 25.39 -5.22
C ASP G 114 -33.71 26.85 -5.18
N LYS G 115 -33.44 27.53 -4.06
CA LYS G 115 -33.90 28.92 -3.84
C LYS G 115 -33.17 29.88 -4.77
N SER G 116 -31.88 29.63 -4.98
CA SER G 116 -31.05 30.45 -5.88
C SER G 116 -31.61 30.49 -7.30
N LYS G 117 -31.91 29.33 -7.88
CA LYS G 117 -32.52 29.26 -9.23
C LYS G 117 -34.05 29.42 -9.22
N LYS G 118 -34.65 29.58 -8.04
CA LYS G 118 -36.11 29.71 -7.87
C LYS G 118 -36.90 28.56 -8.52
N GLU G 119 -36.52 27.33 -8.19
CA GLU G 119 -37.15 26.15 -8.77
C GLU G 119 -37.25 24.98 -7.78
N ILE G 120 -38.11 24.01 -8.09
CA ILE G 120 -38.15 22.75 -7.37
C ILE G 120 -37.93 21.62 -8.37
N ILE G 121 -37.10 20.65 -8.01
CA ILE G 121 -36.64 19.62 -8.94
C ILE G 121 -37.05 18.24 -8.46
N PHE G 122 -37.82 17.56 -9.30
CA PHE G 122 -38.38 16.25 -8.96
C PHE G 122 -37.75 15.21 -9.87
N PHE G 123 -37.33 14.08 -9.32
CA PHE G 123 -36.83 13.00 -10.12
C PHE G 123 -37.89 11.93 -10.33
N GLN G 124 -38.03 11.44 -11.56
CA GLN G 124 -38.89 10.28 -11.79
C GLN G 124 -38.35 9.09 -10.98
N THR G 125 -39.23 8.20 -10.58
CA THR G 125 -38.82 7.06 -9.77
C THR G 125 -39.07 5.78 -10.53
N TYR G 126 -38.49 4.70 -9.99
CA TYR G 126 -38.86 3.34 -10.35
C TYR G 126 -39.03 2.56 -9.06
N GLU G 127 -40.21 1.96 -8.89
CA GLU G 127 -40.58 1.30 -7.65
C GLU G 127 -40.28 2.18 -6.41
N GLY G 128 -40.58 3.47 -6.50
CA GLY G 128 -40.33 4.40 -5.40
C GLY G 128 -38.95 5.03 -5.42
N HIS G 129 -37.95 4.25 -5.82
CA HIS G 129 -36.55 4.69 -5.76
C HIS G 129 -36.21 5.73 -6.83
N TYR G 130 -35.28 6.61 -6.49
CA TYR G 130 -34.84 7.66 -7.40
C TYR G 130 -34.17 7.13 -8.66
N ILE G 131 -34.55 7.68 -9.80
CA ILE G 131 -33.68 7.64 -10.98
C ILE G 131 -32.81 8.88 -10.93
N TYR G 132 -31.64 8.74 -10.30
CA TYR G 132 -30.71 9.84 -10.08
C TYR G 132 -30.19 10.40 -11.39
N GLN G 133 -30.10 11.72 -11.48
CA GLN G 133 -29.63 12.37 -12.72
C GLN G 133 -29.02 13.75 -12.45
N LYS G 134 -28.33 14.29 -13.45
CA LYS G 134 -27.68 15.58 -13.33
C LYS G 134 -28.73 16.69 -13.46
N THR G 135 -28.67 17.66 -12.55
CA THR G 135 -29.58 18.81 -12.55
C THR G 135 -28.95 20.03 -13.19
N ASP G 136 -27.89 19.83 -13.97
CA ASP G 136 -27.28 20.92 -14.72
C ASP G 136 -28.26 21.39 -15.79
N ASN G 137 -28.50 20.50 -16.75
CA ASN G 137 -28.99 20.90 -18.07
C ASN G 137 -30.06 19.96 -18.61
N PRO G 138 -30.90 20.47 -19.53
CA PRO G 138 -32.00 19.68 -20.10
C PRO G 138 -31.57 18.46 -20.94
N SER G 139 -30.27 18.29 -21.18
CA SER G 139 -29.77 17.08 -21.85
C SER G 139 -29.95 15.86 -20.97
N ASN G 140 -29.30 15.87 -19.81
CA ASN G 140 -29.37 14.73 -18.88
C ASN G 140 -30.61 14.76 -17.98
N ILE G 142 -33.59 13.29 -18.21
CA ILE G 142 -34.32 12.20 -18.85
C ILE G 142 -35.69 11.95 -18.23
N GLY G 143 -35.87 12.32 -16.97
CA GLY G 143 -37.07 11.97 -16.25
C GLY G 143 -37.18 12.80 -15.00
N GLN G 144 -37.45 14.08 -15.20
CA GLN G 144 -37.63 15.02 -14.10
C GLN G 144 -38.81 15.94 -14.37
N VAL G 145 -39.37 16.46 -13.28
CA VAL G 145 -40.22 17.65 -13.33
C VAL G 145 -39.47 18.79 -12.65
N VAL G 146 -39.57 19.99 -13.21
CA VAL G 146 -38.98 21.17 -12.59
C VAL G 146 -39.96 22.33 -12.57
N LEU G 147 -40.41 22.71 -11.38
CA LEU G 147 -41.33 23.82 -11.22
C LEU G 147 -40.54 25.10 -11.19
N HIS G 148 -41.09 26.16 -11.77
CA HIS G 148 -40.50 27.49 -11.70
C HIS G 148 -41.40 28.42 -10.87
N LEU G 149 -40.81 29.14 -9.92
CA LEU G 149 -41.57 30.02 -9.02
C LEU G 149 -41.11 31.47 -9.18
N ASN G 150 -42.04 32.42 -9.01
CA ASN G 150 -41.68 33.82 -8.78
C ASN G 150 -42.50 34.37 -7.63
N GLY G 151 -41.81 35.21 -6.86
CA GLY G 151 -42.43 36.24 -6.04
C GLY G 151 -42.76 35.76 -4.66
N LYS G 152 -43.95 35.16 -4.53
CA LYS G 152 -44.44 34.67 -3.25
C LYS G 152 -44.37 33.17 -3.14
N ASN G 153 -43.38 32.56 -3.77
CA ASN G 153 -43.35 31.10 -3.91
C ASN G 153 -44.70 30.60 -4.45
N GLU G 154 -44.97 30.96 -5.71
CA GLU G 154 -46.16 30.50 -6.44
C GLU G 154 -45.68 29.95 -7.75
N VAL G 155 -46.13 28.76 -8.12
CA VAL G 155 -45.62 28.08 -9.30
C VAL G 155 -46.17 28.67 -10.60
N VAL G 156 -45.29 29.29 -11.39
CA VAL G 156 -45.69 29.92 -12.65
C VAL G 156 -45.74 28.91 -13.79
N SER G 157 -44.77 28.01 -13.83
CA SER G 157 -44.65 27.04 -14.92
C SER G 157 -43.85 25.80 -14.50
N TYR G 158 -43.87 24.78 -15.33
CA TYR G 158 -43.08 23.60 -15.07
C TYR G 158 -42.46 23.07 -16.35
N ASP G 159 -41.44 22.22 -16.18
CA ASP G 159 -40.75 21.56 -17.29
C ASP G 159 -40.87 20.09 -17.01
N GLN G 160 -41.09 19.28 -18.05
CA GLN G 160 -41.31 17.84 -17.84
C GLN G 160 -40.69 16.93 -18.91
N THR G 161 -40.04 15.87 -18.40
CA THR G 161 -39.56 14.77 -19.22
C THR G 161 -40.05 13.52 -18.51
N THR G 162 -40.29 12.43 -19.26
CA THR G 162 -40.83 11.23 -18.65
C THR G 162 -40.44 9.96 -19.38
N LEU G 163 -40.04 8.96 -18.59
CA LEU G 163 -39.69 7.63 -19.07
C LEU G 163 -40.94 6.77 -18.98
N GLU G 164 -41.09 5.84 -19.92
CA GLU G 164 -42.24 4.94 -19.96
C GLU G 164 -41.85 3.60 -20.55
N THR G 165 -42.70 2.60 -20.36
CA THR G 165 -42.44 1.26 -20.87
C THR G 165 -41.15 0.69 -20.27
N PHE G 166 -41.18 0.39 -18.97
CA PHE G 166 -39.98 -0.05 -18.26
C PHE G 166 -39.78 -1.56 -18.39
N LYS G 167 -38.98 -1.96 -19.36
CA LYS G 167 -38.62 -3.38 -19.53
C LYS G 167 -37.49 -3.76 -18.58
N GLN G 168 -37.72 -4.75 -17.71
CA GLN G 168 -36.67 -5.30 -16.86
C GLN G 168 -36.01 -6.39 -17.67
N ILE G 169 -34.85 -6.09 -18.27
CA ILE G 169 -34.27 -6.99 -19.29
C ILE G 169 -33.43 -8.11 -18.70
N GLN G 170 -32.45 -7.77 -17.88
CA GLN G 170 -31.54 -8.76 -17.32
C GLN G 170 -31.65 -8.75 -15.82
N LYS G 171 -31.60 -9.93 -15.22
CA LYS G 171 -31.68 -10.10 -13.78
C LYS G 171 -30.27 -10.43 -13.30
N GLU G 172 -29.79 -9.72 -12.31
CA GLU G 172 -28.44 -9.92 -11.82
C GLU G 172 -28.38 -9.82 -10.32
N SER G 173 -27.33 -10.42 -9.77
CA SER G 173 -27.09 -10.37 -8.35
C SER G 173 -26.42 -9.04 -8.06
N LEU G 174 -26.86 -8.37 -6.99
CA LEU G 174 -26.31 -7.08 -6.61
C LEU G 174 -25.23 -7.21 -5.53
N ILE G 175 -24.27 -6.28 -5.58
CA ILE G 175 -23.29 -6.14 -4.51
C ILE G 175 -24.05 -5.57 -3.33
N THR G 176 -23.59 -5.84 -2.11
CA THR G 176 -24.29 -5.38 -0.90
C THR G 176 -23.99 -3.91 -0.58
N GLU G 177 -24.72 -3.37 0.40
CA GLU G 177 -24.46 -2.04 0.93
C GLU G 177 -22.99 -1.92 1.40
N ASP G 179 -20.33 -3.96 0.59
CA ASP G 179 -19.52 -4.11 -0.61
C ASP G 179 -19.22 -2.76 -1.27
N ALA G 180 -20.26 -1.96 -1.46
CA ALA G 180 -20.10 -0.64 -2.05
C ALA G 180 -19.08 0.19 -1.26
N VAL G 181 -19.29 0.29 0.04
CA VAL G 181 -18.42 1.13 0.88
C VAL G 181 -16.98 0.60 0.89
N GLU G 182 -16.82 -0.71 0.92
CA GLU G 182 -15.48 -1.31 0.80
C GLU G 182 -14.86 -0.90 -0.52
N LEU G 183 -15.70 -0.83 -1.56
CA LEU G 183 -15.23 -0.49 -2.88
C LEU G 183 -14.77 0.97 -2.96
N LEU G 184 -15.49 1.87 -2.30
CA LEU G 184 -15.09 3.28 -2.29
C LEU G 184 -13.70 3.42 -1.69
N TYR G 185 -13.49 2.83 -0.51
CA TYR G 185 -12.20 2.92 0.18
C TYR G 185 -11.08 2.47 -0.72
N TYR G 186 -11.27 1.30 -1.33
CA TYR G 186 -10.31 0.74 -2.27
C TYR G 186 -9.88 1.75 -3.32
N GLN G 187 -10.83 2.55 -3.83
CA GLN G 187 -10.54 3.58 -4.84
C GLN G 187 -10.07 4.91 -4.25
N ASN G 188 -9.65 4.89 -2.97
CA ASN G 188 -9.01 6.03 -2.32
C ASN G 188 -9.93 7.24 -2.11
N GLN G 189 -11.24 7.01 -2.02
CA GLN G 189 -12.23 8.08 -1.96
C GLN G 189 -12.59 8.47 -0.54
N LEU G 190 -12.38 7.56 0.42
CA LEU G 190 -12.71 7.84 1.83
C LEU G 190 -11.51 8.32 2.63
N LYS G 191 -11.56 9.59 3.06
CA LYS G 191 -10.54 10.13 3.94
C LYS G 191 -10.60 9.49 5.32
N GLU G 192 -9.44 9.38 5.98
CA GLU G 192 -9.38 8.86 7.34
C GLU G 192 -10.36 9.60 8.26
N TYR G 193 -10.84 8.93 9.29
CA TYR G 193 -11.73 9.54 10.30
C TYR G 193 -13.08 9.99 9.73
N SER G 194 -13.63 9.22 8.80
CA SER G 194 -14.88 9.57 8.12
C SER G 194 -16.01 8.60 8.47
N THR G 195 -17.24 8.99 8.15
CA THR G 195 -18.43 8.25 8.54
C THR G 195 -19.39 8.07 7.38
N VAL G 196 -19.92 6.86 7.21
CA VAL G 196 -20.96 6.64 6.22
C VAL G 196 -22.32 6.88 6.87
N LYS G 197 -22.95 7.98 6.49
CA LYS G 197 -24.24 8.37 7.05
C LYS G 197 -25.35 7.55 6.46
N SER G 198 -25.42 7.52 5.14
CA SER G 198 -26.50 6.81 4.47
C SER G 198 -26.02 6.01 3.25
N CYS G 199 -26.91 5.14 2.79
CA CYS G 199 -26.62 4.25 1.68
C CYS G 199 -27.94 3.87 1.03
N LYS G 200 -28.45 4.77 0.20
CA LYS G 200 -29.75 4.61 -0.41
C LYS G 200 -29.59 3.98 -1.78
N PHE G 201 -30.64 3.34 -2.24
CA PHE G 201 -30.61 2.57 -3.49
C PHE G 201 -31.43 3.27 -4.55
N GLY G 202 -30.97 3.20 -5.79
CA GLY G 202 -31.70 3.82 -6.89
C GLY G 202 -31.14 3.46 -8.24
N TYR G 203 -31.39 4.31 -9.24
CA TYR G 203 -31.01 4.02 -10.61
C TYR G 203 -30.32 5.20 -11.29
N VAL G 204 -29.45 4.91 -12.26
CA VAL G 204 -28.85 5.92 -13.13
C VAL G 204 -28.88 5.50 -14.58
N ALA G 205 -28.94 6.49 -15.47
CA ALA G 205 -28.88 6.23 -16.90
C ALA G 205 -27.47 5.85 -17.25
N GLN G 206 -27.24 4.58 -17.56
CA GLN G 206 -25.90 4.13 -17.88
C GLN G 206 -25.36 4.84 -19.12
N TYR G 207 -26.16 4.85 -20.19
CA TYR G 207 -25.86 5.63 -21.39
C TYR G 207 -27.16 6.00 -22.11
N PRO G 208 -27.09 6.86 -23.15
CA PRO G 208 -28.26 7.04 -24.03
C PRO G 208 -28.33 6.02 -25.18
N LEU G 209 -29.54 5.67 -25.63
CA LEU G 209 -29.73 4.74 -26.78
C LEU G 209 -30.89 5.18 -27.71
N THR G 210 -30.57 5.97 -28.73
CA THR G 210 -31.54 6.73 -29.55
C THR G 210 -32.54 7.48 -28.63
N SER G 211 -33.83 7.15 -28.74
CA SER G 211 -34.82 7.58 -27.77
C SER G 211 -34.53 6.89 -26.43
N THR G 212 -34.56 5.55 -26.44
CA THR G 212 -34.43 4.71 -25.24
C THR G 212 -33.27 5.07 -24.31
N GLN G 213 -33.51 4.93 -23.01
CA GLN G 213 -32.45 4.97 -22.00
C GLN G 213 -32.29 3.58 -21.36
N VAL G 214 -31.11 3.32 -20.80
CA VAL G 214 -30.83 2.05 -20.12
C VAL G 214 -30.34 2.30 -18.72
N LEU G 215 -31.07 1.77 -17.74
CA LEU G 215 -30.86 2.09 -16.33
C LEU G 215 -30.12 1.00 -15.60
N ALA G 216 -29.30 1.39 -14.64
CA ALA G 216 -28.51 0.43 -13.86
C ALA G 216 -28.61 0.75 -12.38
N PRO G 217 -28.75 -0.29 -11.56
CA PRO G 217 -28.93 -0.08 -10.14
C PRO G 217 -27.67 0.44 -9.46
N VAL G 218 -27.83 1.39 -8.55
CA VAL G 218 -26.72 2.05 -7.90
C VAL G 218 -26.95 2.22 -6.41
N TRP G 219 -25.84 2.28 -5.67
CA TRP G 219 -25.86 2.72 -4.27
C TRP G 219 -25.40 4.18 -4.18
N ARG G 220 -26.23 5.03 -3.56
CA ARG G 220 -25.87 6.42 -3.25
C ARG G 220 -25.31 6.45 -1.85
N ILE G 221 -24.05 6.84 -1.73
CA ILE G 221 -23.38 6.81 -0.44
C ILE G 221 -23.00 8.21 0.02
N THR G 222 -23.38 8.53 1.26
CA THR G 222 -23.12 9.81 1.86
C THR G 222 -22.13 9.63 2.97
N VAL G 223 -20.97 10.24 2.83
CA VAL G 223 -19.95 10.19 3.85
C VAL G 223 -19.66 11.61 4.33
N GLU G 224 -19.29 11.76 5.61
CA GLU G 224 -18.84 13.06 6.12
C GLU G 224 -17.56 12.97 6.95
N TYR G 225 -16.76 14.04 6.88
CA TYR G 225 -15.38 14.09 7.38
C TYR G 225 -15.01 15.53 7.73
N GLU G 226 -13.75 15.78 8.06
CA GLU G 226 -13.25 17.15 8.33
C GLU G 226 -12.99 17.94 7.05
N THR G 235 -16.67 19.95 8.89
CA THR G 235 -17.61 18.84 8.77
C THR G 235 -18.40 18.88 7.45
N VAL G 236 -17.77 18.45 6.36
CA VAL G 236 -18.38 18.50 5.01
C VAL G 236 -18.96 17.14 4.64
N GLN G 237 -19.97 17.15 3.77
CA GLN G 237 -20.53 15.91 3.22
C GLN G 237 -20.06 15.71 1.77
N GLU G 238 -19.88 14.44 1.39
CA GLU G 238 -19.58 14.03 0.00
C GLU G 238 -20.54 12.94 -0.44
N TYR G 239 -20.91 12.96 -1.71
CA TYR G 239 -21.85 11.99 -2.24
C TYR G 239 -21.14 11.11 -3.24
N PHE G 240 -21.52 9.83 -3.29
CA PHE G 240 -20.97 8.90 -4.26
C PHE G 240 -22.07 8.07 -4.87
N THR G 241 -21.91 7.73 -6.14
CA THR G 241 -22.80 6.76 -6.76
C THR G 241 -21.95 5.55 -7.17
N VAL G 242 -22.22 4.42 -6.53
CA VAL G 242 -21.52 3.18 -6.82
C VAL G 242 -22.45 2.21 -7.54
N ASN G 243 -21.93 1.56 -8.57
CA ASN G 243 -22.68 0.60 -9.35
C ASN G 243 -22.98 -0.65 -8.51
N ALA G 244 -24.23 -1.10 -8.53
CA ALA G 244 -24.65 -2.27 -7.76
C ALA G 244 -24.40 -3.58 -8.50
N LEU G 245 -24.29 -3.52 -9.82
CA LEU G 245 -24.08 -4.70 -10.64
C LEU G 245 -22.69 -5.25 -10.42
N GLU G 246 -22.57 -6.58 -10.58
CA GLU G 246 -21.35 -7.32 -10.24
C GLU G 246 -20.57 -7.84 -11.45
N SER G 247 -21.13 -7.64 -12.65
CA SER G 247 -20.67 -8.38 -13.86
C SER G 247 -19.40 -7.83 -14.53
N THR G 248 -18.28 -8.50 -14.26
CA THR G 248 -17.00 -8.17 -14.87
C THR G 248 -16.44 -9.34 -15.72
N ILE G 249 -16.79 -10.58 -15.37
CA ILE G 249 -16.52 -11.75 -16.22
C ILE G 249 -17.74 -12.13 -17.03
N LEU G 250 -17.50 -12.59 -18.27
CA LEU G 250 -18.54 -12.95 -19.21
C LEU G 250 -18.37 -14.41 -19.68
N ASP G 251 -19.38 -14.90 -20.39
CA ASP G 251 -19.42 -16.28 -20.90
C ASP G 251 -18.40 -16.48 -22.03
N THR G 252 -17.64 -17.58 -21.98
CA THR G 252 -16.80 -18.00 -23.13
C THR G 252 -16.61 -19.52 -23.14
N LYS H 8 19.04 -13.97 -2.09
CA LYS H 8 18.99 -12.71 -1.30
C LYS H 8 17.58 -12.10 -1.32
N GLU H 9 17.18 -11.59 -0.15
CA GLU H 9 15.90 -10.92 0.07
C GLU H 9 16.14 -9.47 0.50
N TYR H 10 17.20 -9.23 1.27
CA TYR H 10 17.67 -7.87 1.55
C TYR H 10 17.68 -7.00 0.28
N GLU H 11 18.08 -7.58 -0.85
CA GLU H 11 18.03 -6.85 -2.11
C GLU H 11 16.59 -6.67 -2.58
N VAL H 12 15.87 -7.78 -2.76
CA VAL H 12 14.46 -7.72 -3.18
C VAL H 12 13.68 -6.60 -2.48
N ILE H 13 13.92 -6.42 -1.18
CA ILE H 13 13.24 -5.39 -0.41
C ILE H 13 13.80 -4.00 -0.69
N LYS H 14 15.12 -3.90 -0.78
CA LYS H 14 15.77 -2.60 -0.97
C LYS H 14 15.24 -1.90 -2.20
N ASN H 15 15.12 -2.61 -3.32
CA ASN H 15 14.63 -2.00 -4.55
C ASN H 15 13.10 -2.06 -4.72
N ASP H 16 12.41 -2.77 -3.83
CA ASP H 16 10.97 -2.56 -3.66
C ASP H 16 10.78 -1.17 -3.02
N VAL H 17 11.70 -0.81 -2.14
CA VAL H 17 11.68 0.48 -1.50
C VAL H 17 12.20 1.55 -2.47
N GLU H 18 13.26 1.24 -3.21
CA GLU H 18 13.82 2.14 -4.23
C GLU H 18 12.76 2.52 -5.26
N HIS H 19 11.88 1.57 -5.58
CA HIS H 19 10.72 1.83 -6.44
C HIS H 19 9.72 2.75 -5.75
N ASP H 20 9.31 2.36 -4.54
CA ASP H 20 8.30 3.12 -3.78
C ASP H 20 8.72 4.57 -3.53
N LYS H 22 11.00 6.43 -5.45
CA LYS H 22 10.92 7.08 -6.74
C LYS H 22 9.47 7.43 -7.07
N ALA H 23 8.56 6.50 -6.78
CA ALA H 23 7.13 6.72 -7.02
C ALA H 23 6.59 7.96 -6.31
N ASP H 24 6.99 8.16 -5.06
CA ASP H 24 6.53 9.31 -4.26
C ASP H 24 7.32 10.60 -4.53
N HIS H 25 8.13 10.59 -5.60
CA HIS H 25 8.91 11.76 -6.01
C HIS H 25 9.77 12.31 -4.86
N ILE H 26 10.75 11.51 -4.43
CA ILE H 26 11.68 11.90 -3.36
C ILE H 26 13.14 11.91 -3.85
N THR H 27 13.85 13.01 -3.59
CA THR H 27 15.19 13.26 -4.15
C THR H 27 16.34 12.95 -3.19
N TYR H 28 17.20 12.03 -3.60
CA TYR H 28 18.24 11.44 -2.75
C TYR H 28 19.65 11.53 -3.34
N GLU H 29 20.00 12.69 -3.89
CA GLU H 29 21.32 12.88 -4.50
C GLU H 29 22.28 13.61 -3.55
N GLY H 30 23.57 13.48 -3.82
CA GLY H 30 24.61 13.93 -2.91
C GLY H 30 24.73 12.96 -1.74
N LEU H 31 24.35 11.71 -1.96
CA LEU H 31 24.28 10.70 -0.92
C LEU H 31 25.25 9.56 -1.17
N ASN H 32 26.32 9.50 -0.37
CA ASN H 32 27.31 8.42 -0.43
C ASN H 32 26.61 7.05 -0.40
N LYS H 33 26.78 6.29 -1.48
CA LYS H 33 26.24 4.92 -1.61
C LYS H 33 27.25 3.89 -1.07
N GLU H 34 28.47 4.35 -0.78
CA GLU H 34 29.59 3.50 -0.33
C GLU H 34 29.72 3.49 1.20
N ALA H 35 29.88 2.30 1.76
CA ALA H 35 29.95 2.13 3.22
C ALA H 35 31.27 2.63 3.77
N THR H 36 31.26 3.13 5.01
CA THR H 36 32.48 3.55 5.67
C THR H 36 32.60 2.87 7.03
N GLU H 37 33.74 3.07 7.69
CA GLU H 37 34.01 2.47 8.98
C GLU H 37 33.69 3.45 10.10
N GLY H 38 33.47 2.91 11.29
CA GLY H 38 33.11 3.73 12.46
C GLY H 38 33.46 3.06 13.77
N TYR H 39 33.47 3.84 14.85
CA TYR H 39 33.88 3.34 16.15
C TYR H 39 32.79 3.61 17.18
N ARG H 40 32.64 2.71 18.15
CA ARG H 40 31.92 3.02 19.38
C ARG H 40 32.93 3.68 20.30
N ILE H 41 32.58 4.82 20.85
CA ILE H 41 33.49 5.52 21.75
C ILE H 41 32.88 5.57 23.14
N THR H 42 33.75 5.61 24.14
CA THR H 42 33.32 5.83 25.51
C THR H 42 34.10 7.01 26.07
N ALA H 43 33.49 7.74 27.00
CA ALA H 43 34.02 9.01 27.45
C ALA H 43 33.68 9.21 28.92
N ASN H 44 34.64 9.69 29.69
CA ASN H 44 34.40 9.95 31.11
C ASN H 44 33.77 11.32 31.27
N GLN H 45 32.93 11.46 32.29
CA GLN H 45 32.24 12.71 32.60
C GLN H 45 33.14 13.57 33.50
N LYS H 46 33.68 14.66 32.95
CA LYS H 46 34.66 15.49 33.64
C LYS H 46 34.19 15.94 35.02
N SER H 47 34.90 15.50 36.06
CA SER H 47 34.74 16.01 37.41
C SER H 47 35.62 17.26 37.57
N PHE H 48 35.01 18.39 37.92
CA PHE H 48 35.74 19.65 38.06
C PHE H 48 36.33 19.88 39.45
N SER H 49 37.62 20.17 39.47
CA SER H 49 38.38 20.28 40.72
C SER H 49 38.31 21.69 41.27
N LYS H 50 38.60 21.80 42.57
CA LYS H 50 38.74 23.10 43.22
C LYS H 50 39.54 24.04 42.31
N GLU H 51 40.69 23.57 41.86
CA GLU H 51 41.69 24.43 41.25
C GLU H 51 41.40 24.75 39.79
N GLU H 52 40.72 23.83 39.09
CA GLU H 52 40.27 24.09 37.73
C GLU H 52 39.28 25.26 37.74
N ILE H 53 38.45 25.29 38.79
CA ILE H 53 37.41 26.28 38.94
C ILE H 53 37.97 27.66 39.25
N GLU H 54 38.76 27.78 40.30
CA GLU H 54 39.35 29.06 40.66
C GLU H 54 40.41 29.50 39.64
N ALA H 55 40.88 28.57 38.82
CA ALA H 55 41.76 28.90 37.69
C ALA H 55 41.07 29.79 36.65
N LEU H 56 39.73 29.86 36.70
CA LEU H 56 38.97 30.70 35.78
C LEU H 56 39.06 32.14 36.24
N LYS H 57 39.92 32.91 35.60
CA LYS H 57 40.12 34.31 35.95
C LYS H 57 38.87 35.12 35.62
N ASP H 58 38.51 36.01 36.55
CA ASP H 58 37.37 36.94 36.41
C ASP H 58 36.00 36.26 36.30
N GLN H 59 35.86 35.10 36.94
CA GLN H 59 34.61 34.35 36.98
C GLN H 59 34.31 33.87 38.40
N LYS H 60 33.06 33.98 38.83
CA LYS H 60 32.64 33.45 40.13
C LYS H 60 31.69 32.29 39.88
N PRO H 61 31.87 31.17 40.60
CA PRO H 61 30.90 30.07 40.48
C PRO H 61 29.54 30.42 41.10
N LEU H 62 28.47 29.94 40.48
CA LEU H 62 27.12 30.07 41.03
C LEU H 62 26.61 28.69 41.48
N ASP H 64 27.64 24.77 43.78
CA ASP H 64 28.32 24.25 44.97
C ASP H 64 29.69 23.68 44.62
N PRO H 66 33.27 21.30 44.99
CA PRO H 66 33.56 19.89 45.24
C PRO H 66 34.13 19.67 46.63
N SER H 67 33.99 18.45 47.13
CA SER H 67 34.45 18.11 48.46
C SER H 67 34.62 16.61 48.57
N ASP H 68 35.15 16.15 49.70
CA ASP H 68 35.16 14.73 50.03
C ASP H 68 33.80 14.15 49.62
N ASP H 69 32.76 14.88 50.01
CA ASP H 69 31.38 14.45 49.85
C ASP H 69 30.82 14.61 48.43
N HIS H 70 31.30 15.59 47.67
CA HIS H 70 30.63 15.97 46.40
C HIS H 70 31.57 16.13 45.19
N LYS H 71 31.05 15.82 44.00
CA LYS H 71 31.77 16.01 42.73
C LYS H 71 31.00 16.94 41.80
N VAL H 72 31.62 18.06 41.42
CA VAL H 72 31.00 19.03 40.52
C VAL H 72 31.23 18.68 39.05
N THR H 73 30.22 18.09 38.42
CA THR H 73 30.31 17.66 37.03
C THR H 73 29.49 18.53 36.08
N SER H 74 28.86 19.57 36.63
CA SER H 74 28.11 20.56 35.85
C SER H 74 28.50 21.94 36.38
N LEU H 75 29.14 22.73 35.53
CA LEU H 75 29.60 24.08 35.90
C LEU H 75 28.49 25.11 35.66
N LYS H 76 28.50 26.13 36.52
CA LYS H 76 27.64 27.29 36.36
C LYS H 76 28.44 28.52 36.83
N LYS H 78 29.44 32.67 36.61
CA LYS H 78 29.10 34.05 36.25
C LYS H 78 30.35 34.82 35.88
N PHE H 79 30.23 35.67 34.87
CA PHE H 79 31.33 36.54 34.47
C PHE H 79 31.34 37.77 35.34
N ALA H 80 32.50 38.09 35.89
CA ALA H 80 32.67 39.28 36.74
C ALA H 80 32.03 40.48 36.05
N ASN H 81 32.46 40.67 34.81
CA ASN H 81 31.97 41.73 33.95
C ASN H 81 31.43 41.06 32.70
N PRO H 82 30.13 41.22 32.42
CA PRO H 82 29.50 40.47 31.33
C PRO H 82 30.06 40.89 29.98
N ILE H 83 30.03 39.98 29.01
CA ILE H 83 30.75 40.15 27.77
C ILE H 83 29.83 40.48 26.60
N ALA H 84 29.94 41.71 26.09
CA ALA H 84 29.18 42.13 24.94
C ALA H 84 29.48 41.25 23.73
N LEU H 85 28.44 40.92 22.99
CA LEU H 85 28.57 40.24 21.70
C LEU H 85 28.04 41.16 20.60
N SER H 86 28.57 40.97 19.39
CA SER H 86 28.15 41.73 18.24
C SER H 86 26.68 41.50 17.93
N LYS H 87 26.18 42.31 17.02
CA LYS H 87 24.77 42.39 16.70
C LYS H 87 24.52 41.48 15.51
N LYS H 88 25.29 41.71 14.44
CA LYS H 88 25.07 41.09 13.14
C LYS H 88 26.01 39.89 12.91
N ASP H 89 26.94 39.71 13.84
CA ASP H 89 27.95 38.65 13.71
C ASP H 89 27.95 37.74 14.94
N ILE H 90 26.85 37.78 15.68
CA ILE H 90 26.74 37.13 17.00
C ILE H 90 27.40 35.76 17.18
N GLU H 91 27.41 34.93 16.14
CA GLU H 91 27.88 33.54 16.28
C GLU H 91 29.41 33.42 16.38
N ASP H 92 30.13 34.15 15.54
CA ASP H 92 31.60 34.18 15.62
C ASP H 92 32.06 34.73 16.96
N ASP H 93 31.41 35.80 17.39
CA ASP H 93 31.72 36.42 18.66
C ASP H 93 31.60 35.44 19.82
N ALA H 94 30.59 34.58 19.74
CA ALA H 94 30.35 33.57 20.76
C ALA H 94 31.43 32.50 20.74
N GLN H 95 31.72 31.93 19.57
CA GLN H 95 32.79 30.93 19.46
C GLN H 95 34.03 31.48 20.14
N ALA H 96 34.42 32.67 19.70
CA ALA H 96 35.59 33.37 20.23
C ALA H 96 35.57 33.39 21.75
N LEU H 97 34.44 33.77 22.33
CA LEU H 97 34.28 33.80 23.78
C LEU H 97 34.59 32.43 24.39
N VAL H 98 33.97 31.41 23.84
CA VAL H 98 34.12 30.05 24.35
C VAL H 98 35.56 29.57 24.18
N SER H 99 36.05 29.61 22.95
CA SER H 99 37.42 29.26 22.61
C SER H 99 38.48 29.90 23.52
N SER H 100 38.24 31.13 23.97
CA SER H 100 39.28 31.86 24.71
C SER H 100 39.10 31.84 26.22
N LYS H 101 37.87 31.69 26.71
CA LYS H 101 37.61 31.88 28.13
C LYS H 101 37.12 30.67 28.89
N ILE H 102 36.53 29.69 28.22
CA ILE H 102 36.03 28.51 28.89
C ILE H 102 36.98 27.34 28.74
N GLN H 103 37.04 26.50 29.78
CA GLN H 103 37.94 25.37 29.80
C GLN H 103 37.63 24.42 28.65
N ASP H 104 38.66 23.94 27.96
CA ASP H 104 38.48 23.08 26.81
C ASP H 104 37.52 23.69 25.78
N GLY H 105 37.41 25.02 25.76
CA GLY H 105 36.50 25.72 24.85
C GLY H 105 36.65 25.33 23.39
N GLU H 106 37.88 25.07 22.97
CA GLU H 106 38.17 24.66 21.59
C GLU H 106 37.35 23.46 21.16
N LYS H 107 37.02 22.58 22.11
CA LYS H 107 36.39 21.30 21.79
C LYS H 107 34.87 21.45 21.58
N TYR H 108 34.35 22.68 21.43
CA TYR H 108 32.91 22.92 21.29
C TYR H 108 32.55 23.65 19.99
N LYS H 109 31.40 23.34 19.43
CA LYS H 109 30.94 23.99 18.20
C LYS H 109 29.49 24.48 18.36
N LEU H 110 29.21 25.67 17.81
CA LEU H 110 27.92 26.35 18.01
C LEU H 110 26.83 25.56 17.37
N TRP H 111 25.78 25.33 18.15
CA TRP H 111 24.66 24.51 17.71
C TRP H 111 23.45 25.35 17.38
N LYS H 112 23.17 26.35 18.22
CA LYS H 112 21.88 27.03 18.16
C LYS H 112 21.92 28.34 18.93
N VAL H 113 21.44 29.41 18.29
CA VAL H 113 21.16 30.67 18.97
C VAL H 113 19.64 30.71 19.22
N ASP H 114 19.24 30.66 20.48
CA ASP H 114 17.80 30.65 20.84
C ASP H 114 17.36 31.98 21.44
N LYS H 115 16.53 32.70 20.69
CA LYS H 115 16.14 34.03 21.07
C LYS H 115 15.18 33.99 22.24
N SER H 116 14.29 33.02 22.25
CA SER H 116 13.26 32.92 23.28
C SER H 116 13.81 32.56 24.66
N LYS H 117 14.82 31.72 24.70
CA LYS H 117 15.46 31.35 25.97
C LYS H 117 16.65 32.27 26.28
N LYS H 118 16.89 33.28 25.45
CA LYS H 118 18.02 34.19 25.63
C LYS H 118 19.30 33.42 25.95
N GLU H 119 19.67 32.50 25.06
CA GLU H 119 20.88 31.72 25.23
C GLU H 119 21.41 31.14 23.94
N ILE H 120 22.70 30.79 23.95
CA ILE H 120 23.40 30.17 22.81
C ILE H 120 24.00 28.83 23.24
N ILE H 121 23.70 27.79 22.45
CA ILE H 121 24.02 26.41 22.82
C ILE H 121 25.13 25.89 21.93
N PHE H 122 26.14 25.30 22.56
CA PHE H 122 27.28 24.69 21.88
C PHE H 122 27.29 23.23 22.24
N PHE H 123 27.53 22.36 21.27
CA PHE H 123 27.76 20.95 21.58
C PHE H 123 29.25 20.64 21.55
N GLN H 124 29.69 19.80 22.48
CA GLN H 124 31.02 19.22 22.38
C GLN H 124 31.12 18.44 21.07
N THR H 125 32.32 18.33 20.53
CA THR H 125 32.48 17.62 19.28
C THR H 125 33.40 16.44 19.50
N TYR H 126 33.47 15.56 18.50
CA TYR H 126 34.48 14.52 18.47
C TYR H 126 35.05 14.46 17.06
N GLU H 127 36.37 14.57 16.97
CA GLU H 127 37.04 14.75 15.70
C GLU H 127 36.25 15.71 14.82
N GLY H 128 35.90 16.86 15.37
CA GLY H 128 35.18 17.88 14.63
C GLY H 128 33.67 17.68 14.56
N HIS H 129 33.22 16.43 14.60
CA HIS H 129 31.81 16.14 14.44
C HIS H 129 31.01 16.37 15.71
N TYR H 130 29.74 16.77 15.54
CA TYR H 130 28.85 17.02 16.67
C TYR H 130 28.60 15.75 17.49
N ILE H 131 28.50 15.93 18.82
CA ILE H 131 27.97 14.92 19.69
C ILE H 131 26.59 15.46 19.94
N TYR H 132 25.65 15.05 19.08
CA TYR H 132 24.27 15.51 19.09
C TYR H 132 23.59 15.09 20.36
N GLN H 133 22.77 15.98 20.92
CA GLN H 133 22.08 15.71 22.18
C GLN H 133 20.90 16.65 22.38
N LYS H 134 19.92 16.22 23.19
CA LYS H 134 18.72 17.00 23.45
C LYS H 134 19.08 18.23 24.25
N THR H 135 18.31 19.30 24.03
CA THR H 135 18.55 20.60 24.63
C THR H 135 17.43 20.97 25.62
N ASP H 136 16.65 19.97 26.01
CA ASP H 136 15.44 20.19 26.82
C ASP H 136 15.75 20.44 28.30
N ASN H 137 16.93 20.02 28.76
CA ASN H 137 17.26 20.06 30.19
C ASN H 137 18.72 19.70 30.47
N PRO H 138 19.19 19.97 31.71
CA PRO H 138 20.53 19.56 32.16
C PRO H 138 20.73 18.04 32.28
N SER H 139 19.65 17.29 32.42
CA SER H 139 19.70 15.83 32.40
C SER H 139 20.39 15.31 31.13
N ASN H 140 20.09 15.97 30.01
CA ASN H 140 20.56 15.56 28.68
C ASN H 140 21.81 16.29 28.21
N ILE H 142 25.21 16.08 28.49
CA ILE H 142 26.43 15.30 28.76
C ILE H 142 27.72 15.99 28.27
N GLY H 143 27.57 16.92 27.32
CA GLY H 143 28.70 17.67 26.78
C GLY H 143 28.28 18.92 26.03
N GLN H 144 27.81 19.93 26.76
CA GLN H 144 27.44 21.21 26.17
C GLN H 144 28.06 22.38 26.91
N VAL H 145 28.05 23.52 26.25
CA VAL H 145 28.25 24.81 26.89
C VAL H 145 27.09 25.68 26.45
N VAL H 146 26.41 26.28 27.42
CA VAL H 146 25.27 27.15 27.16
C VAL H 146 25.60 28.55 27.70
N LEU H 147 25.53 29.56 26.85
CA LEU H 147 25.78 30.94 27.26
C LEU H 147 24.44 31.63 27.48
N HIS H 148 24.29 32.34 28.60
CA HIS H 148 23.10 33.13 28.92
C HIS H 148 23.33 34.63 28.67
N LEU H 149 22.33 35.31 28.10
CA LEU H 149 22.43 36.73 27.73
C LEU H 149 21.38 37.63 28.42
N ASN H 150 21.76 38.89 28.70
CA ASN H 150 20.80 39.98 28.98
C ASN H 150 21.33 41.31 28.45
N GLY H 151 20.37 42.19 28.12
CA GLY H 151 20.62 43.59 27.80
C GLY H 151 20.52 43.75 26.31
N LYS H 152 21.66 44.05 25.69
CA LYS H 152 21.85 43.77 24.27
C LYS H 152 23.01 42.79 24.17
N ASN H 153 22.70 41.50 24.25
CA ASN H 153 23.64 40.45 23.94
C ASN H 153 24.94 40.54 24.74
N GLU H 154 24.82 40.67 26.05
CA GLU H 154 26.00 40.58 26.91
C GLU H 154 25.91 39.23 27.62
N VAL H 155 26.88 38.35 27.39
CA VAL H 155 26.90 37.07 28.07
C VAL H 155 27.08 37.29 29.57
N VAL H 156 26.12 36.82 30.36
CA VAL H 156 26.07 37.08 31.79
C VAL H 156 26.72 35.93 32.56
N SER H 157 26.45 34.71 32.11
CA SER H 157 26.95 33.50 32.76
C SER H 157 26.92 32.35 31.76
N TYR H 158 27.43 31.17 32.14
CA TYR H 158 27.35 29.98 31.28
C TYR H 158 27.22 28.66 32.04
N ASP H 159 26.68 27.65 31.37
CA ASP H 159 26.62 26.29 31.89
C ASP H 159 27.58 25.44 31.06
N GLN H 160 28.29 24.51 31.70
CA GLN H 160 29.25 23.67 30.98
C GLN H 160 29.31 22.27 31.58
N THR H 161 29.21 21.27 30.71
CA THR H 161 29.59 19.92 31.04
C THR H 161 30.60 19.54 29.98
N THR H 162 31.45 18.54 30.26
CA THR H 162 32.52 18.16 29.32
C THR H 162 32.80 16.67 29.45
N LEU H 163 33.00 16.00 28.32
CA LEU H 163 33.44 14.61 28.31
C LEU H 163 34.94 14.61 28.10
N GLU H 164 35.63 13.66 28.74
CA GLU H 164 37.10 13.56 28.59
C GLU H 164 37.55 12.10 28.50
N THR H 165 38.80 11.92 28.13
CA THR H 165 39.42 10.60 28.07
C THR H 165 38.64 9.68 27.13
N PHE H 166 38.47 10.13 25.89
CA PHE H 166 37.82 9.30 24.88
C PHE H 166 38.64 8.05 24.61
N LYS H 167 37.97 6.94 24.35
CA LYS H 167 38.62 5.67 23.98
C LYS H 167 37.77 4.95 22.96
N GLN H 168 38.36 4.67 21.80
CA GLN H 168 37.69 3.93 20.74
C GLN H 168 37.77 2.46 21.10
N ILE H 169 36.64 1.91 21.56
CA ILE H 169 36.65 0.56 22.10
C ILE H 169 36.41 -0.48 21.01
N GLN H 170 35.67 -0.12 19.97
CA GLN H 170 35.26 -1.11 18.95
C GLN H 170 35.05 -0.52 17.56
N LYS H 171 35.73 -1.09 16.56
CA LYS H 171 35.56 -0.67 15.18
C LYS H 171 34.43 -1.48 14.57
N GLU H 172 33.60 -0.81 13.78
CA GLU H 172 32.37 -1.41 13.25
C GLU H 172 32.07 -0.94 11.84
N SER H 173 31.39 -1.80 11.10
CA SER H 173 30.88 -1.44 9.80
C SER H 173 29.71 -0.49 10.00
N LEU H 174 29.61 0.54 9.16
CA LEU H 174 28.50 1.49 9.25
C LEU H 174 27.60 1.38 8.06
N ILE H 175 26.36 1.84 8.22
CA ILE H 175 25.42 1.93 7.10
C ILE H 175 25.75 3.19 6.29
N THR H 176 25.34 3.20 5.03
CA THR H 176 25.62 4.31 4.13
C THR H 176 24.63 5.44 4.35
N GLU H 177 24.92 6.58 3.73
CA GLU H 177 24.00 7.71 3.74
C GLU H 177 22.70 7.32 3.03
N ASP H 179 21.53 4.23 2.89
CA ASP H 179 20.87 3.28 3.76
C ASP H 179 19.99 4.01 4.77
N ALA H 180 20.53 5.08 5.36
CA ALA H 180 19.78 5.81 6.38
C ALA H 180 18.49 6.40 5.81
N VAL H 181 18.57 6.95 4.61
CA VAL H 181 17.39 7.56 3.98
C VAL H 181 16.30 6.52 3.72
N GLU H 182 16.71 5.37 3.19
CA GLU H 182 15.77 4.28 2.96
C GLU H 182 15.14 3.84 4.27
N LEU H 183 15.90 3.87 5.35
CA LEU H 183 15.41 3.43 6.65
C LEU H 183 14.36 4.39 7.22
N LEU H 184 14.47 5.67 6.90
CA LEU H 184 13.45 6.66 7.29
C LEU H 184 12.18 6.46 6.49
N TYR H 185 12.33 6.29 5.18
CA TYR H 185 11.18 6.09 4.28
C TYR H 185 10.39 4.84 4.65
N TYR H 186 11.11 3.75 4.92
CA TYR H 186 10.55 2.50 5.43
C TYR H 186 9.71 2.78 6.65
N GLN H 187 10.29 3.49 7.62
CA GLN H 187 9.58 3.79 8.86
C GLN H 187 8.52 4.90 8.76
N ASN H 188 8.13 5.25 7.54
CA ASN H 188 6.92 6.05 7.34
C ASN H 188 7.12 7.53 7.69
N GLN H 189 8.34 8.03 7.62
CA GLN H 189 8.66 9.39 8.10
C GLN H 189 8.67 10.43 6.99
N LEU H 190 8.92 10.00 5.76
CA LEU H 190 9.04 10.92 4.64
C LEU H 190 7.73 11.07 3.90
N LYS H 191 7.27 12.30 3.76
CA LYS H 191 6.03 12.62 3.05
C LYS H 191 6.28 12.72 1.55
N GLU H 192 5.21 12.55 0.76
CA GLU H 192 5.30 12.64 -0.69
C GLU H 192 5.89 13.98 -1.14
N TYR H 193 6.66 13.96 -2.23
CA TYR H 193 7.30 15.15 -2.79
C TYR H 193 8.19 15.85 -1.76
N SER H 194 9.11 15.09 -1.16
CA SER H 194 10.05 15.64 -0.18
C SER H 194 11.51 15.52 -0.65
N THR H 195 12.39 16.32 -0.06
CA THR H 195 13.80 16.38 -0.45
C THR H 195 14.73 16.17 0.74
N VAL H 196 15.88 15.55 0.46
CA VAL H 196 16.90 15.35 1.46
C VAL H 196 17.97 16.41 1.27
N LYS H 197 18.00 17.40 2.15
CA LYS H 197 19.03 18.42 2.08
C LYS H 197 20.36 17.87 2.57
N SER H 198 20.56 17.84 3.88
CA SER H 198 21.83 17.40 4.46
C SER H 198 21.82 15.94 4.88
N CYS H 199 23.00 15.33 4.88
CA CYS H 199 23.21 14.08 5.57
C CYS H 199 24.57 14.15 6.30
N LYS H 200 24.55 14.68 7.51
CA LYS H 200 25.76 14.96 8.27
C LYS H 200 26.08 13.81 9.25
N PHE H 201 27.37 13.56 9.45
CA PHE H 201 27.83 12.55 10.40
C PHE H 201 28.07 13.10 11.81
N GLY H 202 27.90 12.24 12.81
CA GLY H 202 28.10 12.62 14.21
C GLY H 202 28.01 11.47 15.21
N TYR H 203 27.68 11.80 16.46
CA TYR H 203 27.54 10.81 17.52
C TYR H 203 26.42 11.17 18.49
N VAL H 204 25.92 10.16 19.22
CA VAL H 204 25.03 10.38 20.34
C VAL H 204 25.49 9.53 21.52
N ALA H 205 25.00 9.89 22.71
CA ALA H 205 25.13 9.03 23.88
C ALA H 205 24.08 7.94 23.80
N GLN H 206 24.51 6.70 23.61
CA GLN H 206 23.61 5.54 23.63
C GLN H 206 23.07 5.40 25.05
N TYR H 207 23.94 5.16 26.02
CA TYR H 207 23.54 5.03 27.41
C TYR H 207 24.66 5.55 28.33
N PRO H 208 24.36 5.72 29.63
CA PRO H 208 25.40 5.95 30.63
C PRO H 208 25.81 4.69 31.43
N LEU H 209 27.03 4.70 31.94
CA LEU H 209 27.49 3.73 32.95
C LEU H 209 28.21 4.53 34.03
N THR H 210 27.83 4.31 35.29
CA THR H 210 28.37 5.08 36.44
C THR H 210 28.71 6.53 36.06
N SER H 211 29.99 6.79 35.78
CA SER H 211 30.49 8.13 35.56
C SER H 211 31.03 8.21 34.13
N THR H 212 30.35 7.55 33.21
CA THR H 212 30.87 7.29 31.87
C THR H 212 29.72 7.27 30.89
N GLN H 213 29.99 7.61 29.63
CA GLN H 213 28.99 7.65 28.57
C GLN H 213 29.45 6.81 27.39
N VAL H 214 28.63 5.86 26.94
CA VAL H 214 28.93 5.08 25.74
C VAL H 214 28.34 5.82 24.54
N LEU H 215 29.19 6.13 23.57
CA LEU H 215 28.81 6.94 22.41
C LEU H 215 28.79 6.10 21.15
N ALA H 216 27.81 6.36 20.29
CA ALA H 216 27.69 5.61 19.05
C ALA H 216 27.44 6.57 17.90
N PRO H 217 28.04 6.28 16.74
CA PRO H 217 27.90 7.10 15.56
C PRO H 217 26.48 7.15 15.02
N VAL H 218 26.12 8.26 14.39
CA VAL H 218 24.79 8.50 13.84
C VAL H 218 24.84 9.37 12.58
N TRP H 219 23.73 9.40 11.85
CA TRP H 219 23.57 10.26 10.67
C TRP H 219 22.48 11.29 10.96
N ARG H 220 22.82 12.56 10.84
CA ARG H 220 21.82 13.63 10.93
C ARG H 220 21.27 13.89 9.54
N ILE H 221 19.96 13.77 9.41
CA ILE H 221 19.31 13.95 8.12
C ILE H 221 18.29 15.07 8.19
N THR H 222 18.45 16.04 7.29
CA THR H 222 17.49 17.13 7.14
C THR H 222 16.60 16.86 5.93
N VAL H 223 15.29 16.90 6.14
CA VAL H 223 14.33 16.77 5.05
C VAL H 223 13.52 18.05 5.00
N GLU H 224 12.95 18.37 3.84
CA GLU H 224 11.99 19.47 3.73
C GLU H 224 10.85 19.16 2.75
N TYR H 225 9.65 19.66 3.07
CA TYR H 225 8.41 19.20 2.45
C TYR H 225 7.30 20.26 2.65
N GLU H 226 6.04 19.89 2.38
CA GLU H 226 4.92 20.84 2.23
C GLU H 226 3.90 20.86 3.40
N LYS H 227 2.89 21.74 3.28
CA LYS H 227 1.74 21.77 4.20
C LYS H 227 0.66 22.75 3.70
N LYS H 234 4.81 27.32 3.29
CA LYS H 234 4.47 25.92 3.43
C LYS H 234 5.72 25.04 3.15
N THR H 235 6.86 25.41 3.73
CA THR H 235 8.10 24.65 3.55
C THR H 235 8.75 24.32 4.89
N VAL H 236 8.26 23.27 5.54
CA VAL H 236 8.77 22.86 6.84
C VAL H 236 10.11 22.16 6.66
N GLN H 237 10.91 22.13 7.73
CA GLN H 237 12.08 21.27 7.81
C GLN H 237 11.94 20.31 9.00
N GLU H 238 12.32 19.05 8.78
CA GLU H 238 12.30 18.02 9.83
C GLU H 238 13.71 17.48 10.01
N TYR H 239 14.07 17.17 11.26
CA TYR H 239 15.40 16.68 11.58
C TYR H 239 15.30 15.27 12.15
N PHE H 240 16.20 14.39 11.69
CA PHE H 240 16.16 12.98 12.04
C PHE H 240 17.54 12.47 12.43
N THR H 241 17.64 11.75 13.54
CA THR H 241 18.89 11.13 13.87
C THR H 241 18.76 9.63 13.75
N VAL H 242 19.49 9.07 12.78
CA VAL H 242 19.49 7.63 12.53
C VAL H 242 20.77 6.98 13.05
N ASN H 243 20.62 5.85 13.71
CA ASN H 243 21.75 5.06 14.16
C ASN H 243 22.52 4.54 12.95
N ALA H 244 23.84 4.55 13.05
CA ALA H 244 24.72 4.22 11.93
C ALA H 244 25.29 2.83 12.03
N LEU H 245 25.20 2.23 13.22
CA LEU H 245 25.73 0.88 13.41
C LEU H 245 24.85 -0.17 12.77
N GLU H 246 25.47 -1.16 12.12
CA GLU H 246 24.77 -2.12 11.26
C GLU H 246 24.55 -3.50 11.89
N SER H 247 24.69 -3.61 13.22
CA SER H 247 24.63 -4.95 13.84
C SER H 247 23.22 -5.43 14.24
N THR H 248 22.98 -6.73 14.11
CA THR H 248 21.72 -7.34 14.57
C THR H 248 21.80 -8.87 14.75
N ILE H 249 22.34 -9.60 13.76
CA ILE H 249 22.53 -11.07 13.90
C ILE H 249 23.90 -11.42 14.45
N LEU H 250 23.91 -11.82 15.72
CA LEU H 250 25.15 -12.09 16.43
C LEU H 250 25.59 -13.53 16.14
N ASP H 251 26.83 -13.83 16.52
CA ASP H 251 27.38 -15.18 16.33
C ASP H 251 26.60 -16.17 17.20
N THR H 252 26.16 -17.28 16.60
CA THR H 252 25.33 -18.27 17.30
C THR H 252 25.91 -19.68 17.19
N ASP H 253 26.13 -20.32 18.34
CA ASP H 253 26.77 -21.66 18.40
C ASP H 253 25.89 -22.71 17.70
N GLN H 254 26.33 -23.13 16.51
CA GLN H 254 25.57 -24.03 15.61
C GLN H 254 24.52 -23.25 14.78
N LYS I 8 10.78 -50.97 -16.43
CA LYS I 8 9.91 -51.98 -17.11
C LYS I 8 9.58 -53.21 -16.23
N GLU I 9 8.67 -54.03 -16.75
CA GLU I 9 8.25 -55.32 -16.16
C GLU I 9 7.95 -56.32 -17.26
N TYR I 10 7.55 -55.87 -18.45
CA TYR I 10 7.56 -56.80 -19.56
C TYR I 10 8.97 -57.06 -20.02
N GLU I 11 9.95 -56.47 -19.36
CA GLU I 11 11.32 -56.95 -19.55
C GLU I 11 11.46 -58.23 -18.75
N VAL I 12 11.24 -58.16 -17.45
CA VAL I 12 11.30 -59.37 -16.61
C VAL I 12 10.62 -60.56 -17.28
N ILE I 13 9.47 -60.32 -17.91
CA ILE I 13 8.68 -61.40 -18.51
C ILE I 13 9.17 -61.77 -19.90
N LYS I 14 9.64 -60.82 -20.69
CA LYS I 14 10.09 -61.17 -22.03
C LYS I 14 11.39 -61.92 -21.94
N ASN I 15 12.26 -61.50 -21.02
CA ASN I 15 13.49 -62.24 -20.81
C ASN I 15 13.29 -63.48 -19.88
N ASP I 16 12.12 -63.63 -19.24
CA ASP I 16 11.75 -64.92 -18.64
C ASP I 16 11.49 -65.94 -19.73
N VAL I 17 10.66 -65.55 -20.69
CA VAL I 17 10.30 -66.43 -21.80
C VAL I 17 11.53 -66.76 -22.65
N GLU I 18 12.42 -65.78 -22.77
CA GLU I 18 13.62 -65.92 -23.58
C GLU I 18 14.49 -67.03 -23.02
N HIS I 19 14.69 -66.99 -21.70
CA HIS I 19 15.50 -67.97 -20.98
C HIS I 19 14.90 -69.36 -21.03
N ASP I 20 13.61 -69.45 -20.73
CA ASP I 20 12.90 -70.72 -20.77
C ASP I 20 13.04 -71.38 -22.15
N LYS I 22 15.84 -70.93 -24.08
CA LYS I 22 17.22 -71.44 -24.07
C LYS I 22 17.31 -72.72 -23.26
N ALA I 23 16.48 -72.83 -22.22
CA ALA I 23 16.44 -74.04 -21.40
C ALA I 23 15.84 -75.24 -22.16
N ASP I 24 14.93 -74.99 -23.10
CA ASP I 24 14.36 -76.05 -23.93
C ASP I 24 15.07 -76.20 -25.28
N HIS I 25 16.21 -75.53 -25.46
CA HIS I 25 16.97 -75.66 -26.70
C HIS I 25 16.12 -75.43 -27.93
N ILE I 26 15.41 -74.31 -27.89
CA ILE I 26 14.75 -73.80 -29.07
C ILE I 26 15.72 -72.84 -29.72
N THR I 27 15.91 -73.01 -31.03
CA THR I 27 16.91 -72.30 -31.79
C THR I 27 16.21 -71.49 -32.85
N TYR I 28 16.44 -70.19 -32.86
CA TYR I 28 15.88 -69.30 -33.87
C TYR I 28 17.01 -68.38 -34.35
N GLU I 29 16.91 -67.87 -35.57
CA GLU I 29 17.95 -67.01 -36.13
C GLU I 29 17.38 -65.86 -36.93
N GLY I 30 17.95 -64.68 -36.72
CA GLY I 30 17.66 -63.51 -37.54
C GLY I 30 16.20 -63.13 -37.58
N LEU I 31 15.51 -63.24 -36.46
CA LEU I 31 14.12 -62.80 -36.37
C LEU I 31 14.13 -61.30 -36.11
N ASN I 32 13.20 -60.58 -36.74
CA ASN I 32 13.08 -59.16 -36.54
C ASN I 32 12.46 -58.86 -35.19
N LYS I 33 13.09 -57.96 -34.43
CA LYS I 33 12.65 -57.63 -33.10
C LYS I 33 11.95 -56.27 -33.12
N GLU I 34 11.80 -55.70 -34.30
CA GLU I 34 11.19 -54.38 -34.48
C GLU I 34 9.76 -54.50 -34.96
N ALA I 35 8.87 -53.73 -34.33
CA ALA I 35 7.48 -53.63 -34.76
C ALA I 35 7.43 -53.00 -36.13
N THR I 36 6.46 -53.41 -36.92
CA THR I 36 6.25 -52.91 -38.25
C THR I 36 4.77 -52.62 -38.42
N GLU I 37 4.43 -51.74 -39.36
CA GLU I 37 3.05 -51.29 -39.52
C GLU I 37 2.41 -52.08 -40.65
N GLY I 38 1.14 -52.47 -40.45
CA GLY I 38 0.41 -53.28 -41.42
C GLY I 38 -1.03 -52.87 -41.50
N TYR I 39 -1.86 -53.70 -42.12
CA TYR I 39 -3.28 -53.40 -42.23
C TYR I 39 -4.19 -54.59 -42.54
N ARG I 40 -5.43 -54.47 -42.10
CA ARG I 40 -6.49 -55.36 -42.54
C ARG I 40 -6.93 -54.92 -43.92
N ILE I 41 -7.36 -55.87 -44.73
CA ILE I 41 -7.84 -55.53 -46.05
C ILE I 41 -9.11 -56.29 -46.44
N THR I 42 -9.92 -55.70 -47.32
CA THR I 42 -11.11 -56.34 -47.87
C THR I 42 -10.90 -56.66 -49.34
N ALA I 43 -11.72 -57.56 -49.89
CA ALA I 43 -11.77 -57.78 -51.33
C ALA I 43 -13.06 -58.47 -51.77
N ASN I 44 -13.41 -58.29 -53.05
CA ASN I 44 -14.57 -58.96 -53.64
C ASN I 44 -14.16 -60.29 -54.23
N GLN I 45 -15.10 -61.23 -54.30
CA GLN I 45 -14.88 -62.48 -55.01
C GLN I 45 -15.18 -62.23 -56.49
N LYS I 46 -14.22 -62.51 -57.37
CA LYS I 46 -14.36 -62.10 -58.76
C LYS I 46 -15.46 -62.90 -59.40
N SER I 47 -16.43 -62.19 -59.98
CA SER I 47 -17.50 -62.84 -60.70
C SER I 47 -17.08 -62.95 -62.15
N PHE I 48 -17.12 -64.16 -62.68
CA PHE I 48 -16.69 -64.41 -64.05
C PHE I 48 -17.79 -64.20 -65.08
N SER I 49 -17.57 -63.27 -66.00
CA SER I 49 -18.55 -62.88 -67.00
C SER I 49 -18.45 -63.78 -68.21
N LYS I 50 -19.56 -63.88 -68.94
CA LYS I 50 -19.62 -64.72 -70.14
C LYS I 50 -18.50 -64.34 -71.11
N GLU I 51 -18.31 -63.04 -71.30
CA GLU I 51 -17.22 -62.54 -72.15
C GLU I 51 -15.93 -63.25 -71.77
N GLU I 52 -15.54 -63.08 -70.51
CA GLU I 52 -14.26 -63.59 -70.00
C GLU I 52 -14.12 -65.09 -70.27
N ILE I 53 -15.18 -65.85 -70.04
CA ILE I 53 -15.10 -67.31 -70.09
C ILE I 53 -14.90 -67.85 -71.51
N GLU I 54 -15.59 -67.29 -72.51
CA GLU I 54 -15.35 -67.73 -73.90
C GLU I 54 -14.20 -66.96 -74.55
N ALA I 55 -13.70 -65.94 -73.88
CA ALA I 55 -12.48 -65.27 -74.29
C ALA I 55 -11.24 -66.18 -74.19
N LEU I 56 -11.28 -67.23 -73.35
CA LEU I 56 -10.11 -68.09 -73.11
C LEU I 56 -9.84 -69.07 -74.26
N LYS I 57 -8.67 -68.94 -74.90
CA LYS I 57 -8.36 -69.70 -76.13
C LYS I 57 -8.06 -71.18 -75.86
N ASP I 58 -8.60 -72.03 -76.72
CA ASP I 58 -8.46 -73.48 -76.64
C ASP I 58 -8.74 -73.99 -75.23
N GLN I 59 -9.81 -73.47 -74.64
CA GLN I 59 -10.27 -73.90 -73.31
C GLN I 59 -11.78 -73.95 -73.31
N LYS I 60 -12.34 -74.97 -72.71
CA LYS I 60 -13.79 -75.08 -72.62
C LYS I 60 -14.23 -75.23 -71.18
N PRO I 61 -15.37 -74.65 -70.84
CA PRO I 61 -15.87 -74.73 -69.47
C PRO I 61 -16.46 -76.09 -69.09
N LEU I 62 -16.24 -76.48 -67.84
CA LEU I 62 -16.84 -77.68 -67.25
C LEU I 62 -17.88 -77.32 -66.18
N ASP I 64 -21.39 -74.65 -65.09
CA ASP I 64 -22.52 -73.93 -65.66
C ASP I 64 -22.15 -72.46 -65.95
N PRO I 66 -22.67 -68.41 -66.53
CA PRO I 66 -23.41 -67.42 -65.75
C PRO I 66 -24.79 -67.12 -66.32
N SER I 67 -25.65 -66.55 -65.48
CA SER I 67 -27.03 -66.25 -65.84
C SER I 67 -27.63 -65.24 -64.85
N ASP I 68 -28.95 -65.06 -64.92
CA ASP I 68 -29.64 -64.12 -64.07
C ASP I 68 -29.52 -64.49 -62.60
N ASP I 69 -29.77 -65.76 -62.30
CA ASP I 69 -29.69 -66.25 -60.93
C ASP I 69 -28.31 -66.79 -60.56
N HIS I 70 -27.68 -67.54 -61.48
CA HIS I 70 -26.39 -68.16 -61.18
C HIS I 70 -25.20 -67.26 -61.54
N LYS I 71 -24.54 -66.75 -60.51
CA LYS I 71 -23.23 -66.11 -60.67
C LYS I 71 -22.18 -67.21 -60.67
N VAL I 72 -21.01 -66.90 -61.24
CA VAL I 72 -19.89 -67.86 -61.31
C VAL I 72 -18.65 -67.26 -60.66
N THR I 73 -18.29 -67.76 -59.48
CA THR I 73 -17.14 -67.28 -58.76
C THR I 73 -15.97 -68.27 -58.79
N SER I 74 -16.24 -69.46 -59.32
CA SER I 74 -15.32 -70.61 -59.25
C SER I 74 -15.28 -71.26 -60.63
N LEU I 75 -14.21 -71.00 -61.38
CA LEU I 75 -14.06 -71.55 -62.72
C LEU I 75 -13.65 -73.02 -62.66
N LYS I 76 -13.94 -73.74 -63.74
CA LYS I 76 -13.47 -75.11 -63.89
C LYS I 76 -13.38 -75.40 -65.38
N LYS I 78 -11.35 -76.78 -69.09
CA LYS I 78 -10.60 -77.88 -69.74
C LYS I 78 -9.83 -77.41 -70.97
N PHE I 79 -8.58 -77.81 -71.08
CA PHE I 79 -7.75 -77.50 -72.24
C PHE I 79 -8.07 -78.44 -73.38
N ALA I 80 -8.26 -77.88 -74.57
CA ALA I 80 -8.50 -78.67 -75.78
C ALA I 80 -7.51 -79.83 -75.89
N ASN I 81 -6.23 -79.50 -75.72
CA ASN I 81 -5.18 -80.49 -75.64
C ASN I 81 -4.38 -80.29 -74.36
N PRO I 82 -4.29 -81.35 -73.53
CA PRO I 82 -3.65 -81.23 -72.23
C PRO I 82 -2.20 -80.76 -72.35
N ILE I 83 -1.77 -79.92 -71.42
CA ILE I 83 -0.51 -79.18 -71.57
C ILE I 83 0.67 -79.91 -70.92
N ALA I 84 1.66 -80.23 -71.76
CA ALA I 84 2.83 -81.00 -71.37
C ALA I 84 3.68 -80.25 -70.35
N LEU I 85 3.78 -80.83 -69.16
CA LEU I 85 4.71 -80.35 -68.15
C LEU I 85 5.97 -81.19 -68.21
N SER I 86 7.09 -80.57 -67.89
CA SER I 86 8.35 -81.27 -67.80
C SER I 86 8.41 -82.10 -66.51
N LYS I 87 9.42 -82.95 -66.45
CA LYS I 87 9.45 -84.04 -65.50
C LYS I 87 10.13 -83.52 -64.24
N LYS I 88 11.42 -83.20 -64.40
CA LYS I 88 12.27 -82.74 -63.31
C LYS I 88 12.12 -81.24 -63.05
N ASP I 89 11.72 -80.49 -64.08
CA ASP I 89 11.58 -79.05 -64.00
C ASP I 89 10.11 -78.64 -63.77
N ILE I 90 9.35 -79.44 -63.03
CA ILE I 90 7.89 -79.33 -63.09
C ILE I 90 7.32 -78.06 -62.51
N GLU I 91 7.81 -77.64 -61.36
CA GLU I 91 7.29 -76.45 -60.71
C GLU I 91 7.39 -75.19 -61.62
N ASP I 92 8.50 -75.03 -62.33
CA ASP I 92 8.68 -73.90 -63.24
C ASP I 92 7.72 -74.01 -64.44
N ASP I 93 7.62 -75.20 -65.02
CA ASP I 93 6.74 -75.39 -66.17
C ASP I 93 5.32 -75.01 -65.76
N ALA I 94 4.89 -75.51 -64.61
CA ALA I 94 3.61 -75.14 -64.04
C ALA I 94 3.41 -73.61 -63.98
N GLN I 95 4.39 -72.90 -63.40
CA GLN I 95 4.32 -71.43 -63.30
C GLN I 95 4.19 -70.75 -64.65
N ALA I 96 4.91 -71.24 -65.65
CA ALA I 96 4.84 -70.68 -67.00
C ALA I 96 3.44 -70.86 -67.58
N LEU I 97 2.85 -72.03 -67.34
CA LEU I 97 1.50 -72.33 -67.79
C LEU I 97 0.49 -71.37 -67.16
N VAL I 98 0.52 -71.28 -65.83
CA VAL I 98 -0.43 -70.43 -65.10
C VAL I 98 -0.26 -68.97 -65.53
N SER I 99 1.00 -68.53 -65.63
CA SER I 99 1.32 -67.14 -65.98
C SER I 99 1.11 -66.79 -67.44
N SER I 100 0.86 -67.75 -68.31
CA SER I 100 0.67 -67.43 -69.72
C SER I 100 -0.70 -67.81 -70.27
N LYS I 101 -1.49 -68.58 -69.54
CA LYS I 101 -2.77 -69.06 -70.06
C LYS I 101 -3.96 -68.75 -69.16
N ILE I 102 -3.71 -68.30 -67.94
CA ILE I 102 -4.76 -68.17 -66.97
C ILE I 102 -4.95 -66.71 -66.59
N GLN I 103 -6.19 -66.30 -66.59
CA GLN I 103 -6.56 -64.98 -66.11
C GLN I 103 -5.77 -64.65 -64.86
N ASP I 104 -5.16 -63.47 -64.85
CA ASP I 104 -4.44 -62.96 -63.67
C ASP I 104 -3.35 -63.90 -63.08
N GLY I 105 -2.82 -64.80 -63.89
CA GLY I 105 -1.86 -65.82 -63.42
C GLY I 105 -0.62 -65.36 -62.66
N GLU I 106 -0.09 -64.20 -63.04
CA GLU I 106 1.09 -63.60 -62.37
C GLU I 106 0.81 -63.20 -60.93
N LYS I 107 -0.47 -63.11 -60.56
CA LYS I 107 -0.88 -62.77 -59.21
C LYS I 107 -0.85 -63.98 -58.26
N TYR I 108 -0.75 -65.19 -58.83
CA TYR I 108 -0.73 -66.41 -58.03
C TYR I 108 0.68 -66.95 -57.92
N LYS I 109 1.09 -67.43 -56.75
CA LYS I 109 2.39 -68.09 -56.55
C LYS I 109 2.18 -69.58 -56.27
N LEU I 110 2.98 -70.43 -56.89
CA LEU I 110 2.86 -71.89 -56.68
C LEU I 110 3.03 -72.20 -55.22
N TRP I 111 2.15 -73.07 -54.71
CA TRP I 111 2.14 -73.44 -53.29
C TRP I 111 2.66 -74.84 -53.03
N LYS I 112 2.22 -75.82 -53.82
CA LYS I 112 2.39 -77.22 -53.47
C LYS I 112 2.09 -78.11 -54.66
N VAL I 113 2.99 -79.05 -54.91
CA VAL I 113 2.72 -80.14 -55.84
C VAL I 113 2.22 -81.31 -55.01
N ASP I 114 1.03 -81.81 -55.33
CA ASP I 114 0.45 -82.91 -54.57
C ASP I 114 0.25 -84.09 -55.49
N LYS I 115 1.16 -85.05 -55.40
CA LYS I 115 1.23 -86.17 -56.32
C LYS I 115 0.08 -87.16 -56.09
N SER I 116 -0.32 -87.33 -54.82
CA SER I 116 -1.43 -88.23 -54.49
C SER I 116 -2.74 -87.69 -55.07
N LYS I 117 -2.97 -86.39 -54.98
CA LYS I 117 -4.17 -85.77 -55.57
C LYS I 117 -4.05 -85.51 -57.08
N LYS I 118 -2.87 -85.77 -57.64
CA LYS I 118 -2.55 -85.42 -59.03
C LYS I 118 -2.92 -83.99 -59.35
N GLU I 119 -2.31 -83.05 -58.63
CA GLU I 119 -2.59 -81.64 -58.85
C GLU I 119 -1.50 -80.71 -58.32
N ILE I 120 -1.47 -79.50 -58.88
CA ILE I 120 -0.54 -78.47 -58.44
C ILE I 120 -1.41 -77.29 -57.99
N ILE I 121 -1.05 -76.70 -56.84
CA ILE I 121 -1.88 -75.70 -56.20
C ILE I 121 -1.16 -74.36 -56.08
N PHE I 122 -1.90 -73.29 -56.40
CA PHE I 122 -1.38 -71.93 -56.37
C PHE I 122 -2.25 -71.06 -55.46
N PHE I 123 -1.60 -70.25 -54.63
CA PHE I 123 -2.30 -69.24 -53.83
C PHE I 123 -2.12 -67.84 -54.42
N GLN I 124 -3.24 -67.14 -54.54
CA GLN I 124 -3.23 -65.73 -54.91
C GLN I 124 -2.40 -64.96 -53.90
N THR I 125 -1.78 -63.87 -54.34
CA THR I 125 -0.95 -63.06 -53.45
C THR I 125 -1.48 -61.65 -53.34
N TYR I 126 -1.00 -60.92 -52.35
CA TYR I 126 -1.25 -59.49 -52.21
C TYR I 126 0.05 -58.83 -51.86
N GLU I 127 0.41 -57.80 -52.62
CA GLU I 127 1.61 -57.03 -52.36
C GLU I 127 2.82 -57.92 -52.11
N GLY I 128 2.90 -59.04 -52.82
CA GLY I 128 4.04 -59.95 -52.68
C GLY I 128 3.82 -61.14 -51.76
N HIS I 129 2.87 -61.03 -50.86
CA HIS I 129 2.65 -62.05 -49.86
C HIS I 129 1.51 -62.99 -50.19
N TYR I 130 1.65 -64.23 -49.75
CA TYR I 130 0.64 -65.25 -49.93
C TYR I 130 -0.61 -64.87 -49.17
N ILE I 131 -1.77 -65.20 -49.74
CA ILE I 131 -3.00 -65.29 -48.99
C ILE I 131 -3.14 -66.76 -48.63
N TYR I 132 -2.73 -67.09 -47.41
CA TYR I 132 -2.69 -68.50 -46.96
C TYR I 132 -4.10 -69.05 -46.82
N GLN I 133 -4.32 -70.22 -47.39
CA GLN I 133 -5.65 -70.83 -47.38
C GLN I 133 -5.56 -72.33 -47.18
N LYS I 134 -6.70 -72.96 -46.89
CA LYS I 134 -6.75 -74.42 -46.76
C LYS I 134 -6.94 -75.05 -48.14
N THR I 135 -6.38 -76.25 -48.31
CA THR I 135 -6.29 -76.91 -49.63
C THR I 135 -7.27 -78.11 -49.78
N ASP I 136 -8.22 -78.24 -48.87
CA ASP I 136 -9.09 -79.41 -48.82
C ASP I 136 -10.26 -79.22 -49.80
N ASN I 137 -11.45 -78.98 -49.26
CA ASN I 137 -12.66 -78.63 -50.03
C ASN I 137 -12.51 -77.44 -50.99
N PRO I 138 -13.44 -77.31 -51.95
CA PRO I 138 -13.57 -76.05 -52.69
C PRO I 138 -14.07 -74.85 -51.84
N SER I 139 -14.85 -75.10 -50.79
CA SER I 139 -15.43 -74.02 -49.98
C SER I 139 -14.43 -73.07 -49.29
N ASN I 140 -13.16 -73.46 -49.21
CA ASN I 140 -12.14 -72.59 -48.62
C ASN I 140 -11.25 -71.96 -49.68
N ILE I 142 -10.87 -69.24 -51.73
CA ILE I 142 -11.15 -67.83 -52.06
C ILE I 142 -10.17 -67.23 -53.09
N GLY I 143 -8.95 -67.74 -53.15
CA GLY I 143 -8.00 -67.24 -54.11
C GLY I 143 -6.99 -68.27 -54.52
N GLN I 144 -7.38 -69.15 -55.44
CA GLN I 144 -6.49 -70.23 -55.86
C GLN I 144 -6.61 -70.53 -57.33
N VAL I 145 -5.58 -71.19 -57.86
CA VAL I 145 -5.65 -71.88 -59.14
C VAL I 145 -5.12 -73.27 -58.84
N VAL I 146 -5.88 -74.29 -59.23
CA VAL I 146 -5.49 -75.67 -59.02
C VAL I 146 -5.42 -76.36 -60.37
N LEU I 147 -4.26 -76.90 -60.71
CA LEU I 147 -4.10 -77.63 -61.95
C LEU I 147 -4.30 -79.10 -61.69
N HIS I 148 -5.05 -79.77 -62.55
CA HIS I 148 -5.26 -81.21 -62.48
C HIS I 148 -4.48 -81.91 -63.57
N LEU I 149 -3.77 -82.97 -63.20
CA LEU I 149 -2.94 -83.74 -64.13
C LEU I 149 -3.43 -85.17 -64.28
N ASN I 150 -3.12 -85.79 -65.42
CA ASN I 150 -3.20 -87.25 -65.57
C ASN I 150 -2.20 -87.69 -66.61
N GLY I 151 -1.61 -88.84 -66.33
CA GLY I 151 -0.82 -89.61 -67.27
C GLY I 151 0.63 -89.44 -66.92
N LYS I 152 1.40 -88.92 -67.88
CA LYS I 152 2.72 -88.35 -67.61
C LYS I 152 2.55 -86.84 -67.51
N ASN I 153 2.46 -86.34 -66.28
CA ASN I 153 2.48 -84.92 -66.03
C ASN I 153 1.96 -84.12 -67.21
N GLU I 154 0.66 -84.21 -67.45
CA GLU I 154 -0.03 -83.35 -68.40
C GLU I 154 -1.22 -82.68 -67.72
N VAL I 155 -1.32 -81.37 -67.87
CA VAL I 155 -2.38 -80.60 -67.24
C VAL I 155 -3.64 -80.63 -68.11
N VAL I 156 -4.66 -81.29 -67.60
CA VAL I 156 -5.87 -81.54 -68.36
C VAL I 156 -6.84 -80.40 -68.22
N SER I 157 -6.89 -79.82 -67.02
CA SER I 157 -7.87 -78.82 -66.66
C SER I 157 -7.41 -78.04 -65.42
N TYR I 158 -8.16 -77.01 -65.06
CA TYR I 158 -7.91 -76.30 -63.80
C TYR I 158 -9.16 -75.68 -63.17
N ASP I 159 -9.11 -75.53 -61.84
CA ASP I 159 -10.10 -74.75 -61.07
C ASP I 159 -9.48 -73.40 -60.77
N GLN I 160 -10.30 -72.37 -60.61
CA GLN I 160 -9.79 -71.03 -60.27
C GLN I 160 -10.79 -70.13 -59.57
N THR I 161 -10.28 -69.38 -58.61
CA THR I 161 -11.01 -68.28 -58.03
C THR I 161 -10.02 -67.14 -57.88
N THR I 162 -10.55 -65.93 -57.95
CA THR I 162 -9.78 -64.72 -57.80
C THR I 162 -10.45 -63.80 -56.82
N LEU I 163 -9.64 -63.08 -56.04
CA LEU I 163 -10.08 -61.88 -55.34
C LEU I 163 -9.68 -60.64 -56.16
N GLU I 164 -10.45 -59.56 -56.00
CA GLU I 164 -10.24 -58.31 -56.72
C GLU I 164 -10.63 -57.10 -55.88
N THR I 165 -10.15 -55.93 -56.28
CA THR I 165 -10.49 -54.69 -55.60
C THR I 165 -10.12 -54.79 -54.14
N PHE I 166 -8.83 -55.00 -53.88
CA PHE I 166 -8.33 -54.98 -52.52
C PHE I 166 -8.36 -53.57 -51.97
N LYS I 167 -8.71 -53.41 -50.70
CA LYS I 167 -8.76 -52.08 -50.09
C LYS I 167 -8.22 -52.19 -48.69
N GLN I 168 -7.32 -51.28 -48.32
CA GLN I 168 -6.71 -51.30 -47.00
C GLN I 168 -7.64 -50.53 -46.08
N ILE I 169 -8.27 -51.22 -45.14
CA ILE I 169 -9.38 -50.60 -44.41
C ILE I 169 -8.97 -49.85 -43.17
N GLN I 170 -7.85 -50.27 -42.57
CA GLN I 170 -7.39 -49.66 -41.34
C GLN I 170 -5.96 -50.10 -41.09
N LYS I 171 -5.06 -49.14 -40.87
CA LYS I 171 -3.66 -49.46 -40.65
C LYS I 171 -3.43 -49.71 -39.16
N GLU I 172 -2.52 -50.64 -38.84
CA GLU I 172 -2.27 -51.03 -37.45
C GLU I 172 -0.82 -51.49 -37.21
N SER I 173 -0.39 -51.40 -35.96
CA SER I 173 0.90 -51.92 -35.56
C SER I 173 0.88 -53.46 -35.55
N LEU I 174 1.95 -54.10 -36.04
CA LEU I 174 2.01 -55.56 -36.08
C LEU I 174 2.90 -56.08 -34.97
N ILE I 175 2.75 -57.37 -34.64
CA ILE I 175 3.63 -57.94 -33.64
C ILE I 175 4.91 -58.34 -34.35
N THR I 176 6.02 -58.31 -33.62
CA THR I 176 7.31 -58.51 -34.25
C THR I 176 7.44 -59.96 -34.56
N GLU I 177 8.28 -60.28 -35.55
CA GLU I 177 8.59 -61.67 -35.83
C GLU I 177 8.97 -62.36 -34.53
N ASP I 179 8.30 -61.58 -31.45
CA ASP I 179 7.07 -61.71 -30.68
C ASP I 179 6.20 -62.88 -31.11
N ALA I 180 6.02 -63.04 -32.42
CA ALA I 180 5.23 -64.15 -32.94
C ALA I 180 5.75 -65.51 -32.43
N VAL I 181 7.07 -65.70 -32.43
CA VAL I 181 7.63 -66.99 -32.01
C VAL I 181 7.48 -67.20 -30.51
N GLU I 182 7.84 -66.20 -29.70
CA GLU I 182 7.66 -66.29 -28.26
C GLU I 182 6.21 -66.67 -27.92
N LEU I 183 5.27 -66.15 -28.72
CA LEU I 183 3.86 -66.43 -28.53
C LEU I 183 3.57 -67.92 -28.70
N LEU I 184 4.09 -68.50 -29.77
CA LEU I 184 3.95 -69.94 -29.99
C LEU I 184 4.50 -70.67 -28.78
N TYR I 185 5.71 -70.29 -28.37
CA TYR I 185 6.33 -70.95 -27.24
C TYR I 185 5.44 -70.83 -26.03
N TYR I 186 4.92 -69.63 -25.82
CA TYR I 186 4.12 -69.32 -24.63
C TYR I 186 2.83 -70.17 -24.57
N GLN I 187 2.23 -70.43 -25.73
CA GLN I 187 1.04 -71.28 -25.79
C GLN I 187 1.36 -72.78 -25.88
N ASN I 188 2.57 -73.16 -25.46
CA ASN I 188 2.96 -74.55 -25.32
C ASN I 188 2.81 -75.32 -26.62
N GLN I 189 3.36 -74.76 -27.69
CA GLN I 189 3.21 -75.29 -29.05
C GLN I 189 4.49 -75.90 -29.64
N LEU I 190 5.64 -75.53 -29.09
CA LEU I 190 6.92 -75.94 -29.63
C LEU I 190 7.50 -77.06 -28.81
N LYS I 191 8.28 -77.92 -29.43
CA LYS I 191 8.87 -79.06 -28.71
C LYS I 191 10.30 -78.72 -28.31
N GLU I 192 10.82 -79.37 -27.27
CA GLU I 192 12.23 -79.23 -26.97
C GLU I 192 13.06 -79.61 -28.20
N TYR I 193 14.22 -78.99 -28.33
CA TYR I 193 15.16 -79.27 -29.41
C TYR I 193 14.55 -79.03 -30.78
N SER I 194 13.72 -78.00 -30.91
CA SER I 194 13.22 -77.60 -32.23
C SER I 194 13.94 -76.37 -32.75
N THR I 195 13.99 -76.27 -34.07
CA THR I 195 14.61 -75.15 -34.76
C THR I 195 13.50 -74.41 -35.48
N VAL I 196 13.54 -73.07 -35.42
CA VAL I 196 12.60 -72.25 -36.16
C VAL I 196 13.22 -71.98 -37.50
N LYS I 197 12.58 -72.45 -38.55
CA LYS I 197 13.18 -72.35 -39.86
C LYS I 197 12.85 -71.03 -40.56
N SER I 198 11.67 -70.48 -40.34
CA SER I 198 11.27 -69.25 -41.05
C SER I 198 10.01 -68.62 -40.48
N CYS I 199 9.95 -67.31 -40.56
CA CYS I 199 8.79 -66.54 -40.13
C CYS I 199 8.39 -65.68 -41.32
N LYS I 200 7.50 -66.20 -42.16
CA LYS I 200 7.09 -65.49 -43.38
C LYS I 200 5.80 -64.71 -43.09
N PHE I 201 5.63 -63.57 -43.77
CA PHE I 201 4.45 -62.73 -43.60
C PHE I 201 3.44 -62.97 -44.70
N GLY I 202 2.17 -62.87 -44.34
CA GLY I 202 1.09 -63.12 -45.28
C GLY I 202 -0.27 -62.71 -44.74
N TYR I 203 -1.33 -63.21 -45.37
CA TYR I 203 -2.69 -62.89 -44.97
C TYR I 203 -3.57 -64.15 -44.93
N VAL I 204 -4.57 -64.17 -44.05
CA VAL I 204 -5.60 -65.21 -44.08
C VAL I 204 -6.96 -64.54 -44.03
N ALA I 205 -7.95 -65.18 -44.64
CA ALA I 205 -9.33 -64.73 -44.54
C ALA I 205 -9.80 -64.97 -43.12
N GLN I 206 -10.50 -63.98 -42.58
CA GLN I 206 -10.84 -63.94 -41.16
C GLN I 206 -12.22 -64.52 -40.93
N TYR I 207 -13.08 -64.41 -41.92
CA TYR I 207 -14.50 -64.76 -41.84
C TYR I 207 -15.20 -63.78 -42.80
N PRO I 208 -16.48 -64.04 -43.15
CA PRO I 208 -17.17 -63.27 -44.22
C PRO I 208 -18.15 -62.14 -43.77
N LEU I 209 -18.78 -61.45 -44.75
CA LEU I 209 -19.88 -60.49 -44.53
C LEU I 209 -20.36 -59.87 -45.85
N THR I 210 -21.18 -60.63 -46.58
CA THR I 210 -21.49 -60.37 -48.00
C THR I 210 -20.23 -60.69 -48.82
N SER I 211 -20.25 -60.38 -50.13
CA SER I 211 -19.06 -60.53 -50.99
C SER I 211 -17.77 -60.03 -50.32
N THR I 212 -17.93 -59.07 -49.39
CA THR I 212 -16.82 -58.60 -48.58
C THR I 212 -16.17 -59.70 -47.76
N GLN I 213 -15.00 -60.12 -48.24
CA GLN I 213 -14.06 -60.89 -47.45
C GLN I 213 -13.18 -59.92 -46.70
N VAL I 214 -13.01 -60.12 -45.40
CA VAL I 214 -11.98 -59.41 -44.64
C VAL I 214 -10.74 -60.29 -44.43
N LEU I 215 -9.59 -59.83 -44.89
CA LEU I 215 -8.31 -60.54 -44.70
C LEU I 215 -7.44 -59.89 -43.63
N ALA I 216 -6.93 -60.68 -42.67
CA ALA I 216 -6.05 -60.16 -41.61
C ALA I 216 -4.63 -60.63 -41.83
N PRO I 217 -3.63 -59.79 -41.49
CA PRO I 217 -2.24 -60.24 -41.57
C PRO I 217 -1.89 -61.32 -40.55
N VAL I 218 -1.08 -62.28 -40.95
CA VAL I 218 -0.62 -63.35 -40.05
C VAL I 218 0.85 -63.64 -40.29
N TRP I 219 1.54 -64.11 -39.26
CA TRP I 219 2.87 -64.68 -39.44
C TRP I 219 2.79 -66.21 -39.59
N ARG I 220 3.44 -66.73 -40.63
CA ARG I 220 3.50 -68.16 -40.88
C ARG I 220 4.87 -68.68 -40.46
N ILE I 221 4.87 -69.39 -39.34
CA ILE I 221 6.08 -69.86 -38.73
C ILE I 221 6.30 -71.37 -39.00
N THR I 222 7.43 -71.72 -39.62
CA THR I 222 7.83 -73.12 -39.82
C THR I 222 8.88 -73.51 -38.79
N VAL I 223 8.66 -74.65 -38.15
CA VAL I 223 9.52 -75.17 -37.09
C VAL I 223 9.84 -76.61 -37.36
N GLU I 224 11.10 -77.03 -37.21
CA GLU I 224 11.39 -78.47 -37.36
C GLU I 224 12.11 -79.07 -36.16
N TYR I 225 12.02 -80.39 -36.03
CA TYR I 225 12.61 -81.15 -34.91
C TYR I 225 12.82 -82.59 -35.31
N GLU I 226 13.55 -83.35 -34.50
CA GLU I 226 13.85 -84.75 -34.79
C GLU I 226 12.89 -85.70 -34.08
N LYS I 227 12.71 -86.89 -34.66
CA LYS I 227 11.77 -87.87 -34.15
C LYS I 227 12.09 -89.19 -34.78
N LYS I 228 12.20 -90.26 -33.98
CA LYS I 228 12.58 -91.57 -34.53
C LYS I 228 11.44 -92.28 -35.29
N VAL I 229 11.27 -91.93 -36.57
CA VAL I 229 10.28 -92.53 -37.48
C VAL I 229 10.63 -94.00 -37.79
N ASN I 230 10.05 -94.91 -37.01
CA ASN I 230 10.45 -96.30 -37.01
C ASN I 230 11.78 -96.38 -36.22
N GLY I 231 12.66 -97.32 -36.56
CA GLY I 231 14.00 -97.36 -35.97
C GLY I 231 14.83 -96.13 -36.34
N GLU I 232 14.60 -95.60 -37.54
CA GLU I 232 15.41 -94.52 -38.11
C GLU I 232 15.01 -93.17 -37.51
N LYS I 233 15.99 -92.29 -37.27
CA LYS I 233 15.71 -90.90 -36.82
C LYS I 233 15.43 -89.98 -38.02
N LYS I 234 14.51 -89.02 -37.88
CA LYS I 234 14.08 -88.21 -39.03
C LYS I 234 13.59 -86.81 -38.68
N THR I 235 13.83 -85.89 -39.62
CA THR I 235 13.40 -84.50 -39.49
C THR I 235 11.96 -84.30 -39.87
N VAL I 236 11.15 -83.93 -38.90
CA VAL I 236 9.75 -83.60 -39.11
C VAL I 236 9.60 -82.07 -39.10
N GLN I 237 8.60 -81.56 -39.82
CA GLN I 237 8.30 -80.12 -39.88
C GLN I 237 6.86 -79.81 -39.44
N GLU I 238 6.69 -78.76 -38.66
CA GLU I 238 5.38 -78.33 -38.16
C GLU I 238 5.16 -76.91 -38.65
N TYR I 239 3.91 -76.50 -38.84
CA TYR I 239 3.61 -75.14 -39.31
C TYR I 239 2.57 -74.48 -38.44
N PHE I 240 2.72 -73.17 -38.27
CA PHE I 240 1.81 -72.43 -37.45
C PHE I 240 1.42 -71.12 -38.15
N THR I 241 0.24 -70.63 -37.82
CA THR I 241 -0.19 -69.33 -38.27
C THR I 241 -0.61 -68.52 -37.05
N VAL I 242 0.14 -67.47 -36.76
CA VAL I 242 -0.09 -66.63 -35.59
C VAL I 242 -0.59 -65.32 -36.11
N ASN I 243 -1.63 -64.78 -35.46
CA ASN I 243 -2.20 -63.53 -35.88
C ASN I 243 -1.24 -62.37 -35.65
N ALA I 244 -0.99 -61.62 -36.70
CA ALA I 244 -0.01 -60.55 -36.69
C ALA I 244 -0.51 -59.29 -36.00
N LEU I 245 -1.83 -59.04 -36.04
CA LEU I 245 -2.39 -57.83 -35.47
C LEU I 245 -2.25 -57.74 -33.95
N GLU I 246 -1.45 -56.76 -33.52
CA GLU I 246 -1.29 -56.40 -32.11
C GLU I 246 -2.44 -55.50 -31.69
N SER I 247 -3.27 -55.96 -30.75
CA SER I 247 -4.29 -55.10 -30.16
C SER I 247 -4.85 -55.68 -28.87
N THR I 248 -4.24 -55.32 -27.76
CA THR I 248 -4.81 -55.65 -26.47
C THR I 248 -5.33 -54.37 -25.82
N ILE I 249 -4.50 -53.34 -25.68
CA ILE I 249 -4.93 -52.07 -25.09
C ILE I 249 -5.26 -51.02 -26.15
N LEU I 250 -6.45 -50.44 -26.06
CA LEU I 250 -6.86 -49.35 -26.98
C LEU I 250 -7.01 -48.00 -26.23
N ASP I 251 -7.84 -47.08 -26.76
CA ASP I 251 -7.94 -45.70 -26.23
C ASP I 251 -9.30 -45.33 -25.61
N LYS J 8 12.51 -52.17 -9.61
CA LYS J 8 13.72 -52.60 -8.86
C LYS J 8 14.62 -53.44 -9.79
N GLU J 9 15.78 -52.89 -10.15
CA GLU J 9 16.64 -53.43 -11.22
C GLU J 9 17.37 -54.71 -10.86
N TYR J 10 17.78 -54.86 -9.61
CA TYR J 10 18.38 -56.11 -9.18
C TYR J 10 17.40 -57.29 -9.27
N GLU J 11 16.10 -57.01 -9.33
CA GLU J 11 15.12 -58.09 -9.53
C GLU J 11 15.27 -58.66 -10.96
N VAL J 12 15.51 -57.81 -11.95
CA VAL J 12 15.79 -58.29 -13.29
C VAL J 12 17.04 -59.19 -13.29
N ILE J 13 18.10 -58.72 -12.63
CA ILE J 13 19.38 -59.41 -12.69
C ILE J 13 19.42 -60.62 -11.76
N LYS J 14 18.72 -60.58 -10.63
CA LYS J 14 18.65 -61.76 -9.79
C LYS J 14 17.98 -62.86 -10.59
N ASN J 15 16.78 -62.58 -11.07
CA ASN J 15 16.00 -63.61 -11.75
C ASN J 15 16.62 -64.04 -13.11
N ASP J 16 17.58 -63.28 -13.63
CA ASP J 16 18.40 -63.76 -14.75
C ASP J 16 19.25 -64.90 -14.23
N VAL J 17 20.13 -64.59 -13.26
CA VAL J 17 20.99 -65.56 -12.58
C VAL J 17 20.24 -66.83 -12.17
N GLU J 18 19.08 -66.62 -11.53
CA GLU J 18 18.16 -67.71 -11.17
C GLU J 18 17.87 -68.66 -12.34
N HIS J 19 17.58 -68.07 -13.48
CA HIS J 19 17.18 -68.84 -14.64
C HIS J 19 18.41 -69.52 -15.20
N ASP J 20 19.50 -68.77 -15.32
CA ASP J 20 20.78 -69.35 -15.72
C ASP J 20 21.21 -70.54 -14.83
N LYS J 22 19.07 -72.56 -13.40
CA LYS J 22 18.18 -73.68 -13.79
C LYS J 22 18.67 -74.29 -15.10
N ALA J 23 19.05 -73.44 -16.05
CA ALA J 23 19.57 -73.95 -17.32
C ALA J 23 20.78 -74.86 -17.09
N ASP J 24 21.58 -74.56 -16.07
CA ASP J 24 22.71 -75.41 -15.69
C ASP J 24 22.33 -76.47 -14.65
N HIS J 25 21.06 -76.77 -14.49
CA HIS J 25 20.64 -77.83 -13.60
C HIS J 25 21.36 -77.78 -12.25
N ILE J 26 21.38 -76.60 -11.62
CA ILE J 26 21.87 -76.49 -10.26
C ILE J 26 20.69 -76.51 -9.32
N THR J 27 20.77 -77.41 -8.35
CA THR J 27 19.69 -77.65 -7.41
C THR J 27 20.04 -77.13 -6.03
N TYR J 28 19.11 -76.37 -5.45
CA TYR J 28 19.21 -75.87 -4.08
C TYR J 28 17.83 -75.95 -3.41
N GLU J 29 17.82 -76.13 -2.09
CA GLU J 29 16.61 -76.35 -1.30
C GLU J 29 16.67 -75.56 -0.02
N GLY J 30 15.59 -74.86 0.27
CA GLY J 30 15.38 -74.26 1.57
C GLY J 30 16.48 -73.33 2.00
N LEU J 31 16.93 -72.49 1.07
CA LEU J 31 17.85 -71.41 1.37
C LEU J 31 17.01 -70.19 1.76
N ASN J 32 17.41 -69.52 2.83
CA ASN J 32 16.75 -68.31 3.30
C ASN J 32 16.89 -67.18 2.29
N LYS J 33 15.81 -66.45 2.04
CA LYS J 33 15.87 -65.32 1.10
C LYS J 33 15.73 -63.99 1.81
N GLU J 34 15.48 -64.04 3.13
CA GLU J 34 15.34 -62.83 3.95
C GLU J 34 16.69 -62.39 4.51
N ALA J 35 16.91 -61.07 4.53
CA ALA J 35 18.15 -60.50 5.07
C ALA J 35 18.16 -60.68 6.57
N THR J 36 19.35 -60.66 7.14
CA THR J 36 19.52 -60.83 8.58
C THR J 36 20.66 -59.91 9.04
N GLU J 37 20.88 -59.83 10.34
CA GLU J 37 21.77 -58.82 10.88
C GLU J 37 22.90 -59.47 11.66
N GLY J 38 24.13 -59.22 11.23
CA GLY J 38 25.31 -59.83 11.85
C GLY J 38 26.24 -58.81 12.45
N TYR J 39 27.47 -59.23 12.71
CA TYR J 39 28.42 -58.42 13.42
C TYR J 39 29.84 -58.69 12.97
N ARG J 40 30.61 -57.63 12.77
CA ARG J 40 32.05 -57.75 12.71
C ARG J 40 32.46 -57.86 14.18
N ILE J 41 33.30 -58.83 14.54
CA ILE J 41 33.76 -58.97 15.93
C ILE J 41 35.28 -59.05 16.09
N THR J 42 35.77 -58.61 17.25
CA THR J 42 37.18 -58.73 17.61
C THR J 42 37.32 -59.73 18.73
N ALA J 43 38.48 -60.37 18.80
CA ALA J 43 38.80 -61.27 19.92
C ALA J 43 40.31 -61.36 20.13
N ASN J 44 40.71 -61.53 21.38
CA ASN J 44 42.11 -61.70 21.76
C ASN J 44 42.61 -63.13 21.66
N GLN J 45 43.93 -63.29 21.62
CA GLN J 45 44.55 -64.60 21.66
C GLN J 45 44.88 -64.97 23.10
N LYS J 46 44.14 -65.94 23.65
CA LYS J 46 44.33 -66.37 25.04
C LYS J 46 45.80 -66.70 25.30
N SER J 47 46.37 -66.07 26.31
CA SER J 47 47.72 -66.34 26.75
C SER J 47 47.65 -67.17 28.03
N PHE J 48 48.39 -68.27 28.08
CA PHE J 48 48.28 -69.22 29.17
C PHE J 48 49.30 -68.99 30.26
N SER J 49 48.86 -69.07 31.51
CA SER J 49 49.72 -68.77 32.66
C SER J 49 50.25 -70.03 33.32
N LYS J 50 51.35 -69.88 34.05
CA LYS J 50 51.97 -70.98 34.78
C LYS J 50 50.90 -71.73 35.60
N GLU J 51 50.20 -71.01 36.47
CA GLU J 51 49.06 -71.56 37.24
C GLU J 51 48.17 -72.44 36.38
N GLU J 52 47.71 -71.91 35.26
CA GLU J 52 46.79 -72.61 34.37
C GLU J 52 47.41 -73.93 33.92
N ILE J 53 48.63 -73.85 33.41
CA ILE J 53 49.28 -75.00 32.80
C ILE J 53 49.45 -76.17 33.77
N GLU J 54 50.06 -75.93 34.93
CA GLU J 54 50.29 -77.02 35.89
C GLU J 54 49.10 -77.25 36.84
N ALA J 55 47.93 -76.77 36.46
CA ALA J 55 46.67 -77.10 37.11
C ALA J 55 45.87 -78.10 36.28
N LEU J 56 46.39 -78.49 35.12
CA LEU J 56 45.79 -79.56 34.32
C LEU J 56 46.28 -80.90 34.84
N LYS J 57 45.40 -81.68 35.47
CA LYS J 57 45.83 -82.93 36.09
C LYS J 57 46.11 -84.02 35.03
N ASP J 58 47.19 -84.78 35.30
CA ASP J 58 47.64 -85.92 34.49
C ASP J 58 48.03 -85.52 33.07
N GLN J 59 48.63 -84.33 32.96
CA GLN J 59 49.09 -83.78 31.70
C GLN J 59 50.40 -83.06 31.96
N LYS J 60 51.38 -83.24 31.09
CA LYS J 60 52.65 -82.53 31.20
C LYS J 60 52.93 -81.71 29.95
N PRO J 61 53.60 -80.56 30.10
CA PRO J 61 53.88 -79.70 28.96
C PRO J 61 54.92 -80.24 27.99
N LEU J 62 54.72 -79.94 26.71
CA LEU J 62 55.73 -80.19 25.69
C LEU J 62 56.15 -78.90 25.04
N ASP J 64 57.76 -74.50 25.93
CA ASP J 64 58.36 -73.54 26.86
C ASP J 64 57.27 -72.99 27.77
N PRO J 66 55.70 -70.01 30.14
CA PRO J 66 55.75 -68.57 29.99
C PRO J 66 56.80 -67.92 30.90
N SER J 67 57.48 -66.92 30.35
CA SER J 67 58.52 -66.17 31.05
C SER J 67 58.32 -64.68 30.79
N ASP J 68 59.28 -63.86 31.20
CA ASP J 68 59.21 -62.42 30.95
C ASP J 68 59.25 -62.09 29.47
N ASP J 69 60.09 -62.82 28.73
CA ASP J 69 60.27 -62.61 27.28
C ASP J 69 59.29 -63.41 26.41
N HIS J 70 58.92 -64.62 26.86
CA HIS J 70 58.02 -65.50 26.10
C HIS J 70 56.66 -65.59 26.77
N LYS J 71 55.61 -65.31 26.02
CA LYS J 71 54.23 -65.67 26.43
C LYS J 71 53.81 -66.92 25.68
N VAL J 72 52.92 -67.68 26.31
CA VAL J 72 52.48 -68.95 25.74
C VAL J 72 51.08 -68.81 25.16
N THR J 73 50.97 -68.75 23.83
CA THR J 73 49.64 -68.67 23.19
C THR J 73 49.22 -69.99 22.50
N SER J 74 50.03 -71.02 22.66
CA SER J 74 49.84 -72.28 21.96
C SER J 74 50.29 -73.42 22.87
N LEU J 75 49.33 -74.06 23.54
CA LEU J 75 49.63 -75.19 24.42
C LEU J 75 49.89 -76.42 23.58
N LYS J 76 50.87 -77.22 24.00
CA LYS J 76 51.14 -78.53 23.40
C LYS J 76 51.32 -79.48 24.56
N LYS J 78 50.93 -83.16 26.78
CA LYS J 78 50.99 -84.63 26.69
C LYS J 78 50.30 -85.25 27.89
N PHE J 79 49.64 -86.38 27.64
CA PHE J 79 48.86 -87.05 28.66
C PHE J 79 49.65 -88.08 29.41
N ALA J 80 49.61 -87.95 30.74
CA ALA J 80 50.29 -88.87 31.65
C ALA J 80 50.04 -90.32 31.24
N ASN J 81 48.80 -90.62 30.87
CA ASN J 81 48.48 -91.94 30.31
C ASN J 81 47.56 -91.77 29.13
N PRO J 82 47.94 -92.34 27.96
CA PRO J 82 47.08 -92.27 26.78
C PRO J 82 45.63 -92.66 27.08
N ILE J 83 44.71 -92.13 26.28
CA ILE J 83 43.28 -92.32 26.50
C ILE J 83 42.68 -93.11 25.35
N ALA J 84 42.14 -94.28 25.69
CA ALA J 84 41.65 -95.22 24.70
C ALA J 84 40.31 -94.76 24.14
N LEU J 85 40.33 -94.26 22.91
CA LEU J 85 39.10 -93.92 22.22
C LEU J 85 38.48 -95.17 21.62
N SER J 86 37.16 -95.18 21.57
CA SER J 86 36.40 -96.24 20.92
C SER J 86 36.67 -96.36 19.42
N LYS J 87 36.06 -97.38 18.85
CA LYS J 87 36.32 -97.83 17.51
C LYS J 87 35.21 -97.22 16.66
N LYS J 88 33.99 -97.65 16.95
CA LYS J 88 32.84 -97.31 16.15
C LYS J 88 32.23 -95.99 16.63
N ASP J 89 32.54 -95.63 17.88
CA ASP J 89 32.03 -94.42 18.49
C ASP J 89 33.18 -93.49 18.85
N ILE J 90 33.99 -93.12 17.85
CA ILE J 90 35.19 -92.35 18.09
C ILE J 90 34.88 -90.86 18.22
N GLU J 91 33.97 -90.37 17.38
CA GLU J 91 33.65 -88.94 17.39
C GLU J 91 33.14 -88.53 18.77
N ASP J 92 32.21 -89.31 19.33
CA ASP J 92 31.65 -88.99 20.62
C ASP J 92 32.69 -89.09 21.73
N ASP J 93 33.57 -90.08 21.65
CA ASP J 93 34.54 -90.30 22.73
C ASP J 93 35.62 -89.22 22.71
N ALA J 94 35.91 -88.67 21.54
CA ALA J 94 36.80 -87.53 21.44
C ALA J 94 36.14 -86.30 22.07
N GLN J 95 34.82 -86.15 21.88
CA GLN J 95 34.10 -85.02 22.47
C GLN J 95 34.05 -85.10 24.01
N ALA J 96 33.98 -86.30 24.58
CA ALA J 96 34.00 -86.42 26.05
C ALA J 96 35.35 -86.01 26.60
N LEU J 97 36.40 -86.31 25.83
CA LEU J 97 37.77 -86.02 26.23
C LEU J 97 38.03 -84.54 26.20
N VAL J 98 37.63 -83.90 25.09
CA VAL J 98 37.86 -82.48 24.92
C VAL J 98 37.09 -81.69 25.97
N SER J 99 35.90 -82.16 26.34
CA SER J 99 35.06 -81.42 27.28
C SER J 99 35.41 -81.66 28.74
N SER J 100 35.88 -82.86 29.07
CA SER J 100 36.16 -83.20 30.46
C SER J 100 37.57 -82.85 30.92
N LYS J 101 38.52 -82.83 29.99
CA LYS J 101 39.92 -82.71 30.36
C LYS J 101 40.66 -81.48 29.81
N ILE J 102 40.09 -80.78 28.83
CA ILE J 102 40.74 -79.59 28.28
C ILE J 102 40.00 -78.31 28.68
N GLN J 103 40.77 -77.27 28.96
CA GLN J 103 40.25 -75.97 29.36
C GLN J 103 39.32 -75.44 28.27
N ASP J 104 38.15 -74.96 28.65
CA ASP J 104 37.17 -74.38 27.70
C ASP J 104 36.75 -75.37 26.60
N GLY J 105 36.83 -76.66 26.89
CA GLY J 105 36.55 -77.68 25.90
C GLY J 105 35.15 -77.66 25.34
N GLU J 106 34.18 -77.17 26.11
CA GLU J 106 32.78 -77.08 25.63
C GLU J 106 32.63 -75.99 24.59
N LYS J 107 33.57 -75.04 24.57
CA LYS J 107 33.57 -73.97 23.57
C LYS J 107 34.00 -74.46 22.20
N TYR J 108 34.67 -75.61 22.16
CA TYR J 108 35.15 -76.19 20.91
C TYR J 108 34.22 -77.29 20.40
N LYS J 109 33.99 -77.31 19.09
CA LYS J 109 33.15 -78.32 18.45
C LYS J 109 33.96 -79.10 17.42
N LEU J 110 33.84 -80.44 17.43
CA LEU J 110 34.60 -81.32 16.53
C LEU J 110 34.40 -80.92 15.08
N TRP J 111 35.51 -80.85 14.34
CA TRP J 111 35.50 -80.40 12.96
C TRP J 111 35.70 -81.52 11.97
N LYS J 112 36.64 -82.41 12.27
CA LYS J 112 37.15 -83.37 11.31
C LYS J 112 37.99 -84.46 11.99
N VAL J 113 37.73 -85.72 11.65
CA VAL J 113 38.61 -86.83 12.01
C VAL J 113 39.48 -87.10 10.79
N ASP J 114 40.80 -87.12 11.00
CA ASP J 114 41.78 -87.16 9.94
C ASP J 114 42.72 -88.36 10.20
N LYS J 115 42.40 -89.50 9.59
CA LYS J 115 43.12 -90.75 9.84
C LYS J 115 44.56 -90.67 9.36
N SER J 116 44.78 -90.03 8.21
CA SER J 116 46.12 -89.94 7.61
C SER J 116 47.11 -89.22 8.53
N LYS J 117 46.76 -88.00 8.96
CA LYS J 117 47.59 -87.25 9.90
C LYS J 117 47.49 -87.77 11.36
N LYS J 118 46.70 -88.82 11.57
CA LYS J 118 46.42 -89.38 12.91
C LYS J 118 46.06 -88.30 13.93
N GLU J 119 45.02 -87.53 13.60
CA GLU J 119 44.56 -86.48 14.50
C GLU J 119 43.07 -86.18 14.36
N ILE J 120 42.50 -85.63 15.41
CA ILE J 120 41.11 -85.20 15.44
C ILE J 120 41.12 -83.72 15.76
N ILE J 121 40.50 -82.94 14.89
CA ILE J 121 40.53 -81.49 14.95
C ILE J 121 39.23 -80.92 15.47
N PHE J 122 39.34 -79.94 16.37
CA PHE J 122 38.19 -79.21 16.88
C PHE J 122 38.38 -77.73 16.56
N PHE J 123 37.28 -77.07 16.20
CA PHE J 123 37.27 -75.63 15.96
C PHE J 123 36.54 -74.90 17.09
N GLN J 124 37.11 -73.83 17.59
CA GLN J 124 36.43 -72.98 18.56
C GLN J 124 35.18 -72.36 17.94
N THR J 125 34.15 -72.13 18.75
CA THR J 125 32.90 -71.60 18.26
C THR J 125 32.56 -70.27 18.90
N TYR J 126 31.59 -69.56 18.32
CA TYR J 126 31.11 -68.28 18.88
C TYR J 126 29.62 -68.20 18.66
N GLU J 127 28.88 -67.99 19.72
CA GLU J 127 27.43 -68.03 19.64
C GLU J 127 26.96 -69.24 18.85
N GLY J 128 27.58 -70.37 19.13
CA GLY J 128 27.24 -71.63 18.50
C GLY J 128 27.55 -71.71 17.02
N HIS J 129 28.51 -70.97 16.55
CA HIS J 129 28.92 -71.11 15.16
C HIS J 129 30.41 -71.36 15.09
N TYR J 130 30.82 -72.07 14.06
CA TYR J 130 32.21 -72.35 13.87
C TYR J 130 32.94 -71.05 13.59
N ILE J 131 34.17 -70.97 14.10
CA ILE J 131 35.15 -70.04 13.58
C ILE J 131 35.95 -70.87 12.57
N TYR J 132 35.59 -70.73 11.30
CA TYR J 132 36.18 -71.54 10.22
C TYR J 132 37.60 -71.08 9.95
N GLN J 133 38.52 -72.03 9.90
CA GLN J 133 39.94 -71.72 9.74
C GLN J 133 40.70 -72.87 9.06
N LYS J 134 41.93 -72.63 8.65
CA LYS J 134 42.71 -73.66 7.97
C LYS J 134 43.27 -74.73 8.91
N THR J 135 43.42 -75.93 8.37
CA THR J 135 43.81 -77.11 9.15
C THR J 135 45.19 -77.61 8.71
N ASP J 136 46.02 -76.66 8.28
CA ASP J 136 47.36 -76.96 7.81
C ASP J 136 48.34 -76.67 8.96
N ASN J 137 48.79 -75.43 9.03
CA ASN J 137 49.89 -75.05 9.91
C ASN J 137 49.39 -74.31 11.16
N PRO J 138 50.26 -74.20 12.18
CA PRO J 138 49.88 -73.46 13.38
C PRO J 138 49.63 -71.97 13.11
N SER J 139 50.42 -71.36 12.22
CA SER J 139 50.22 -69.97 11.83
C SER J 139 48.74 -69.61 11.68
N ASN J 140 48.01 -70.46 10.98
CA ASN J 140 46.59 -70.25 10.70
C ASN J 140 45.68 -70.82 11.77
N ILE J 142 44.25 -70.16 14.91
CA ILE J 142 43.91 -69.16 15.96
C ILE J 142 42.94 -69.66 17.05
N GLY J 143 42.12 -70.66 16.75
CA GLY J 143 41.22 -71.22 17.75
C GLY J 143 40.91 -72.68 17.52
N GLN J 144 41.81 -73.57 17.97
CA GLN J 144 41.63 -75.00 17.74
C GLN J 144 42.13 -75.87 18.88
N VAL J 145 41.69 -77.12 18.87
CA VAL J 145 42.24 -78.17 19.71
C VAL J 145 42.46 -79.35 18.78
N VAL J 146 43.69 -79.84 18.71
CA VAL J 146 44.01 -81.00 17.88
C VAL J 146 44.57 -82.11 18.73
N LEU J 147 43.85 -83.22 18.77
CA LEU J 147 44.30 -84.39 19.51
C LEU J 147 45.23 -85.17 18.59
N HIS J 148 46.26 -85.76 19.17
CA HIS J 148 47.21 -86.54 18.40
C HIS J 148 47.09 -87.98 18.83
N LEU J 149 47.14 -88.92 17.87
CA LEU J 149 46.94 -90.35 18.13
C LEU J 149 48.06 -91.28 17.61
N ASN J 150 48.57 -92.20 18.43
CA ASN J 150 49.46 -93.28 17.95
C ASN J 150 48.84 -94.64 18.22
N GLY J 151 49.03 -95.52 17.23
CA GLY J 151 48.64 -96.91 17.35
C GLY J 151 47.17 -96.95 17.16
N LYS J 152 46.51 -97.92 17.79
CA LYS J 152 45.06 -97.96 17.76
C LYS J 152 44.50 -96.85 18.68
N ASN J 153 44.10 -95.76 18.04
CA ASN J 153 43.21 -94.76 18.64
C ASN J 153 43.41 -94.46 20.11
N GLU J 154 44.63 -94.13 20.48
CA GLU J 154 44.87 -93.55 21.80
C GLU J 154 45.25 -92.12 21.59
N VAL J 155 44.60 -91.22 22.32
CA VAL J 155 45.00 -89.83 22.29
C VAL J 155 46.18 -89.70 23.24
N VAL J 156 47.32 -89.23 22.71
CA VAL J 156 48.54 -89.14 23.51
C VAL J 156 48.92 -87.71 23.84
N SER J 157 48.53 -86.78 22.98
CA SER J 157 48.81 -85.36 23.22
C SER J 157 47.71 -84.49 22.60
N TYR J 158 47.77 -83.18 22.88
CA TYR J 158 47.00 -82.21 22.11
C TYR J 158 47.67 -80.85 22.02
N ASP J 159 47.28 -80.10 20.99
CA ASP J 159 47.60 -78.69 20.87
C ASP J 159 46.33 -77.92 21.12
N GLN J 160 46.45 -76.71 21.65
CA GLN J 160 45.32 -75.83 21.89
C GLN J 160 45.69 -74.38 21.69
N THR J 161 44.81 -73.65 21.04
CA THR J 161 44.83 -72.20 21.03
C THR J 161 43.39 -71.77 21.27
N THR J 162 43.20 -70.65 21.94
CA THR J 162 41.87 -70.19 22.32
C THR J 162 41.73 -68.69 22.13
N LEU J 163 40.56 -68.24 21.66
CA LEU J 163 40.24 -66.83 21.65
C LEU J 163 39.40 -66.46 22.87
N GLU J 164 39.57 -65.23 23.35
CA GLU J 164 38.81 -64.69 24.47
C GLU J 164 38.41 -63.24 24.24
N THR J 165 37.52 -62.76 25.10
CA THR J 165 37.07 -61.38 25.09
C THR J 165 36.60 -60.98 23.70
N PHE J 166 35.54 -61.64 23.25
CA PHE J 166 34.86 -61.29 22.01
C PHE J 166 34.11 -60.01 22.21
N LYS J 167 34.15 -59.14 21.22
CA LYS J 167 33.44 -57.87 21.30
C LYS J 167 32.79 -57.63 19.96
N GLN J 168 31.55 -57.17 19.96
CA GLN J 168 30.85 -56.85 18.73
C GLN J 168 31.16 -55.41 18.39
N ILE J 169 31.78 -55.17 17.25
CA ILE J 169 32.32 -53.83 16.98
C ILE J 169 31.54 -53.05 15.95
N GLN J 170 30.79 -53.73 15.09
CA GLN J 170 29.98 -53.03 14.11
C GLN J 170 28.84 -53.88 13.63
N LYS J 171 27.63 -53.46 13.99
CA LYS J 171 26.41 -54.11 13.56
C LYS J 171 26.19 -53.81 12.09
N GLU J 172 25.98 -54.84 11.27
CA GLU J 172 25.79 -54.65 9.84
C GLU J 172 24.80 -55.63 9.27
N SER J 173 24.31 -55.31 8.09
CA SER J 173 23.34 -56.12 7.40
C SER J 173 24.06 -57.21 6.67
N LEU J 174 23.66 -58.48 6.85
CA LEU J 174 24.29 -59.61 6.14
C LEU J 174 23.58 -59.86 4.82
N ILE J 175 24.17 -60.71 3.98
CA ILE J 175 23.52 -61.07 2.73
C ILE J 175 22.79 -62.38 2.95
N THR J 176 21.83 -62.67 2.08
CA THR J 176 21.00 -63.84 2.29
C THR J 176 21.75 -65.11 1.91
N GLU J 177 21.31 -66.26 2.43
CA GLU J 177 21.83 -67.56 2.02
C GLU J 177 21.69 -67.72 0.52
N ASP J 179 21.52 -65.27 -1.67
CA ASP J 179 22.49 -64.35 -2.29
C ASP J 179 23.86 -65.03 -2.37
N ALA J 180 24.29 -65.65 -1.28
CA ALA J 180 25.57 -66.32 -1.23
C ALA J 180 25.70 -67.28 -2.40
N VAL J 181 24.71 -68.15 -2.60
CA VAL J 181 24.86 -69.18 -3.62
C VAL J 181 24.91 -68.55 -5.00
N GLU J 182 24.00 -67.59 -5.24
CA GLU J 182 24.00 -66.85 -6.50
C GLU J 182 25.35 -66.19 -6.76
N LEU J 183 26.01 -65.75 -5.69
CA LEU J 183 27.31 -65.12 -5.85
C LEU J 183 28.37 -66.14 -6.30
N LEU J 184 28.40 -67.31 -5.66
CA LEU J 184 29.25 -68.40 -6.15
C LEU J 184 29.03 -68.66 -7.61
N TYR J 185 27.78 -68.85 -7.99
CA TYR J 185 27.47 -69.13 -9.37
C TYR J 185 27.93 -67.98 -10.24
N TYR J 186 27.55 -66.76 -9.88
CA TYR J 186 27.93 -65.57 -10.64
C TYR J 186 29.42 -65.53 -10.91
N GLN J 187 30.22 -65.93 -9.92
CA GLN J 187 31.68 -65.99 -10.08
C GLN J 187 32.19 -67.30 -10.71
N ASN J 188 31.36 -68.00 -11.47
CA ASN J 188 31.77 -69.15 -12.26
C ASN J 188 32.40 -70.28 -11.44
N GLN J 189 31.98 -70.43 -10.19
CA GLN J 189 32.55 -71.40 -9.27
C GLN J 189 31.78 -72.71 -9.21
N LEU J 190 30.60 -72.76 -9.81
CA LEU J 190 29.71 -73.93 -9.70
C LEU J 190 29.65 -74.74 -10.99
N LYS J 191 29.70 -76.07 -10.87
CA LYS J 191 29.61 -76.98 -12.04
C LYS J 191 28.15 -77.33 -12.41
N GLU J 192 27.93 -77.68 -13.66
CA GLU J 192 26.60 -78.10 -14.09
C GLU J 192 26.20 -79.34 -13.34
N TYR J 193 24.90 -79.53 -13.12
CA TYR J 193 24.39 -80.72 -12.45
C TYR J 193 24.96 -80.89 -11.04
N SER J 194 25.14 -79.79 -10.33
CA SER J 194 25.62 -79.87 -8.96
C SER J 194 24.51 -79.53 -7.99
N THR J 195 24.69 -79.94 -6.75
CA THR J 195 23.68 -79.80 -5.72
C THR J 195 24.27 -79.03 -4.54
N VAL J 196 23.55 -78.03 -4.07
CA VAL J 196 23.96 -77.25 -2.93
C VAL J 196 23.44 -77.97 -1.71
N LYS J 197 24.33 -78.60 -0.96
CA LYS J 197 23.97 -79.40 0.20
C LYS J 197 23.65 -78.59 1.44
N SER J 198 24.29 -77.45 1.61
CA SER J 198 24.08 -76.64 2.79
C SER J 198 24.69 -75.25 2.66
N CYS J 199 24.26 -74.38 3.57
CA CYS J 199 24.75 -73.04 3.66
C CYS J 199 24.79 -72.71 5.15
N LYS J 200 25.95 -72.87 5.77
CA LYS J 200 26.07 -72.78 7.23
C LYS J 200 26.79 -71.49 7.56
N PHE J 201 26.39 -70.89 8.67
CA PHE J 201 26.86 -69.57 9.08
C PHE J 201 28.03 -69.74 10.01
N GLY J 202 28.97 -68.80 9.97
CA GLY J 202 30.15 -68.81 10.86
C GLY J 202 31.06 -67.61 10.70
N TYR J 203 32.29 -67.72 11.18
CA TYR J 203 33.27 -66.63 11.08
C TYR J 203 34.61 -67.12 10.57
N VAL J 204 35.34 -66.25 9.85
CA VAL J 204 36.77 -66.45 9.60
C VAL J 204 37.51 -65.20 10.01
N ALA J 205 38.78 -65.37 10.39
CA ALA J 205 39.62 -64.23 10.75
C ALA J 205 39.96 -63.47 9.49
N GLN J 206 39.70 -62.18 9.50
CA GLN J 206 39.87 -61.36 8.31
C GLN J 206 41.32 -60.95 8.21
N TYR J 207 41.91 -60.56 9.34
CA TYR J 207 43.33 -60.16 9.41
C TYR J 207 43.70 -59.94 10.88
N PRO J 208 45.02 -59.82 11.19
CA PRO J 208 45.46 -59.57 12.57
C PRO J 208 45.65 -58.10 12.96
N LEU J 209 45.81 -57.87 14.27
CA LEU J 209 46.12 -56.55 14.84
C LEU J 209 46.96 -56.71 16.13
N THR J 210 48.13 -57.34 15.97
CA THR J 210 48.96 -57.82 17.09
C THR J 210 48.14 -58.77 17.98
N SER J 211 47.76 -58.31 19.16
CA SER J 211 47.14 -59.15 20.16
C SER J 211 45.66 -59.47 19.83
N THR J 212 45.09 -58.73 18.87
CA THR J 212 43.68 -58.87 18.46
C THR J 212 43.54 -59.52 17.09
N GLN J 213 42.44 -60.22 16.90
CA GLN J 213 42.07 -60.75 15.60
C GLN J 213 40.74 -60.10 15.24
N VAL J 214 40.52 -59.82 13.97
CA VAL J 214 39.26 -59.25 13.52
C VAL J 214 38.52 -60.29 12.72
N LEU J 215 37.32 -60.64 13.15
CA LEU J 215 36.56 -61.71 12.51
C LEU J 215 35.34 -61.19 11.78
N ALA J 216 35.18 -61.60 10.52
CA ALA J 216 34.00 -61.26 9.74
C ALA J 216 33.11 -62.51 9.59
N PRO J 217 31.78 -62.31 9.57
CA PRO J 217 30.88 -63.41 9.35
C PRO J 217 30.99 -63.89 7.92
N VAL J 218 30.73 -65.17 7.72
CA VAL J 218 30.81 -65.78 6.39
C VAL J 218 29.68 -66.80 6.20
N TRP J 219 29.42 -67.18 4.96
CA TRP J 219 28.53 -68.30 4.65
C TRP J 219 29.42 -69.39 4.12
N ARG J 220 29.34 -70.59 4.70
CA ARG J 220 30.10 -71.74 4.20
C ARG J 220 29.17 -72.66 3.47
N ILE J 221 29.42 -72.81 2.17
CA ILE J 221 28.53 -73.51 1.28
C ILE J 221 29.18 -74.82 0.87
N THR J 222 28.45 -75.93 1.01
CA THR J 222 28.89 -77.23 0.54
C THR J 222 28.11 -77.60 -0.71
N VAL J 223 28.82 -77.99 -1.75
CA VAL J 223 28.23 -78.30 -3.06
C VAL J 223 28.74 -79.67 -3.42
N GLU J 224 27.94 -80.46 -4.13
CA GLU J 224 28.46 -81.70 -4.66
C GLU J 224 27.99 -81.99 -6.06
N TYR J 225 28.72 -82.91 -6.73
CA TYR J 225 28.46 -83.29 -8.11
C TYR J 225 29.10 -84.64 -8.35
N GLU J 226 28.80 -85.25 -9.51
CA GLU J 226 29.36 -86.57 -9.90
C GLU J 226 30.64 -86.44 -10.72
N LYS J 227 31.39 -87.55 -10.81
CA LYS J 227 32.58 -87.62 -11.66
C LYS J 227 32.82 -89.01 -12.22
N LYS J 233 33.10 -93.19 -11.43
CA LYS J 233 32.09 -92.14 -11.29
C LYS J 233 31.63 -92.04 -9.84
N LYS J 234 31.89 -90.91 -9.19
CA LYS J 234 31.60 -90.80 -7.75
C LYS J 234 31.17 -89.39 -7.31
N THR J 235 30.47 -89.31 -6.19
CA THR J 235 30.04 -88.03 -5.63
C THR J 235 31.21 -87.33 -4.95
N VAL J 236 31.60 -86.18 -5.48
CA VAL J 236 32.68 -85.34 -4.95
C VAL J 236 32.04 -84.14 -4.25
N GLN J 237 32.65 -83.62 -3.19
CA GLN J 237 32.18 -82.41 -2.51
C GLN J 237 33.17 -81.24 -2.60
N GLU J 238 32.67 -80.04 -2.93
CA GLU J 238 33.44 -78.80 -2.92
C GLU J 238 32.92 -77.92 -1.78
N TYR J 239 33.80 -77.13 -1.16
CA TYR J 239 33.42 -76.25 -0.06
C TYR J 239 33.81 -74.82 -0.36
N PHE J 240 32.95 -73.86 -0.05
CA PHE J 240 33.21 -72.46 -0.36
C PHE J 240 32.91 -71.56 0.83
N THR J 241 33.70 -70.49 0.98
CA THR J 241 33.45 -69.51 2.02
C THR J 241 33.18 -68.15 1.34
N VAL J 242 32.05 -67.54 1.70
CA VAL J 242 31.62 -66.28 1.12
C VAL J 242 31.46 -65.22 2.20
N ASN J 243 31.86 -64.00 1.91
CA ASN J 243 31.78 -62.93 2.87
C ASN J 243 30.31 -62.59 3.06
N ALA J 244 29.84 -62.73 4.29
CA ALA J 244 28.43 -62.54 4.59
C ALA J 244 28.08 -61.06 4.62
N LEU J 245 29.07 -60.20 4.82
CA LEU J 245 28.82 -58.76 4.94
C LEU J 245 28.39 -58.09 3.65
N GLU J 246 27.37 -57.25 3.74
CA GLU J 246 26.91 -56.43 2.63
C GLU J 246 27.42 -55.01 2.80
N SER J 247 28.63 -54.77 2.34
CA SER J 247 29.25 -53.47 2.49
C SER J 247 29.76 -52.93 1.16
N THR J 248 28.94 -53.09 0.12
CA THR J 248 29.22 -52.51 -1.19
C THR J 248 29.07 -50.97 -1.19
N ILE J 249 27.88 -50.44 -0.88
CA ILE J 249 27.67 -48.98 -0.81
C ILE J 249 27.79 -48.40 0.61
N LEU J 250 28.80 -47.56 0.82
CA LEU J 250 29.04 -46.91 2.10
C LEU J 250 28.46 -45.49 2.09
N LYS K 8 2.66 -76.97 -19.59
CA LYS K 8 2.33 -75.56 -19.91
C LYS K 8 3.47 -74.60 -19.56
N GLU K 9 3.47 -73.45 -20.23
CA GLU K 9 4.39 -72.36 -19.97
C GLU K 9 3.60 -71.09 -19.66
N TYR K 10 2.42 -70.96 -20.26
CA TYR K 10 1.46 -69.90 -19.91
C TYR K 10 1.21 -69.79 -18.40
N GLU K 11 1.17 -70.92 -17.71
CA GLU K 11 0.99 -70.91 -16.25
C GLU K 11 2.27 -70.51 -15.54
N VAL K 12 3.41 -71.05 -15.96
CA VAL K 12 4.69 -70.58 -15.41
C VAL K 12 4.74 -69.05 -15.44
N ILE K 13 4.26 -68.47 -16.54
CA ILE K 13 4.26 -67.02 -16.70
C ILE K 13 3.14 -66.37 -15.91
N LYS K 14 1.92 -66.86 -16.09
CA LYS K 14 0.73 -66.30 -15.43
C LYS K 14 0.89 -66.11 -13.92
N ASN K 15 1.66 -66.96 -13.24
CA ASN K 15 1.90 -66.76 -11.83
C ASN K 15 3.24 -66.09 -11.49
N ASP K 16 4.17 -66.02 -12.45
CA ASP K 16 5.31 -65.11 -12.34
C ASP K 16 4.81 -63.67 -12.29
N VAL K 17 3.71 -63.43 -13.02
CA VAL K 17 3.00 -62.18 -12.95
C VAL K 17 2.34 -62.02 -11.57
N GLU K 18 1.65 -63.07 -11.12
CA GLU K 18 1.05 -63.04 -9.78
C GLU K 18 2.07 -62.66 -8.70
N HIS K 19 3.24 -63.29 -8.75
CA HIS K 19 4.32 -63.03 -7.79
C HIS K 19 4.96 -61.64 -7.93
N ASP K 20 4.85 -61.03 -9.09
CA ASP K 20 5.36 -59.67 -9.26
C ASP K 20 4.33 -58.63 -8.81
N LYS K 22 2.16 -59.17 -6.32
CA LYS K 22 2.36 -59.20 -4.87
C LYS K 22 3.52 -58.31 -4.46
N ALA K 23 4.68 -58.49 -5.10
CA ALA K 23 5.88 -57.71 -4.79
C ALA K 23 5.69 -56.20 -4.97
N ASP K 24 4.81 -55.80 -5.90
CA ASP K 24 4.48 -54.39 -6.10
C ASP K 24 3.26 -53.97 -5.27
N HIS K 25 2.81 -54.85 -4.39
CA HIS K 25 1.65 -54.63 -3.51
C HIS K 25 0.48 -54.09 -4.31
N ILE K 26 -0.19 -54.96 -5.06
CA ILE K 26 -1.32 -54.57 -5.89
C ILE K 26 -2.58 -55.38 -5.58
N THR K 27 -3.71 -54.67 -5.48
CA THR K 27 -4.98 -55.26 -5.06
C THR K 27 -5.97 -55.42 -6.20
N TYR K 28 -6.59 -56.61 -6.24
CA TYR K 28 -7.73 -56.90 -7.14
C TYR K 28 -8.98 -56.89 -6.25
N GLU K 29 -9.91 -55.98 -6.54
CA GLU K 29 -11.14 -55.87 -5.75
C GLU K 29 -12.32 -56.62 -6.41
N GLY K 30 -12.47 -57.89 -6.03
CA GLY K 30 -13.62 -58.71 -6.44
C GLY K 30 -13.74 -58.97 -7.94
N LEU K 31 -12.65 -59.42 -8.56
CA LEU K 31 -12.66 -59.67 -10.00
C LEU K 31 -12.94 -61.14 -10.31
N ASN K 32 -13.83 -61.36 -11.28
CA ASN K 32 -14.19 -62.71 -11.75
C ASN K 32 -13.00 -63.44 -12.40
N LYS K 33 -12.68 -64.62 -11.86
CA LYS K 33 -11.67 -65.51 -12.42
C LYS K 33 -12.26 -66.39 -13.54
N GLU K 34 -13.59 -66.53 -13.56
CA GLU K 34 -14.30 -67.39 -14.52
C GLU K 34 -14.38 -66.77 -15.93
N ALA K 35 -14.21 -67.61 -16.95
CA ALA K 35 -14.38 -67.19 -18.35
C ALA K 35 -15.87 -66.96 -18.62
N THR K 36 -16.14 -66.12 -19.62
CA THR K 36 -17.49 -65.91 -20.11
C THR K 36 -17.48 -65.92 -21.62
N GLU K 37 -18.65 -66.19 -22.21
CA GLU K 37 -18.82 -66.20 -23.66
C GLU K 37 -19.18 -64.78 -24.08
N GLY K 38 -19.00 -64.49 -25.37
CA GLY K 38 -19.16 -63.14 -25.89
C GLY K 38 -19.29 -63.13 -27.41
N TYR K 39 -19.71 -62.00 -27.96
CA TYR K 39 -20.07 -61.92 -29.37
C TYR K 39 -19.31 -60.79 -30.08
N ARG K 40 -19.02 -61.00 -31.36
CA ARG K 40 -18.68 -59.88 -32.25
C ARG K 40 -19.95 -59.41 -32.94
N ILE K 41 -20.24 -58.13 -32.85
CA ILE K 41 -21.44 -57.56 -33.44
C ILE K 41 -21.11 -56.72 -34.65
N THR K 42 -22.04 -56.63 -35.60
CA THR K 42 -21.90 -55.69 -36.71
C THR K 42 -23.15 -54.84 -36.83
N ALA K 43 -22.95 -53.53 -36.88
CA ALA K 43 -24.05 -52.57 -36.88
C ALA K 43 -23.90 -51.58 -38.02
N ASN K 44 -25.02 -51.04 -38.49
CA ASN K 44 -25.01 -50.05 -39.57
C ASN K 44 -25.04 -48.63 -39.02
N GLN K 45 -24.44 -47.69 -39.74
CA GLN K 45 -24.56 -46.27 -39.39
C GLN K 45 -25.95 -45.77 -39.78
N LYS K 46 -26.65 -45.14 -38.85
CA LYS K 46 -27.99 -44.68 -39.14
C LYS K 46 -27.91 -43.59 -40.18
N SER K 47 -28.80 -43.70 -41.16
CA SER K 47 -28.93 -42.71 -42.21
C SER K 47 -30.31 -42.04 -42.10
N PHE K 48 -30.30 -40.82 -41.58
CA PHE K 48 -31.54 -40.09 -41.26
C PHE K 48 -32.27 -39.59 -42.50
N SER K 49 -33.55 -39.94 -42.60
CA SER K 49 -34.36 -39.56 -43.75
C SER K 49 -34.99 -38.17 -43.56
N LYS K 50 -35.51 -37.65 -44.67
CA LYS K 50 -36.20 -36.36 -44.70
C LYS K 50 -37.35 -36.34 -43.71
N GLU K 51 -38.02 -37.48 -43.59
CA GLU K 51 -39.25 -37.57 -42.84
C GLU K 51 -38.98 -37.81 -41.37
N GLU K 52 -37.95 -38.58 -41.07
CA GLU K 52 -37.49 -38.72 -39.69
C GLU K 52 -37.12 -37.33 -39.14
N ILE K 53 -36.29 -36.60 -39.88
CA ILE K 53 -35.76 -35.30 -39.43
C ILE K 53 -36.86 -34.33 -39.08
N GLU K 54 -37.77 -34.11 -40.03
CA GLU K 54 -38.84 -33.12 -39.86
C GLU K 54 -39.99 -33.61 -38.99
N ALA K 55 -39.94 -34.86 -38.53
CA ALA K 55 -40.83 -35.34 -37.48
C ALA K 55 -40.39 -34.92 -36.07
N LEU K 56 -39.23 -34.26 -35.95
CA LEU K 56 -38.72 -33.77 -34.66
C LEU K 56 -39.39 -32.47 -34.26
N LYS K 57 -40.55 -32.55 -33.62
CA LYS K 57 -41.32 -31.37 -33.20
C LYS K 57 -40.45 -30.38 -32.39
N ASP K 58 -40.57 -29.08 -32.73
CA ASP K 58 -39.86 -27.96 -32.05
C ASP K 58 -38.33 -28.01 -32.08
N GLN K 59 -37.77 -28.58 -33.15
CA GLN K 59 -36.32 -28.66 -33.39
C GLN K 59 -36.05 -28.32 -34.84
N LYS K 60 -34.95 -27.61 -35.09
CA LYS K 60 -34.61 -27.18 -36.45
C LYS K 60 -33.20 -27.66 -36.85
N PRO K 61 -33.04 -28.11 -38.09
CA PRO K 61 -31.78 -28.67 -38.52
C PRO K 61 -30.66 -27.65 -38.76
N LEU K 62 -29.53 -27.84 -38.09
CA LEU K 62 -28.31 -27.05 -38.32
C LEU K 62 -27.34 -27.82 -39.23
N ASP K 64 -27.08 -29.80 -43.48
CA ASP K 64 -27.70 -29.98 -44.79
C ASP K 64 -28.67 -31.15 -44.78
N PRO K 66 -30.99 -34.30 -46.44
CA PRO K 66 -30.57 -35.38 -47.33
C PRO K 66 -31.14 -35.23 -48.75
N SER K 67 -30.39 -35.71 -49.74
CA SER K 67 -30.92 -35.88 -51.10
C SER K 67 -30.20 -37.06 -51.75
N ASP K 68 -30.62 -37.40 -52.96
CA ASP K 68 -29.97 -38.48 -53.71
C ASP K 68 -28.45 -38.38 -53.64
N ASP K 69 -27.96 -37.15 -53.72
CA ASP K 69 -26.52 -36.87 -53.75
C ASP K 69 -25.88 -37.01 -52.36
N HIS K 70 -26.57 -36.58 -51.32
CA HIS K 70 -25.98 -36.52 -49.97
C HIS K 70 -26.79 -37.28 -48.91
N LYS K 71 -26.12 -38.19 -48.21
CA LYS K 71 -26.71 -38.89 -47.07
C LYS K 71 -26.37 -38.16 -45.78
N VAL K 72 -27.29 -38.17 -44.83
CA VAL K 72 -27.09 -37.56 -43.50
C VAL K 72 -26.91 -38.64 -42.42
N THR K 73 -25.70 -38.77 -41.90
CA THR K 73 -25.42 -39.75 -40.85
C THR K 73 -25.03 -39.07 -39.54
N SER K 74 -25.20 -37.75 -39.49
CA SER K 74 -24.79 -36.94 -38.35
C SER K 74 -25.79 -35.81 -38.23
N LEU K 75 -26.59 -35.84 -37.16
CA LEU K 75 -27.57 -34.80 -36.91
C LEU K 75 -26.96 -33.76 -36.00
N LYS K 76 -27.05 -32.50 -36.41
CA LYS K 76 -26.81 -31.40 -35.51
C LYS K 76 -28.09 -30.56 -35.51
N LYS K 78 -30.94 -27.87 -33.45
CA LYS K 78 -31.16 -26.76 -32.49
C LYS K 78 -32.60 -26.76 -31.94
N PHE K 79 -32.72 -26.58 -30.63
CA PHE K 79 -34.04 -26.48 -30.00
C PHE K 79 -34.64 -25.11 -30.27
N ALA K 80 -35.88 -25.13 -30.77
CA ALA K 80 -36.68 -23.94 -30.98
C ALA K 80 -36.59 -23.05 -29.74
N ASN K 81 -36.66 -23.67 -28.56
CA ASN K 81 -36.44 -22.97 -27.30
C ASN K 81 -35.48 -23.74 -26.41
N PRO K 82 -34.38 -23.12 -25.97
CA PRO K 82 -33.42 -23.84 -25.14
C PRO K 82 -34.05 -24.37 -23.86
N ILE K 83 -33.52 -25.47 -23.35
CA ILE K 83 -34.16 -26.25 -22.29
C ILE K 83 -33.38 -26.27 -20.99
N ALA K 84 -34.00 -25.74 -19.94
CA ALA K 84 -33.42 -25.73 -18.61
C ALA K 84 -33.11 -27.15 -18.14
N LEU K 85 -32.02 -27.25 -17.39
CA LEU K 85 -31.67 -28.46 -16.68
C LEU K 85 -31.38 -28.08 -15.23
N SER K 86 -31.86 -28.90 -14.31
CA SER K 86 -31.56 -28.76 -12.90
C SER K 86 -30.06 -28.51 -12.69
N LYS K 87 -29.75 -27.81 -11.61
CA LYS K 87 -28.38 -27.46 -11.27
C LYS K 87 -27.76 -28.73 -10.67
N LYS K 88 -28.31 -29.15 -9.53
CA LYS K 88 -27.74 -30.21 -8.70
C LYS K 88 -28.27 -31.60 -9.05
N ASP K 89 -29.26 -31.67 -9.93
CA ASP K 89 -29.78 -32.96 -10.38
C ASP K 89 -29.48 -33.16 -11.88
N ILE K 90 -28.38 -32.56 -12.33
CA ILE K 90 -28.14 -32.33 -13.76
C ILE K 90 -28.12 -33.56 -14.63
N GLU K 91 -27.69 -34.69 -14.09
CA GLU K 91 -27.51 -35.89 -14.91
C GLU K 91 -28.86 -36.52 -15.24
N ASP K 92 -29.75 -36.59 -14.25
CA ASP K 92 -31.06 -37.17 -14.49
C ASP K 92 -31.84 -36.33 -15.49
N ASP K 93 -31.85 -35.01 -15.27
CA ASP K 93 -32.53 -34.10 -16.19
C ASP K 93 -32.00 -34.27 -17.61
N ALA K 94 -30.68 -34.42 -17.75
CA ALA K 94 -30.10 -34.65 -19.06
C ALA K 94 -30.56 -36.01 -19.65
N GLN K 95 -30.52 -37.09 -18.86
CA GLN K 95 -31.06 -38.38 -19.32
C GLN K 95 -32.49 -38.23 -19.82
N ALA K 96 -33.30 -37.50 -19.05
CA ALA K 96 -34.72 -37.35 -19.38
C ALA K 96 -34.92 -36.58 -20.68
N LEU K 97 -34.07 -35.56 -20.90
CA LEU K 97 -34.12 -34.73 -22.11
C LEU K 97 -33.87 -35.62 -23.30
N VAL K 98 -32.83 -36.46 -23.20
CA VAL K 98 -32.46 -37.36 -24.28
C VAL K 98 -33.49 -38.47 -24.49
N SER K 99 -33.96 -39.09 -23.42
CA SER K 99 -34.89 -40.20 -23.57
C SER K 99 -36.17 -39.74 -24.29
N SER K 100 -36.74 -38.64 -23.82
CA SER K 100 -38.07 -38.22 -24.26
C SER K 100 -38.07 -37.36 -25.52
N LYS K 101 -36.96 -36.73 -25.87
CA LYS K 101 -36.99 -35.80 -26.98
C LYS K 101 -36.09 -36.14 -28.17
N ILE K 102 -34.98 -36.82 -27.92
CA ILE K 102 -34.09 -37.20 -29.02
C ILE K 102 -34.50 -38.57 -29.54
N GLN K 103 -34.24 -38.79 -30.84
CA GLN K 103 -34.66 -40.02 -31.52
C GLN K 103 -33.83 -41.20 -31.02
N ASP K 104 -34.50 -42.30 -30.69
CA ASP K 104 -33.83 -43.47 -30.10
C ASP K 104 -33.11 -43.09 -28.82
N GLY K 105 -33.71 -42.19 -28.06
CA GLY K 105 -33.10 -41.73 -26.83
C GLY K 105 -32.82 -42.89 -25.90
N GLU K 106 -33.83 -43.72 -25.64
CA GLU K 106 -33.70 -44.83 -24.69
C GLU K 106 -32.34 -45.50 -24.81
N LYS K 107 -31.82 -45.57 -26.04
CA LYS K 107 -30.62 -46.32 -26.36
C LYS K 107 -29.28 -45.63 -25.98
N TYR K 108 -29.32 -44.51 -25.25
CA TYR K 108 -28.06 -43.79 -24.87
C TYR K 108 -27.87 -43.71 -23.36
N LYS K 109 -26.61 -43.71 -22.92
CA LYS K 109 -26.30 -43.60 -21.51
C LYS K 109 -25.31 -42.46 -21.27
N LEU K 110 -25.57 -41.65 -20.25
CA LEU K 110 -24.69 -40.53 -19.94
C LEU K 110 -23.28 -41.05 -19.72
N TRP K 111 -22.34 -40.49 -20.45
CA TRP K 111 -20.92 -40.79 -20.26
C TRP K 111 -20.23 -39.74 -19.37
N LYS K 112 -20.35 -38.48 -19.76
CA LYS K 112 -19.52 -37.44 -19.18
C LYS K 112 -20.25 -36.09 -19.20
N VAL K 113 -20.11 -35.32 -18.12
CA VAL K 113 -20.53 -33.92 -18.12
C VAL K 113 -19.27 -33.07 -18.21
N ASP K 114 -19.10 -32.32 -19.29
CA ASP K 114 -17.86 -31.59 -19.54
C ASP K 114 -18.03 -30.08 -19.29
N LYS K 115 -17.65 -29.64 -18.11
CA LYS K 115 -17.93 -28.28 -17.68
C LYS K 115 -17.16 -27.24 -18.50
N SER K 116 -15.92 -27.57 -18.85
CA SER K 116 -15.07 -26.66 -19.62
C SER K 116 -15.48 -26.52 -21.09
N LYS K 117 -16.22 -27.48 -21.63
CA LYS K 117 -16.74 -27.38 -23.01
C LYS K 117 -18.25 -27.16 -23.01
N LYS K 118 -18.83 -27.04 -21.82
CA LYS K 118 -20.27 -26.86 -21.70
C LYS K 118 -21.00 -27.85 -22.61
N GLU K 119 -20.71 -29.14 -22.43
CA GLU K 119 -21.45 -30.19 -23.13
C GLU K 119 -21.60 -31.45 -22.25
N ILE K 120 -22.61 -32.25 -22.59
CA ILE K 120 -22.88 -33.51 -21.91
C ILE K 120 -22.89 -34.62 -22.95
N ILE K 121 -22.04 -35.63 -22.78
CA ILE K 121 -21.85 -36.67 -23.79
C ILE K 121 -22.49 -38.00 -23.39
N PHE K 122 -23.26 -38.56 -24.31
CA PHE K 122 -23.94 -39.82 -24.11
C PHE K 122 -23.41 -40.80 -25.15
N PHE K 123 -23.08 -42.02 -24.72
CA PHE K 123 -22.72 -43.11 -25.64
C PHE K 123 -23.89 -44.02 -25.84
N GLN K 124 -24.15 -44.40 -27.09
CA GLN K 124 -25.10 -45.47 -27.36
C GLN K 124 -24.66 -46.72 -26.60
N THR K 125 -25.60 -47.59 -26.25
CA THR K 125 -25.25 -48.86 -25.63
C THR K 125 -25.73 -50.02 -26.46
N TYR K 126 -25.31 -51.22 -26.04
CA TYR K 126 -25.79 -52.50 -26.60
C TYR K 126 -26.07 -53.40 -25.41
N GLU K 127 -27.29 -53.90 -25.34
CA GLU K 127 -27.75 -54.62 -24.15
C GLU K 127 -27.33 -53.87 -22.88
N GLY K 128 -27.47 -52.55 -22.93
CA GLY K 128 -27.20 -51.68 -21.80
C GLY K 128 -25.74 -51.49 -21.46
N HIS K 129 -24.82 -51.93 -22.31
CA HIS K 129 -23.41 -51.76 -22.04
C HIS K 129 -22.87 -50.68 -22.94
N TYR K 130 -21.96 -49.85 -22.45
CA TYR K 130 -21.41 -48.79 -23.29
C TYR K 130 -20.78 -49.35 -24.58
N ILE K 131 -20.98 -48.61 -25.67
CA ILE K 131 -20.11 -48.71 -26.83
C ILE K 131 -19.09 -47.61 -26.61
N TYR K 132 -18.02 -47.95 -25.89
CA TYR K 132 -16.97 -47.00 -25.52
C TYR K 132 -16.33 -46.48 -26.77
N GLN K 133 -16.10 -45.16 -26.79
CA GLN K 133 -15.47 -44.51 -27.94
C GLN K 133 -14.73 -43.25 -27.51
N LYS K 134 -13.97 -42.69 -28.44
CA LYS K 134 -13.27 -41.44 -28.20
C LYS K 134 -14.26 -40.27 -28.24
N THR K 135 -14.03 -39.32 -27.32
CA THR K 135 -14.74 -38.04 -27.25
C THR K 135 -13.81 -36.89 -27.65
N ASP K 136 -12.83 -37.19 -28.50
CA ASP K 136 -11.87 -36.17 -28.96
C ASP K 136 -12.40 -35.40 -30.16
N ASN K 137 -13.21 -36.06 -30.99
CA ASN K 137 -13.66 -35.47 -32.26
C ASN K 137 -14.75 -36.33 -32.95
N PRO K 138 -15.39 -35.78 -34.02
CA PRO K 138 -16.54 -36.40 -34.71
C PRO K 138 -16.27 -37.53 -35.71
N SER K 139 -15.02 -37.69 -36.16
CA SER K 139 -14.66 -38.91 -36.87
C SER K 139 -15.10 -40.13 -36.06
N ASN K 140 -14.70 -40.18 -34.80
CA ASN K 140 -14.88 -41.36 -33.95
C ASN K 140 -16.20 -41.39 -33.20
N ILE K 142 -19.26 -42.68 -33.65
CA ILE K 142 -20.08 -43.68 -34.37
C ILE K 142 -21.47 -43.81 -33.76
N GLY K 143 -21.59 -43.47 -32.47
CA GLY K 143 -22.87 -43.58 -31.77
C GLY K 143 -22.92 -42.77 -30.47
N GLN K 144 -23.10 -41.45 -30.62
CA GLN K 144 -23.19 -40.55 -29.48
C GLN K 144 -24.29 -39.51 -29.63
N VAL K 145 -24.76 -38.99 -28.50
CA VAL K 145 -25.51 -37.75 -28.45
C VAL K 145 -24.70 -36.73 -27.64
N VAL K 146 -24.54 -35.52 -28.17
CA VAL K 146 -23.79 -34.49 -27.48
C VAL K 146 -24.65 -33.25 -27.28
N LEU K 147 -25.11 -33.04 -26.05
CA LEU K 147 -25.88 -31.86 -25.72
C LEU K 147 -24.95 -30.67 -25.59
N HIS K 148 -25.39 -29.51 -26.06
CA HIS K 148 -24.60 -28.29 -25.97
C HIS K 148 -25.30 -27.28 -25.07
N LEU K 149 -24.61 -26.85 -24.01
CA LEU K 149 -25.19 -25.97 -22.98
C LEU K 149 -24.76 -24.52 -23.11
N ASN K 150 -25.46 -23.63 -22.42
CA ASN K 150 -25.08 -22.23 -22.32
C ASN K 150 -25.80 -21.54 -21.19
N GLY K 151 -25.03 -20.80 -20.38
CA GLY K 151 -25.58 -19.81 -19.46
C GLY K 151 -26.12 -20.42 -18.19
N LYS K 152 -27.44 -20.55 -18.10
CA LYS K 152 -28.10 -21.26 -16.99
C LYS K 152 -28.35 -22.73 -17.36
N ASN K 153 -27.28 -23.47 -17.67
CA ASN K 153 -27.43 -24.90 -17.96
C ASN K 153 -28.59 -25.18 -18.91
N GLU K 154 -28.77 -24.35 -19.92
CA GLU K 154 -29.85 -24.56 -20.89
C GLU K 154 -29.28 -25.25 -22.13
N VAL K 155 -29.87 -26.38 -22.47
CA VAL K 155 -29.44 -27.16 -23.63
C VAL K 155 -29.94 -26.49 -24.91
N VAL K 156 -29.02 -25.90 -25.66
CA VAL K 156 -29.35 -25.14 -26.87
C VAL K 156 -29.58 -26.08 -28.05
N SER K 157 -28.62 -26.97 -28.28
CA SER K 157 -28.57 -27.81 -29.47
C SER K 157 -27.98 -29.16 -29.13
N TYR K 158 -27.97 -30.06 -30.11
CA TYR K 158 -27.34 -31.36 -29.93
C TYR K 158 -26.84 -32.01 -31.22
N ASP K 159 -25.79 -32.84 -31.07
CA ASP K 159 -25.24 -33.63 -32.16
C ASP K 159 -25.66 -35.06 -31.91
N GLN K 160 -26.03 -35.79 -32.96
CA GLN K 160 -26.32 -37.22 -32.79
C GLN K 160 -25.81 -38.07 -33.93
N THR K 161 -25.28 -39.23 -33.58
CA THR K 161 -25.04 -40.31 -34.53
C THR K 161 -25.57 -41.57 -33.84
N THR K 162 -26.06 -42.53 -34.63
CA THR K 162 -26.75 -43.71 -34.11
C THR K 162 -26.38 -44.94 -34.91
N LEU K 163 -26.16 -46.06 -34.22
CA LEU K 163 -25.96 -47.34 -34.87
C LEU K 163 -27.28 -48.08 -34.85
N GLU K 164 -27.55 -48.85 -35.90
CA GLU K 164 -28.77 -49.66 -35.95
C GLU K 164 -28.50 -50.98 -36.66
N THR K 165 -29.49 -51.87 -36.64
CA THR K 165 -29.43 -53.15 -37.33
C THR K 165 -28.24 -53.96 -36.86
N PHE K 166 -28.28 -54.30 -35.58
CA PHE K 166 -27.22 -55.09 -34.98
C PHE K 166 -27.35 -56.53 -35.42
N LYS K 167 -26.23 -57.15 -35.74
CA LYS K 167 -26.13 -58.57 -36.05
C LYS K 167 -25.12 -59.15 -35.10
N GLN K 168 -25.43 -60.30 -34.53
CA GLN K 168 -24.44 -61.06 -33.77
C GLN K 168 -23.86 -62.04 -34.75
N ILE K 169 -22.64 -61.76 -35.21
CA ILE K 169 -22.04 -62.56 -36.29
C ILE K 169 -21.26 -63.78 -35.78
N GLN K 170 -20.66 -63.69 -34.59
CA GLN K 170 -19.78 -64.74 -34.10
C GLN K 170 -19.70 -64.75 -32.58
N LYS K 171 -19.77 -65.93 -31.99
CA LYS K 171 -19.72 -66.11 -30.55
C LYS K 171 -18.30 -66.50 -30.27
N GLU K 172 -17.76 -66.10 -29.12
CA GLU K 172 -16.35 -66.38 -28.79
C GLU K 172 -16.06 -66.42 -27.29
N SER K 173 -14.98 -67.08 -26.90
CA SER K 173 -14.60 -67.10 -25.50
C SER K 173 -13.82 -65.83 -25.16
N LEU K 174 -14.10 -65.27 -24.00
CA LEU K 174 -13.49 -64.01 -23.57
C LEU K 174 -12.45 -64.23 -22.49
N ILE K 175 -11.42 -63.40 -22.49
CA ILE K 175 -10.44 -63.43 -21.41
C ILE K 175 -11.12 -62.97 -20.13
N THR K 176 -10.75 -63.57 -19.00
CA THR K 176 -11.41 -63.26 -17.72
C THR K 176 -11.09 -61.84 -17.22
N GLU K 177 -11.91 -61.34 -16.30
CA GLU K 177 -11.62 -60.04 -15.71
C GLU K 177 -10.17 -60.03 -15.22
N ASP K 179 -7.72 -61.89 -16.17
CA ASP K 179 -6.82 -61.92 -17.31
C ASP K 179 -6.46 -60.50 -17.78
N ALA K 180 -7.47 -59.65 -17.93
CA ALA K 180 -7.27 -58.30 -18.48
C ALA K 180 -6.38 -57.45 -17.61
N VAL K 181 -6.41 -57.71 -16.30
CA VAL K 181 -5.59 -56.99 -15.35
C VAL K 181 -4.13 -57.45 -15.35
N GLU K 182 -3.93 -58.77 -15.38
CA GLU K 182 -2.59 -59.34 -15.51
C GLU K 182 -1.95 -58.75 -16.74
N LEU K 183 -2.74 -58.66 -17.80
CA LEU K 183 -2.29 -58.13 -19.10
C LEU K 183 -1.85 -56.68 -19.00
N LEU K 184 -2.62 -55.85 -18.30
CA LEU K 184 -2.23 -54.48 -18.05
C LEU K 184 -0.89 -54.41 -17.33
N TYR K 185 -0.80 -55.12 -16.21
CA TYR K 185 0.43 -55.09 -15.42
C TYR K 185 1.65 -55.51 -16.24
N TYR K 186 1.48 -56.55 -17.06
CA TYR K 186 2.53 -57.06 -17.95
C TYR K 186 3.05 -55.96 -18.85
N GLN K 187 2.13 -55.27 -19.54
CA GLN K 187 2.48 -54.14 -20.43
C GLN K 187 2.88 -52.87 -19.66
N ASN K 188 3.14 -53.01 -18.37
CA ASN K 188 3.85 -52.00 -17.61
C ASN K 188 2.95 -50.83 -17.25
N GLN K 189 1.65 -51.05 -17.27
CA GLN K 189 0.66 -49.96 -17.14
C GLN K 189 0.22 -49.65 -15.70
N LEU K 190 0.51 -50.53 -14.75
CA LEU K 190 0.08 -50.37 -13.36
C LEU K 190 1.24 -50.04 -12.45
N LYS K 191 1.15 -48.91 -11.77
CA LYS K 191 2.25 -48.45 -10.90
C LYS K 191 2.30 -49.23 -9.59
N GLU K 192 3.48 -49.25 -8.97
CA GLU K 192 3.64 -49.94 -7.68
C GLU K 192 2.69 -49.31 -6.69
N TYR K 193 2.11 -50.15 -5.82
CA TYR K 193 1.08 -49.73 -4.88
C TYR K 193 -0.11 -49.14 -5.63
N SER K 194 -0.93 -50.01 -6.22
CA SER K 194 -2.09 -49.57 -7.00
C SER K 194 -3.30 -50.52 -6.82
N THR K 195 -4.49 -49.98 -7.02
CA THR K 195 -5.72 -50.69 -6.72
C THR K 195 -6.65 -50.71 -7.92
N VAL K 196 -7.10 -51.90 -8.29
CA VAL K 196 -8.13 -52.03 -9.29
C VAL K 196 -9.48 -51.76 -8.61
N LYS K 197 -10.16 -50.73 -9.08
CA LYS K 197 -11.43 -50.34 -8.48
C LYS K 197 -12.59 -51.11 -9.11
N SER K 198 -12.67 -51.07 -10.44
CA SER K 198 -13.80 -51.61 -11.16
C SER K 198 -13.32 -52.27 -12.43
N CYS K 199 -14.20 -53.09 -13.00
CA CYS K 199 -13.92 -53.75 -14.26
C CYS K 199 -15.21 -53.98 -15.05
N LYS K 200 -15.61 -52.96 -15.81
CA LYS K 200 -16.90 -52.97 -16.48
C LYS K 200 -16.79 -53.53 -17.91
N PHE K 201 -17.85 -54.16 -18.37
CA PHE K 201 -17.90 -54.76 -19.68
C PHE K 201 -18.53 -53.85 -20.73
N GLY K 202 -18.08 -53.95 -21.97
CA GLY K 202 -18.65 -53.15 -23.05
C GLY K 202 -18.10 -53.52 -24.41
N TYR K 203 -18.24 -52.61 -25.37
CA TYR K 203 -17.78 -52.84 -26.75
C TYR K 203 -17.01 -51.63 -27.26
N VAL K 204 -16.13 -51.83 -28.25
CA VAL K 204 -15.53 -50.73 -28.99
C VAL K 204 -15.61 -50.94 -30.49
N ALA K 205 -15.66 -49.83 -31.24
CA ALA K 205 -15.49 -49.87 -32.69
C ALA K 205 -14.15 -50.47 -32.97
N GLN K 206 -14.12 -51.58 -33.69
CA GLN K 206 -12.86 -52.31 -33.96
C GLN K 206 -12.30 -51.82 -35.28
N TYR K 207 -13.16 -51.77 -36.30
CA TYR K 207 -12.84 -51.18 -37.59
C TYR K 207 -14.12 -50.94 -38.40
N PRO K 208 -14.07 -50.07 -39.43
CA PRO K 208 -15.22 -49.82 -40.29
C PRO K 208 -15.25 -50.70 -41.54
N LEU K 209 -16.44 -51.02 -42.04
CA LEU K 209 -16.59 -51.77 -43.28
C LEU K 209 -17.61 -51.03 -44.15
N THR K 210 -17.12 -50.21 -45.07
CA THR K 210 -17.96 -49.23 -45.78
C THR K 210 -18.90 -48.52 -44.80
N SER K 211 -20.21 -48.77 -44.92
CA SER K 211 -21.21 -48.04 -44.17
C SER K 211 -21.56 -48.75 -42.85
N THR K 212 -20.65 -49.60 -42.38
CA THR K 212 -20.90 -50.51 -41.27
C THR K 212 -19.79 -50.38 -40.26
N GLN K 213 -20.13 -50.55 -38.99
CA GLN K 213 -19.11 -50.78 -37.99
C GLN K 213 -19.11 -52.25 -37.56
N VAL K 214 -17.95 -52.72 -37.14
CA VAL K 214 -17.78 -54.05 -36.57
C VAL K 214 -17.23 -53.82 -35.17
N LEU K 215 -17.93 -54.33 -34.15
CA LEU K 215 -17.59 -54.06 -32.76
C LEU K 215 -17.11 -55.33 -32.12
N ALA K 216 -16.44 -55.20 -30.99
CA ALA K 216 -15.91 -56.35 -30.27
C ALA K 216 -15.91 -56.01 -28.80
N PRO K 217 -16.03 -57.03 -27.95
CA PRO K 217 -16.20 -56.83 -26.54
C PRO K 217 -14.92 -56.42 -25.88
N VAL K 218 -15.00 -55.58 -24.87
CA VAL K 218 -13.82 -55.06 -24.17
C VAL K 218 -14.08 -55.05 -22.69
N TRP K 219 -13.00 -54.91 -21.92
CA TRP K 219 -13.10 -54.65 -20.50
C TRP K 219 -12.60 -53.23 -20.28
N ARG K 220 -13.28 -52.53 -19.38
CA ARG K 220 -12.95 -51.18 -19.04
C ARG K 220 -12.47 -51.20 -17.61
N ILE K 221 -11.18 -50.99 -17.41
CA ILE K 221 -10.61 -51.13 -16.07
C ILE K 221 -10.25 -49.77 -15.48
N THR K 222 -10.62 -49.60 -14.22
CA THR K 222 -10.34 -48.38 -13.47
C THR K 222 -9.31 -48.71 -12.38
N VAL K 223 -8.13 -48.15 -12.53
CA VAL K 223 -7.05 -48.29 -11.54
C VAL K 223 -6.90 -46.95 -10.87
N GLU K 224 -6.36 -46.93 -9.66
CA GLU K 224 -6.08 -45.65 -9.00
C GLU K 224 -4.97 -45.72 -7.96
N TYR K 225 -4.46 -44.53 -7.60
CA TYR K 225 -3.28 -44.40 -6.74
C TYR K 225 -3.09 -42.96 -6.27
N THR K 235 -4.66 -38.36 -5.50
CA THR K 235 -4.95 -39.73 -5.91
C THR K 235 -5.57 -39.81 -7.32
N VAL K 236 -4.76 -40.22 -8.30
CA VAL K 236 -5.19 -40.24 -9.70
C VAL K 236 -6.08 -41.44 -9.95
N GLN K 237 -6.93 -41.33 -10.97
CA GLN K 237 -7.62 -42.47 -11.56
C GLN K 237 -7.25 -42.57 -13.02
N GLU K 238 -6.84 -43.76 -13.46
CA GLU K 238 -6.62 -44.01 -14.86
C GLU K 238 -7.72 -44.93 -15.36
N TYR K 239 -7.90 -44.94 -16.67
CA TYR K 239 -8.87 -45.81 -17.33
C TYR K 239 -8.15 -46.59 -18.37
N PHE K 240 -8.51 -47.86 -18.53
CA PHE K 240 -7.91 -48.67 -19.57
C PHE K 240 -8.97 -49.44 -20.29
N THR K 241 -8.75 -49.70 -21.57
CA THR K 241 -9.69 -50.48 -22.34
C THR K 241 -8.95 -51.67 -22.97
N VAL K 242 -9.13 -52.84 -22.36
CA VAL K 242 -8.50 -54.06 -22.82
C VAL K 242 -9.49 -54.89 -23.62
N ASN K 243 -8.99 -55.46 -24.69
CA ASN K 243 -9.76 -56.29 -25.60
C ASN K 243 -10.04 -57.63 -24.96
N ALA K 244 -11.30 -58.05 -24.98
CA ALA K 244 -11.75 -59.27 -24.28
C ALA K 244 -11.69 -60.54 -25.14
N LEU K 245 -11.29 -60.40 -26.41
CA LEU K 245 -11.19 -61.55 -27.31
C LEU K 245 -9.85 -62.30 -27.17
N GLU K 246 -9.94 -63.62 -27.09
CA GLU K 246 -8.84 -64.47 -26.64
C GLU K 246 -7.91 -64.95 -27.77
N SER K 247 -8.29 -64.73 -29.03
CA SER K 247 -7.71 -65.48 -30.18
C SER K 247 -6.32 -65.02 -30.72
N THR K 248 -5.41 -65.97 -30.96
CA THR K 248 -4.14 -65.65 -31.64
C THR K 248 -3.56 -66.74 -32.56
N ILE K 249 -3.69 -68.03 -32.21
CA ILE K 249 -3.19 -69.11 -33.10
C ILE K 249 -4.31 -69.68 -33.96
N LEU K 250 -4.34 -69.23 -35.22
CA LEU K 250 -5.37 -69.64 -36.17
C LEU K 250 -5.26 -71.13 -36.54
N ASP K 251 -4.03 -71.63 -36.68
CA ASP K 251 -3.81 -73.01 -37.10
C ASP K 251 -2.34 -73.37 -36.93
N LYS L 8 32.22 -68.54 -18.69
CA LYS L 8 31.96 -67.50 -17.64
C LYS L 8 30.50 -67.01 -17.66
N GLU L 9 30.10 -66.44 -16.52
CA GLU L 9 28.73 -65.93 -16.28
C GLU L 9 28.74 -64.50 -15.75
N TYR L 10 29.80 -64.11 -15.04
CA TYR L 10 30.01 -62.70 -14.75
C TYR L 10 29.85 -61.89 -16.04
N GLU L 11 30.37 -62.40 -17.14
CA GLU L 11 30.31 -61.69 -18.42
C GLU L 11 28.88 -61.54 -18.92
N VAL L 12 28.12 -62.63 -18.86
CA VAL L 12 26.70 -62.62 -19.27
C VAL L 12 25.89 -61.54 -18.53
N ILE L 13 26.15 -61.43 -17.23
CA ILE L 13 25.47 -60.45 -16.40
C ILE L 13 26.03 -59.07 -16.67
N LYS L 14 27.35 -58.93 -16.58
CA LYS L 14 28.00 -57.64 -16.80
C LYS L 14 27.40 -56.90 -17.99
N ASN L 15 27.20 -57.59 -19.11
CA ASN L 15 26.64 -56.96 -20.31
C ASN L 15 25.11 -57.09 -20.47
N ASP L 16 24.48 -57.84 -19.57
CA ASP L 16 23.03 -57.72 -19.34
C ASP L 16 22.81 -56.37 -18.70
N VAL L 17 23.66 -56.07 -17.71
CA VAL L 17 23.69 -54.78 -17.02
C VAL L 17 24.12 -53.65 -17.96
N GLU L 18 25.08 -53.92 -18.84
CA GLU L 18 25.43 -53.00 -19.91
C GLU L 18 24.17 -52.63 -20.70
N HIS L 19 23.48 -53.64 -21.23
CA HIS L 19 22.25 -53.41 -22.01
C HIS L 19 21.20 -52.60 -21.26
N ASP L 20 20.89 -52.98 -20.03
CA ASP L 20 19.85 -52.28 -19.25
C ASP L 20 20.19 -50.80 -19.06
N LYS L 22 22.23 -48.85 -20.92
CA LYS L 22 22.08 -48.19 -22.20
C LYS L 22 20.60 -47.98 -22.53
N ALA L 23 19.75 -48.94 -22.17
CA ALA L 23 18.31 -48.81 -22.36
C ALA L 23 17.68 -47.76 -21.43
N ASP L 24 18.31 -47.49 -20.28
CA ASP L 24 17.87 -46.38 -19.41
C ASP L 24 18.61 -45.05 -19.71
N HIS L 25 19.30 -45.00 -20.84
CA HIS L 25 19.99 -43.80 -21.32
C HIS L 25 21.06 -43.28 -20.34
N ILE L 26 21.70 -44.18 -19.60
CA ILE L 26 22.68 -43.75 -18.60
C ILE L 26 24.06 -43.59 -19.24
N THR L 27 24.68 -42.44 -19.00
CA THR L 27 25.92 -42.06 -19.65
C THR L 27 27.11 -42.16 -18.70
N TYR L 28 28.21 -42.70 -19.22
CA TYR L 28 29.45 -42.92 -18.48
C TYR L 28 30.61 -42.70 -19.45
N GLU L 29 31.65 -42.00 -19.01
CA GLU L 29 32.83 -41.81 -19.85
C GLU L 29 34.12 -41.50 -19.06
N GLY L 30 35.21 -42.15 -19.47
CA GLY L 30 36.54 -41.98 -18.85
C GLY L 30 36.88 -43.10 -17.88
N LEU L 31 35.88 -43.92 -17.57
CA LEU L 31 36.02 -44.87 -16.49
C LEU L 31 37.12 -45.89 -16.81
N ASN L 32 38.22 -45.84 -16.05
CA ASN L 32 39.31 -46.83 -16.15
C ASN L 32 38.78 -48.26 -15.93
N LYS L 33 38.85 -49.08 -16.99
CA LYS L 33 38.34 -50.46 -16.94
C LYS L 33 39.39 -51.47 -16.45
N GLU L 34 40.60 -50.99 -16.12
CA GLU L 34 41.71 -51.85 -15.65
C GLU L 34 41.95 -51.78 -14.13
N ALA L 35 41.79 -52.95 -13.49
CA ALA L 35 41.89 -53.13 -12.05
C ALA L 35 43.31 -52.87 -11.51
N THR L 36 43.37 -52.34 -10.30
CA THR L 36 44.64 -52.09 -9.63
C THR L 36 44.66 -52.81 -8.27
N GLU L 37 45.80 -52.80 -7.61
CA GLU L 37 45.93 -53.35 -6.26
C GLU L 37 45.54 -52.28 -5.26
N GLY L 38 45.25 -52.68 -4.03
CA GLY L 38 44.82 -51.74 -3.00
C GLY L 38 44.96 -52.29 -1.59
N TYR L 39 44.94 -51.37 -0.63
CA TYR L 39 45.26 -51.69 0.77
C TYR L 39 44.11 -51.28 1.71
N ARG L 40 44.04 -51.95 2.86
CA ARG L 40 43.20 -51.53 3.96
C ARG L 40 44.11 -50.89 5.00
N ILE L 41 43.68 -49.76 5.53
CA ILE L 41 44.54 -48.95 6.37
C ILE L 41 43.92 -48.77 7.73
N THR L 42 44.78 -48.59 8.74
CA THR L 42 44.36 -48.13 10.06
C THR L 42 45.23 -46.95 10.53
N ALA L 43 44.58 -45.86 10.94
CA ALA L 43 45.28 -44.69 11.51
C ALA L 43 44.92 -44.56 13.00
N ASN L 44 45.71 -43.81 13.75
CA ASN L 44 45.40 -43.47 15.15
C ASN L 44 44.92 -42.04 15.28
N GLN L 45 44.03 -41.79 16.24
CA GLN L 45 43.59 -40.42 16.51
C GLN L 45 44.70 -39.68 17.28
N LYS L 46 45.14 -38.54 16.74
CA LYS L 46 46.23 -37.79 17.34
C LYS L 46 45.76 -37.12 18.62
N SER L 47 46.56 -37.28 19.67
CA SER L 47 46.38 -36.56 20.91
C SER L 47 47.40 -35.42 20.91
N PHE L 48 46.91 -34.19 20.99
CA PHE L 48 47.78 -33.00 21.05
C PHE L 48 48.28 -32.75 22.47
N SER L 49 49.58 -32.46 22.58
CA SER L 49 50.25 -32.26 23.85
C SER L 49 50.41 -30.79 24.20
N LYS L 50 50.77 -30.52 25.45
CA LYS L 50 51.04 -29.16 25.92
C LYS L 50 52.04 -28.45 24.98
N GLU L 51 53.14 -29.13 24.66
CA GLU L 51 54.27 -28.51 23.94
C GLU L 51 53.98 -28.28 22.46
N GLU L 52 53.24 -29.20 21.84
CA GLU L 52 52.82 -29.04 20.45
C GLU L 52 51.96 -27.79 20.30
N ILE L 53 51.00 -27.64 21.21
CA ILE L 53 50.06 -26.50 21.25
C ILE L 53 50.76 -25.15 21.44
N GLU L 54 51.50 -24.98 22.53
CA GLU L 54 52.20 -23.72 22.77
C GLU L 54 53.33 -23.44 21.75
N ALA L 55 53.74 -24.47 20.98
CA ALA L 55 54.74 -24.32 19.91
C ALA L 55 54.20 -23.66 18.63
N LEU L 56 52.87 -23.54 18.55
CA LEU L 56 52.22 -22.86 17.44
C LEU L 56 52.35 -21.36 17.63
N LYS L 57 53.26 -20.74 16.89
CA LYS L 57 53.49 -19.30 17.01
C LYS L 57 52.27 -18.48 16.57
N ASP L 58 51.95 -17.43 17.33
CA ASP L 58 50.93 -16.44 16.97
C ASP L 58 49.48 -16.96 16.93
N GLN L 59 49.10 -17.74 17.96
CA GLN L 59 47.79 -18.38 18.04
C GLN L 59 47.42 -18.62 19.51
N LYS L 60 46.16 -18.37 19.88
CA LYS L 60 45.67 -18.65 21.24
C LYS L 60 44.59 -19.74 21.21
N PRO L 61 44.70 -20.77 22.08
CA PRO L 61 43.76 -21.89 22.09
C PRO L 61 42.39 -21.56 22.69
N LEU L 62 41.32 -21.86 21.97
CA LEU L 62 39.95 -21.65 22.47
C LEU L 62 39.34 -22.92 23.07
N ASP L 64 39.98 -26.38 26.27
CA ASP L 64 40.66 -26.84 27.46
C ASP L 64 41.94 -27.55 27.05
N PRO L 66 45.47 -30.10 27.37
CA PRO L 66 45.76 -31.46 27.82
C PRO L 66 46.05 -31.49 29.33
N SER L 67 45.64 -32.58 29.99
CA SER L 67 45.86 -32.72 31.43
C SER L 67 45.86 -34.19 31.89
N ASP L 68 46.09 -34.38 33.18
CA ASP L 68 46.20 -35.71 33.77
C ASP L 68 44.91 -36.50 33.67
N ASP L 69 43.79 -35.79 33.45
CA ASP L 69 42.50 -36.40 33.15
C ASP L 69 42.17 -36.26 31.65
N HIS L 70 42.29 -35.05 31.13
CA HIS L 70 41.85 -34.71 29.77
C HIS L 70 42.96 -34.82 28.73
N LYS L 71 42.68 -35.55 27.65
CA LYS L 71 43.56 -35.58 26.48
C LYS L 71 42.87 -34.87 25.32
N VAL L 72 43.58 -33.91 24.72
CA VAL L 72 43.03 -33.09 23.64
C VAL L 72 43.22 -33.79 22.29
N THR L 73 42.14 -34.17 21.63
CA THR L 73 42.25 -34.79 20.31
C THR L 73 41.69 -33.90 19.19
N SER L 74 41.05 -32.80 19.58
CA SER L 74 40.52 -31.82 18.64
C SER L 74 41.04 -30.42 19.03
N LEU L 75 41.76 -29.77 18.11
CA LEU L 75 42.26 -28.41 18.36
C LEU L 75 41.25 -27.35 17.95
N LYS L 76 41.26 -26.25 18.70
CA LYS L 76 40.46 -25.09 18.39
C LYS L 76 41.34 -23.86 18.64
N LYS L 78 42.57 -19.84 17.79
CA LYS L 78 42.40 -18.47 17.29
C LYS L 78 43.74 -17.89 16.83
N PHE L 79 43.74 -17.23 15.68
CA PHE L 79 44.92 -16.48 15.23
C PHE L 79 44.98 -15.15 15.96
N ALA L 80 46.17 -14.80 16.45
CA ALA L 80 46.39 -13.54 17.16
C ALA L 80 45.85 -12.37 16.34
N ASN L 81 46.26 -12.32 15.08
CA ASN L 81 45.70 -11.36 14.13
C ASN L 81 45.10 -12.10 12.96
N PRO L 82 43.84 -11.79 12.61
CA PRO L 82 43.23 -12.57 11.53
C PRO L 82 44.06 -12.42 10.26
N ILE L 83 44.11 -13.47 9.46
CA ILE L 83 44.93 -13.48 8.25
C ILE L 83 44.09 -13.27 7.00
N ALA L 84 44.38 -12.16 6.30
CA ALA L 84 43.70 -11.83 5.05
C ALA L 84 43.84 -12.98 4.04
N LEU L 85 42.79 -13.18 3.26
CA LEU L 85 42.87 -14.05 2.10
C LEU L 85 42.67 -13.18 0.87
N SER L 86 42.84 -13.79 -0.30
CA SER L 86 42.52 -13.15 -1.55
C SER L 86 41.04 -13.36 -1.83
N LYS L 87 40.46 -12.42 -2.56
CA LYS L 87 39.03 -12.43 -2.82
C LYS L 87 38.75 -13.60 -3.77
N LYS L 88 39.25 -13.46 -4.99
CA LYS L 88 38.89 -14.34 -6.10
C LYS L 88 39.80 -15.57 -6.12
N ASP L 89 40.94 -15.45 -5.44
CA ASP L 89 42.01 -16.45 -5.44
C ASP L 89 42.00 -17.26 -4.13
N ILE L 90 40.82 -17.35 -3.53
CA ILE L 90 40.71 -17.71 -2.13
C ILE L 90 41.26 -19.09 -1.77
N GLU L 91 41.16 -20.03 -2.70
CA GLU L 91 41.49 -21.42 -2.40
C GLU L 91 43.00 -21.66 -2.28
N ASP L 92 43.77 -21.11 -3.21
CA ASP L 92 45.23 -21.21 -3.14
C ASP L 92 45.73 -20.66 -1.81
N ASP L 93 45.29 -19.45 -1.50
CA ASP L 93 45.63 -18.79 -0.23
C ASP L 93 45.27 -19.70 0.93
N ALA L 94 44.08 -20.29 0.86
CA ALA L 94 43.61 -21.24 1.87
C ALA L 94 44.68 -22.31 2.12
N GLN L 95 45.06 -23.01 1.05
CA GLN L 95 46.09 -24.03 1.14
C GLN L 95 47.37 -23.47 1.75
N ALA L 96 47.89 -22.43 1.12
CA ALA L 96 49.11 -21.78 1.58
C ALA L 96 49.10 -21.54 3.10
N LEU L 97 47.96 -21.07 3.62
CA LEU L 97 47.82 -20.78 5.04
C LEU L 97 47.92 -22.05 5.87
N VAL L 98 47.19 -23.08 5.45
CA VAL L 98 47.18 -24.35 6.17
C VAL L 98 48.57 -24.96 6.13
N SER L 99 49.13 -25.05 4.93
CA SER L 99 50.46 -25.62 4.74
C SER L 99 51.55 -25.02 5.65
N SER L 100 51.47 -23.73 5.94
CA SER L 100 52.57 -23.05 6.60
C SER L 100 52.37 -22.74 8.07
N LYS L 101 51.13 -22.67 8.52
CA LYS L 101 50.86 -22.20 9.90
C LYS L 101 50.22 -23.27 10.77
N ILE L 102 49.53 -24.22 10.12
CA ILE L 102 48.92 -25.34 10.82
C ILE L 102 49.83 -26.57 10.84
N GLN L 103 49.83 -27.27 11.97
CA GLN L 103 50.64 -28.46 12.17
C GLN L 103 50.23 -29.56 11.21
N ASP L 104 51.20 -30.12 10.49
CA ASP L 104 50.91 -31.12 9.46
C ASP L 104 49.94 -30.59 8.40
N GLY L 105 49.97 -29.28 8.16
CA GLY L 105 49.13 -28.67 7.14
C GLY L 105 49.38 -29.27 5.76
N GLU L 106 50.58 -29.83 5.55
CA GLU L 106 50.92 -30.45 4.28
C GLU L 106 49.97 -31.57 3.99
N LYS L 107 49.52 -32.27 5.03
CA LYS L 107 48.77 -33.50 4.86
C LYS L 107 47.27 -33.27 4.55
N TYR L 108 46.81 -32.01 4.55
CA TYR L 108 45.39 -31.69 4.32
C TYR L 108 45.10 -31.06 2.95
N LYS L 109 44.04 -31.52 2.29
CA LYS L 109 43.65 -30.99 0.98
C LYS L 109 42.33 -30.25 1.10
N LEU L 110 42.16 -29.17 0.34
CA LEU L 110 40.96 -28.35 0.39
C LEU L 110 39.81 -29.13 -0.20
N TRP L 111 38.68 -29.13 0.52
CA TRP L 111 37.48 -29.89 0.13
C TRP L 111 36.32 -29.01 -0.35
N LYS L 112 36.13 -27.86 0.30
CA LYS L 112 34.92 -27.06 0.09
C LYS L 112 35.07 -25.68 0.74
N VAL L 113 34.81 -24.62 -0.02
CA VAL L 113 34.59 -23.29 0.57
C VAL L 113 33.08 -23.19 0.83
N ASP L 114 32.65 -23.14 2.10
CA ASP L 114 31.23 -22.99 2.45
C ASP L 114 30.94 -21.56 2.89
N LYS L 115 30.25 -20.82 2.02
CA LYS L 115 29.97 -19.41 2.25
C LYS L 115 28.90 -19.19 3.30
N SER L 116 27.93 -20.10 3.37
CA SER L 116 26.86 -20.01 4.37
C SER L 116 27.42 -20.15 5.79
N LYS L 117 28.13 -21.24 6.06
CA LYS L 117 28.75 -21.44 7.37
C LYS L 117 29.97 -20.53 7.57
N LYS L 118 30.33 -19.75 6.54
CA LYS L 118 31.48 -18.84 6.59
C LYS L 118 32.73 -19.58 7.09
N GLU L 119 32.94 -20.78 6.53
CA GLU L 119 34.12 -21.58 6.81
C GLU L 119 34.66 -22.24 5.54
N ILE L 120 35.93 -22.67 5.59
CA ILE L 120 36.54 -23.48 4.54
C ILE L 120 37.00 -24.80 5.12
N ILE L 121 36.63 -25.91 4.48
CA ILE L 121 36.86 -27.25 5.03
C ILE L 121 37.93 -28.00 4.28
N PHE L 122 38.88 -28.57 5.04
CA PHE L 122 39.97 -29.38 4.50
C PHE L 122 39.84 -30.84 4.96
N PHE L 123 40.18 -31.78 4.08
CA PHE L 123 40.23 -33.19 4.44
C PHE L 123 41.69 -33.65 4.47
N GLN L 124 42.02 -34.45 5.48
CA GLN L 124 43.32 -35.12 5.51
C GLN L 124 43.39 -36.11 4.37
N THR L 125 44.58 -36.31 3.83
CA THR L 125 44.78 -37.18 2.69
C THR L 125 45.53 -38.44 3.09
N TYR L 126 45.63 -39.41 2.16
CA TYR L 126 46.56 -40.55 2.27
C TYR L 126 47.17 -40.81 0.90
N GLU L 127 48.48 -40.60 0.81
CA GLU L 127 49.16 -40.62 -0.47
C GLU L 127 48.52 -39.60 -1.40
N GLY L 128 48.12 -38.47 -0.84
CA GLY L 128 47.47 -37.42 -1.61
C GLY L 128 46.02 -37.64 -2.01
N HIS L 129 45.44 -38.79 -1.67
CA HIS L 129 44.02 -39.06 -1.94
C HIS L 129 43.23 -38.68 -0.71
N TYR L 130 42.04 -38.12 -0.93
CA TYR L 130 41.13 -37.73 0.15
C TYR L 130 40.77 -38.87 1.11
N ILE L 131 40.71 -38.55 2.40
CA ILE L 131 40.00 -39.38 3.35
C ILE L 131 38.63 -38.74 3.49
N TYR L 132 37.69 -39.21 2.67
CA TYR L 132 36.36 -38.63 2.59
C TYR L 132 35.62 -38.79 3.93
N GLN L 133 34.91 -37.75 4.34
CA GLN L 133 34.17 -37.82 5.59
C GLN L 133 33.03 -36.81 5.61
N LYS L 134 32.21 -36.85 6.66
CA LYS L 134 31.01 -36.02 6.75
C LYS L 134 31.33 -34.66 7.36
N THR L 135 30.68 -33.62 6.82
CA THR L 135 30.84 -32.23 7.26
C THR L 135 29.66 -31.75 8.13
N ASP L 136 28.84 -32.69 8.61
CA ASP L 136 27.65 -32.40 9.41
C ASP L 136 27.98 -31.92 10.83
N ASN L 137 29.14 -32.33 11.37
CA ASN L 137 29.46 -32.13 12.79
C ASN L 137 30.89 -32.53 13.17
N PRO L 138 31.36 -32.08 14.35
CA PRO L 138 32.66 -32.51 14.91
C PRO L 138 32.80 -34.01 15.29
N SER L 139 31.69 -34.72 15.47
CA SER L 139 31.78 -36.16 15.74
C SER L 139 32.46 -36.87 14.58
N ASN L 140 32.03 -36.52 13.38
CA ASN L 140 32.50 -37.16 12.14
C ASN L 140 33.74 -36.48 11.57
N ILE L 142 37.32 -36.88 11.94
CA ILE L 142 38.51 -37.61 12.30
C ILE L 142 39.78 -36.94 11.76
N GLY L 143 39.71 -36.38 10.55
CA GLY L 143 40.89 -35.79 9.90
C GLY L 143 40.62 -34.56 9.06
N GLN L 144 40.21 -33.47 9.70
CA GLN L 144 39.88 -32.23 8.97
C GLN L 144 40.56 -30.99 9.54
N VAL L 145 40.63 -29.95 8.71
CA VAL L 145 40.92 -28.61 9.20
C VAL L 145 39.80 -27.71 8.73
N VAL L 146 39.17 -26.98 9.65
CA VAL L 146 38.03 -26.16 9.31
C VAL L 146 38.33 -24.69 9.62
N LEU L 147 38.46 -23.88 8.58
CA LEU L 147 38.84 -22.48 8.75
C LEU L 147 37.62 -21.61 8.94
N HIS L 148 37.60 -20.82 10.01
CA HIS L 148 36.48 -19.92 10.28
C HIS L 148 36.83 -18.50 9.82
N LEU L 149 35.97 -17.92 8.99
CA LEU L 149 36.20 -16.59 8.42
C LEU L 149 35.16 -15.58 8.87
N ASN L 150 35.57 -14.32 9.01
CA ASN L 150 34.64 -13.23 9.18
C ASN L 150 35.19 -11.91 8.67
N GLY L 151 34.25 -11.06 8.25
CA GLY L 151 34.53 -9.77 7.65
C GLY L 151 34.63 -9.99 6.15
N LYS L 152 35.65 -9.39 5.55
CA LYS L 152 35.98 -9.66 4.15
C LYS L 152 37.05 -10.73 4.10
N ASN L 153 36.62 -11.98 4.18
CA ASN L 153 37.48 -13.16 4.00
C ASN L 153 38.77 -13.17 4.83
N GLU L 154 38.65 -12.88 6.13
CA GLU L 154 39.77 -13.00 7.05
C GLU L 154 39.60 -14.25 7.88
N VAL L 155 40.61 -15.11 7.90
CA VAL L 155 40.59 -16.31 8.74
C VAL L 155 40.79 -15.87 10.19
N VAL L 156 39.78 -16.12 11.02
CA VAL L 156 39.83 -15.73 12.43
C VAL L 156 40.43 -16.87 13.24
N SER L 157 39.87 -18.05 13.06
CA SER L 157 40.22 -19.23 13.83
C SER L 157 40.04 -20.49 13.00
N TYR L 158 40.49 -21.63 13.56
CA TYR L 158 40.26 -22.91 12.91
C TYR L 158 40.02 -24.03 13.91
N ASP L 159 39.51 -25.15 13.40
CA ASP L 159 39.41 -26.40 14.14
C ASP L 159 40.35 -27.41 13.48
N GLN L 160 40.86 -28.36 14.24
CA GLN L 160 41.70 -29.41 13.66
C GLN L 160 41.64 -30.72 14.43
N THR L 161 41.59 -31.82 13.67
CA THR L 161 41.73 -33.19 14.17
C THR L 161 42.60 -33.93 13.18
N THR L 162 43.52 -34.77 13.67
CA THR L 162 44.55 -35.38 12.82
C THR L 162 44.71 -36.87 13.08
N LEU L 163 44.93 -37.62 12.01
CA LEU L 163 45.19 -39.05 12.05
C LEU L 163 46.69 -39.30 11.86
N GLU L 164 47.20 -40.35 12.49
CA GLU L 164 48.64 -40.66 12.46
C GLU L 164 48.98 -42.15 12.64
N THR L 165 50.20 -42.50 12.26
CA THR L 165 50.70 -43.85 12.38
C THR L 165 49.83 -44.79 11.57
N PHE L 166 49.83 -44.55 10.26
CA PHE L 166 49.08 -45.36 9.33
C PHE L 166 49.75 -46.73 9.17
N LYS L 167 48.97 -47.80 9.33
CA LYS L 167 49.42 -49.17 9.07
C LYS L 167 48.68 -49.64 7.85
N GLN L 168 49.41 -50.10 6.84
CA GLN L 168 48.80 -50.76 5.70
C GLN L 168 48.70 -52.18 6.16
N ILE L 169 47.51 -52.61 6.56
CA ILE L 169 47.31 -53.93 7.17
C ILE L 169 46.78 -55.02 6.25
N GLN L 170 46.25 -54.69 5.07
CA GLN L 170 45.72 -55.73 4.18
C GLN L 170 45.66 -55.31 2.70
N LYS L 171 46.38 -56.04 1.85
CA LYS L 171 46.41 -55.79 0.42
C LYS L 171 45.37 -56.67 -0.26
N GLU L 172 44.49 -56.05 -1.03
CA GLU L 172 43.51 -56.79 -1.80
C GLU L 172 43.38 -56.22 -3.19
N SER L 173 42.68 -56.95 -4.05
CA SER L 173 42.51 -56.56 -5.42
C SER L 173 41.27 -55.67 -5.57
N LEU L 174 41.44 -54.48 -6.16
CA LEU L 174 40.37 -53.50 -6.23
C LEU L 174 39.50 -53.68 -7.49
N ILE L 175 38.21 -53.37 -7.35
CA ILE L 175 37.28 -53.37 -8.49
C ILE L 175 37.54 -52.15 -9.35
N THR L 176 37.19 -52.25 -10.63
CA THR L 176 37.39 -51.17 -11.60
C THR L 176 36.37 -50.03 -11.42
N GLU L 177 36.69 -48.86 -11.97
CA GLU L 177 35.77 -47.70 -11.94
C GLU L 177 34.43 -48.05 -12.58
N ASP L 179 33.24 -51.00 -12.95
CA ASP L 179 32.59 -51.95 -12.04
C ASP L 179 31.75 -51.20 -11.02
N ALA L 180 32.37 -50.22 -10.38
CA ALA L 180 31.72 -49.44 -9.33
C ALA L 180 30.39 -48.90 -9.82
N VAL L 181 30.37 -48.36 -11.04
CA VAL L 181 29.16 -47.75 -11.58
C VAL L 181 28.07 -48.79 -11.82
N GLU L 182 28.45 -49.89 -12.46
CA GLU L 182 27.52 -50.98 -12.69
C GLU L 182 26.91 -51.45 -11.38
N LEU L 183 27.71 -51.48 -10.33
CA LEU L 183 27.24 -51.85 -9.00
C LEU L 183 26.16 -50.89 -8.50
N LEU L 184 26.32 -49.60 -8.78
CA LEU L 184 25.30 -48.64 -8.41
C LEU L 184 24.02 -48.95 -9.16
N TYR L 185 24.10 -49.01 -10.49
CA TYR L 185 22.93 -49.32 -11.29
C TYR L 185 22.26 -50.61 -10.85
N TYR L 186 23.07 -51.63 -10.58
CA TYR L 186 22.55 -52.90 -10.13
C TYR L 186 21.73 -52.73 -8.86
N GLN L 187 22.18 -51.88 -7.95
CA GLN L 187 21.45 -51.65 -6.70
C GLN L 187 20.34 -50.60 -6.80
N ASN L 188 19.98 -50.22 -8.04
CA ASN L 188 18.82 -49.38 -8.31
C ASN L 188 19.02 -47.91 -7.92
N GLN L 189 20.27 -47.45 -7.96
CA GLN L 189 20.63 -46.12 -7.50
C GLN L 189 20.79 -45.10 -8.62
N LEU L 190 20.71 -45.52 -9.88
CA LEU L 190 20.72 -44.57 -10.99
C LEU L 190 19.36 -44.53 -11.70
N LYS L 191 18.80 -43.34 -11.84
CA LYS L 191 17.52 -43.14 -12.53
C LYS L 191 17.74 -43.19 -14.03
N GLU L 192 16.67 -43.08 -14.82
CA GLU L 192 16.83 -42.96 -16.26
C GLU L 192 17.54 -41.66 -16.58
N TYR L 193 18.14 -41.61 -17.76
CA TYR L 193 18.73 -40.37 -18.29
C TYR L 193 19.68 -39.65 -17.31
N SER L 194 20.33 -40.41 -16.41
CA SER L 194 21.28 -39.81 -15.48
C SER L 194 22.71 -40.01 -15.98
N THR L 195 23.60 -39.11 -15.62
CA THR L 195 24.98 -39.16 -16.11
C THR L 195 25.94 -39.24 -14.95
N VAL L 196 27.02 -39.99 -15.15
CA VAL L 196 28.08 -40.12 -14.17
C VAL L 196 29.18 -39.17 -14.59
N LYS L 197 29.45 -38.17 -13.74
CA LYS L 197 30.39 -37.09 -14.08
C LYS L 197 31.82 -37.39 -13.65
N SER L 198 31.99 -37.98 -12.47
CA SER L 198 33.32 -38.26 -11.99
C SER L 198 33.33 -39.52 -11.18
N CYS L 199 34.53 -40.07 -11.01
CA CYS L 199 34.72 -41.33 -10.31
C CYS L 199 36.12 -41.31 -9.70
N LYS L 200 36.21 -40.69 -8.52
CA LYS L 200 37.49 -40.33 -7.94
C LYS L 200 37.84 -41.28 -6.79
N PHE L 201 39.13 -41.56 -6.64
CA PHE L 201 39.60 -42.52 -5.64
C PHE L 201 39.89 -41.87 -4.29
N GLY L 202 39.56 -42.57 -3.21
CA GLY L 202 39.88 -42.12 -1.86
C GLY L 202 39.67 -43.19 -0.81
N TYR L 203 39.40 -42.76 0.41
CA TYR L 203 39.22 -43.62 1.57
C TYR L 203 38.06 -43.13 2.42
N VAL L 204 37.53 -44.03 3.24
CA VAL L 204 36.49 -43.71 4.21
C VAL L 204 36.73 -44.57 5.43
N ALA L 205 36.36 -44.05 6.59
CA ALA L 205 36.42 -44.78 7.82
C ALA L 205 35.32 -45.84 7.80
N GLN L 206 35.71 -47.09 7.91
CA GLN L 206 34.78 -48.20 7.82
C GLN L 206 34.15 -48.46 9.19
N TYR L 207 34.99 -48.52 10.20
CA TYR L 207 34.54 -48.70 11.58
C TYR L 207 35.65 -48.29 12.55
N PRO L 208 35.31 -48.08 13.83
CA PRO L 208 36.35 -47.72 14.80
C PRO L 208 36.91 -48.92 15.56
N LEU L 209 38.01 -48.69 16.27
CA LEU L 209 38.56 -49.64 17.26
C LEU L 209 39.32 -48.82 18.32
N THR L 210 38.77 -48.72 19.53
CA THR L 210 39.34 -47.85 20.58
C THR L 210 39.83 -46.53 19.95
N SER L 211 41.12 -46.24 20.06
CA SER L 211 41.72 -45.06 19.46
C SER L 211 41.77 -45.13 17.93
N THR L 212 41.78 -46.35 17.40
CA THR L 212 42.09 -46.58 15.98
C THR L 212 40.86 -46.50 15.07
N GLN L 213 41.05 -45.93 13.87
CA GLN L 213 40.08 -46.00 12.78
C GLN L 213 40.59 -46.97 11.71
N VAL L 214 39.68 -47.70 11.06
CA VAL L 214 39.99 -48.62 9.96
C VAL L 214 39.38 -48.06 8.67
N LEU L 215 40.24 -47.79 7.69
CA LEU L 215 39.82 -47.11 6.48
C LEU L 215 39.80 -48.08 5.32
N ALA L 216 38.93 -47.80 4.37
CA ALA L 216 38.76 -48.68 3.23
C ALA L 216 38.82 -47.85 1.97
N PRO L 217 39.46 -48.38 0.91
CA PRO L 217 39.51 -47.67 -0.35
C PRO L 217 38.15 -47.65 -1.00
N VAL L 218 37.78 -46.51 -1.60
CA VAL L 218 36.44 -46.33 -2.12
C VAL L 218 36.49 -45.49 -3.37
N TRP L 219 35.51 -45.71 -4.24
CA TRP L 219 35.30 -44.87 -5.41
C TRP L 219 34.18 -43.92 -5.07
N ARG L 220 34.37 -42.62 -5.33
CA ARG L 220 33.32 -41.66 -5.11
C ARG L 220 32.75 -41.28 -6.45
N ILE L 221 31.47 -41.60 -6.64
CA ILE L 221 30.81 -41.40 -7.91
C ILE L 221 29.82 -40.24 -7.81
N THR L 222 29.96 -39.28 -8.71
CA THR L 222 29.08 -38.14 -8.75
C THR L 222 28.08 -38.30 -9.89
N VAL L 223 26.80 -38.13 -9.58
CA VAL L 223 25.72 -38.42 -10.52
C VAL L 223 24.76 -37.25 -10.66
N GLU L 224 24.65 -36.70 -11.87
CA GLU L 224 23.67 -35.65 -12.15
C GLU L 224 22.43 -36.24 -12.85
N TYR L 225 21.25 -35.87 -12.36
CA TYR L 225 19.97 -36.42 -12.82
C TYR L 225 18.84 -35.47 -12.43
N GLU L 226 17.60 -35.80 -12.80
CA GLU L 226 16.43 -35.07 -12.31
C GLU L 226 15.50 -36.03 -11.56
N THR L 235 17.69 -30.58 -12.18
CA THR L 235 19.01 -31.18 -12.36
C THR L 235 19.84 -31.14 -11.06
N VAL L 236 19.72 -32.20 -10.26
CA VAL L 236 20.40 -32.33 -8.96
C VAL L 236 21.70 -33.09 -9.12
N GLN L 237 22.57 -33.02 -8.12
CA GLN L 237 23.72 -33.93 -8.03
C GLN L 237 23.60 -34.86 -6.81
N GLU L 238 24.04 -36.11 -6.97
CA GLU L 238 24.07 -37.11 -5.89
C GLU L 238 25.47 -37.69 -5.77
N TYR L 239 25.88 -37.98 -4.54
CA TYR L 239 27.22 -38.48 -4.30
C TYR L 239 27.16 -39.85 -3.68
N PHE L 240 27.97 -40.76 -4.19
CA PHE L 240 27.96 -42.14 -3.74
C PHE L 240 29.37 -42.63 -3.47
N THR L 241 29.61 -43.16 -2.28
CA THR L 241 30.88 -43.80 -1.96
C THR L 241 30.71 -45.33 -2.07
N VAL L 242 31.34 -45.92 -3.08
CA VAL L 242 31.27 -47.35 -3.31
C VAL L 242 32.58 -47.98 -2.87
N ASN L 243 32.53 -48.95 -1.96
CA ASN L 243 33.71 -49.69 -1.53
C ASN L 243 34.43 -50.38 -2.70
N ALA L 244 35.75 -50.24 -2.74
CA ALA L 244 36.57 -50.66 -3.89
C ALA L 244 37.11 -52.07 -3.73
N LEU L 245 37.09 -52.60 -2.52
CA LEU L 245 37.60 -53.95 -2.24
C LEU L 245 36.71 -55.00 -2.88
N GLU L 246 37.30 -56.13 -3.24
CA GLU L 246 36.56 -57.17 -3.93
C GLU L 246 36.38 -58.46 -3.15
N SER L 247 36.90 -58.54 -1.92
CA SER L 247 36.75 -59.76 -1.12
C SER L 247 35.28 -60.12 -0.88
N THR L 248 34.76 -60.96 -1.76
CA THR L 248 33.47 -61.62 -1.53
C THR L 248 33.67 -63.15 -1.41
N ILE L 249 34.55 -63.74 -2.23
CA ILE L 249 34.91 -65.15 -2.04
C ILE L 249 36.26 -65.28 -1.33
N LEU L 250 36.34 -66.23 -0.40
CA LEU L 250 37.55 -66.49 0.38
C LEU L 250 38.04 -67.91 0.10
N ASP L 251 39.20 -68.24 0.69
CA ASP L 251 39.89 -69.52 0.42
C ASP L 251 39.55 -70.59 1.47
N THR L 252 38.87 -71.65 1.01
CA THR L 252 38.38 -72.72 1.89
C THR L 252 39.05 -74.05 1.56
N ASP L 253 39.36 -74.85 2.58
CA ASP L 253 40.00 -76.16 2.39
C ASP L 253 39.13 -77.03 1.48
N GLN L 254 39.65 -77.30 0.28
CA GLN L 254 38.91 -77.93 -0.84
C GLN L 254 37.83 -76.98 -1.40
#